data_7WTA
#
_entry.id   7WTA
#
_cell.length_a   1.00
_cell.length_b   1.00
_cell.length_c   1.00
_cell.angle_alpha   90.00
_cell.angle_beta   90.00
_cell.angle_gamma   90.00
#
_symmetry.space_group_name_H-M   'P 1'
#
loop_
_entity.id
_entity.type
_entity.pdbx_description
1 polymer 'Pyruvate carboxylase, mitochondrial'
2 non-polymer 5-(HEXAHYDRO-2-OXO-1H-THIENO[3,4-D]IMIDAZOL-6-YL)PENTANAL
#
_entity_poly.entity_id   1
_entity_poly.type   'polypeptide(L)'
_entity_poly.pdbx_seq_one_letter_code
;MLKFRTVHGGLRLLGIRRTSTAPAASPNVRRLEYKPIKKVMVANRGEIAIRVFRACTELGIRTVAIYSEQDTGQMHRQKA
DEAYLIGRGLAPVQAYLHIPDIIKVAKENNVDAVHPGYGFLSERADFAQACQDAGVRFIGPSPEVVRKMGDKVEARAIAI
AAGVPVVPGTDAPITSLHEAHEFSNTYGFPIIFKAAYGGGGRGMRVVHSYEELEENYTRAYSEALAAFGNGALFVEKFIE
KPRHIEVQILGDQYGNILHLYERDCSIQRRHQKVVEIAPAAHLDPQLRTRLTSDSVKLAKQVGYENAGTVEFLVDRHGKH
YFIEVNSRLQVEHTVTEEITDVDLVHAQIHVAEGRSLPDLGLRQENIRINGCAIQCRVTTEDPARSFQPDTGRIEVFRSG
EGMGIRLDNASAFQGAVISPHYDSLLVKVIAHGKDHPTAATKMSRALAEFRVRGVKTNIAFLQNVLNNQQFLAGTVDTQF
IDENPELFQLRPAQNRAQKLLHYLGHVMVNGPTTPIPVKASPSPTDPVVPAVPIGPPPAGFRDILLREGPEGFARAVRNH
PGLLLMDTTFRDAHQSLLATRVRTHDLKKIAPYVAHNFSKLFSMENWGGATFDVAMRFLYECPWRRLQELRELIPNIPFQ
MLLRGANAVGYTNYPDNVVFKFCEVAKENGMDVFRVFDSLNYLPNMLLGMEAAGSAGGVVEAAISYTGDVADPSRTKYSL
QYYMGLAEELVRAGTHILCIKDMAGLLKPTACTMLVSSLRDRFPDLPLHIHTHDTSGAGVAAMLACAQAGADVVDVAADS
MSGMTSQPSMGALVACTRGTPLDTEVPMERVFDYSEYWEGARGLYAAFDCTATMKSGNSDVYENEIPGGQYTNLHFQAHS
MGLGSKFKEVKKAYVEANQMLGDLIKVTPSSKIVGDLAQFMVQNGLSRAEAEAQAEELSFPRSVVEFLQGYIGVPHGGFP
EPFRSKVLKDLPRVEGRPGASLPPLDLQALEKELVDRHGEEVTPEDVLSAAMYPDVFAHFKDFTATFGPLDSLNTRLFLQ
GPKIAEEFEVELERGKTLHIKALAVSDLNRAGQRQVFFELNGQLRSILVKDTQAMKEMHFHPKALKDVKGQIGAPMPGKV
IDIKVVAGAKVAKGQPLCVLSAMKMETVVTSPMEGTVRKVHVTKDMTLEGDDLILEIE
;
_entity_poly.pdbx_strand_id   A,B,C,D
#
loop_
_chem_comp.id
_chem_comp.type
_chem_comp.name
_chem_comp.formula
BTI non-polymer 5-(HEXAHYDRO-2-OXO-1H-THIENO[3,4-D]IMIDAZOL-6-YL)PENTANAL 'C10 H16 N2 O2 S'
#
# COMPACT_ATOMS: atom_id res chain seq x y z
N ASN A 495 -16.65 35.31 -14.50
CA ASN A 495 -17.19 35.23 -13.14
C ASN A 495 -16.05 35.18 -12.12
N ARG A 496 -16.42 35.08 -10.85
CA ARG A 496 -15.47 35.05 -9.75
C ARG A 496 -15.41 33.72 -9.02
N ALA A 497 -16.55 33.05 -8.84
CA ALA A 497 -16.55 31.78 -8.11
C ALA A 497 -15.72 30.73 -8.82
N GLN A 498 -15.64 30.79 -10.16
CA GLN A 498 -14.87 29.80 -10.89
C GLN A 498 -13.37 29.93 -10.59
N LYS A 499 -12.90 31.15 -10.39
CA LYS A 499 -11.53 31.33 -9.92
C LYS A 499 -11.32 30.70 -8.54
N LEU A 500 -12.31 30.87 -7.66
CA LEU A 500 -12.24 30.25 -6.34
C LEU A 500 -12.14 28.74 -6.45
N LEU A 501 -12.97 28.14 -7.31
CA LEU A 501 -12.95 26.69 -7.48
C LEU A 501 -11.64 26.23 -8.11
N HIS A 502 -11.10 27.02 -9.04
CA HIS A 502 -9.80 26.68 -9.62
C HIS A 502 -8.72 26.69 -8.55
N TYR A 503 -8.73 27.69 -7.67
CA TYR A 503 -7.78 27.72 -6.56
C TYR A 503 -7.96 26.51 -5.66
N LEU A 504 -9.20 26.18 -5.32
CA LEU A 504 -9.46 25.07 -4.40
C LEU A 504 -8.99 23.76 -5.00
N GLY A 505 -9.28 23.53 -6.29
CA GLY A 505 -8.83 22.32 -6.94
C GLY A 505 -7.32 22.26 -7.09
N HIS A 506 -6.69 23.40 -7.39
CA HIS A 506 -5.24 23.40 -7.52
C HIS A 506 -4.58 23.14 -6.19
N VAL A 507 -5.22 23.56 -5.09
CA VAL A 507 -4.74 23.20 -3.76
C VAL A 507 -4.89 21.71 -3.51
N MET A 508 -6.07 21.16 -3.83
CA MET A 508 -6.28 19.72 -3.65
C MET A 508 -5.35 18.88 -4.49
N VAL A 509 -4.89 19.39 -5.63
CA VAL A 509 -4.05 18.61 -6.53
C VAL A 509 -2.58 18.81 -6.19
N ASN A 510 -2.13 20.05 -6.19
CA ASN A 510 -0.73 20.39 -6.05
C ASN A 510 -0.36 20.89 -4.66
N GLY A 511 -1.26 20.76 -3.70
CA GLY A 511 -1.00 21.22 -2.35
C GLY A 511 -1.19 22.72 -2.24
N PRO A 512 -0.93 23.27 -1.05
CA PRO A 512 -0.96 24.73 -0.90
C PRO A 512 0.10 25.38 -1.78
N THR A 513 -0.27 26.53 -2.35
CA THR A 513 0.65 27.24 -3.23
C THR A 513 1.80 27.84 -2.44
N THR A 514 1.51 28.43 -1.28
CA THR A 514 2.56 29.00 -0.46
C THR A 514 3.42 27.88 0.11
N PRO A 515 4.75 27.96 -0.07
CA PRO A 515 5.62 26.93 0.52
C PRO A 515 5.56 26.96 2.03
N ILE A 516 5.75 25.78 2.63
CA ILE A 516 5.57 25.56 4.05
C ILE A 516 6.94 25.25 4.65
N PRO A 517 7.38 25.96 5.69
CA PRO A 517 8.70 25.68 6.27
C PRO A 517 8.78 24.31 6.92
N VAL A 518 7.80 24.00 7.78
CA VAL A 518 7.78 22.74 8.50
C VAL A 518 6.43 22.07 8.28
N LYS A 519 6.46 20.77 7.98
CA LYS A 519 5.22 20.06 7.72
C LYS A 519 4.39 19.93 8.99
N ALA A 520 3.21 20.54 8.97
CA ALA A 520 2.30 20.48 10.09
C ALA A 520 0.89 20.71 9.60
N SER A 521 -0.08 20.34 10.43
CA SER A 521 -1.46 20.54 10.05
C SER A 521 -2.17 21.43 11.07
N PRO A 522 -3.06 22.31 10.61
CA PRO A 522 -3.74 23.20 11.56
C PRO A 522 -4.60 22.43 12.54
N SER A 523 -4.65 22.95 13.77
CA SER A 523 -5.44 22.30 14.80
C SER A 523 -6.92 22.39 14.46
N PRO A 524 -7.66 21.28 14.54
CA PRO A 524 -9.10 21.30 14.29
C PRO A 524 -9.89 21.99 15.40
N THR A 525 -9.47 23.20 15.74
CA THR A 525 -10.07 23.98 16.81
C THR A 525 -10.39 25.38 16.29
N ASP A 526 -11.34 26.04 16.93
CA ASP A 526 -11.74 27.38 16.55
C ASP A 526 -11.42 28.36 17.66
N PRO A 527 -10.72 29.45 17.36
CA PRO A 527 -10.52 30.50 18.38
C PRO A 527 -11.86 31.06 18.84
N VAL A 528 -11.94 31.35 20.12
CA VAL A 528 -13.16 31.86 20.74
C VAL A 528 -13.13 33.37 20.71
N VAL A 529 -14.10 33.98 20.01
CA VAL A 529 -14.22 35.43 19.93
C VAL A 529 -15.12 35.88 21.07
N PRO A 530 -14.62 36.65 22.03
CA PRO A 530 -15.47 37.11 23.13
C PRO A 530 -16.54 38.08 22.65
N ALA A 531 -17.64 38.13 23.39
CA ALA A 531 -18.74 39.02 23.06
C ALA A 531 -18.31 40.47 23.19
N VAL A 532 -18.99 41.34 22.44
CA VAL A 532 -18.66 42.76 22.43
C VAL A 532 -19.90 43.56 22.78
N PRO A 533 -19.77 44.72 23.42
CA PRO A 533 -20.93 45.55 23.69
C PRO A 533 -21.56 46.06 22.39
N ILE A 534 -22.88 46.23 22.41
CA ILE A 534 -23.58 46.69 21.22
C ILE A 534 -23.47 48.19 21.02
N GLY A 535 -23.15 48.95 22.07
CA GLY A 535 -23.03 50.38 21.95
C GLY A 535 -21.81 50.77 21.13
N PRO A 536 -21.76 52.02 20.68
CA PRO A 536 -20.60 52.47 19.94
C PRO A 536 -19.35 52.41 20.80
N PRO A 537 -18.20 52.17 20.19
CA PRO A 537 -16.96 52.09 20.96
C PRO A 537 -16.70 53.40 21.69
N PRO A 538 -16.23 53.33 22.94
CA PRO A 538 -16.03 54.56 23.71
C PRO A 538 -14.94 55.42 23.12
N ALA A 539 -15.04 56.72 23.40
CA ALA A 539 -14.11 57.69 22.87
C ALA A 539 -12.69 57.39 23.35
N GLY A 540 -11.73 57.58 22.46
CA GLY A 540 -10.34 57.37 22.80
C GLY A 540 -9.50 58.59 22.54
N PHE A 541 -8.19 58.39 22.40
CA PHE A 541 -7.29 59.51 22.15
C PHE A 541 -7.45 60.07 20.74
N ARG A 542 -8.19 59.36 19.89
CA ARG A 542 -8.41 59.82 18.52
C ARG A 542 -9.10 61.18 18.50
N ASP A 543 -10.13 61.36 19.33
CA ASP A 543 -10.83 62.62 19.38
C ASP A 543 -9.90 63.75 19.83
N ILE A 544 -9.07 63.46 20.83
CA ILE A 544 -8.14 64.47 21.32
C ILE A 544 -7.15 64.87 20.23
N LEU A 545 -6.57 63.88 19.55
CA LEU A 545 -5.61 64.18 18.50
C LEU A 545 -6.27 64.96 17.37
N LEU A 546 -7.51 64.61 17.03
CA LEU A 546 -8.23 65.37 16.00
C LEU A 546 -8.45 66.81 16.43
N ARG A 547 -8.80 67.03 17.69
CA ARG A 547 -9.06 68.37 18.19
C ARG A 547 -7.78 69.07 18.64
N GLU A 548 -7.09 68.48 19.61
CA GLU A 548 -5.93 69.13 20.20
C GLU A 548 -4.72 69.15 19.28
N GLY A 549 -4.74 68.40 18.19
CA GLY A 549 -3.63 68.36 17.27
C GLY A 549 -2.46 67.62 17.88
N PRO A 550 -1.37 67.48 17.13
CA PRO A 550 -0.19 66.81 17.69
C PRO A 550 0.34 67.47 18.96
N GLU A 551 0.29 68.80 19.01
CA GLU A 551 0.83 69.52 20.16
C GLU A 551 -0.06 69.32 21.39
N GLY A 552 -1.37 69.51 21.23
CA GLY A 552 -2.27 69.27 22.34
C GLY A 552 -2.31 67.81 22.75
N PHE A 553 -2.18 66.91 21.77
CA PHE A 553 -2.12 65.48 22.06
C PHE A 553 -0.90 65.16 22.92
N ALA A 554 0.26 65.68 22.53
CA ALA A 554 1.47 65.48 23.33
C ALA A 554 1.34 66.12 24.71
N ARG A 555 0.71 67.29 24.78
CA ARG A 555 0.51 67.94 26.06
C ARG A 555 -0.37 67.09 26.98
N ALA A 556 -1.45 66.53 26.45
CA ALA A 556 -2.32 65.67 27.24
C ALA A 556 -1.58 64.42 27.70
N VAL A 557 -0.76 63.83 26.82
CA VAL A 557 -0.02 62.63 27.20
C VAL A 557 0.98 62.95 28.30
N ARG A 558 1.74 64.03 28.14
CA ARG A 558 2.73 64.40 29.14
C ARG A 558 2.08 64.78 30.46
N ASN A 559 0.90 65.42 30.40
CA ASN A 559 0.18 65.81 31.60
C ASN A 559 -0.62 64.66 32.20
N HIS A 560 -0.71 63.53 31.51
CA HIS A 560 -1.41 62.39 32.07
C HIS A 560 -0.68 61.87 33.29
N PRO A 561 -1.36 61.75 34.43
CA PRO A 561 -0.73 61.28 35.68
C PRO A 561 -0.71 59.77 35.81
N GLY A 562 -0.13 59.10 34.83
CA GLY A 562 -0.04 57.65 34.85
C GLY A 562 0.68 57.14 33.63
N LEU A 563 0.91 55.83 33.61
CA LEU A 563 1.64 55.20 32.53
C LEU A 563 0.73 55.00 31.32
N LEU A 564 1.33 55.10 30.13
CA LEU A 564 0.62 54.91 28.88
C LEU A 564 1.11 53.65 28.19
N LEU A 565 0.16 52.92 27.59
CA LEU A 565 0.39 51.58 27.10
C LEU A 565 -0.05 51.47 25.65
N MET A 566 0.80 50.86 24.83
CA MET A 566 0.41 50.52 23.46
C MET A 566 0.72 49.05 23.24
N ASP A 567 -0.07 48.43 22.37
CA ASP A 567 0.11 47.01 22.07
C ASP A 567 0.73 46.89 20.69
N THR A 568 1.75 46.06 20.59
CA THR A 568 2.41 45.81 19.31
C THR A 568 2.09 44.44 18.74
N THR A 569 0.99 43.83 19.20
CA THR A 569 0.65 42.47 18.78
C THR A 569 0.36 42.38 17.29
N PHE A 570 -0.44 43.33 16.78
CA PHE A 570 -0.95 43.20 15.42
C PHE A 570 0.16 43.29 14.37
N ARG A 571 1.28 43.93 14.69
CA ARG A 571 2.35 44.11 13.69
C ARG A 571 3.61 43.34 14.08
N ASP A 572 4.18 43.59 15.25
CA ASP A 572 5.51 43.06 15.55
C ASP A 572 5.48 41.64 16.10
N ALA A 573 4.37 41.21 16.69
CA ALA A 573 4.31 39.89 17.29
C ALA A 573 4.54 38.81 16.24
N HIS A 574 3.62 38.71 15.27
CA HIS A 574 3.78 37.76 14.20
C HIS A 574 5.01 38.06 13.35
N GLN A 575 5.45 39.32 13.33
CA GLN A 575 6.68 39.66 12.63
C GLN A 575 7.87 38.95 13.26
N SER A 576 7.88 38.87 14.58
CA SER A 576 8.96 38.23 15.31
C SER A 576 8.69 36.75 15.54
N LEU A 577 7.56 36.42 16.19
CA LEU A 577 7.23 35.03 16.48
C LEU A 577 7.09 34.22 15.21
N LEU A 578 6.27 34.70 14.28
CA LEU A 578 5.98 33.96 13.07
C LEU A 578 6.83 34.52 11.93
N ALA A 579 6.51 34.12 10.71
CA ALA A 579 7.03 34.78 9.52
C ALA A 579 6.11 35.91 9.06
N THR A 580 5.42 36.55 10.00
CA THR A 580 4.36 37.55 9.75
C THR A 580 3.50 37.17 8.56
N ARG A 581 2.87 36.00 8.67
CA ARG A 581 1.99 35.47 7.64
C ARG A 581 0.51 35.57 8.00
N VAL A 582 0.18 36.34 9.05
CA VAL A 582 -1.19 36.35 9.56
C VAL A 582 -2.10 37.09 8.58
N ARG A 583 -3.26 36.48 8.31
CA ARG A 583 -4.26 37.10 7.45
C ARG A 583 -5.19 37.99 8.28
N THR A 584 -5.74 39.01 7.61
CA THR A 584 -6.48 40.04 8.32
C THR A 584 -7.82 39.54 8.86
N HIS A 585 -8.36 38.49 8.23
CA HIS A 585 -9.66 37.96 8.66
C HIS A 585 -9.66 37.60 10.14
N ASP A 586 -8.54 37.08 10.64
CA ASP A 586 -8.45 36.75 12.06
C ASP A 586 -8.59 38.00 12.91
N LEU A 587 -7.93 39.09 12.51
CA LEU A 587 -7.96 40.32 13.28
C LEU A 587 -9.31 41.01 13.19
N LYS A 588 -10.04 40.80 12.10
CA LYS A 588 -11.33 41.45 11.94
C LYS A 588 -12.34 40.94 12.95
N LYS A 589 -12.21 39.68 13.37
CA LYS A 589 -13.14 39.12 14.34
C LYS A 589 -12.95 39.74 15.72
N ILE A 590 -11.72 40.16 16.04
CA ILE A 590 -11.43 40.72 17.34
C ILE A 590 -11.44 42.24 17.35
N ALA A 591 -11.41 42.88 16.18
CA ALA A 591 -11.39 44.34 16.11
C ALA A 591 -12.52 45.01 16.88
N PRO A 592 -13.79 44.57 16.79
CA PRO A 592 -14.82 45.20 17.63
C PRO A 592 -14.54 45.09 19.11
N TYR A 593 -13.98 43.96 19.55
CA TYR A 593 -13.66 43.79 20.97
C TYR A 593 -12.64 44.83 21.42
N VAL A 594 -11.59 45.04 20.63
CA VAL A 594 -10.59 46.03 20.98
C VAL A 594 -11.16 47.44 20.92
N ALA A 595 -12.03 47.69 19.93
CA ALA A 595 -12.66 49.00 19.82
C ALA A 595 -13.49 49.32 21.05
N HIS A 596 -14.26 48.35 21.52
CA HIS A 596 -15.19 48.61 22.62
C HIS A 596 -14.50 48.56 23.98
N ASN A 597 -13.46 47.74 24.14
CA ASN A 597 -12.90 47.45 25.45
C ASN A 597 -11.63 48.26 25.72
N PHE A 598 -10.65 48.17 24.83
CA PHE A 598 -9.34 48.77 25.07
C PHE A 598 -9.33 50.23 24.61
N SER A 599 -10.25 51.01 25.19
CA SER A 599 -10.28 52.44 24.92
C SER A 599 -9.17 53.20 25.65
N LYS A 600 -8.64 52.64 26.73
CA LYS A 600 -7.54 53.26 27.44
C LYS A 600 -6.21 53.07 26.72
N LEU A 601 -6.22 52.26 25.65
CA LEU A 601 -5.00 51.99 24.91
C LEU A 601 -4.47 53.27 24.27
N PHE A 602 -3.17 53.52 24.46
CA PHE A 602 -2.59 54.77 23.99
C PHE A 602 -2.58 54.83 22.47
N SER A 603 -2.08 53.79 21.82
CA SER A 603 -2.02 53.75 20.37
C SER A 603 -1.98 52.30 19.94
N MET A 604 -2.00 52.09 18.64
CA MET A 604 -1.98 50.73 18.13
C MET A 604 -1.02 50.71 16.94
N GLU A 605 -0.41 49.56 16.68
CA GLU A 605 0.53 49.44 15.56
C GLU A 605 0.01 48.44 14.54
N ASN A 606 -0.13 48.89 13.30
CA ASN A 606 -0.61 48.02 12.23
C ASN A 606 0.29 47.97 11.00
N TRP A 607 1.08 49.01 10.73
CA TRP A 607 1.95 49.03 9.57
C TRP A 607 3.36 48.58 9.90
N GLY A 608 4.00 47.96 8.92
CA GLY A 608 5.39 47.54 9.09
C GLY A 608 6.03 47.32 7.75
N GLY A 609 7.34 47.54 7.72
CA GLY A 609 8.10 47.25 6.51
C GLY A 609 8.07 45.77 6.17
N ALA A 610 8.00 44.93 7.18
CA ALA A 610 7.90 43.49 6.99
C ALA A 610 6.45 43.04 6.81
N THR A 611 5.55 44.02 6.72
CA THR A 611 4.15 43.74 6.46
C THR A 611 3.80 44.02 5.00
N PHE A 612 4.18 45.17 4.47
CA PHE A 612 3.84 45.49 3.09
C PHE A 612 4.51 44.54 2.11
N ASP A 613 5.76 44.17 2.35
CA ASP A 613 6.46 43.26 1.43
C ASP A 613 5.71 41.94 1.31
N VAL A 614 5.39 41.32 2.45
CA VAL A 614 4.69 40.04 2.42
C VAL A 614 3.26 40.21 1.97
N ALA A 615 2.70 41.43 2.05
CA ALA A 615 1.32 41.64 1.62
C ALA A 615 1.09 41.24 0.17
N MET A 616 2.12 41.29 -0.67
CA MET A 616 2.03 40.76 -2.02
C MET A 616 3.02 39.66 -2.32
N ARG A 617 4.17 39.63 -1.63
CA ARG A 617 5.21 38.67 -1.99
C ARG A 617 4.73 37.23 -1.79
N PHE A 618 4.23 36.92 -0.60
CA PHE A 618 3.71 35.58 -0.31
C PHE A 618 2.23 35.57 0.02
N LEU A 619 1.81 36.34 1.01
CA LEU A 619 0.37 36.55 1.15
C LEU A 619 -0.13 37.39 -0.03
N TYR A 620 -1.38 37.13 -0.41
CA TYR A 620 -1.97 37.74 -1.60
C TYR A 620 -3.16 38.57 -1.14
N GLU A 621 -2.88 39.81 -0.73
CA GLU A 621 -3.91 40.71 -0.24
C GLU A 621 -3.45 42.14 -0.52
N CYS A 622 -4.41 43.06 -0.57
CA CYS A 622 -4.11 44.46 -0.83
C CYS A 622 -4.07 45.21 0.49
N PRO A 623 -2.92 45.76 0.90
CA PRO A 623 -2.83 46.35 2.25
C PRO A 623 -3.81 47.48 2.47
N TRP A 624 -4.03 48.32 1.45
CA TRP A 624 -4.86 49.50 1.64
C TRP A 624 -6.29 49.11 1.97
N ARG A 625 -6.78 48.05 1.33
CA ARG A 625 -8.13 47.60 1.62
C ARG A 625 -8.26 47.18 3.09
N ARG A 626 -7.24 46.48 3.60
CA ARG A 626 -7.27 46.04 4.98
C ARG A 626 -7.20 47.21 5.95
N LEU A 627 -6.34 48.19 5.66
CA LEU A 627 -6.28 49.38 6.51
C LEU A 627 -7.60 50.14 6.48
N GLN A 628 -8.24 50.23 5.31
CA GLN A 628 -9.51 50.93 5.20
C GLN A 628 -10.61 50.21 5.95
N GLU A 629 -10.60 48.87 5.89
CA GLU A 629 -11.50 48.09 6.72
C GLU A 629 -11.24 48.31 8.20
N LEU A 630 -9.98 48.40 8.60
CA LEU A 630 -9.65 48.50 10.02
C LEU A 630 -10.03 49.88 10.57
N ARG A 631 -9.79 50.93 9.80
CA ARG A 631 -10.00 52.29 10.29
C ARG A 631 -11.45 52.54 10.67
N GLU A 632 -12.38 52.10 9.82
CA GLU A 632 -13.79 52.31 10.13
C GLU A 632 -14.20 51.53 11.37
N LEU A 633 -13.59 50.38 11.61
CA LEU A 633 -13.93 49.59 12.79
C LEU A 633 -13.39 50.21 14.07
N ILE A 634 -12.32 50.98 13.97
CA ILE A 634 -11.65 51.51 15.16
C ILE A 634 -11.53 53.02 15.05
N PRO A 635 -12.62 53.79 15.20
CA PRO A 635 -12.51 55.24 15.29
C PRO A 635 -12.24 55.70 16.73
N ASN A 636 -11.31 55.02 17.39
CA ASN A 636 -11.06 55.25 18.81
C ASN A 636 -9.60 55.46 19.13
N ILE A 637 -8.70 54.75 18.46
CA ILE A 637 -7.32 54.63 18.90
C ILE A 637 -6.38 55.06 17.78
N PRO A 638 -5.36 55.87 18.05
CA PRO A 638 -4.40 56.21 17.00
C PRO A 638 -3.61 54.99 16.57
N PHE A 639 -3.20 54.99 15.31
CA PHE A 639 -2.51 53.88 14.70
C PHE A 639 -1.08 54.26 14.36
N GLN A 640 -0.17 53.31 14.51
CA GLN A 640 1.26 53.55 14.38
C GLN A 640 1.82 52.83 13.17
N MET A 641 2.74 53.49 12.47
CA MET A 641 3.23 53.05 11.17
C MET A 641 4.74 53.04 11.19
N LEU A 642 5.35 52.08 10.48
CA LEU A 642 6.79 51.87 10.48
C LEU A 642 7.41 52.46 9.22
N LEU A 643 8.29 53.44 9.39
CA LEU A 643 9.00 54.07 8.28
C LEU A 643 10.48 54.16 8.59
N ARG A 644 11.30 54.11 7.55
CA ARG A 644 12.74 54.24 7.69
C ARG A 644 13.22 55.58 7.14
N GLY A 645 14.52 55.84 7.32
CA GLY A 645 15.11 57.14 7.01
C GLY A 645 15.10 57.55 5.55
N ALA A 646 15.90 56.89 4.72
CA ALA A 646 16.00 57.25 3.31
C ALA A 646 14.94 56.55 2.48
N ASN A 647 14.95 55.23 2.48
CA ASN A 647 13.87 54.48 1.85
C ASN A 647 12.62 54.50 2.71
N ALA A 648 11.47 54.56 2.06
CA ALA A 648 10.21 54.60 2.79
C ALA A 648 9.92 53.24 3.43
N VAL A 649 9.74 52.22 2.61
CA VAL A 649 9.60 50.85 3.10
C VAL A 649 10.50 49.87 2.34
N GLY A 650 11.15 50.31 1.28
CA GLY A 650 12.01 49.44 0.50
C GLY A 650 13.36 49.23 1.14
N TYR A 651 14.18 48.40 0.48
CA TYR A 651 15.51 48.08 0.96
C TYR A 651 16.60 48.96 0.36
N THR A 652 16.23 49.88 -0.54
CA THR A 652 17.21 50.74 -1.20
C THR A 652 16.71 52.18 -1.15
N ASN A 653 17.66 53.11 -1.16
CA ASN A 653 17.34 54.52 -0.99
C ASN A 653 16.46 55.02 -2.12
N TYR A 654 15.67 56.03 -1.83
CA TYR A 654 14.68 56.51 -2.79
C TYR A 654 14.75 58.02 -2.91
N PRO A 655 14.35 58.56 -4.07
CA PRO A 655 14.27 60.02 -4.21
C PRO A 655 13.22 60.59 -3.26
N ASP A 656 13.42 61.85 -2.90
CA ASP A 656 12.57 62.48 -1.89
C ASP A 656 11.12 62.56 -2.33
N ASN A 657 10.88 62.78 -3.62
CA ASN A 657 9.52 63.03 -4.09
C ASN A 657 8.62 61.82 -3.84
N VAL A 658 9.10 60.62 -4.13
CA VAL A 658 8.24 59.44 -3.98
C VAL A 658 7.87 59.25 -2.52
N VAL A 659 8.82 59.42 -1.61
CA VAL A 659 8.53 59.26 -0.19
C VAL A 659 7.59 60.34 0.30
N PHE A 660 7.77 61.58 -0.18
CA PHE A 660 6.90 62.67 0.25
C PHE A 660 5.47 62.45 -0.20
N LYS A 661 5.28 62.06 -1.46
CA LYS A 661 3.93 61.78 -1.94
C LYS A 661 3.33 60.59 -1.20
N PHE A 662 4.14 59.56 -0.92
CA PHE A 662 3.63 58.39 -0.20
C PHE A 662 3.14 58.77 1.20
N CYS A 663 3.95 59.53 1.93
CA CYS A 663 3.55 59.91 3.28
C CYS A 663 2.37 60.88 3.26
N GLU A 664 2.31 61.77 2.27
CA GLU A 664 1.14 62.62 2.12
C GLU A 664 -0.12 61.79 1.90
N VAL A 665 -0.03 60.77 1.04
CA VAL A 665 -1.17 59.92 0.78
C VAL A 665 -1.59 59.20 2.06
N ALA A 666 -0.60 58.69 2.81
CA ALA A 666 -0.91 58.00 4.06
C ALA A 666 -1.61 58.92 5.05
N LYS A 667 -1.11 60.15 5.20
CA LYS A 667 -1.74 61.10 6.11
C LYS A 667 -3.15 61.43 5.65
N GLU A 668 -3.34 61.60 4.35
CA GLU A 668 -4.68 61.77 3.79
C GLU A 668 -5.58 60.61 4.18
N ASN A 669 -5.03 59.39 4.17
CA ASN A 669 -5.80 58.20 4.49
C ASN A 669 -6.28 58.21 5.94
N GLY A 670 -5.66 59.00 6.80
CA GLY A 670 -6.04 59.06 8.20
C GLY A 670 -5.12 58.34 9.15
N MET A 671 -3.97 57.85 8.67
CA MET A 671 -3.02 57.15 9.53
C MET A 671 -2.53 58.11 10.60
N ASP A 672 -2.38 57.60 11.82
CA ASP A 672 -2.25 58.47 12.98
C ASP A 672 -0.82 58.67 13.46
N VAL A 673 -0.11 57.60 13.80
CA VAL A 673 1.20 57.70 14.45
C VAL A 673 2.27 57.30 13.45
N PHE A 674 3.36 58.06 13.42
CA PHE A 674 4.40 57.93 12.41
C PHE A 674 5.75 58.01 13.10
N ARG A 675 6.49 56.91 13.15
CA ARG A 675 7.81 56.90 13.78
C ARG A 675 8.84 56.40 12.76
N VAL A 676 9.95 57.13 12.65
CA VAL A 676 10.94 56.91 11.60
C VAL A 676 12.30 56.67 12.25
N PHE A 677 13.01 55.68 11.74
CA PHE A 677 14.32 55.30 12.27
C PHE A 677 15.27 55.05 11.11
N ASP A 678 16.53 54.77 11.47
CA ASP A 678 17.56 54.46 10.49
C ASP A 678 18.28 53.18 10.87
N SER A 679 18.76 52.46 9.85
CA SER A 679 19.59 51.29 10.09
C SER A 679 20.89 51.67 10.79
N LEU A 680 21.53 52.73 10.33
CA LEU A 680 22.71 53.29 10.97
C LEU A 680 22.48 54.78 11.17
N ASN A 681 23.19 55.34 12.16
CA ASN A 681 22.96 56.73 12.53
C ASN A 681 23.47 57.66 11.45
N TYR A 682 22.73 57.73 10.33
CA TYR A 682 23.05 58.64 9.24
C TYR A 682 22.10 59.82 9.34
N LEU A 683 22.65 60.97 9.74
CA LEU A 683 21.81 62.14 10.03
C LEU A 683 20.96 62.58 8.85
N PRO A 684 21.49 62.73 7.62
CA PRO A 684 20.64 63.25 6.53
C PRO A 684 19.39 62.42 6.27
N ASN A 685 19.46 61.10 6.46
CA ASN A 685 18.26 60.29 6.34
C ASN A 685 17.23 60.68 7.38
N MET A 686 17.69 60.92 8.62
CA MET A 686 16.81 61.42 9.67
C MET A 686 16.23 62.79 9.31
N LEU A 687 17.05 63.65 8.72
CA LEU A 687 16.56 64.97 8.32
C LEU A 687 15.46 64.85 7.28
N LEU A 688 15.69 63.99 6.27
CA LEU A 688 14.70 63.80 5.21
C LEU A 688 13.41 63.20 5.76
N GLY A 689 13.52 62.17 6.61
CA GLY A 689 12.33 61.59 7.20
C GLY A 689 11.61 62.60 8.08
N MET A 690 12.37 63.41 8.80
CA MET A 690 11.80 64.41 9.70
C MET A 690 11.01 65.45 8.91
N GLU A 691 11.59 65.96 7.82
CA GLU A 691 10.88 66.96 7.02
C GLU A 691 9.69 66.34 6.32
N ALA A 692 9.80 65.07 5.91
CA ALA A 692 8.65 64.39 5.32
C ALA A 692 7.50 64.28 6.32
N ALA A 693 7.82 63.90 7.56
CA ALA A 693 6.79 63.82 8.58
C ALA A 693 6.19 65.18 8.88
N GLY A 694 7.03 66.21 8.92
CA GLY A 694 6.51 67.55 9.11
C GLY A 694 5.59 67.99 7.98
N SER A 695 5.96 67.65 6.75
CA SER A 695 5.10 67.93 5.61
C SER A 695 3.80 67.14 5.67
N ALA A 696 3.83 65.96 6.28
CA ALA A 696 2.62 65.15 6.38
C ALA A 696 1.55 65.87 7.18
N GLY A 697 1.92 66.49 8.30
CA GLY A 697 0.96 67.17 9.13
C GLY A 697 0.44 66.37 10.29
N GLY A 698 1.23 65.43 10.82
CA GLY A 698 0.81 64.61 11.94
C GLY A 698 1.86 64.63 13.04
N VAL A 699 1.65 63.76 14.02
CA VAL A 699 2.58 63.63 15.13
C VAL A 699 3.89 63.05 14.62
N VAL A 700 4.98 63.78 14.83
CA VAL A 700 6.29 63.34 14.37
C VAL A 700 7.00 62.67 15.53
N GLU A 701 7.57 61.49 15.26
CA GLU A 701 8.21 60.67 16.29
C GLU A 701 9.62 60.31 15.83
N ALA A 702 10.61 60.80 16.58
CA ALA A 702 12.00 60.44 16.30
C ALA A 702 12.34 59.13 17.00
N ALA A 703 13.21 58.34 16.38
CA ALA A 703 13.61 57.05 16.90
C ALA A 703 15.12 56.96 17.01
N ILE A 704 15.60 56.38 18.09
CA ILE A 704 17.02 56.24 18.36
C ILE A 704 17.35 54.75 18.45
N SER A 705 18.30 54.31 17.63
CA SER A 705 18.80 52.95 17.73
C SER A 705 19.63 52.80 19.00
N TYR A 706 19.43 51.67 19.68
CA TYR A 706 20.20 51.36 20.88
C TYR A 706 21.03 50.11 20.67
N THR A 707 22.26 50.14 21.16
CA THR A 707 23.15 49.00 21.15
C THR A 707 24.19 49.18 22.23
N GLY A 708 24.86 48.08 22.58
CA GLY A 708 25.88 48.15 23.60
C GLY A 708 25.30 48.21 25.01
N ASP A 709 26.15 48.61 25.95
CA ASP A 709 25.79 48.66 27.36
C ASP A 709 26.29 49.97 27.96
N VAL A 710 25.37 50.91 28.15
CA VAL A 710 25.74 52.21 28.69
C VAL A 710 26.18 52.10 30.15
N ALA A 711 25.60 51.15 30.89
CA ALA A 711 26.00 50.97 32.28
C ALA A 711 27.44 50.49 32.41
N ASP A 712 28.03 49.95 31.34
CA ASP A 712 29.41 49.51 31.36
C ASP A 712 30.27 50.51 30.61
N PRO A 713 31.15 51.26 31.29
CA PRO A 713 31.99 52.23 30.58
C PRO A 713 33.05 51.61 29.68
N SER A 714 33.28 50.30 29.78
CA SER A 714 34.28 49.66 28.93
C SER A 714 33.96 49.83 27.46
N ARG A 715 32.67 49.80 27.11
CA ARG A 715 32.24 50.04 25.75
C ARG A 715 32.10 51.53 25.51
N THR A 716 33.08 52.12 24.84
CA THR A 716 33.07 53.55 24.55
C THR A 716 32.83 53.87 23.08
N LYS A 717 32.60 52.87 22.23
CA LYS A 717 32.38 53.13 20.82
C LYS A 717 31.21 54.07 20.61
N TYR A 718 30.12 53.85 21.34
CA TYR A 718 28.98 54.77 21.37
C TYR A 718 28.74 55.07 22.84
N SER A 719 29.43 56.08 23.36
CA SER A 719 29.31 56.40 24.76
C SER A 719 28.03 57.20 24.99
N LEU A 720 27.75 57.48 26.27
CA LEU A 720 26.50 58.14 26.63
C LEU A 720 26.43 59.53 26.00
N GLN A 721 27.54 60.26 26.01
CA GLN A 721 27.55 61.61 25.43
C GLN A 721 27.35 61.58 23.92
N TYR A 722 27.78 60.52 23.25
CA TYR A 722 27.51 60.38 21.83
C TYR A 722 26.02 60.33 21.56
N TYR A 723 25.32 59.48 22.30
CA TYR A 723 23.87 59.43 22.19
C TYR A 723 23.23 60.74 22.63
N MET A 724 23.84 61.43 23.59
CA MET A 724 23.33 62.74 24.02
C MET A 724 23.40 63.75 22.89
N GLY A 725 24.52 63.77 22.16
CA GLY A 725 24.62 64.63 21.00
C GLY A 725 23.61 64.28 19.94
N LEU A 726 23.43 62.98 19.68
CA LEU A 726 22.39 62.57 18.74
C LEU A 726 21.02 63.06 19.18
N ALA A 727 20.70 62.88 20.46
CA ALA A 727 19.39 63.25 20.97
C ALA A 727 19.16 64.75 20.92
N GLU A 728 20.20 65.54 21.23
CA GLU A 728 20.04 66.98 21.16
C GLU A 728 19.87 67.44 19.72
N GLU A 729 20.56 66.78 18.79
CA GLU A 729 20.34 67.08 17.38
C GLU A 729 18.89 66.80 16.99
N LEU A 730 18.36 65.65 17.41
CA LEU A 730 16.98 65.30 17.07
C LEU A 730 15.97 66.25 17.71
N VAL A 731 16.17 66.61 18.98
CA VAL A 731 15.21 67.50 19.63
C VAL A 731 15.30 68.91 19.05
N ARG A 732 16.50 69.34 18.66
CA ARG A 732 16.65 70.60 17.96
C ARG A 732 15.98 70.56 16.61
N ALA A 733 15.92 69.39 15.98
CA ALA A 733 15.17 69.25 14.74
C ALA A 733 13.67 69.53 14.95
N GLY A 734 13.18 69.37 16.17
CA GLY A 734 11.80 69.69 16.45
C GLY A 734 10.86 68.51 16.36
N THR A 735 10.38 68.03 17.50
CA THR A 735 9.55 66.84 17.53
C THR A 735 8.52 66.97 18.64
N HIS A 736 7.57 66.03 18.66
CA HIS A 736 6.57 65.99 19.71
C HIS A 736 6.99 65.05 20.83
N ILE A 737 7.34 63.81 20.47
CA ILE A 737 7.78 62.80 21.43
C ILE A 737 8.96 62.06 20.82
N LEU A 738 9.91 61.67 21.67
CA LEU A 738 11.01 60.81 21.28
C LEU A 738 10.72 59.37 21.69
N CYS A 739 11.23 58.43 20.89
CA CYS A 739 11.11 57.01 21.18
C CYS A 739 12.46 56.34 21.08
N ILE A 740 12.63 55.26 21.85
CA ILE A 740 13.84 54.47 21.87
C ILE A 740 13.48 53.02 21.56
N LYS A 741 14.29 52.38 20.72
CA LYS A 741 14.05 51.00 20.31
C LYS A 741 15.22 50.11 20.75
N ASP A 742 14.88 48.93 21.27
CA ASP A 742 15.85 47.88 21.56
C ASP A 742 15.49 46.69 20.67
N MET A 743 16.25 46.52 19.60
CA MET A 743 15.94 45.48 18.62
C MET A 743 16.14 44.08 19.19
N ALA A 744 17.08 43.91 20.12
CA ALA A 744 17.39 42.61 20.69
C ALA A 744 17.04 42.50 22.17
N GLY A 745 16.51 43.56 22.77
CA GLY A 745 16.21 43.53 24.19
C GLY A 745 17.43 43.41 25.08
N LEU A 746 18.48 44.17 24.77
CA LEU A 746 19.72 44.16 25.55
C LEU A 746 19.65 45.06 26.77
N LEU A 747 18.62 45.89 26.88
CA LEU A 747 18.65 47.01 27.82
C LEU A 747 18.63 46.51 29.25
N LYS A 748 19.47 47.11 30.10
CA LYS A 748 19.55 46.76 31.51
C LYS A 748 18.76 47.74 32.37
N PRO A 749 18.18 47.27 33.47
CA PRO A 749 17.39 48.17 34.32
C PRO A 749 18.16 49.38 34.82
N THR A 750 19.40 49.19 35.29
CA THR A 750 20.20 50.34 35.72
C THR A 750 20.63 51.18 34.52
N ALA A 751 20.93 50.52 33.40
CA ALA A 751 21.22 51.25 32.17
C ALA A 751 20.02 52.08 31.76
N CYS A 752 18.82 51.49 31.83
CA CYS A 752 17.62 52.25 31.51
C CYS A 752 17.44 53.42 32.46
N THR A 753 17.66 53.20 33.76
CA THR A 753 17.46 54.28 34.72
C THR A 753 18.40 55.44 34.44
N MET A 754 19.68 55.16 34.23
CA MET A 754 20.64 56.23 33.99
C MET A 754 20.35 56.94 32.68
N LEU A 755 20.03 56.18 31.63
CA LEU A 755 19.74 56.81 30.34
C LEU A 755 18.47 57.64 30.39
N VAL A 756 17.44 57.12 31.05
CA VAL A 756 16.18 57.84 31.19
C VAL A 756 16.39 59.12 31.97
N SER A 757 17.19 59.09 33.02
CA SER A 757 17.54 60.33 33.71
C SER A 757 18.25 61.28 32.77
N SER A 758 19.24 60.78 32.03
CA SER A 758 20.05 61.64 31.17
C SER A 758 19.20 62.27 30.07
N LEU A 759 18.09 61.63 29.71
CA LEU A 759 17.15 62.26 28.78
C LEU A 759 16.20 63.21 29.48
N ARG A 760 15.56 62.74 30.56
CA ARG A 760 14.48 63.48 31.19
C ARG A 760 14.97 64.80 31.78
N ASP A 761 16.15 64.79 32.39
CA ASP A 761 16.67 66.03 32.97
C ASP A 761 16.82 67.10 31.90
N ARG A 762 17.31 66.72 30.72
CA ARG A 762 17.54 67.67 29.65
C ARG A 762 16.22 68.15 29.05
N PHE A 763 15.22 67.26 28.99
CA PHE A 763 13.93 67.56 28.38
C PHE A 763 12.83 67.12 29.34
N PRO A 764 12.64 67.85 30.44
CA PRO A 764 11.63 67.43 31.43
C PRO A 764 10.22 67.37 30.87
N ASP A 765 9.91 68.23 29.90
CA ASP A 765 8.58 68.26 29.30
C ASP A 765 8.37 67.20 28.23
N LEU A 766 9.44 66.65 27.67
CA LEU A 766 9.30 65.78 26.51
C LEU A 766 8.80 64.40 26.92
N PRO A 767 7.67 63.94 26.39
CA PRO A 767 7.25 62.56 26.67
C PRO A 767 8.23 61.57 26.08
N LEU A 768 8.35 60.41 26.75
CA LEU A 768 9.36 59.42 26.42
C LEU A 768 8.70 58.08 26.07
N HIS A 769 9.22 57.44 25.02
CA HIS A 769 8.71 56.16 24.56
C HIS A 769 9.86 55.17 24.44
N ILE A 770 9.55 53.90 24.64
CA ILE A 770 10.56 52.85 24.72
C ILE A 770 10.10 51.62 23.95
N HIS A 771 11.04 50.97 23.27
CA HIS A 771 10.80 49.72 22.55
C HIS A 771 11.89 48.72 22.88
N THR A 772 11.51 47.46 23.05
CA THR A 772 12.46 46.41 23.40
C THR A 772 11.86 45.06 23.07
N HIS A 773 12.70 44.02 23.19
CA HIS A 773 12.30 42.65 22.94
C HIS A 773 12.65 41.80 24.16
N ASP A 774 12.07 40.60 24.23
CA ASP A 774 12.25 39.71 25.38
C ASP A 774 13.08 38.49 25.06
N THR A 775 13.96 38.56 24.05
CA THR A 775 14.72 37.38 23.66
C THR A 775 15.60 36.89 24.80
N SER A 776 16.26 37.82 25.50
CA SER A 776 17.04 37.44 26.67
C SER A 776 16.15 36.91 27.78
N GLY A 777 14.99 37.53 27.98
CA GLY A 777 14.03 37.07 28.96
C GLY A 777 13.94 37.88 30.24
N ALA A 778 14.68 38.97 30.36
CA ALA A 778 14.63 39.82 31.55
C ALA A 778 14.03 41.19 31.22
N GLY A 779 13.14 41.24 30.22
CA GLY A 779 12.61 42.51 29.78
C GLY A 779 11.73 43.17 30.83
N VAL A 780 10.96 42.38 31.58
CA VAL A 780 9.99 42.94 32.51
C VAL A 780 10.68 43.77 33.58
N ALA A 781 11.78 43.25 34.14
CA ALA A 781 12.48 43.98 35.18
C ALA A 781 13.04 45.29 34.65
N ALA A 782 13.64 45.25 33.46
CA ALA A 782 14.17 46.48 32.87
C ALA A 782 13.06 47.48 32.63
N MET A 783 11.91 47.02 32.12
CA MET A 783 10.80 47.93 31.84
C MET A 783 10.23 48.53 33.13
N LEU A 784 10.17 47.72 34.19
CA LEU A 784 9.71 48.26 35.47
C LEU A 784 10.68 49.29 36.01
N ALA A 785 11.98 49.07 35.83
CA ALA A 785 12.96 50.09 36.22
C ALA A 785 12.78 51.35 35.39
N CYS A 786 12.49 51.20 34.10
CA CYS A 786 12.21 52.35 33.24
C CYS A 786 11.00 53.12 33.74
N ALA A 787 9.94 52.40 34.08
CA ALA A 787 8.72 53.02 34.58
C ALA A 787 8.92 53.69 35.93
N GLN A 788 9.81 53.15 36.76
CA GLN A 788 10.13 53.80 38.02
C GLN A 788 10.74 55.17 37.78
N ALA A 789 11.63 55.27 36.79
CA ALA A 789 12.14 56.56 36.35
C ALA A 789 11.12 57.20 35.41
N GLY A 790 11.51 58.33 34.82
CA GLY A 790 10.60 59.05 33.95
C GLY A 790 10.27 58.30 32.68
N ALA A 791 9.06 57.76 32.60
CA ALA A 791 8.62 57.02 31.43
C ALA A 791 7.17 57.38 31.13
N ASP A 792 6.84 57.40 29.84
CA ASP A 792 5.50 57.75 29.41
C ASP A 792 4.79 56.60 28.72
N VAL A 793 5.36 56.05 27.64
CA VAL A 793 4.72 54.99 26.88
C VAL A 793 5.68 53.83 26.71
N VAL A 794 5.16 52.61 26.86
CA VAL A 794 5.93 51.39 26.76
C VAL A 794 5.22 50.46 25.78
N ASP A 795 5.90 49.37 25.43
CA ASP A 795 5.40 48.43 24.44
C ASP A 795 5.12 47.09 25.09
N VAL A 796 3.95 46.51 24.81
CA VAL A 796 3.54 45.21 25.35
C VAL A 796 2.96 44.36 24.24
N ALA A 797 2.78 43.08 24.54
CA ALA A 797 2.21 42.12 23.62
C ALA A 797 1.21 41.24 24.36
N ALA A 798 0.33 40.59 23.60
CA ALA A 798 -0.67 39.72 24.19
C ALA A 798 0.00 38.55 24.90
N ASP A 799 -0.65 38.06 25.96
CA ASP A 799 -0.01 37.10 26.85
C ASP A 799 0.48 35.88 26.09
N SER A 800 -0.38 35.29 25.26
CA SER A 800 0.06 34.17 24.44
C SER A 800 1.10 34.59 23.42
N MET A 801 0.96 35.78 22.85
CA MET A 801 1.91 36.28 21.87
C MET A 801 3.21 36.76 22.51
N SER A 802 3.20 37.03 23.81
CA SER A 802 4.32 37.67 24.47
C SER A 802 5.42 36.66 24.74
N GLY A 803 6.41 37.07 25.55
CA GLY A 803 7.52 36.22 25.86
C GLY A 803 8.37 35.96 24.64
N MET A 804 9.19 34.93 24.76
CA MET A 804 10.00 34.42 23.66
C MET A 804 10.91 35.52 23.13
N THR A 805 10.59 36.03 21.94
CA THR A 805 11.30 37.17 21.37
C THR A 805 10.40 38.40 21.25
N SER A 806 9.21 38.35 21.81
CA SER A 806 8.25 39.44 21.66
C SER A 806 8.44 40.47 22.76
N GLN A 807 7.46 41.32 22.94
CA GLN A 807 7.27 42.30 24.00
C GLN A 807 6.57 41.65 25.18
N PRO A 808 6.79 42.16 26.39
CA PRO A 808 6.21 41.51 27.57
C PRO A 808 4.69 41.54 27.56
N SER A 809 4.09 40.53 28.19
CA SER A 809 2.65 40.50 28.32
C SER A 809 2.16 41.67 29.16
N MET A 810 1.14 42.36 28.68
CA MET A 810 0.58 43.45 29.48
C MET A 810 0.01 42.93 30.80
N GLY A 811 -0.41 41.66 30.84
CA GLY A 811 -0.89 41.12 32.09
C GLY A 811 0.15 41.12 33.18
N ALA A 812 1.39 40.73 32.83
CA ALA A 812 2.46 40.68 33.82
C ALA A 812 2.76 42.06 34.39
N LEU A 813 2.87 43.06 33.52
CA LEU A 813 3.18 44.41 34.00
C LEU A 813 2.01 45.00 34.77
N VAL A 814 0.79 44.73 34.33
CA VAL A 814 -0.38 45.21 35.05
C VAL A 814 -0.42 44.61 36.46
N ALA A 815 -0.17 43.30 36.57
CA ALA A 815 -0.13 42.68 37.89
C ALA A 815 1.01 43.25 38.72
N CYS A 816 2.17 43.48 38.10
CA CYS A 816 3.31 44.04 38.83
C CYS A 816 3.03 45.45 39.32
N THR A 817 2.04 46.12 38.73
CA THR A 817 1.73 47.50 39.06
C THR A 817 0.23 47.63 39.31
N ARG A 818 -0.20 47.38 40.55
CA ARG A 818 -1.58 47.58 40.94
C ARG A 818 -1.75 48.64 42.02
N GLY A 819 -1.16 48.43 43.18
CA GLY A 819 -1.27 49.39 44.26
C GLY A 819 -0.18 50.42 44.16
N THR A 820 -0.05 51.03 42.98
CA THR A 820 1.05 51.93 42.67
C THR A 820 0.47 53.19 42.05
N PRO A 821 1.03 54.36 42.37
CA PRO A 821 0.55 55.59 41.71
C PRO A 821 0.66 55.56 40.20
N LEU A 822 1.68 54.88 39.65
CA LEU A 822 1.84 54.76 38.21
C LEU A 822 1.14 53.52 37.65
N ASP A 823 0.09 53.07 38.35
CA ASP A 823 -0.70 51.94 37.87
C ASP A 823 -1.37 52.27 36.55
N THR A 824 -1.61 51.23 35.75
CA THR A 824 -2.27 51.38 34.47
C THR A 824 -3.78 51.60 34.59
N GLU A 825 -4.40 51.07 35.64
CA GLU A 825 -5.84 51.19 35.87
C GLU A 825 -6.65 50.64 34.68
N VAL A 826 -6.46 49.35 34.43
CA VAL A 826 -7.21 48.67 33.36
C VAL A 826 -7.69 47.33 33.86
N PRO A 827 -8.82 46.86 33.33
CA PRO A 827 -9.32 45.54 33.71
C PRO A 827 -8.38 44.43 33.26
N MET A 828 -8.37 43.35 34.03
CA MET A 828 -7.50 42.21 33.79
C MET A 828 -8.18 41.11 32.99
N GLU A 829 -9.50 40.96 33.17
CA GLU A 829 -10.26 39.97 32.42
C GLU A 829 -10.24 40.29 30.93
N ARG A 830 -10.10 41.57 30.57
CA ARG A 830 -9.90 41.93 29.17
C ARG A 830 -8.59 41.35 28.66
N VAL A 831 -7.54 41.42 29.48
CA VAL A 831 -6.26 40.80 29.12
C VAL A 831 -6.44 39.29 28.96
N PHE A 832 -7.22 38.68 29.84
CA PHE A 832 -7.52 37.26 29.73
C PHE A 832 -8.18 36.92 28.40
N ASP A 833 -9.22 37.66 28.04
CA ASP A 833 -9.98 37.37 26.83
C ASP A 833 -9.10 37.57 25.59
N TYR A 834 -8.39 38.69 25.55
CA TYR A 834 -7.50 38.97 24.44
C TYR A 834 -6.46 37.86 24.30
N SER A 835 -5.82 37.49 25.41
CA SER A 835 -4.82 36.43 25.36
C SER A 835 -5.41 35.14 24.82
N GLU A 836 -6.51 34.68 25.43
CA GLU A 836 -7.05 33.37 25.10
C GLU A 836 -7.47 33.32 23.64
N TYR A 837 -8.08 34.38 23.14
CA TYR A 837 -8.32 34.46 21.70
C TYR A 837 -7.02 34.34 20.93
N TRP A 838 -5.93 34.89 21.47
CA TRP A 838 -4.71 34.88 20.67
C TRP A 838 -4.01 33.53 20.63
N GLU A 839 -4.07 32.73 21.70
CA GLU A 839 -3.51 31.38 21.51
C GLU A 839 -4.50 30.51 20.74
N GLY A 840 -5.80 30.82 20.83
CA GLY A 840 -6.76 30.16 19.97
C GLY A 840 -6.42 30.35 18.50
N ALA A 841 -6.12 31.59 18.11
CA ALA A 841 -5.69 31.86 16.74
C ALA A 841 -4.30 31.34 16.46
N ARG A 842 -3.46 31.22 17.49
CA ARG A 842 -2.08 30.83 17.29
C ARG A 842 -1.97 29.43 16.71
N GLY A 843 -2.79 28.50 17.22
CA GLY A 843 -2.72 27.12 16.74
C GLY A 843 -3.09 26.96 15.28
N LEU A 844 -3.83 27.91 14.72
CA LEU A 844 -4.20 27.83 13.30
C LEU A 844 -2.96 27.91 12.42
N TYR A 845 -2.03 28.79 12.76
CA TYR A 845 -0.81 28.93 11.98
C TYR A 845 0.25 27.97 12.50
N ALA A 846 -0.10 26.69 12.63
CA ALA A 846 0.84 25.71 13.14
C ALA A 846 1.81 25.22 12.06
N ALA A 847 1.57 25.56 10.80
CA ALA A 847 2.42 25.07 9.72
C ALA A 847 3.82 25.65 9.75
N PHE A 848 4.08 26.63 10.61
CA PHE A 848 5.39 27.26 10.70
C PHE A 848 5.50 27.92 12.06
N ASP A 849 6.55 27.55 12.80
CA ASP A 849 6.67 28.03 14.18
C ASP A 849 8.10 27.77 14.67
N CYS A 850 8.64 28.76 15.39
CA CYS A 850 9.99 28.63 15.91
C CYS A 850 10.05 27.77 17.16
N THR A 851 8.91 27.41 17.74
CA THR A 851 8.90 26.60 18.95
C THR A 851 9.61 25.27 18.71
N ALA A 852 9.38 24.66 17.55
CA ALA A 852 10.11 23.45 17.19
C ALA A 852 11.61 23.72 17.11
N THR A 853 11.99 24.96 16.77
CA THR A 853 13.41 25.27 16.65
C THR A 853 14.00 25.72 17.99
N MET A 854 13.49 26.80 18.54
CA MET A 854 14.03 27.37 19.78
C MET A 854 12.88 27.38 20.79
N LYS A 855 13.17 26.87 22.00
CA LYS A 855 12.11 26.45 22.92
C LYS A 855 11.64 27.56 23.86
N SER A 856 12.53 28.07 24.71
CA SER A 856 12.13 28.91 25.83
C SER A 856 13.05 30.11 25.97
N GLY A 857 13.36 30.78 24.87
CA GLY A 857 14.34 31.84 24.92
C GLY A 857 15.73 31.25 25.10
N ASN A 858 16.70 32.14 25.22
CA ASN A 858 18.08 31.70 25.41
C ASN A 858 18.91 32.90 25.83
N SER A 859 20.09 32.58 26.37
CA SER A 859 21.13 33.56 26.60
C SER A 859 21.89 33.76 25.28
N ASP A 860 23.08 34.38 25.33
CA ASP A 860 23.94 34.62 24.18
C ASP A 860 23.35 35.66 23.23
N VAL A 861 22.18 36.23 23.55
CA VAL A 861 21.65 37.32 22.76
C VAL A 861 22.61 38.51 22.82
N TYR A 862 23.36 38.63 23.90
CA TYR A 862 24.35 39.69 24.02
C TYR A 862 25.55 39.44 23.11
N GLU A 863 25.62 38.26 22.50
CA GLU A 863 26.72 37.90 21.60
C GLU A 863 26.24 37.73 20.17
N ASN A 864 25.26 36.85 19.95
CA ASN A 864 24.71 36.68 18.61
C ASN A 864 24.02 37.94 18.12
N GLU A 865 23.35 38.65 19.03
CA GLU A 865 22.77 39.96 18.73
C GLU A 865 21.74 39.89 17.61
N ILE A 866 21.09 38.74 17.45
CA ILE A 866 20.10 38.58 16.39
C ILE A 866 18.90 39.47 16.68
N PRO A 867 18.40 40.23 15.70
CA PRO A 867 17.25 41.10 15.97
C PRO A 867 16.03 40.29 16.39
N GLY A 868 15.22 40.91 17.25
CA GLY A 868 14.07 40.22 17.80
C GLY A 868 13.06 39.82 16.73
N GLY A 869 12.82 40.71 15.78
CA GLY A 869 11.82 40.47 14.75
C GLY A 869 12.33 39.81 13.49
N GLN A 870 13.53 39.24 13.50
CA GLN A 870 14.13 38.73 12.28
C GLN A 870 14.57 37.27 12.34
N TYR A 871 14.65 36.67 13.53
CA TYR A 871 15.22 35.33 13.66
C TYR A 871 14.38 34.30 12.91
N THR A 872 13.07 34.33 13.07
CA THR A 872 12.22 33.33 12.41
C THR A 872 12.28 33.46 10.90
N ASN A 873 12.27 34.69 10.40
CA ASN A 873 12.35 34.90 8.97
C ASN A 873 13.70 34.46 8.42
N LEU A 874 14.78 34.71 9.17
CA LEU A 874 16.10 34.24 8.74
C LEU A 874 16.14 32.73 8.71
N HIS A 875 15.54 32.08 9.71
CA HIS A 875 15.45 30.62 9.70
C HIS A 875 14.66 30.14 8.49
N PHE A 876 13.59 30.85 8.14
CA PHE A 876 12.82 30.47 6.97
C PHE A 876 13.64 30.62 5.70
N GLN A 877 14.45 31.68 5.62
CA GLN A 877 15.34 31.84 4.47
C GLN A 877 16.32 30.68 4.39
N ALA A 878 16.88 30.28 5.54
CA ALA A 878 17.83 29.16 5.55
C ALA A 878 17.15 27.87 5.09
N HIS A 879 15.93 27.63 5.55
CA HIS A 879 15.19 26.44 5.13
C HIS A 879 14.88 26.49 3.64
N SER A 880 14.47 27.66 3.14
CA SER A 880 14.16 27.81 1.72
C SER A 880 15.40 27.56 0.87
N MET A 881 16.55 28.05 1.32
CA MET A 881 17.80 27.82 0.59
C MET A 881 18.35 26.42 0.86
N GLY A 882 17.75 25.68 1.79
CA GLY A 882 18.17 24.32 2.07
C GLY A 882 19.08 24.17 3.26
N LEU A 883 19.36 25.22 4.01
CA LEU A 883 20.31 25.18 5.11
C LEU A 883 19.59 25.28 6.46
N GLY A 884 18.36 24.76 6.51
CA GLY A 884 17.64 24.73 7.77
C GLY A 884 18.28 23.80 8.79
N SER A 885 18.82 22.67 8.33
CA SER A 885 19.44 21.72 9.24
C SER A 885 20.68 22.31 9.91
N LYS A 886 21.40 23.19 9.21
CA LYS A 886 22.62 23.78 9.73
C LYS A 886 22.39 25.18 10.28
N PHE A 887 21.13 25.58 10.48
CA PHE A 887 20.82 26.93 10.94
C PHE A 887 21.45 27.21 12.30
N LYS A 888 21.77 26.16 13.06
CA LYS A 888 22.41 26.37 14.36
C LYS A 888 23.79 27.00 14.20
N GLU A 889 24.50 26.67 13.13
CA GLU A 889 25.75 27.35 12.83
C GLU A 889 25.54 28.67 12.12
N VAL A 890 24.35 28.91 11.57
CA VAL A 890 24.10 30.15 10.84
C VAL A 890 24.20 31.34 11.79
N LYS A 891 23.58 31.21 12.96
CA LYS A 891 23.65 32.27 13.96
C LYS A 891 25.06 32.46 14.49
N LYS A 892 25.87 31.41 14.54
CA LYS A 892 27.24 31.57 15.02
C LYS A 892 28.12 32.28 14.00
N ALA A 893 27.68 32.35 12.75
CA ALA A 893 28.40 33.13 11.75
C ALA A 893 28.04 34.61 11.80
N TYR A 894 26.97 34.97 12.51
CA TYR A 894 26.50 36.36 12.51
C TYR A 894 27.50 37.27 13.19
N VAL A 895 28.20 36.77 14.21
CA VAL A 895 29.15 37.62 14.94
C VAL A 895 30.28 38.07 14.03
N GLU A 896 30.86 37.15 13.27
CA GLU A 896 31.91 37.57 12.35
C GLU A 896 31.34 38.28 11.13
N ALA A 897 30.11 37.98 10.74
CA ALA A 897 29.48 38.74 9.67
C ALA A 897 29.35 40.20 10.07
N ASN A 898 29.02 40.45 11.32
CA ASN A 898 29.12 41.80 11.88
C ASN A 898 30.56 42.30 11.84
N GLN A 899 31.51 41.45 12.23
CA GLN A 899 32.87 41.92 12.48
C GLN A 899 33.66 42.23 11.22
N MET A 900 33.23 41.73 10.05
CA MET A 900 33.82 42.21 8.79
C MET A 900 33.62 43.72 8.64
N LEU A 901 32.43 44.22 8.96
CA LEU A 901 32.08 45.63 8.76
C LEU A 901 32.31 46.46 10.02
N GLY A 902 32.91 45.89 11.06
CA GLY A 902 33.07 46.61 12.30
C GLY A 902 31.81 46.55 13.15
N ASP A 903 31.88 47.24 14.28
CA ASP A 903 30.76 47.28 15.22
C ASP A 903 29.80 48.37 14.77
N LEU A 904 28.83 47.97 13.93
CA LEU A 904 27.80 48.87 13.43
C LEU A 904 26.43 48.41 13.90
N ILE A 905 25.49 49.35 13.92
CA ILE A 905 24.12 49.02 14.28
C ILE A 905 23.53 48.13 13.19
N LYS A 906 23.04 46.97 13.58
CA LYS A 906 22.52 45.99 12.64
C LYS A 906 21.01 45.92 12.79
N VAL A 907 20.30 46.64 11.92
CA VAL A 907 18.85 46.63 11.85
C VAL A 907 18.49 46.21 10.43
N THR A 908 17.19 46.12 10.12
CA THR A 908 16.64 45.46 8.94
C THR A 908 17.54 45.58 7.72
N PRO A 909 17.94 46.78 7.27
CA PRO A 909 18.93 46.81 6.20
C PRO A 909 20.28 46.22 6.61
N SER A 910 20.90 46.76 7.66
CA SER A 910 22.20 46.27 8.08
C SER A 910 22.11 44.83 8.59
N SER A 911 21.07 44.52 9.35
CA SER A 911 20.90 43.16 9.84
C SER A 911 20.74 42.18 8.69
N LYS A 912 19.95 42.56 7.67
CA LYS A 912 19.80 41.69 6.52
C LYS A 912 21.12 41.50 5.79
N ILE A 913 21.90 42.57 5.63
CA ILE A 913 23.18 42.46 4.94
C ILE A 913 24.12 41.54 5.71
N VAL A 914 24.17 41.72 7.03
CA VAL A 914 25.02 40.88 7.87
C VAL A 914 24.57 39.42 7.80
N GLY A 915 23.27 39.18 7.82
CA GLY A 915 22.77 37.82 7.70
C GLY A 915 23.09 37.20 6.37
N ASP A 916 23.00 37.99 5.28
CA ASP A 916 23.37 37.47 3.98
C ASP A 916 24.85 37.14 3.92
N LEU A 917 25.68 37.96 4.58
CA LEU A 917 27.11 37.69 4.62
C LEU A 917 27.38 36.39 5.38
N ALA A 918 26.65 36.19 6.48
CA ALA A 918 26.76 34.94 7.23
C ALA A 918 26.31 33.76 6.37
N GLN A 919 25.25 33.95 5.59
CA GLN A 919 24.80 32.91 4.66
C GLN A 919 25.89 32.58 3.66
N PHE A 920 26.55 33.61 3.14
CA PHE A 920 27.65 33.38 2.20
C PHE A 920 28.77 32.58 2.86
N MET A 921 29.10 32.93 4.11
CA MET A 921 30.17 32.21 4.78
C MET A 921 29.79 30.74 5.00
N VAL A 922 28.58 30.49 5.51
CA VAL A 922 28.20 29.12 5.80
C VAL A 922 28.02 28.32 4.51
N GLN A 923 27.62 28.99 3.43
CA GLN A 923 27.61 28.34 2.12
C GLN A 923 29.02 27.94 1.71
N ASN A 924 29.99 28.82 1.93
CA ASN A 924 31.38 28.50 1.60
C ASN A 924 32.13 27.89 2.78
N GLY A 925 31.56 27.89 3.98
CA GLY A 925 32.25 27.37 5.15
C GLY A 925 33.56 28.07 5.41
N LEU A 926 33.56 29.40 5.29
CA LEU A 926 34.80 30.17 5.31
C LEU A 926 34.95 30.91 6.63
N SER A 927 36.20 31.11 7.05
CA SER A 927 36.55 31.67 8.35
C SER A 927 36.97 33.13 8.23
N ARG A 928 37.45 33.67 9.35
CA ARG A 928 37.83 35.08 9.45
C ARG A 928 39.01 35.43 8.55
N ALA A 929 40.13 34.75 8.75
CA ALA A 929 41.42 35.23 8.25
C ALA A 929 41.44 35.34 6.73
N GLU A 930 41.07 34.27 6.04
CA GLU A 930 41.06 34.33 4.58
C GLU A 930 39.88 35.13 4.04
N ALA A 931 38.81 35.31 4.81
CA ALA A 931 37.77 36.25 4.42
C ALA A 931 38.34 37.66 4.34
N GLU A 932 39.17 38.03 5.32
CA GLU A 932 39.86 39.31 5.26
C GLU A 932 40.92 39.33 4.15
N ALA A 933 41.61 38.22 3.92
CA ALA A 933 42.70 38.19 2.96
C ALA A 933 42.17 38.23 1.53
N GLN A 934 41.39 37.22 1.15
CA GLN A 934 40.83 37.13 -0.20
C GLN A 934 39.39 37.63 -0.16
N ALA A 935 39.20 38.86 -0.64
CA ALA A 935 37.87 39.44 -0.77
C ALA A 935 37.66 40.17 -2.09
N GLU A 936 38.72 40.35 -2.89
CA GLU A 936 38.58 40.99 -4.19
C GLU A 936 37.92 40.05 -5.20
N GLU A 937 38.45 38.84 -5.34
CA GLU A 937 37.93 37.88 -6.30
C GLU A 937 36.69 37.15 -5.81
N LEU A 938 36.40 37.21 -4.52
CA LEU A 938 35.24 36.50 -3.98
C LEU A 938 33.94 37.12 -4.50
N SER A 939 33.13 36.29 -5.16
CA SER A 939 31.91 36.76 -5.81
C SER A 939 30.89 37.09 -4.72
N PHE A 940 30.92 38.32 -4.24
CA PHE A 940 30.01 38.76 -3.21
C PHE A 940 28.69 39.22 -3.82
N PRO A 941 27.60 39.11 -3.07
CA PRO A 941 26.30 39.53 -3.60
C PRO A 941 26.26 41.01 -3.89
N ARG A 942 25.27 41.40 -4.72
CA ARG A 942 25.11 42.80 -5.06
C ARG A 942 24.75 43.65 -3.85
N SER A 943 24.06 43.06 -2.86
CA SER A 943 23.61 43.85 -1.71
C SER A 943 24.78 44.35 -0.88
N VAL A 944 25.74 43.49 -0.60
CA VAL A 944 26.91 43.93 0.15
C VAL A 944 27.72 44.93 -0.67
N VAL A 945 27.71 44.79 -2.00
CA VAL A 945 28.35 45.80 -2.84
C VAL A 945 27.67 47.15 -2.69
N GLU A 946 26.33 47.14 -2.67
CA GLU A 946 25.58 48.38 -2.48
C GLU A 946 25.91 49.02 -1.14
N PHE A 947 25.96 48.20 -0.08
CA PHE A 947 26.13 48.76 1.26
C PHE A 947 27.56 49.22 1.50
N LEU A 948 28.55 48.45 1.03
CA LEU A 948 29.92 48.94 1.04
C LEU A 948 30.07 50.17 0.17
N GLN A 949 29.24 50.29 -0.86
CA GLN A 949 29.24 51.47 -1.72
C GLN A 949 28.74 52.72 -1.01
N GLY A 950 28.17 52.58 0.17
CA GLY A 950 27.68 53.73 0.91
C GLY A 950 26.36 54.27 0.42
N TYR A 951 25.48 53.42 -0.10
CA TYR A 951 24.19 53.87 -0.59
C TYR A 951 23.29 54.34 0.56
N ILE A 952 23.16 53.53 1.60
CA ILE A 952 22.21 53.85 2.66
C ILE A 952 22.67 55.04 3.48
N GLY A 953 23.94 55.07 3.86
CA GLY A 953 24.47 56.18 4.62
C GLY A 953 25.87 55.85 5.12
N VAL A 954 26.49 56.85 5.73
CA VAL A 954 27.85 56.66 6.25
C VAL A 954 27.76 56.13 7.67
N PRO A 955 28.43 55.04 7.98
CA PRO A 955 28.51 54.61 9.39
C PRO A 955 29.31 55.61 10.20
N HIS A 956 28.94 55.74 11.47
CA HIS A 956 29.73 56.56 12.37
C HIS A 956 31.14 56.02 12.51
N GLY A 957 31.27 54.70 12.62
CA GLY A 957 32.60 54.10 12.68
C GLY A 957 33.36 54.22 11.36
N GLY A 958 32.68 54.00 10.25
CA GLY A 958 33.33 54.11 8.96
C GLY A 958 33.43 52.76 8.26
N PHE A 959 33.59 52.83 6.94
CA PHE A 959 33.72 51.61 6.15
C PHE A 959 35.09 50.98 6.37
N PRO A 960 35.22 49.66 6.21
CA PRO A 960 36.55 49.04 6.25
C PRO A 960 37.31 49.34 4.96
N GLU A 961 38.29 50.26 5.05
CA GLU A 961 38.97 50.74 3.86
C GLU A 961 39.72 49.65 3.10
N PRO A 962 40.51 48.77 3.73
CA PRO A 962 41.10 47.67 2.94
C PRO A 962 40.04 46.81 2.28
N PHE A 963 38.99 46.46 3.01
CA PHE A 963 37.89 45.70 2.41
C PHE A 963 37.16 46.53 1.37
N ARG A 964 37.04 47.83 1.60
CA ARG A 964 36.39 48.72 0.62
C ARG A 964 37.15 48.71 -0.70
N SER A 965 38.47 48.79 -0.65
CA SER A 965 39.27 48.73 -1.87
C SER A 965 39.24 47.34 -2.49
N LYS A 966 39.25 46.30 -1.65
CA LYS A 966 39.24 44.94 -2.16
C LYS A 966 37.97 44.63 -2.94
N VAL A 967 36.82 45.01 -2.39
CA VAL A 967 35.53 44.68 -2.99
C VAL A 967 35.10 45.71 -4.02
N LEU A 968 35.13 46.99 -3.65
CA LEU A 968 34.73 48.04 -4.57
C LEU A 968 35.64 48.10 -5.79
N LYS A 969 36.95 47.97 -5.59
CA LYS A 969 37.91 48.02 -6.68
C LYS A 969 37.73 49.28 -7.51
N ASP A 970 37.20 49.12 -8.72
CA ASP A 970 36.92 50.21 -9.64
C ASP A 970 35.42 50.24 -9.92
N LEU A 971 34.67 50.82 -8.99
CA LEU A 971 33.23 51.03 -9.12
C LEU A 971 32.89 52.36 -8.48
N PRO A 972 31.79 52.99 -8.88
CA PRO A 972 31.38 54.25 -8.25
C PRO A 972 31.16 54.05 -6.76
N ARG A 973 31.57 55.04 -5.98
CA ARG A 973 31.36 55.05 -4.54
C ARG A 973 30.51 56.27 -4.21
N VAL A 974 29.20 56.03 -4.03
CA VAL A 974 28.25 57.12 -3.88
C VAL A 974 28.48 57.81 -2.55
N GLU A 975 28.72 59.11 -2.60
CA GLU A 975 29.02 59.93 -1.43
C GLU A 975 27.85 60.86 -1.14
N GLY A 976 28.04 61.71 -0.14
CA GLY A 976 27.01 62.65 0.26
C GLY A 976 25.78 61.90 0.74
N ARG A 977 24.62 62.49 0.45
CA ARG A 977 23.35 61.83 0.72
C ARG A 977 22.81 61.28 -0.59
N PRO A 978 22.86 59.97 -0.83
CA PRO A 978 22.37 59.43 -2.10
C PRO A 978 20.88 59.67 -2.32
N GLY A 979 20.09 59.83 -1.24
CA GLY A 979 18.69 60.17 -1.42
C GLY A 979 18.50 61.45 -2.21
N ALA A 980 19.34 62.45 -1.94
CA ALA A 980 19.37 63.63 -2.79
C ALA A 980 20.11 63.35 -4.10
N SER A 981 21.13 62.49 -4.05
CA SER A 981 21.88 62.16 -5.26
C SER A 981 21.06 61.33 -6.23
N LEU A 982 20.09 60.56 -5.73
CA LEU A 982 19.23 59.80 -6.62
C LEU A 982 18.30 60.74 -7.38
N PRO A 983 18.28 60.66 -8.71
CA PRO A 983 17.45 61.57 -9.49
C PRO A 983 15.97 61.26 -9.29
N PRO A 984 15.11 62.28 -9.38
CA PRO A 984 13.67 62.04 -9.25
C PRO A 984 13.13 61.29 -10.45
N LEU A 985 11.96 60.69 -10.27
CA LEU A 985 11.30 59.93 -11.31
C LEU A 985 9.84 60.37 -11.42
N ASP A 986 9.31 60.29 -12.63
CA ASP A 986 7.95 60.73 -12.92
C ASP A 986 6.96 59.61 -12.61
N LEU A 987 6.08 59.86 -11.65
CA LEU A 987 5.04 58.89 -11.33
C LEU A 987 3.98 58.83 -12.42
N GLN A 988 3.78 59.94 -13.14
CA GLN A 988 2.71 59.99 -14.14
C GLN A 988 3.01 59.08 -15.31
N ALA A 989 4.26 59.05 -15.78
CA ALA A 989 4.61 58.18 -16.89
C ALA A 989 4.41 56.72 -16.53
N LEU A 990 4.84 56.33 -15.32
CA LEU A 990 4.63 54.96 -14.88
C LEU A 990 3.15 54.65 -14.70
N GLU A 991 2.36 55.61 -14.23
CA GLU A 991 0.93 55.39 -14.08
C GLU A 991 0.28 55.16 -15.44
N LYS A 992 0.69 55.95 -16.44
CA LYS A 992 0.22 55.71 -17.81
C LYS A 992 0.62 54.33 -18.30
N GLU A 993 1.87 53.94 -18.08
CA GLU A 993 2.34 52.64 -18.55
C GLU A 993 1.54 51.51 -17.91
N LEU A 994 1.29 51.62 -16.60
CA LEU A 994 0.54 50.58 -15.91
C LEU A 994 -0.91 50.51 -16.41
N VAL A 995 -1.58 51.67 -16.46
CA VAL A 995 -2.97 51.68 -16.88
C VAL A 995 -3.11 51.25 -18.33
N ASP A 996 -2.05 51.40 -19.14
CA ASP A 996 -2.08 50.89 -20.50
C ASP A 996 -1.85 49.38 -20.54
N ARG A 997 -0.91 48.88 -19.74
CA ARG A 997 -0.53 47.48 -19.87
C ARG A 997 -1.56 46.56 -19.24
N HIS A 998 -2.23 46.99 -18.17
CA HIS A 998 -3.20 46.11 -17.51
C HIS A 998 -4.53 46.83 -17.33
N GLY A 999 -4.86 47.75 -18.22
CA GLY A 999 -6.20 48.31 -18.28
C GLY A 999 -6.46 49.42 -17.28
N GLU A 1000 -7.70 49.92 -17.32
CA GLU A 1000 -8.09 51.09 -16.55
C GLU A 1000 -8.04 50.88 -15.05
N GLU A 1001 -8.16 49.64 -14.59
CA GLU A 1001 -8.31 49.37 -13.17
C GLU A 1001 -6.99 49.66 -12.45
N VAL A 1002 -6.81 50.94 -12.13
CA VAL A 1002 -5.63 51.44 -11.44
C VAL A 1002 -6.05 52.37 -10.31
N THR A 1003 -5.22 52.44 -9.27
CA THR A 1003 -5.40 53.35 -8.15
C THR A 1003 -4.05 53.96 -7.79
N PRO A 1004 -4.04 55.18 -7.25
CA PRO A 1004 -2.76 55.81 -6.89
C PRO A 1004 -1.93 54.99 -5.93
N GLU A 1005 -2.58 54.32 -4.97
CA GLU A 1005 -1.83 53.51 -4.00
C GLU A 1005 -1.15 52.33 -4.70
N ASP A 1006 -1.86 51.65 -5.60
CA ASP A 1006 -1.26 50.51 -6.28
C ASP A 1006 -0.20 50.97 -7.27
N VAL A 1007 -0.40 52.12 -7.90
CA VAL A 1007 0.64 52.68 -8.77
C VAL A 1007 1.89 52.98 -7.96
N LEU A 1008 1.72 53.53 -6.76
CA LEU A 1008 2.86 53.79 -5.88
C LEU A 1008 3.56 52.50 -5.49
N SER A 1009 2.78 51.46 -5.18
CA SER A 1009 3.37 50.16 -4.85
C SER A 1009 4.16 49.60 -6.01
N ALA A 1010 3.61 49.71 -7.23
CA ALA A 1010 4.35 49.29 -8.42
C ALA A 1010 5.61 50.12 -8.59
N ALA A 1011 5.54 51.40 -8.26
CA ALA A 1011 6.70 52.26 -8.37
C ALA A 1011 7.83 51.78 -7.46
N MET A 1012 7.52 51.46 -6.21
CA MET A 1012 8.54 50.89 -5.34
C MET A 1012 8.89 49.47 -5.75
N TYR A 1013 7.88 48.63 -6.00
CA TYR A 1013 8.09 47.23 -6.40
C TYR A 1013 7.32 46.94 -7.67
N PRO A 1014 7.95 47.05 -8.83
CA PRO A 1014 7.24 46.76 -10.09
C PRO A 1014 6.92 45.29 -10.30
N ASP A 1015 7.92 44.43 -10.25
CA ASP A 1015 7.79 43.07 -10.76
C ASP A 1015 6.92 42.21 -9.84
N VAL A 1016 7.16 42.28 -8.53
CA VAL A 1016 6.36 41.47 -7.62
C VAL A 1016 4.92 41.94 -7.61
N PHE A 1017 4.69 43.25 -7.76
CA PHE A 1017 3.31 43.74 -7.86
C PHE A 1017 2.67 43.25 -9.16
N ALA A 1018 3.45 43.19 -10.24
CA ALA A 1018 2.91 42.66 -11.49
C ALA A 1018 2.51 41.20 -11.34
N HIS A 1019 3.36 40.40 -10.69
CA HIS A 1019 3.02 39.00 -10.44
C HIS A 1019 1.79 38.90 -9.55
N PHE A 1020 1.71 39.76 -8.53
CA PHE A 1020 0.52 39.85 -7.68
C PHE A 1020 -0.73 40.08 -8.52
N LYS A 1021 -0.68 41.05 -9.43
CA LYS A 1021 -1.84 41.38 -10.23
C LYS A 1021 -2.20 40.23 -11.16
N ASP A 1022 -1.18 39.57 -11.73
CA ASP A 1022 -1.43 38.42 -12.60
C ASP A 1022 -2.16 37.32 -11.85
N PHE A 1023 -1.64 36.95 -10.68
CA PHE A 1023 -2.27 35.89 -9.91
C PHE A 1023 -3.66 36.26 -9.44
N THR A 1024 -3.86 37.51 -9.02
CA THR A 1024 -5.19 37.96 -8.61
C THR A 1024 -6.17 37.89 -9.77
N ALA A 1025 -5.75 38.34 -10.95
CA ALA A 1025 -6.62 38.26 -12.12
C ALA A 1025 -6.96 36.82 -12.46
N THR A 1026 -5.98 35.92 -12.39
CA THR A 1026 -6.26 34.52 -12.69
C THR A 1026 -7.16 33.88 -11.64
N PHE A 1027 -7.08 34.35 -10.40
CA PHE A 1027 -7.76 33.70 -9.29
C PHE A 1027 -8.65 34.63 -8.47
N GLY A 1028 -8.89 35.85 -8.94
CA GLY A 1028 -9.77 36.76 -8.24
C GLY A 1028 -9.12 37.29 -6.98
N PRO A 1029 -9.88 38.04 -6.19
CA PRO A 1029 -9.37 38.49 -4.90
C PRO A 1029 -9.21 37.36 -3.90
N LEU A 1030 -8.66 37.67 -2.73
CA LEU A 1030 -8.53 36.69 -1.65
C LEU A 1030 -8.89 37.41 -0.35
N ASP A 1031 -8.47 36.83 0.77
CA ASP A 1031 -8.83 37.21 2.14
C ASP A 1031 -10.29 36.90 2.43
N SER A 1032 -11.03 36.37 1.46
CA SER A 1032 -12.40 35.93 1.65
C SER A 1032 -12.48 34.49 2.11
N LEU A 1033 -11.35 33.84 2.31
CA LEU A 1033 -11.28 32.44 2.69
C LEU A 1033 -10.88 32.33 4.16
N ASN A 1034 -11.05 31.14 4.70
CA ASN A 1034 -10.51 30.84 6.01
C ASN A 1034 -9.06 30.39 5.88
N THR A 1035 -8.35 30.43 7.01
CA THR A 1035 -6.95 30.01 6.99
C THR A 1035 -6.80 28.56 6.59
N ARG A 1036 -7.70 27.71 7.07
CA ARG A 1036 -7.68 26.30 6.69
C ARG A 1036 -7.84 26.15 5.19
N LEU A 1037 -8.89 26.77 4.63
CA LEU A 1037 -9.14 26.66 3.20
C LEU A 1037 -8.02 27.30 2.39
N PHE A 1038 -7.44 28.38 2.92
CA PHE A 1038 -6.32 29.01 2.22
C PHE A 1038 -5.11 28.09 2.18
N LEU A 1039 -4.83 27.39 3.28
CA LEU A 1039 -3.63 26.57 3.40
C LEU A 1039 -3.88 25.11 3.05
N GLN A 1040 -4.70 24.42 3.83
CA GLN A 1040 -4.92 23.00 3.57
C GLN A 1040 -6.05 22.77 2.58
N GLY A 1041 -6.78 23.82 2.21
CA GLY A 1041 -7.82 23.70 1.23
C GLY A 1041 -9.07 23.03 1.79
N PRO A 1042 -10.06 22.84 0.95
CA PRO A 1042 -11.29 22.17 1.40
C PRO A 1042 -11.04 20.72 1.75
N LYS A 1043 -11.82 20.23 2.70
CA LYS A 1043 -11.79 18.83 3.08
C LYS A 1043 -12.88 18.07 2.33
N ILE A 1044 -12.55 16.86 1.88
CA ILE A 1044 -13.49 16.08 1.10
C ILE A 1044 -14.70 15.70 1.94
N ALA A 1045 -15.88 15.84 1.35
CA ALA A 1045 -17.15 15.48 1.99
C ALA A 1045 -17.39 16.27 3.27
N GLU A 1046 -17.15 17.57 3.22
CA GLU A 1046 -17.44 18.46 4.33
C GLU A 1046 -18.08 19.74 3.80
N GLU A 1047 -19.19 20.14 4.40
CA GLU A 1047 -19.88 21.35 3.97
C GLU A 1047 -19.08 22.59 4.36
N PHE A 1048 -18.94 23.52 3.41
CA PHE A 1048 -18.20 24.75 3.63
C PHE A 1048 -19.05 25.93 3.19
N GLU A 1049 -19.07 26.97 4.01
CA GLU A 1049 -19.74 28.22 3.70
C GLU A 1049 -18.67 29.26 3.35
N VAL A 1050 -18.82 29.89 2.19
CA VAL A 1050 -17.86 30.87 1.70
C VAL A 1050 -18.56 32.21 1.54
N GLU A 1051 -17.92 33.27 2.05
CA GLU A 1051 -18.40 34.63 1.89
C GLU A 1051 -17.62 35.28 0.76
N LEU A 1052 -18.32 35.66 -0.31
CA LEU A 1052 -17.68 36.40 -1.38
C LEU A 1052 -17.68 37.89 -1.08
N GLU A 1053 -18.86 38.46 -0.89
CA GLU A 1053 -19.03 39.81 -0.41
C GLU A 1053 -20.06 39.81 0.72
N ARG A 1054 -20.15 40.94 1.43
CA ARG A 1054 -21.05 41.02 2.57
C ARG A 1054 -22.50 40.79 2.15
N GLY A 1055 -22.85 41.14 0.91
CA GLY A 1055 -24.21 40.92 0.45
C GLY A 1055 -24.47 39.49 0.01
N LYS A 1056 -23.42 38.67 -0.06
CA LYS A 1056 -23.53 37.32 -0.61
C LYS A 1056 -23.16 36.28 0.45
N THR A 1057 -23.84 35.14 0.38
CA THR A 1057 -23.58 34.01 1.27
C THR A 1057 -23.80 32.73 0.49
N LEU A 1058 -22.72 31.98 0.26
CA LEU A 1058 -22.77 30.76 -0.55
C LEU A 1058 -22.09 29.62 0.19
N HIS A 1059 -22.66 28.43 0.07
CA HIS A 1059 -22.07 27.22 0.62
C HIS A 1059 -21.47 26.39 -0.50
N ILE A 1060 -20.35 25.73 -0.20
CA ILE A 1060 -19.64 24.90 -1.16
C ILE A 1060 -19.34 23.56 -0.51
N LYS A 1061 -19.50 22.49 -1.30
CA LYS A 1061 -19.27 21.12 -0.83
C LYS A 1061 -18.27 20.45 -1.75
N ALA A 1062 -17.28 19.77 -1.15
CA ALA A 1062 -16.25 19.06 -1.90
C ALA A 1062 -16.65 17.60 -2.02
N LEU A 1063 -16.75 17.12 -3.26
CA LEU A 1063 -17.29 15.78 -3.49
C LEU A 1063 -16.20 14.72 -3.59
N ALA A 1064 -15.31 14.86 -4.55
CA ALA A 1064 -14.27 13.87 -4.81
C ALA A 1064 -13.30 14.42 -5.83
N VAL A 1065 -12.21 13.69 -6.04
CA VAL A 1065 -11.19 14.04 -7.02
C VAL A 1065 -10.96 12.82 -7.89
N SER A 1066 -11.00 13.01 -9.20
CA SER A 1066 -10.78 11.90 -10.13
C SER A 1066 -9.28 11.66 -10.25
N ASP A 1067 -8.90 10.82 -11.21
CA ASP A 1067 -7.52 10.49 -11.48
C ASP A 1067 -7.04 11.30 -12.69
N LEU A 1068 -5.77 11.09 -13.06
CA LEU A 1068 -5.20 11.72 -14.24
C LEU A 1068 -5.89 11.15 -15.48
N ASN A 1069 -6.49 12.02 -16.29
CA ASN A 1069 -7.22 11.57 -17.47
C ASN A 1069 -6.53 11.97 -18.76
N ARG A 1070 -6.29 13.26 -18.97
CA ARG A 1070 -5.59 13.79 -20.13
C ARG A 1070 -4.41 14.59 -19.60
N ALA A 1071 -3.22 14.32 -20.15
CA ALA A 1071 -2.00 15.10 -19.87
C ALA A 1071 -1.85 15.37 -18.37
N GLY A 1072 -2.39 14.46 -17.56
CA GLY A 1072 -2.43 14.68 -16.14
C GLY A 1072 -3.34 15.83 -15.72
N GLN A 1073 -4.66 15.68 -15.93
CA GLN A 1073 -5.63 16.69 -15.52
C GLN A 1073 -6.72 16.01 -14.69
N ARG A 1074 -6.48 15.88 -13.40
CA ARG A 1074 -7.47 15.27 -12.53
C ARG A 1074 -8.71 16.16 -12.48
N GLN A 1075 -9.87 15.51 -12.47
CA GLN A 1075 -11.16 16.20 -12.41
C GLN A 1075 -11.68 16.21 -10.98
N VAL A 1076 -12.05 17.40 -10.50
CA VAL A 1076 -12.52 17.57 -9.14
C VAL A 1076 -14.00 17.92 -9.18
N PHE A 1077 -14.70 17.64 -8.09
CA PHE A 1077 -16.15 17.63 -8.09
C PHE A 1077 -16.67 18.45 -6.92
N PHE A 1078 -17.74 19.19 -7.16
CA PHE A 1078 -18.30 20.05 -6.12
C PHE A 1078 -19.81 20.15 -6.28
N GLU A 1079 -20.48 20.37 -5.16
CA GLU A 1079 -21.91 20.63 -5.12
C GLU A 1079 -22.14 21.99 -4.48
N LEU A 1080 -22.65 22.93 -5.27
CA LEU A 1080 -23.02 24.25 -4.78
C LEU A 1080 -24.46 24.23 -4.28
N ASN A 1081 -24.95 25.40 -3.87
CA ASN A 1081 -26.31 25.48 -3.38
C ASN A 1081 -27.30 25.22 -4.52
N GLY A 1082 -27.84 24.00 -4.56
CA GLY A 1082 -28.81 23.62 -5.56
C GLY A 1082 -28.24 23.20 -6.89
N GLN A 1083 -26.93 23.27 -7.08
CA GLN A 1083 -26.31 22.93 -8.35
C GLN A 1083 -25.01 22.19 -8.10
N LEU A 1084 -24.64 21.33 -9.05
CA LEU A 1084 -23.39 20.59 -9.00
C LEU A 1084 -22.44 21.14 -10.04
N ARG A 1085 -21.21 21.43 -9.62
CA ARG A 1085 -20.21 21.95 -10.54
C ARG A 1085 -18.97 21.09 -10.46
N SER A 1086 -18.42 20.78 -11.63
CA SER A 1086 -17.23 19.96 -11.75
C SER A 1086 -16.18 20.73 -12.52
N ILE A 1087 -14.98 20.77 -11.95
CA ILE A 1087 -13.92 21.65 -12.43
C ILE A 1087 -12.73 20.80 -12.86
N LEU A 1088 -12.23 21.05 -14.07
CA LEU A 1088 -10.98 20.47 -14.53
C LEU A 1088 -9.83 21.22 -13.88
N VAL A 1089 -8.90 20.48 -13.29
CA VAL A 1089 -7.72 21.05 -12.65
C VAL A 1089 -6.48 20.38 -13.23
N LYS A 1090 -5.55 21.19 -13.73
CA LYS A 1090 -4.34 20.65 -14.34
C LYS A 1090 -3.33 20.34 -13.25
N ASP A 1091 -2.92 19.08 -13.17
CA ASP A 1091 -1.90 18.68 -12.22
C ASP A 1091 -0.53 19.21 -12.64
N THR A 1092 0.25 19.66 -11.66
CA THR A 1092 1.61 20.12 -11.90
C THR A 1092 2.64 19.02 -11.70
N GLN A 1093 2.21 17.79 -11.44
CA GLN A 1093 3.11 16.68 -11.15
C GLN A 1093 3.25 15.74 -12.34
N ALA A 1094 3.30 16.27 -13.56
CA ALA A 1094 3.38 15.43 -14.75
C ALA A 1094 4.64 14.57 -14.73
N MET A 1095 5.81 15.21 -14.75
CA MET A 1095 7.11 14.54 -14.71
C MET A 1095 7.25 13.56 -15.88
N LYS A 1096 7.26 14.14 -17.08
CA LYS A 1096 7.42 13.35 -18.29
C LYS A 1096 8.76 12.62 -18.29
N GLU A 1097 8.76 11.42 -18.87
CA GLU A 1097 9.90 10.52 -18.82
C GLU A 1097 10.58 10.44 -20.19
N MET A 1098 11.90 10.44 -20.18
CA MET A 1098 12.70 10.47 -21.41
C MET A 1098 13.07 9.06 -21.84
N HIS A 1099 13.32 8.90 -23.14
CA HIS A 1099 13.61 7.58 -23.68
C HIS A 1099 14.79 7.50 -24.64
N PHE A 1100 15.31 8.62 -25.14
CA PHE A 1100 16.36 8.64 -26.17
C PHE A 1100 15.81 7.89 -27.38
N HIS A 1101 16.51 6.88 -27.90
CA HIS A 1101 16.08 6.06 -29.03
C HIS A 1101 15.69 6.90 -30.23
N PRO A 1102 16.65 7.49 -30.93
CA PRO A 1102 16.31 8.28 -32.12
C PRO A 1102 15.59 7.45 -33.17
N LYS A 1103 14.62 8.07 -33.83
CA LYS A 1103 13.74 7.39 -34.77
C LYS A 1103 14.15 7.76 -36.20
N ALA A 1104 14.45 6.76 -37.00
CA ALA A 1104 14.79 6.98 -38.41
C ALA A 1104 13.51 7.08 -39.22
N LEU A 1105 13.22 8.27 -39.74
CA LEU A 1105 12.03 8.46 -40.55
C LEU A 1105 12.20 7.71 -41.87
N LYS A 1106 11.19 6.91 -42.22
CA LYS A 1106 11.28 6.09 -43.43
C LYS A 1106 11.36 6.93 -44.68
N ASP A 1107 10.65 8.06 -44.72
CA ASP A 1107 10.67 8.92 -45.91
C ASP A 1107 12.08 9.43 -46.18
N VAL A 1108 12.84 9.69 -45.11
CA VAL A 1108 14.25 10.05 -45.27
C VAL A 1108 15.02 8.77 -45.56
N LYS A 1109 15.44 8.60 -46.81
CA LYS A 1109 16.17 7.40 -47.19
C LYS A 1109 17.53 7.36 -46.50
N GLY A 1110 18.14 8.53 -46.28
CA GLY A 1110 19.45 8.57 -45.65
C GLY A 1110 19.44 7.95 -44.26
N GLN A 1111 18.39 8.22 -43.49
CA GLN A 1111 18.26 7.64 -42.17
C GLN A 1111 18.11 6.13 -42.26
N ILE A 1112 18.66 5.43 -41.27
CA ILE A 1112 18.64 3.98 -41.22
C ILE A 1112 17.95 3.55 -39.94
N GLY A 1113 16.90 2.75 -40.07
CA GLY A 1113 16.15 2.23 -38.94
C GLY A 1113 16.38 0.74 -38.80
N ALA A 1114 16.43 0.27 -37.56
CA ALA A 1114 16.70 -1.14 -37.31
C ALA A 1114 15.50 -1.98 -37.72
N PRO A 1115 15.68 -2.96 -38.63
CA PRO A 1115 14.55 -3.83 -38.97
C PRO A 1115 14.10 -4.69 -37.81
N MET A 1116 15.00 -5.11 -36.94
CA MET A 1116 14.69 -5.90 -35.76
C MET A 1116 15.05 -5.11 -34.51
N PRO A 1117 14.43 -5.42 -33.38
CA PRO A 1117 14.93 -4.93 -32.10
C PRO A 1117 16.01 -5.84 -31.57
N GLY A 1118 16.79 -5.31 -30.64
CA GLY A 1118 17.76 -6.12 -29.94
C GLY A 1118 19.08 -5.38 -29.82
N LYS A 1119 20.06 -6.09 -29.29
CA LYS A 1119 21.39 -5.57 -29.02
C LYS A 1119 22.28 -5.69 -30.26
N VAL A 1120 23.15 -4.71 -30.43
CA VAL A 1120 24.05 -4.66 -31.58
C VAL A 1120 25.34 -5.38 -31.23
N ILE A 1121 25.77 -6.29 -32.10
CA ILE A 1121 27.00 -7.04 -31.88
C ILE A 1121 28.19 -6.18 -32.30
N ASP A 1122 28.22 -5.78 -33.56
CA ASP A 1122 29.37 -5.06 -34.10
C ASP A 1122 28.92 -4.11 -35.21
N ILE A 1123 29.70 -3.05 -35.40
CA ILE A 1123 29.50 -2.09 -36.47
C ILE A 1123 30.78 -2.02 -37.28
N LYS A 1124 30.65 -2.21 -38.59
CA LYS A 1124 31.82 -2.28 -39.47
C LYS A 1124 32.29 -0.92 -39.95
N VAL A 1125 31.52 0.15 -39.72
CA VAL A 1125 31.81 1.45 -40.31
C VAL A 1125 31.83 2.51 -39.23
N VAL A 1126 32.79 3.42 -39.30
CA VAL A 1126 32.83 4.61 -38.45
C VAL A 1126 32.03 5.70 -39.13
N ALA A 1127 31.55 6.66 -38.35
CA ALA A 1127 30.78 7.76 -38.89
C ALA A 1127 31.64 8.58 -39.85
N GLY A 1128 31.00 9.14 -40.88
CA GLY A 1128 31.73 9.90 -41.88
C GLY A 1128 32.68 9.08 -42.72
N ALA A 1129 32.27 7.89 -43.13
CA ALA A 1129 33.11 7.01 -43.93
C ALA A 1129 32.37 6.60 -45.21
N LYS A 1130 33.14 6.33 -46.25
CA LYS A 1130 32.61 5.92 -47.54
C LYS A 1130 32.27 4.44 -47.50
N VAL A 1131 31.05 4.10 -47.94
CA VAL A 1131 30.58 2.73 -47.94
C VAL A 1131 30.10 2.37 -49.34
N ALA A 1132 30.07 1.07 -49.61
CA ALA A 1132 29.58 0.57 -50.89
C ALA A 1132 28.06 0.44 -50.83
N LYS A 1133 27.48 -0.16 -51.87
CA LYS A 1133 26.06 -0.48 -51.90
C LYS A 1133 25.90 -1.99 -51.75
N GLY A 1134 24.94 -2.40 -50.92
CA GLY A 1134 24.76 -3.80 -50.64
C GLY A 1134 25.97 -4.39 -49.93
N GLN A 1135 26.46 -3.67 -48.92
CA GLN A 1135 27.66 -4.04 -48.21
C GLN A 1135 27.39 -4.11 -46.71
N PRO A 1136 28.11 -4.98 -46.00
CA PRO A 1136 27.86 -5.15 -44.56
C PRO A 1136 28.41 -3.96 -43.77
N LEU A 1137 27.55 -3.34 -42.98
CA LEU A 1137 27.94 -2.16 -42.21
C LEU A 1137 27.61 -2.30 -40.74
N CYS A 1138 26.57 -3.07 -40.42
CA CYS A 1138 26.18 -3.28 -39.04
C CYS A 1138 25.67 -4.69 -38.86
N VAL A 1139 25.78 -5.18 -37.63
CA VAL A 1139 25.33 -6.52 -37.26
C VAL A 1139 24.36 -6.39 -36.09
N LEU A 1140 23.17 -6.95 -36.23
CA LEU A 1140 22.14 -6.89 -35.21
C LEU A 1140 21.81 -8.30 -34.73
N SER A 1141 21.60 -8.42 -33.41
CA SER A 1141 21.42 -9.72 -32.76
C SER A 1141 20.03 -9.82 -32.16
N ALA A 1142 19.48 -11.04 -32.20
CA ALA A 1142 18.25 -11.35 -31.48
C ALA A 1142 18.43 -12.61 -30.65
N MET A 1143 17.33 -13.16 -30.12
CA MET A 1143 17.40 -14.30 -29.23
C MET A 1143 17.95 -15.54 -29.92
N LYS A 1144 17.47 -15.84 -31.12
CA LYS A 1144 17.89 -17.02 -31.86
C LYS A 1144 18.02 -16.76 -33.36
N MET A 1145 17.87 -15.52 -33.80
CA MET A 1145 17.98 -15.17 -35.21
C MET A 1145 18.95 -14.02 -35.40
N GLU A 1146 19.53 -13.94 -36.59
CA GLU A 1146 20.52 -12.90 -36.88
C GLU A 1146 20.25 -12.30 -38.25
N THR A 1147 20.38 -10.98 -38.34
CA THR A 1147 20.24 -10.27 -39.60
C THR A 1147 21.36 -9.24 -39.70
N VAL A 1148 21.98 -9.17 -40.89
CA VAL A 1148 23.08 -8.25 -41.15
C VAL A 1148 22.55 -7.10 -42.00
N VAL A 1149 22.85 -5.88 -41.57
CA VAL A 1149 22.32 -4.70 -42.23
C VAL A 1149 22.96 -4.53 -43.61
N THR A 1150 22.13 -4.21 -44.60
CA THR A 1150 22.55 -3.98 -45.97
C THR A 1150 22.69 -2.48 -46.22
N SER A 1151 23.65 -2.10 -47.06
CA SER A 1151 23.83 -0.69 -47.39
C SER A 1151 22.62 -0.16 -48.15
N PRO A 1152 21.94 0.86 -47.64
CA PRO A 1152 20.76 1.38 -48.37
C PRO A 1152 21.09 1.91 -49.74
N MET A 1153 22.25 2.56 -49.89
CA MET A 1153 22.67 3.12 -51.16
C MET A 1153 24.16 3.41 -51.07
N GLU A 1154 24.76 3.78 -52.21
CA GLU A 1154 26.19 4.04 -52.29
C GLU A 1154 26.46 5.49 -51.90
N GLY A 1155 27.15 5.67 -50.78
CA GLY A 1155 27.47 7.00 -50.33
C GLY A 1155 28.41 6.96 -49.14
N THR A 1156 28.57 8.12 -48.51
CA THR A 1156 29.36 8.23 -47.30
C THR A 1156 28.43 8.42 -46.12
N VAL A 1157 28.62 7.60 -45.07
CA VAL A 1157 27.81 7.75 -43.88
C VAL A 1157 28.13 9.09 -43.23
N ARG A 1158 27.23 9.54 -42.35
CA ARG A 1158 27.37 10.82 -41.68
C ARG A 1158 27.59 10.69 -40.19
N LYS A 1159 26.69 10.00 -39.50
CA LYS A 1159 26.78 9.87 -38.06
C LYS A 1159 26.27 8.49 -37.64
N VAL A 1160 26.91 7.92 -36.64
CA VAL A 1160 26.47 6.68 -36.03
C VAL A 1160 25.94 7.00 -34.64
N HIS A 1161 24.65 6.77 -34.42
CA HIS A 1161 24.05 7.08 -33.13
C HIS A 1161 24.34 5.98 -32.11
N VAL A 1162 24.02 4.74 -32.46
CA VAL A 1162 24.32 3.62 -31.58
C VAL A 1162 25.76 3.19 -31.80
N THR A 1163 26.51 3.05 -30.70
CA THR A 1163 27.92 2.72 -30.81
C THR A 1163 28.15 1.22 -30.70
N LYS A 1164 27.81 0.63 -29.55
CA LYS A 1164 28.03 -0.80 -29.34
C LYS A 1164 27.35 -1.24 -28.06
N ASP A 1165 26.75 -2.44 -28.12
CA ASP A 1165 26.32 -3.19 -26.94
C ASP A 1165 25.22 -2.47 -26.17
N MET A 1166 24.17 -2.09 -26.91
CA MET A 1166 22.90 -1.73 -26.31
C MET A 1166 21.79 -2.30 -27.16
N THR A 1167 20.65 -2.58 -26.52
CA THR A 1167 19.50 -3.18 -27.17
C THR A 1167 18.65 -2.06 -27.78
N LEU A 1168 18.24 -2.25 -29.02
CA LEU A 1168 17.45 -1.27 -29.75
C LEU A 1168 16.04 -1.81 -29.99
N GLU A 1169 15.17 -0.92 -30.47
CA GLU A 1169 13.81 -1.29 -30.84
C GLU A 1169 13.62 -1.13 -32.35
N GLY A 1170 12.44 -1.53 -32.83
CA GLY A 1170 12.15 -1.53 -34.24
C GLY A 1170 12.23 -0.16 -34.89
N ASP A 1171 12.98 -0.07 -35.99
CA ASP A 1171 13.17 1.18 -36.74
C ASP A 1171 13.74 2.27 -35.85
N ASP A 1172 14.97 2.01 -35.40
CA ASP A 1172 15.73 2.96 -34.58
C ASP A 1172 16.76 3.65 -35.44
N LEU A 1173 16.82 4.99 -35.34
CA LEU A 1173 17.83 5.73 -36.07
C LEU A 1173 19.20 5.43 -35.49
N ILE A 1174 20.01 4.68 -36.26
CA ILE A 1174 21.36 4.31 -35.84
C ILE A 1174 22.41 4.94 -36.75
N LEU A 1175 22.16 4.96 -38.06
CA LEU A 1175 23.10 5.49 -39.03
C LEU A 1175 22.35 6.32 -40.05
N GLU A 1176 23.10 7.20 -40.71
CA GLU A 1176 22.57 7.99 -41.81
C GLU A 1176 23.52 7.86 -43.00
N ILE A 1177 22.96 7.55 -44.17
CA ILE A 1177 23.74 7.35 -45.39
C ILE A 1177 23.58 8.57 -46.27
N GLU A 1178 24.70 9.06 -46.81
CA GLU A 1178 24.69 10.25 -47.64
C GLU A 1178 25.47 10.03 -48.93
N ASN B 495 -39.11 4.53 -15.58
CA ASN B 495 -38.15 4.77 -16.64
C ASN B 495 -37.12 3.64 -16.72
N ARG B 496 -36.38 3.60 -17.82
CA ARG B 496 -35.41 2.54 -18.08
C ARG B 496 -33.97 2.99 -17.91
N ALA B 497 -33.65 4.22 -18.31
CA ALA B 497 -32.28 4.70 -18.18
C ALA B 497 -31.84 4.71 -16.72
N GLN B 498 -32.71 5.19 -15.82
CA GLN B 498 -32.35 5.24 -14.40
C GLN B 498 -32.11 3.84 -13.86
N LYS B 499 -32.94 2.88 -14.24
CA LYS B 499 -32.76 1.51 -13.76
C LYS B 499 -31.43 0.93 -14.20
N LEU B 500 -31.09 1.11 -15.48
CA LEU B 500 -29.83 0.56 -15.96
C LEU B 500 -28.63 1.27 -15.35
N LEU B 501 -28.73 2.58 -15.12
CA LEU B 501 -27.66 3.28 -14.45
C LEU B 501 -27.48 2.77 -13.02
N HIS B 502 -28.59 2.52 -12.33
CA HIS B 502 -28.51 1.95 -11.00
C HIS B 502 -27.87 0.57 -11.03
N TYR B 503 -28.21 -0.23 -12.03
CA TYR B 503 -27.59 -1.54 -12.16
C TYR B 503 -26.09 -1.41 -12.36
N LEU B 504 -25.67 -0.49 -13.23
CA LEU B 504 -24.25 -0.30 -13.47
C LEU B 504 -23.53 0.13 -12.20
N GLY B 505 -24.15 1.05 -11.46
CA GLY B 505 -23.54 1.47 -10.21
C GLY B 505 -23.41 0.34 -9.21
N HIS B 506 -24.45 -0.49 -9.11
CA HIS B 506 -24.37 -1.65 -8.23
C HIS B 506 -23.27 -2.61 -8.66
N VAL B 507 -23.14 -2.83 -9.96
CA VAL B 507 -22.07 -3.70 -10.46
C VAL B 507 -20.71 -3.12 -10.11
N MET B 508 -20.57 -1.80 -10.19
CA MET B 508 -19.32 -1.17 -9.82
C MET B 508 -19.01 -1.35 -8.34
N VAL B 509 -19.99 -1.07 -7.48
CA VAL B 509 -19.76 -1.18 -6.04
C VAL B 509 -19.52 -2.63 -5.63
N ASN B 510 -20.39 -3.52 -6.08
CA ASN B 510 -20.34 -4.90 -5.67
C ASN B 510 -19.66 -5.73 -6.74
N GLY B 511 -19.74 -7.06 -6.63
CA GLY B 511 -19.25 -7.93 -7.67
C GLY B 511 -20.34 -8.28 -8.65
N PRO B 512 -20.04 -9.14 -9.62
CA PRO B 512 -21.09 -9.63 -10.51
C PRO B 512 -22.15 -10.38 -9.73
N THR B 513 -23.41 -10.17 -10.11
CA THR B 513 -24.52 -10.81 -9.41
C THR B 513 -24.48 -12.32 -9.55
N THR B 514 -24.20 -12.81 -10.75
CA THR B 514 -24.12 -14.23 -10.98
C THR B 514 -22.88 -14.81 -10.30
N PRO B 515 -22.96 -16.07 -9.84
CA PRO B 515 -21.79 -16.68 -9.20
C PRO B 515 -20.62 -16.79 -10.16
N ILE B 516 -19.41 -16.69 -9.62
CA ILE B 516 -18.20 -16.74 -10.42
C ILE B 516 -17.38 -17.96 -10.01
N PRO B 517 -17.32 -19.00 -10.84
CA PRO B 517 -16.55 -20.19 -10.50
C PRO B 517 -15.06 -19.93 -10.45
N VAL B 518 -14.53 -19.34 -11.52
CA VAL B 518 -13.10 -19.06 -11.66
C VAL B 518 -12.92 -17.56 -11.79
N LYS B 519 -12.00 -17.01 -11.00
CA LYS B 519 -11.82 -15.56 -10.95
C LYS B 519 -10.86 -15.09 -12.05
N ALA B 520 -11.42 -14.54 -13.12
CA ALA B 520 -10.64 -14.03 -14.23
C ALA B 520 -11.45 -12.98 -14.96
N SER B 521 -10.86 -12.41 -16.00
CA SER B 521 -11.53 -11.39 -16.79
C SER B 521 -11.37 -11.68 -18.28
N PRO B 522 -12.39 -11.38 -19.08
CA PRO B 522 -12.26 -11.56 -20.53
C PRO B 522 -11.23 -10.61 -21.12
N SER B 523 -10.62 -11.06 -22.20
CA SER B 523 -9.65 -10.23 -22.90
C SER B 523 -10.34 -9.00 -23.49
N PRO B 524 -9.65 -7.87 -23.56
CA PRO B 524 -10.29 -6.66 -24.09
C PRO B 524 -10.31 -6.64 -25.61
N THR B 525 -10.75 -7.73 -26.23
CA THR B 525 -10.77 -7.85 -27.68
C THR B 525 -12.16 -8.30 -28.11
N ASP B 526 -12.66 -7.69 -29.17
CA ASP B 526 -13.97 -8.05 -29.69
C ASP B 526 -13.87 -9.10 -30.79
N PRO B 527 -14.82 -10.03 -30.85
CA PRO B 527 -14.80 -11.01 -31.94
C PRO B 527 -15.00 -10.34 -33.30
N VAL B 528 -14.41 -10.96 -34.31
CA VAL B 528 -14.48 -10.47 -35.68
C VAL B 528 -15.74 -11.03 -36.33
N VAL B 529 -16.65 -10.14 -36.71
CA VAL B 529 -17.86 -10.56 -37.42
C VAL B 529 -17.55 -10.59 -38.91
N PRO B 530 -17.68 -11.73 -39.58
CA PRO B 530 -17.43 -11.78 -41.02
C PRO B 530 -18.47 -11.00 -41.79
N ALA B 531 -18.09 -10.57 -42.99
CA ALA B 531 -18.95 -9.76 -43.83
C ALA B 531 -20.15 -10.56 -44.33
N VAL B 532 -21.24 -9.86 -44.60
CA VAL B 532 -22.47 -10.49 -45.07
C VAL B 532 -22.93 -9.80 -46.34
N PRO B 533 -23.64 -10.49 -47.23
CA PRO B 533 -24.19 -9.81 -48.42
C PRO B 533 -25.43 -9.00 -48.08
N ILE B 534 -26.10 -8.48 -49.10
CA ILE B 534 -27.27 -7.63 -48.88
C ILE B 534 -28.58 -8.32 -49.25
N GLY B 535 -28.57 -9.32 -50.13
CA GLY B 535 -29.78 -9.93 -50.61
C GLY B 535 -30.48 -10.74 -49.55
N PRO B 536 -31.75 -11.07 -49.79
CA PRO B 536 -32.50 -11.91 -48.85
C PRO B 536 -31.90 -13.30 -48.78
N PRO B 537 -32.08 -14.00 -47.67
CA PRO B 537 -31.51 -15.34 -47.57
C PRO B 537 -32.14 -16.26 -48.59
N PRO B 538 -31.40 -17.27 -49.03
CA PRO B 538 -31.96 -18.23 -50.00
C PRO B 538 -33.03 -19.10 -49.35
N ALA B 539 -33.56 -20.07 -50.09
CA ALA B 539 -34.52 -21.03 -49.56
C ALA B 539 -33.82 -22.37 -49.37
N GLY B 540 -33.86 -22.89 -48.16
CA GLY B 540 -33.26 -24.16 -47.81
C GLY B 540 -34.30 -25.24 -47.76
N PHE B 541 -34.75 -25.61 -46.56
CA PHE B 541 -35.79 -26.60 -46.40
C PHE B 541 -37.08 -26.04 -45.80
N ARG B 542 -37.04 -24.81 -45.28
CA ARG B 542 -38.23 -24.17 -44.77
C ARG B 542 -39.30 -24.04 -45.85
N ASP B 543 -38.86 -23.77 -47.09
CA ASP B 543 -39.79 -23.74 -48.21
C ASP B 543 -40.46 -25.09 -48.40
N ILE B 544 -39.70 -26.17 -48.28
CA ILE B 544 -40.27 -27.50 -48.42
C ILE B 544 -41.31 -27.75 -47.34
N LEU B 545 -40.97 -27.40 -46.10
CA LEU B 545 -41.90 -27.64 -44.99
C LEU B 545 -43.17 -26.83 -45.14
N LEU B 546 -43.06 -25.56 -45.57
CA LEU B 546 -44.27 -24.78 -45.79
C LEU B 546 -45.01 -25.21 -47.04
N ARG B 547 -44.35 -25.93 -47.94
CA ARG B 547 -44.97 -26.38 -49.17
C ARG B 547 -45.39 -27.85 -49.11
N GLU B 548 -44.73 -28.67 -48.31
CA GLU B 548 -45.06 -30.07 -48.15
C GLU B 548 -45.48 -30.34 -46.71
N GLY B 549 -45.71 -31.60 -46.40
CA GLY B 549 -46.00 -32.01 -45.05
C GLY B 549 -44.79 -32.59 -44.39
N PRO B 550 -44.89 -32.87 -43.08
CA PRO B 550 -43.77 -33.53 -42.39
C PRO B 550 -43.38 -34.85 -43.03
N GLU B 551 -44.36 -35.64 -43.47
CA GLU B 551 -44.05 -36.87 -44.20
C GLU B 551 -43.47 -36.56 -45.58
N GLY B 552 -44.06 -35.60 -46.29
CA GLY B 552 -43.50 -35.21 -47.57
C GLY B 552 -42.11 -34.64 -47.45
N PHE B 553 -41.90 -33.80 -46.44
CA PHE B 553 -40.57 -33.24 -46.20
C PHE B 553 -39.57 -34.35 -45.83
N ALA B 554 -40.00 -35.29 -45.01
CA ALA B 554 -39.13 -36.40 -44.63
C ALA B 554 -38.76 -37.25 -45.84
N ARG B 555 -39.75 -37.51 -46.71
CA ARG B 555 -39.48 -38.25 -47.94
C ARG B 555 -38.49 -37.51 -48.82
N ALA B 556 -38.66 -36.20 -48.95
CA ALA B 556 -37.73 -35.40 -49.75
C ALA B 556 -36.33 -35.46 -49.16
N VAL B 557 -36.22 -35.40 -47.83
CA VAL B 557 -34.92 -35.50 -47.18
C VAL B 557 -34.29 -36.86 -47.46
N ARG B 558 -35.08 -37.92 -47.31
CA ARG B 558 -34.59 -39.27 -47.56
C ARG B 558 -34.14 -39.49 -48.98
N ASN B 559 -34.84 -38.89 -49.95
CA ASN B 559 -34.50 -39.09 -51.35
C ASN B 559 -33.20 -38.40 -51.74
N HIS B 560 -32.69 -37.53 -50.87
CA HIS B 560 -31.50 -36.77 -51.21
C HIS B 560 -30.30 -37.69 -51.40
N PRO B 561 -29.52 -37.49 -52.47
CA PRO B 561 -28.25 -38.22 -52.61
C PRO B 561 -27.15 -37.54 -51.82
N GLY B 562 -26.58 -38.27 -50.86
CA GLY B 562 -25.56 -37.69 -50.01
C GLY B 562 -25.96 -37.74 -48.56
N LEU B 563 -25.67 -36.67 -47.81
CA LEU B 563 -26.03 -36.61 -46.41
C LEU B 563 -26.25 -35.17 -46.00
N LEU B 564 -26.95 -34.98 -44.90
CA LEU B 564 -27.20 -33.67 -44.33
C LEU B 564 -26.54 -33.57 -42.96
N LEU B 565 -26.32 -32.33 -42.53
CA LEU B 565 -25.42 -32.03 -41.44
C LEU B 565 -26.15 -31.15 -40.42
N MET B 566 -25.72 -31.27 -39.16
CA MET B 566 -26.33 -30.58 -38.03
C MET B 566 -25.32 -29.66 -37.36
N ASP B 567 -25.82 -28.51 -36.91
CA ASP B 567 -25.06 -27.58 -36.10
C ASP B 567 -25.66 -27.58 -34.70
N THR B 568 -24.84 -27.92 -33.70
CA THR B 568 -25.28 -27.98 -32.31
C THR B 568 -24.58 -26.95 -31.44
N THR B 569 -23.87 -25.99 -32.05
CA THR B 569 -23.17 -24.99 -31.27
C THR B 569 -24.11 -24.08 -30.49
N PHE B 570 -25.38 -24.01 -30.87
CA PHE B 570 -26.33 -23.15 -30.19
C PHE B 570 -27.06 -23.83 -29.05
N ARG B 571 -27.03 -25.17 -28.98
CA ARG B 571 -27.62 -25.88 -27.87
C ARG B 571 -26.64 -26.71 -27.06
N ASP B 572 -25.97 -27.66 -27.70
CA ASP B 572 -25.24 -28.68 -26.95
C ASP B 572 -23.86 -28.20 -26.52
N ALA B 573 -23.17 -27.47 -27.38
CA ALA B 573 -21.84 -26.97 -27.05
C ALA B 573 -21.85 -26.10 -25.80
N HIS B 574 -22.96 -25.41 -25.53
CA HIS B 574 -23.09 -24.56 -24.37
C HIS B 574 -22.78 -25.33 -23.11
N GLN B 575 -23.63 -26.30 -22.77
CA GLN B 575 -23.37 -27.12 -21.60
C GLN B 575 -22.17 -28.02 -21.78
N SER B 576 -21.77 -28.28 -23.02
CA SER B 576 -20.59 -29.12 -23.22
C SER B 576 -19.34 -28.46 -22.68
N LEU B 577 -19.13 -27.18 -23.00
CA LEU B 577 -17.91 -26.50 -22.58
C LEU B 577 -18.17 -25.36 -21.60
N LEU B 578 -19.39 -24.84 -21.53
CA LEU B 578 -19.73 -23.77 -20.63
C LEU B 578 -20.84 -24.24 -19.69
N ALA B 579 -21.39 -23.31 -18.92
CA ALA B 579 -22.59 -23.58 -18.14
C ALA B 579 -23.83 -23.01 -18.80
N THR B 580 -23.86 -23.00 -20.13
CA THR B 580 -25.00 -22.47 -20.92
C THR B 580 -25.29 -21.02 -20.56
N ARG B 581 -24.24 -20.23 -20.31
CA ARG B 581 -24.41 -18.88 -19.85
C ARG B 581 -24.33 -17.85 -20.98
N VAL B 582 -24.32 -18.31 -22.22
CA VAL B 582 -24.17 -17.41 -23.36
C VAL B 582 -25.42 -16.56 -23.50
N ARG B 583 -25.24 -15.25 -23.57
CA ARG B 583 -26.35 -14.35 -23.84
C ARG B 583 -26.78 -14.47 -25.30
N THR B 584 -27.93 -13.89 -25.60
CA THR B 584 -28.34 -13.74 -26.99
C THR B 584 -27.66 -12.54 -27.64
N HIS B 585 -27.13 -11.64 -26.82
CA HIS B 585 -26.55 -10.40 -27.33
C HIS B 585 -25.46 -10.67 -28.36
N ASP B 586 -24.51 -11.54 -28.02
CA ASP B 586 -23.48 -11.93 -28.98
C ASP B 586 -24.03 -12.91 -30.00
N LEU B 587 -25.02 -13.71 -29.59
CA LEU B 587 -25.52 -14.77 -30.46
C LEU B 587 -26.19 -14.21 -31.71
N LYS B 588 -26.90 -13.09 -31.58
CA LYS B 588 -27.68 -12.52 -32.67
C LYS B 588 -26.83 -11.75 -33.66
N LYS B 589 -25.51 -11.96 -33.66
CA LYS B 589 -24.62 -11.26 -34.56
C LYS B 589 -24.14 -12.10 -35.72
N ILE B 590 -24.49 -13.37 -35.77
CA ILE B 590 -24.08 -14.25 -36.86
C ILE B 590 -25.26 -14.78 -37.65
N ALA B 591 -26.47 -14.72 -37.10
CA ALA B 591 -27.65 -15.21 -37.81
C ALA B 591 -27.77 -14.62 -39.22
N PRO B 592 -27.58 -13.32 -39.45
CA PRO B 592 -27.57 -12.84 -40.83
C PRO B 592 -26.51 -13.50 -41.69
N TYR B 593 -25.34 -13.79 -41.12
CA TYR B 593 -24.29 -14.40 -41.91
C TYR B 593 -24.67 -15.81 -42.33
N VAL B 594 -25.05 -16.64 -41.37
CA VAL B 594 -25.32 -18.05 -41.68
C VAL B 594 -26.53 -18.17 -42.58
N ALA B 595 -27.54 -17.30 -42.40
CA ALA B 595 -28.73 -17.37 -43.25
C ALA B 595 -28.39 -17.11 -44.71
N HIS B 596 -27.49 -16.17 -44.96
CA HIS B 596 -27.03 -15.90 -46.32
C HIS B 596 -25.97 -16.88 -46.79
N ASN B 597 -25.14 -17.37 -45.90
CA ASN B 597 -24.07 -18.29 -46.29
C ASN B 597 -24.52 -19.73 -46.33
N PHE B 598 -25.20 -20.21 -45.29
CA PHE B 598 -25.45 -21.64 -45.12
C PHE B 598 -26.94 -21.91 -45.27
N SER B 599 -27.28 -22.63 -46.34
CA SER B 599 -28.65 -23.07 -46.58
C SER B 599 -28.76 -24.58 -46.72
N LYS B 600 -27.63 -25.28 -46.70
CA LYS B 600 -27.63 -26.73 -46.86
C LYS B 600 -27.85 -27.46 -45.54
N LEU B 601 -27.80 -26.76 -44.41
CA LEU B 601 -27.98 -27.42 -43.13
C LEU B 601 -29.37 -28.02 -43.02
N PHE B 602 -29.43 -29.26 -42.56
CA PHE B 602 -30.71 -29.94 -42.39
C PHE B 602 -31.60 -29.18 -41.41
N SER B 603 -31.03 -28.77 -40.29
CA SER B 603 -31.74 -27.94 -39.33
C SER B 603 -30.72 -27.35 -38.36
N MET B 604 -31.22 -26.52 -37.45
CA MET B 604 -30.40 -25.89 -36.43
C MET B 604 -31.07 -26.11 -35.09
N GLU B 605 -30.28 -26.44 -34.07
CA GLU B 605 -30.79 -26.66 -32.72
C GLU B 605 -30.47 -25.45 -31.86
N ASN B 606 -31.52 -24.78 -31.37
CA ASN B 606 -31.37 -23.59 -30.53
C ASN B 606 -31.96 -23.78 -29.14
N TRP B 607 -33.15 -24.35 -29.04
CA TRP B 607 -33.76 -24.67 -27.77
C TRP B 607 -33.27 -26.01 -27.25
N GLY B 608 -33.28 -26.15 -25.93
CA GLY B 608 -32.86 -27.40 -25.30
C GLY B 608 -33.44 -27.52 -23.92
N GLY B 609 -33.22 -28.68 -23.31
CA GLY B 609 -33.77 -28.94 -21.99
C GLY B 609 -33.19 -28.01 -20.94
N ALA B 610 -31.88 -27.85 -20.91
CA ALA B 610 -31.22 -26.96 -19.96
C ALA B 610 -30.98 -25.59 -20.59
N THR B 611 -32.05 -25.01 -21.10
CA THR B 611 -31.97 -23.70 -21.74
C THR B 611 -32.93 -22.75 -21.06
N PHE B 612 -34.06 -23.30 -20.57
CA PHE B 612 -35.06 -22.49 -19.90
C PHE B 612 -34.65 -22.17 -18.47
N ASP B 613 -34.13 -23.17 -17.75
CA ASP B 613 -33.76 -22.95 -16.36
C ASP B 613 -32.67 -21.90 -16.23
N VAL B 614 -31.65 -21.97 -17.07
CA VAL B 614 -30.57 -20.98 -17.03
C VAL B 614 -31.09 -19.62 -17.45
N ALA B 615 -32.05 -19.59 -18.38
CA ALA B 615 -32.62 -18.33 -18.85
C ALA B 615 -33.42 -17.62 -17.77
N MET B 616 -33.69 -18.30 -16.65
CA MET B 616 -34.32 -17.68 -15.48
C MET B 616 -33.32 -17.41 -14.36
N ARG B 617 -32.65 -18.45 -13.88
CA ARG B 617 -31.96 -18.37 -12.60
C ARG B 617 -30.65 -17.62 -12.68
N PHE B 618 -29.70 -18.10 -13.49
CA PHE B 618 -28.40 -17.47 -13.59
C PHE B 618 -28.33 -16.46 -14.72
N LEU B 619 -29.22 -16.54 -15.70
CA LEU B 619 -29.41 -15.48 -16.69
C LEU B 619 -30.81 -14.93 -16.56
N TYR B 620 -30.91 -13.60 -16.62
CA TYR B 620 -32.20 -12.92 -16.43
C TYR B 620 -32.70 -12.46 -17.80
N GLU B 621 -33.22 -13.42 -18.56
CA GLU B 621 -33.75 -13.14 -19.89
C GLU B 621 -35.07 -13.89 -20.03
N CYS B 622 -35.74 -13.67 -21.16
CA CYS B 622 -37.00 -14.35 -21.47
C CYS B 622 -36.73 -15.29 -22.63
N PRO B 623 -36.85 -16.60 -22.43
CA PRO B 623 -36.49 -17.55 -23.48
C PRO B 623 -37.44 -17.45 -24.67
N TRP B 624 -38.73 -17.28 -24.37
CA TRP B 624 -39.70 -17.05 -25.43
C TRP B 624 -39.33 -15.81 -26.22
N ARG B 625 -38.93 -14.75 -25.52
CA ARG B 625 -38.51 -13.52 -26.20
C ARG B 625 -37.34 -13.80 -27.12
N ARG B 626 -36.30 -14.44 -26.59
CA ARG B 626 -35.11 -14.70 -27.38
C ARG B 626 -35.43 -15.54 -28.61
N LEU B 627 -36.26 -16.56 -28.45
CA LEU B 627 -36.73 -17.32 -29.60
C LEU B 627 -37.55 -16.46 -30.54
N GLN B 628 -38.19 -15.41 -30.04
CA GLN B 628 -39.09 -14.59 -30.82
C GLN B 628 -38.37 -13.53 -31.64
N GLU B 629 -37.03 -13.54 -31.64
CA GLU B 629 -36.25 -12.81 -32.61
C GLU B 629 -35.45 -13.72 -33.53
N LEU B 630 -35.20 -14.95 -33.10
CA LEU B 630 -34.33 -15.85 -33.85
C LEU B 630 -34.97 -16.26 -35.17
N ARG B 631 -36.26 -16.59 -35.15
CA ARG B 631 -36.93 -16.96 -36.40
C ARG B 631 -36.98 -15.80 -37.37
N GLU B 632 -37.13 -14.58 -36.86
CA GLU B 632 -37.11 -13.40 -37.72
C GLU B 632 -35.78 -13.25 -38.45
N LEU B 633 -34.71 -13.81 -37.90
CA LEU B 633 -33.41 -13.77 -38.55
C LEU B 633 -33.15 -14.96 -39.45
N ILE B 634 -33.82 -16.09 -39.21
CA ILE B 634 -33.56 -17.30 -39.98
C ILE B 634 -34.88 -17.83 -40.54
N PRO B 635 -35.47 -17.20 -41.55
CA PRO B 635 -36.59 -17.81 -42.24
C PRO B 635 -36.12 -18.72 -43.36
N ASN B 636 -35.09 -19.50 -43.09
CA ASN B 636 -34.52 -20.39 -44.09
C ASN B 636 -34.27 -21.81 -43.61
N ILE B 637 -34.01 -22.02 -42.32
CA ILE B 637 -33.59 -23.32 -41.79
C ILE B 637 -34.53 -23.68 -40.66
N PRO B 638 -35.13 -24.87 -40.67
CA PRO B 638 -35.98 -25.28 -39.54
C PRO B 638 -35.17 -25.35 -38.26
N PHE B 639 -35.84 -25.04 -37.16
CA PHE B 639 -35.23 -25.08 -35.83
C PHE B 639 -35.56 -26.40 -35.16
N GLN B 640 -34.67 -26.84 -34.28
CA GLN B 640 -34.81 -28.14 -33.63
C GLN B 640 -34.71 -27.99 -32.12
N MET B 641 -35.42 -28.87 -31.41
CA MET B 641 -35.54 -28.78 -29.96
C MET B 641 -35.65 -30.18 -29.39
N LEU B 642 -34.97 -30.39 -28.27
CA LEU B 642 -34.94 -31.67 -27.59
C LEU B 642 -35.90 -31.62 -26.39
N LEU B 643 -36.86 -32.53 -26.37
CA LEU B 643 -37.93 -32.53 -25.39
C LEU B 643 -38.00 -33.87 -24.68
N ARG B 644 -38.28 -33.83 -23.38
CA ARG B 644 -38.43 -35.03 -22.56
C ARG B 644 -39.90 -35.29 -22.26
N GLY B 645 -40.23 -36.56 -22.07
CA GLY B 645 -41.61 -36.98 -21.93
C GLY B 645 -42.31 -36.60 -20.64
N ALA B 646 -41.95 -37.27 -19.54
CA ALA B 646 -42.65 -37.06 -18.28
C ALA B 646 -42.50 -35.63 -17.79
N ASN B 647 -41.32 -35.06 -17.98
CA ASN B 647 -41.06 -33.66 -17.69
C ASN B 647 -40.82 -32.93 -19.00
N ALA B 648 -41.64 -31.90 -19.26
CA ALA B 648 -41.47 -31.15 -20.50
C ALA B 648 -40.11 -30.47 -20.55
N VAL B 649 -39.76 -29.73 -19.51
CA VAL B 649 -38.44 -29.10 -19.40
C VAL B 649 -37.89 -29.35 -18.01
N GLY B 650 -38.72 -29.86 -17.11
CA GLY B 650 -38.36 -30.00 -15.71
C GLY B 650 -37.63 -31.29 -15.41
N TYR B 651 -37.66 -31.66 -14.13
CA TYR B 651 -37.04 -32.90 -13.68
C TYR B 651 -38.00 -33.87 -13.01
N THR B 652 -39.27 -33.51 -12.85
CA THR B 652 -40.29 -34.39 -12.28
C THR B 652 -41.46 -34.52 -13.25
N ASN B 653 -42.33 -35.47 -12.95
CA ASN B 653 -43.47 -35.74 -13.83
C ASN B 653 -44.36 -34.51 -13.93
N TYR B 654 -44.87 -34.27 -15.11
CA TYR B 654 -45.74 -33.12 -15.30
C TYR B 654 -47.09 -33.54 -15.84
N PRO B 655 -48.15 -32.78 -15.56
CA PRO B 655 -49.47 -33.16 -16.06
C PRO B 655 -49.49 -33.24 -17.58
N ASP B 656 -50.20 -34.25 -18.08
CA ASP B 656 -50.28 -34.43 -19.53
C ASP B 656 -50.87 -33.20 -20.20
N ASN B 657 -51.83 -32.55 -19.54
CA ASN B 657 -52.38 -31.32 -20.08
C ASN B 657 -51.31 -30.26 -20.25
N VAL B 658 -50.41 -30.15 -19.27
CA VAL B 658 -49.34 -29.16 -19.33
C VAL B 658 -48.45 -29.43 -20.54
N VAL B 659 -48.06 -30.68 -20.74
CA VAL B 659 -47.17 -31.02 -21.85
C VAL B 659 -47.86 -30.77 -23.18
N PHE B 660 -49.14 -31.17 -23.29
CA PHE B 660 -49.89 -30.94 -24.52
C PHE B 660 -49.96 -29.45 -24.83
N LYS B 661 -50.32 -28.65 -23.84
CA LYS B 661 -50.44 -27.21 -24.05
C LYS B 661 -49.09 -26.60 -24.43
N PHE B 662 -48.01 -27.06 -23.77
CA PHE B 662 -46.68 -26.55 -24.09
C PHE B 662 -46.29 -26.86 -25.53
N CYS B 663 -46.53 -28.10 -25.96
CA CYS B 663 -46.22 -28.46 -27.34
C CYS B 663 -47.04 -27.63 -28.31
N GLU B 664 -48.31 -27.43 -28.01
CA GLU B 664 -49.17 -26.64 -28.88
C GLU B 664 -48.67 -25.20 -28.98
N VAL B 665 -48.29 -24.61 -27.84
CA VAL B 665 -47.77 -23.25 -27.83
C VAL B 665 -46.48 -23.16 -28.63
N ALA B 666 -45.59 -24.13 -28.43
CA ALA B 666 -44.31 -24.10 -29.14
C ALA B 666 -44.52 -24.22 -30.64
N LYS B 667 -45.41 -25.12 -31.06
CA LYS B 667 -45.68 -25.26 -32.49
C LYS B 667 -46.30 -24.00 -33.05
N GLU B 668 -47.21 -23.37 -32.31
CA GLU B 668 -47.77 -22.09 -32.73
C GLU B 668 -46.67 -21.04 -32.86
N ASN B 669 -45.65 -21.13 -32.00
CA ASN B 669 -44.58 -20.14 -32.01
C ASN B 669 -43.82 -20.13 -33.32
N GLY B 670 -43.98 -21.18 -34.11
CA GLY B 670 -43.17 -21.37 -35.30
C GLY B 670 -42.06 -22.39 -35.13
N MET B 671 -42.02 -23.08 -34.00
CA MET B 671 -40.99 -24.09 -33.78
C MET B 671 -41.20 -25.24 -34.76
N ASP B 672 -40.10 -25.80 -35.27
CA ASP B 672 -40.16 -26.63 -36.46
C ASP B 672 -39.93 -28.11 -36.17
N VAL B 673 -38.78 -28.47 -35.61
CA VAL B 673 -38.40 -29.86 -35.44
C VAL B 673 -38.39 -30.17 -33.95
N PHE B 674 -38.95 -31.32 -33.59
CA PHE B 674 -39.10 -31.72 -32.21
C PHE B 674 -38.43 -33.07 -32.00
N ARG B 675 -37.59 -33.15 -30.98
CA ARG B 675 -36.94 -34.40 -30.61
C ARG B 675 -37.52 -34.91 -29.31
N VAL B 676 -38.03 -36.13 -29.33
CA VAL B 676 -38.66 -36.75 -28.17
C VAL B 676 -37.72 -37.82 -27.64
N PHE B 677 -37.45 -37.77 -26.34
CA PHE B 677 -36.55 -38.74 -25.73
C PHE B 677 -36.79 -38.74 -24.22
N ASP B 678 -36.49 -39.87 -23.61
CA ASP B 678 -36.51 -40.02 -22.16
C ASP B 678 -35.26 -40.73 -21.70
N SER B 679 -34.72 -40.31 -20.56
CA SER B 679 -33.50 -40.93 -20.05
C SER B 679 -33.70 -42.42 -19.81
N LEU B 680 -34.85 -42.80 -19.27
CA LEU B 680 -35.23 -44.19 -19.18
C LEU B 680 -35.92 -44.62 -20.48
N ASN B 681 -35.91 -45.92 -20.72
CA ASN B 681 -36.64 -46.52 -21.83
C ASN B 681 -38.07 -46.90 -21.43
N TYR B 682 -38.62 -46.23 -20.43
CA TYR B 682 -39.99 -46.45 -20.01
C TYR B 682 -40.93 -46.08 -21.15
N LEU B 683 -41.48 -47.10 -21.81
CA LEU B 683 -42.25 -46.88 -23.03
C LEU B 683 -43.39 -45.88 -22.87
N PRO B 684 -44.24 -45.94 -21.83
CA PRO B 684 -45.36 -44.99 -21.76
C PRO B 684 -44.91 -43.55 -21.79
N ASN B 685 -43.72 -43.27 -21.26
CA ASN B 685 -43.20 -41.91 -21.31
C ASN B 685 -43.03 -41.44 -22.74
N MET B 686 -42.33 -42.23 -23.56
CA MET B 686 -42.18 -41.88 -24.97
C MET B 686 -43.50 -41.92 -25.72
N LEU B 687 -44.41 -42.81 -25.35
CA LEU B 687 -45.72 -42.84 -25.97
C LEU B 687 -46.42 -41.51 -25.76
N LEU B 688 -46.43 -41.03 -24.52
CA LEU B 688 -47.01 -39.73 -24.21
C LEU B 688 -46.29 -38.61 -24.95
N GLY B 689 -44.96 -38.69 -25.03
CA GLY B 689 -44.22 -37.65 -25.74
C GLY B 689 -44.58 -37.57 -27.20
N MET B 690 -44.64 -38.72 -27.88
CA MET B 690 -44.99 -38.73 -29.28
C MET B 690 -46.45 -38.37 -29.50
N GLU B 691 -47.32 -38.73 -28.56
CA GLU B 691 -48.72 -38.31 -28.62
C GLU B 691 -48.81 -36.79 -28.56
N ALA B 692 -48.03 -36.18 -27.66
CA ALA B 692 -48.00 -34.72 -27.57
C ALA B 692 -47.46 -34.10 -28.84
N ALA B 693 -46.40 -34.69 -29.40
CA ALA B 693 -45.84 -34.15 -30.63
C ALA B 693 -46.84 -34.21 -31.78
N GLY B 694 -47.56 -35.34 -31.90
CA GLY B 694 -48.60 -35.43 -32.90
C GLY B 694 -49.73 -34.45 -32.64
N SER B 695 -50.04 -34.21 -31.37
CA SER B 695 -51.05 -33.22 -31.02
C SER B 695 -50.62 -31.82 -31.47
N ALA B 696 -49.34 -31.50 -31.30
CA ALA B 696 -48.83 -30.22 -31.79
C ALA B 696 -48.94 -30.13 -33.30
N GLY B 697 -48.53 -31.17 -34.02
CA GLY B 697 -48.64 -31.18 -35.46
C GLY B 697 -47.37 -30.73 -36.13
N GLY B 698 -46.63 -31.66 -36.70
CA GLY B 698 -45.38 -31.32 -37.36
C GLY B 698 -44.46 -32.53 -37.39
N VAL B 699 -43.18 -32.25 -37.66
CA VAL B 699 -42.19 -33.30 -37.72
C VAL B 699 -41.94 -33.85 -36.33
N VAL B 700 -42.07 -35.17 -36.19
CA VAL B 700 -41.87 -35.87 -34.92
C VAL B 700 -40.63 -36.74 -35.05
N GLU B 701 -39.70 -36.57 -34.11
CA GLU B 701 -38.46 -37.32 -34.12
C GLU B 701 -38.24 -37.90 -32.73
N ALA B 702 -37.84 -39.16 -32.68
CA ALA B 702 -37.61 -39.85 -31.42
C ALA B 702 -36.17 -40.31 -31.34
N ALA B 703 -35.66 -40.42 -30.12
CA ALA B 703 -34.27 -40.75 -29.88
C ALA B 703 -34.17 -41.98 -28.98
N ILE B 704 -33.08 -42.73 -29.14
CA ILE B 704 -32.80 -43.91 -28.34
C ILE B 704 -31.39 -43.80 -27.81
N SER B 705 -31.25 -43.83 -26.49
CA SER B 705 -29.92 -43.77 -25.88
C SER B 705 -29.16 -45.05 -26.16
N TYR B 706 -27.89 -44.92 -26.51
CA TYR B 706 -27.00 -46.06 -26.61
C TYR B 706 -26.08 -46.07 -25.40
N THR B 707 -26.11 -47.15 -24.63
CA THR B 707 -25.21 -47.37 -23.52
C THR B 707 -24.66 -48.78 -23.59
N GLY B 708 -23.50 -48.98 -22.98
CA GLY B 708 -22.88 -50.29 -22.98
C GLY B 708 -22.27 -50.63 -24.32
N ASP B 709 -21.92 -51.90 -24.46
CA ASP B 709 -21.35 -52.41 -25.71
C ASP B 709 -22.32 -53.36 -26.38
N VAL B 710 -22.56 -53.15 -27.68
CA VAL B 710 -23.36 -54.08 -28.45
C VAL B 710 -22.50 -55.17 -29.09
N ALA B 711 -21.24 -54.88 -29.38
CA ALA B 711 -20.33 -55.87 -29.93
C ALA B 711 -19.78 -56.81 -28.88
N ASP B 712 -20.06 -56.56 -27.61
CA ASP B 712 -19.56 -57.41 -26.54
C ASP B 712 -20.59 -58.50 -26.22
N PRO B 713 -20.25 -59.78 -26.40
CA PRO B 713 -21.16 -60.84 -25.95
C PRO B 713 -21.40 -60.80 -24.45
N SER B 714 -20.42 -60.37 -23.66
CA SER B 714 -20.60 -60.29 -22.21
C SER B 714 -21.71 -59.31 -21.86
N ARG B 715 -21.75 -58.17 -22.55
CA ARG B 715 -22.84 -57.23 -22.37
C ARG B 715 -24.15 -57.86 -22.78
N THR B 716 -25.02 -58.11 -21.79
CA THR B 716 -26.23 -58.88 -22.03
C THR B 716 -27.45 -58.11 -21.52
N LYS B 717 -27.21 -57.21 -20.57
CA LYS B 717 -28.33 -56.46 -19.98
C LYS B 717 -29.12 -55.71 -21.04
N TYR B 718 -28.44 -55.20 -22.05
CA TYR B 718 -29.09 -54.52 -23.17
C TYR B 718 -28.52 -55.11 -24.45
N SER B 719 -29.10 -56.22 -24.90
CA SER B 719 -28.60 -56.90 -26.08
C SER B 719 -28.93 -56.09 -27.33
N LEU B 720 -28.36 -56.53 -28.45
CA LEU B 720 -28.76 -55.98 -29.74
C LEU B 720 -30.24 -56.22 -29.99
N GLN B 721 -30.70 -57.43 -29.67
CA GLN B 721 -32.13 -57.74 -29.82
C GLN B 721 -32.98 -56.96 -28.82
N TYR B 722 -32.41 -56.59 -27.68
CA TYR B 722 -33.09 -55.63 -26.81
C TYR B 722 -33.34 -54.32 -27.54
N TYR B 723 -32.28 -53.74 -28.12
CA TYR B 723 -32.43 -52.50 -28.86
C TYR B 723 -33.26 -52.73 -30.11
N MET B 724 -33.12 -53.90 -30.74
CA MET B 724 -33.92 -54.21 -31.91
C MET B 724 -35.41 -54.20 -31.58
N GLY B 725 -35.79 -54.79 -30.45
CA GLY B 725 -37.18 -54.75 -30.05
C GLY B 725 -37.63 -53.35 -29.72
N LEU B 726 -36.77 -52.58 -29.04
CA LEU B 726 -37.10 -51.18 -28.77
C LEU B 726 -37.40 -50.43 -30.07
N ALA B 727 -36.49 -50.53 -31.04
CA ALA B 727 -36.67 -49.83 -32.30
C ALA B 727 -37.90 -50.35 -33.05
N GLU B 728 -38.15 -51.65 -32.97
CA GLU B 728 -39.31 -52.22 -33.64
C GLU B 728 -40.59 -51.62 -33.09
N GLU B 729 -40.70 -51.52 -31.77
CA GLU B 729 -41.93 -50.94 -31.22
C GLU B 729 -41.99 -49.42 -31.42
N LEU B 730 -40.84 -48.74 -31.46
CA LEU B 730 -40.87 -47.33 -31.84
C LEU B 730 -41.44 -47.14 -33.24
N VAL B 731 -40.91 -47.87 -34.22
CA VAL B 731 -41.40 -47.70 -35.58
C VAL B 731 -42.84 -48.19 -35.68
N ARG B 732 -43.23 -49.14 -34.84
CA ARG B 732 -44.64 -49.53 -34.78
C ARG B 732 -45.50 -48.39 -34.29
N ALA B 733 -44.98 -47.57 -33.37
CA ALA B 733 -45.69 -46.36 -32.98
C ALA B 733 -45.86 -45.41 -34.15
N GLY B 734 -44.84 -45.27 -34.99
CA GLY B 734 -44.95 -44.44 -36.16
C GLY B 734 -44.39 -43.05 -35.96
N THR B 735 -43.23 -42.77 -36.56
CA THR B 735 -42.56 -41.48 -36.41
C THR B 735 -42.10 -41.01 -37.78
N HIS B 736 -41.19 -40.06 -37.78
CA HIS B 736 -40.58 -39.57 -39.02
C HIS B 736 -39.10 -39.88 -39.09
N ILE B 737 -38.35 -39.63 -38.02
CA ILE B 737 -36.91 -39.89 -37.99
C ILE B 737 -36.55 -40.47 -36.64
N LEU B 738 -35.59 -41.39 -36.62
CA LEU B 738 -35.06 -41.96 -35.40
C LEU B 738 -33.62 -41.52 -35.19
N CYS B 739 -33.25 -41.31 -33.93
CA CYS B 739 -31.90 -40.94 -33.55
C CYS B 739 -31.35 -41.91 -32.51
N ILE B 740 -30.03 -41.99 -32.44
CA ILE B 740 -29.34 -42.82 -31.46
C ILE B 740 -28.55 -41.86 -30.59
N LYS B 741 -28.94 -41.75 -29.33
CA LYS B 741 -28.31 -40.79 -28.44
C LYS B 741 -27.12 -41.42 -27.74
N ASP B 742 -26.02 -40.66 -27.63
CA ASP B 742 -24.82 -41.10 -26.92
C ASP B 742 -24.22 -39.92 -26.17
N MET B 743 -24.63 -39.76 -24.92
CA MET B 743 -23.99 -38.77 -24.05
C MET B 743 -22.56 -39.15 -23.73
N ALA B 744 -22.31 -40.42 -23.44
CA ALA B 744 -20.97 -40.86 -23.09
C ALA B 744 -20.05 -40.96 -24.29
N GLY B 745 -20.62 -40.95 -25.50
CA GLY B 745 -19.79 -40.99 -26.70
C GLY B 745 -19.02 -42.27 -26.83
N LEU B 746 -19.68 -43.41 -26.63
CA LEU B 746 -19.01 -44.71 -26.60
C LEU B 746 -19.35 -45.55 -27.81
N LEU B 747 -19.43 -44.95 -28.99
CA LEU B 747 -19.75 -45.65 -30.22
C LEU B 747 -18.47 -46.17 -30.84
N LYS B 748 -18.24 -47.48 -30.74
CA LYS B 748 -17.20 -48.10 -31.53
C LYS B 748 -17.59 -48.06 -33.00
N PRO B 749 -16.62 -47.88 -33.89
CA PRO B 749 -16.93 -47.87 -35.32
C PRO B 749 -17.57 -49.18 -35.76
N THR B 750 -17.00 -50.30 -35.34
CA THR B 750 -17.57 -51.60 -35.68
C THR B 750 -18.98 -51.75 -35.11
N ALA B 751 -19.14 -51.40 -33.84
CA ALA B 751 -20.44 -51.54 -33.18
C ALA B 751 -21.50 -50.69 -33.89
N CYS B 752 -21.19 -49.42 -34.12
CA CYS B 752 -22.19 -48.55 -34.73
C CYS B 752 -22.46 -48.95 -36.18
N THR B 753 -21.43 -49.40 -36.92
CA THR B 753 -21.69 -49.79 -38.30
C THR B 753 -22.54 -51.06 -38.36
N MET B 754 -22.31 -52.02 -37.49
CA MET B 754 -23.15 -53.21 -37.52
C MET B 754 -24.57 -52.88 -37.07
N LEU B 755 -24.72 -51.97 -36.10
CA LEU B 755 -26.06 -51.55 -35.69
C LEU B 755 -26.80 -50.90 -36.85
N VAL B 756 -26.14 -49.95 -37.53
CA VAL B 756 -26.78 -49.24 -38.62
C VAL B 756 -27.15 -50.21 -39.73
N SER B 757 -26.22 -51.10 -40.09
CA SER B 757 -26.52 -52.09 -41.12
C SER B 757 -27.72 -52.93 -40.73
N SER B 758 -27.74 -53.43 -39.50
CA SER B 758 -28.82 -54.30 -39.06
C SER B 758 -30.16 -53.58 -39.09
N LEU B 759 -30.20 -52.33 -38.62
CA LEU B 759 -31.47 -51.63 -38.59
C LEU B 759 -31.90 -51.18 -39.99
N ARG B 760 -30.94 -50.78 -40.82
CA ARG B 760 -31.28 -50.32 -42.16
C ARG B 760 -31.90 -51.44 -42.98
N ASP B 761 -31.40 -52.66 -42.83
CA ASP B 761 -31.91 -53.79 -43.61
C ASP B 761 -33.41 -53.94 -43.45
N ARG B 762 -33.89 -53.77 -42.22
CA ARG B 762 -35.30 -53.96 -41.93
C ARG B 762 -36.12 -52.70 -42.19
N PHE B 763 -35.48 -51.56 -42.41
CA PHE B 763 -36.18 -50.29 -42.63
C PHE B 763 -35.44 -49.48 -43.69
N PRO B 764 -35.56 -49.88 -44.95
CA PRO B 764 -34.90 -49.14 -46.05
C PRO B 764 -35.74 -47.94 -46.51
N ASP B 765 -36.37 -47.26 -45.57
CA ASP B 765 -37.10 -46.03 -45.85
C ASP B 765 -36.83 -44.92 -44.85
N LEU B 766 -36.38 -45.22 -43.64
CA LEU B 766 -36.28 -44.23 -42.58
C LEU B 766 -35.05 -43.35 -42.78
N PRO B 767 -35.21 -42.04 -42.84
CA PRO B 767 -34.05 -41.14 -42.71
C PRO B 767 -33.43 -41.33 -41.34
N LEU B 768 -32.11 -41.44 -41.30
CA LEU B 768 -31.40 -41.75 -40.07
C LEU B 768 -30.71 -40.51 -39.52
N HIS B 769 -30.90 -40.27 -38.23
CA HIS B 769 -30.23 -39.21 -37.49
C HIS B 769 -29.31 -39.83 -36.46
N ILE B 770 -28.15 -39.20 -36.26
CA ILE B 770 -27.17 -39.68 -35.29
C ILE B 770 -26.64 -38.50 -34.50
N HIS B 771 -26.29 -38.77 -33.24
CA HIS B 771 -25.74 -37.73 -32.37
C HIS B 771 -24.90 -38.39 -31.28
N THR B 772 -23.75 -37.79 -30.99
CA THR B 772 -22.86 -38.29 -29.95
C THR B 772 -21.98 -37.14 -29.46
N HIS B 773 -21.22 -37.42 -28.41
CA HIS B 773 -20.32 -36.45 -27.81
C HIS B 773 -18.91 -36.99 -27.87
N ASP B 774 -18.01 -36.26 -28.54
CA ASP B 774 -16.63 -36.70 -28.70
C ASP B 774 -15.88 -36.44 -27.40
N THR B 775 -15.87 -37.47 -26.54
CA THR B 775 -15.19 -37.39 -25.26
C THR B 775 -13.95 -38.27 -25.21
N SER B 776 -14.09 -39.55 -25.56
CA SER B 776 -12.94 -40.44 -25.61
C SER B 776 -11.95 -40.00 -26.68
N GLY B 777 -12.41 -39.31 -27.70
CA GLY B 777 -11.56 -38.85 -28.79
C GLY B 777 -11.67 -39.66 -30.06
N ALA B 778 -12.31 -40.83 -30.03
CA ALA B 778 -12.40 -41.70 -31.21
C ALA B 778 -13.76 -41.62 -31.87
N GLY B 779 -14.57 -40.62 -31.52
CA GLY B 779 -15.92 -40.54 -32.06
C GLY B 779 -15.93 -40.39 -33.58
N VAL B 780 -15.07 -39.50 -34.10
CA VAL B 780 -15.12 -39.15 -35.51
C VAL B 780 -14.89 -40.37 -36.38
N ALA B 781 -14.06 -41.31 -35.92
CA ALA B 781 -13.84 -42.54 -36.67
C ALA B 781 -15.15 -43.30 -36.86
N ALA B 782 -15.87 -43.53 -35.76
CA ALA B 782 -17.14 -44.23 -35.83
C ALA B 782 -18.14 -43.45 -36.67
N MET B 783 -18.15 -42.13 -36.54
CA MET B 783 -19.08 -41.32 -37.31
C MET B 783 -18.86 -41.49 -38.80
N LEU B 784 -17.59 -41.41 -39.23
CA LEU B 784 -17.30 -41.64 -40.64
C LEU B 784 -17.69 -43.04 -41.07
N ALA B 785 -17.32 -44.04 -40.27
CA ALA B 785 -17.58 -45.42 -40.66
C ALA B 785 -19.08 -45.66 -40.85
N CYS B 786 -19.86 -45.53 -39.79
CA CYS B 786 -21.29 -45.79 -39.85
C CYS B 786 -22.10 -44.60 -40.30
N ALA B 787 -21.48 -43.59 -40.90
CA ALA B 787 -22.19 -42.70 -41.79
C ALA B 787 -22.01 -43.11 -43.24
N GLN B 788 -20.84 -43.67 -43.57
CA GLN B 788 -20.69 -44.37 -44.82
C GLN B 788 -21.65 -45.54 -44.90
N ALA B 789 -21.87 -46.21 -43.77
CA ALA B 789 -22.74 -47.40 -43.79
C ALA B 789 -24.16 -47.06 -44.22
N GLY B 790 -24.92 -46.37 -43.36
CA GLY B 790 -26.27 -46.03 -43.74
C GLY B 790 -26.83 -44.72 -43.21
N ALA B 791 -26.02 -43.93 -42.53
CA ALA B 791 -26.54 -42.76 -41.84
C ALA B 791 -26.95 -41.67 -42.83
N ASP B 792 -27.89 -40.83 -42.40
CA ASP B 792 -28.41 -39.75 -43.24
C ASP B 792 -28.18 -38.38 -42.63
N VAL B 793 -28.45 -38.20 -41.35
CA VAL B 793 -28.29 -36.90 -40.68
C VAL B 793 -27.27 -37.06 -39.57
N VAL B 794 -26.32 -36.15 -39.50
CA VAL B 794 -25.18 -36.23 -38.59
C VAL B 794 -25.10 -34.94 -37.78
N ASP B 795 -24.94 -35.09 -36.46
CA ASP B 795 -24.81 -33.95 -35.56
C ASP B 795 -23.35 -33.56 -35.42
N VAL B 796 -23.04 -32.29 -35.66
CA VAL B 796 -21.68 -31.77 -35.62
C VAL B 796 -21.65 -30.47 -34.84
N ALA B 797 -20.56 -30.24 -34.11
CA ALA B 797 -20.34 -28.99 -33.40
C ALA B 797 -19.29 -28.16 -34.12
N ALA B 798 -19.32 -26.86 -33.85
CA ALA B 798 -18.42 -25.93 -34.51
C ALA B 798 -16.97 -26.23 -34.15
N ASP B 799 -16.06 -25.80 -35.03
CA ASP B 799 -14.65 -26.15 -34.88
C ASP B 799 -14.08 -25.60 -33.58
N SER B 800 -14.45 -24.37 -33.22
CA SER B 800 -13.89 -23.76 -32.02
C SER B 800 -14.35 -24.47 -30.76
N MET B 801 -15.57 -24.98 -30.72
CA MET B 801 -16.04 -25.73 -29.57
C MET B 801 -16.15 -27.20 -29.93
N SER B 802 -15.17 -27.71 -30.64
CA SER B 802 -15.19 -29.07 -31.15
C SER B 802 -14.43 -29.99 -30.22
N GLY B 803 -14.68 -31.28 -30.38
CA GLY B 803 -13.92 -32.30 -29.69
C GLY B 803 -13.95 -32.13 -28.19
N MET B 804 -12.81 -32.41 -27.57
CA MET B 804 -12.66 -32.27 -26.13
C MET B 804 -13.71 -33.14 -25.44
N THR B 805 -14.83 -32.53 -25.08
CA THR B 805 -16.00 -33.25 -24.61
C THR B 805 -17.23 -32.95 -25.44
N SER B 806 -17.08 -32.16 -26.50
CA SER B 806 -18.21 -31.76 -27.34
C SER B 806 -18.30 -32.69 -28.55
N GLN B 807 -19.12 -32.32 -29.51
CA GLN B 807 -19.26 -33.07 -30.74
C GLN B 807 -18.10 -32.77 -31.67
N PRO B 808 -17.89 -33.61 -32.69
CA PRO B 808 -16.79 -33.35 -33.64
C PRO B 808 -16.98 -32.06 -34.41
N SER B 809 -16.00 -31.78 -35.27
CA SER B 809 -15.80 -30.48 -35.86
C SER B 809 -16.37 -30.41 -37.28
N MET B 810 -16.69 -29.18 -37.71
CA MET B 810 -17.03 -28.93 -39.10
C MET B 810 -15.87 -29.30 -40.01
N GLY B 811 -14.67 -28.84 -39.66
CA GLY B 811 -13.55 -28.92 -40.58
C GLY B 811 -13.17 -30.34 -40.92
N ALA B 812 -13.10 -31.21 -39.91
CA ALA B 812 -12.68 -32.58 -40.16
C ALA B 812 -13.64 -33.27 -41.11
N LEU B 813 -14.95 -33.14 -40.86
CA LEU B 813 -15.93 -33.80 -41.72
C LEU B 813 -15.92 -33.21 -43.12
N VAL B 814 -15.82 -31.88 -43.24
CA VAL B 814 -15.84 -31.27 -44.55
C VAL B 814 -14.63 -31.70 -45.37
N ALA B 815 -13.45 -31.67 -44.75
CA ALA B 815 -12.23 -31.96 -45.49
C ALA B 815 -12.11 -33.45 -45.82
N CYS B 816 -12.43 -34.32 -44.86
CA CYS B 816 -12.28 -35.75 -45.09
C CYS B 816 -13.19 -36.22 -46.21
N THR B 817 -14.44 -35.75 -46.21
CA THR B 817 -15.43 -36.21 -47.19
C THR B 817 -15.52 -35.22 -48.35
N ARG B 818 -14.39 -35.06 -49.05
CA ARG B 818 -14.33 -34.19 -50.21
C ARG B 818 -14.54 -34.95 -51.51
N GLY B 819 -13.65 -35.90 -51.81
CA GLY B 819 -13.79 -36.69 -53.02
C GLY B 819 -14.53 -37.98 -52.74
N THR B 820 -15.72 -37.87 -52.15
CA THR B 820 -16.46 -39.02 -51.68
C THR B 820 -17.89 -38.92 -52.18
N PRO B 821 -18.52 -40.04 -52.56
CA PRO B 821 -19.92 -39.98 -52.98
C PRO B 821 -20.85 -39.44 -51.92
N LEU B 822 -20.45 -39.45 -50.65
CA LEU B 822 -21.26 -38.78 -49.63
C LEU B 822 -21.41 -37.30 -49.93
N ASP B 823 -20.36 -36.66 -50.45
CA ASP B 823 -20.48 -35.37 -51.13
C ASP B 823 -21.07 -34.30 -50.21
N THR B 824 -20.27 -33.94 -49.20
CA THR B 824 -20.67 -32.88 -48.28
C THR B 824 -21.08 -31.62 -49.03
N GLU B 825 -20.25 -31.17 -49.96
CA GLU B 825 -20.56 -30.04 -50.84
C GLU B 825 -20.86 -28.78 -50.02
N VAL B 826 -19.84 -28.35 -49.29
CA VAL B 826 -19.93 -27.15 -48.45
C VAL B 826 -18.71 -26.28 -48.65
N PRO B 827 -18.87 -25.00 -48.98
CA PRO B 827 -17.70 -24.10 -49.06
C PRO B 827 -17.05 -23.94 -47.69
N MET B 828 -15.86 -24.52 -47.56
CA MET B 828 -15.15 -24.52 -46.29
C MET B 828 -14.55 -23.16 -45.97
N GLU B 829 -14.50 -22.25 -46.95
CA GLU B 829 -13.93 -20.93 -46.70
C GLU B 829 -14.71 -20.19 -45.63
N ARG B 830 -16.04 -20.22 -45.72
CA ARG B 830 -16.87 -19.55 -44.72
C ARG B 830 -16.81 -20.27 -43.38
N VAL B 831 -16.49 -21.57 -43.40
CA VAL B 831 -16.34 -22.32 -42.16
C VAL B 831 -15.22 -21.72 -41.32
N PHE B 832 -14.15 -21.26 -41.98
CA PHE B 832 -13.02 -20.71 -41.25
C PHE B 832 -13.41 -19.45 -40.47
N ASP B 833 -14.12 -18.52 -41.13
CA ASP B 833 -14.54 -17.31 -40.43
C ASP B 833 -15.60 -17.63 -39.39
N TYR B 834 -16.49 -18.59 -39.67
CA TYR B 834 -17.46 -19.01 -38.68
C TYR B 834 -16.77 -19.51 -37.42
N SER B 835 -15.71 -20.30 -37.59
CA SER B 835 -14.98 -20.82 -36.45
C SER B 835 -14.20 -19.72 -35.74
N GLU B 836 -13.61 -18.79 -36.48
CA GLU B 836 -12.79 -17.77 -35.83
C GLU B 836 -13.66 -16.82 -35.01
N TYR B 837 -14.88 -16.53 -35.48
CA TYR B 837 -15.76 -15.71 -34.66
C TYR B 837 -16.02 -16.38 -33.32
N TRP B 838 -16.30 -17.68 -33.33
CA TRP B 838 -16.53 -18.41 -32.10
C TRP B 838 -15.29 -18.43 -31.23
N GLU B 839 -14.12 -18.59 -31.84
CA GLU B 839 -12.90 -18.59 -31.05
C GLU B 839 -12.71 -17.25 -30.37
N GLY B 840 -12.96 -16.16 -31.09
CA GLY B 840 -12.87 -14.84 -30.48
C GLY B 840 -13.87 -14.66 -29.35
N ALA B 841 -15.10 -15.13 -29.56
CA ALA B 841 -16.12 -14.99 -28.54
C ALA B 841 -15.87 -15.89 -27.33
N ARG B 842 -15.08 -16.95 -27.50
CA ARG B 842 -14.86 -17.88 -26.40
C ARG B 842 -14.09 -17.24 -25.26
N GLY B 843 -13.08 -16.44 -25.58
CA GLY B 843 -12.32 -15.76 -24.54
C GLY B 843 -13.16 -14.80 -23.73
N LEU B 844 -14.31 -14.38 -24.26
CA LEU B 844 -15.19 -13.50 -23.51
C LEU B 844 -15.69 -14.19 -22.25
N TYR B 845 -16.05 -15.46 -22.36
CA TYR B 845 -16.55 -16.22 -21.20
C TYR B 845 -15.42 -16.96 -20.51
N ALA B 846 -14.29 -16.31 -20.28
CA ALA B 846 -13.15 -16.99 -19.67
C ALA B 846 -13.31 -17.13 -18.17
N ALA B 847 -14.35 -16.55 -17.58
CA ALA B 847 -14.58 -16.64 -16.15
C ALA B 847 -14.87 -18.06 -15.70
N PHE B 848 -15.15 -18.97 -16.62
CA PHE B 848 -15.44 -20.36 -16.28
C PHE B 848 -15.36 -21.20 -17.54
N ASP B 849 -14.49 -22.21 -17.51
CA ASP B 849 -14.22 -23.04 -18.67
C ASP B 849 -13.58 -24.35 -18.22
N CYS B 850 -13.82 -25.41 -18.99
CA CYS B 850 -13.33 -26.73 -18.62
C CYS B 850 -11.81 -26.80 -18.62
N THR B 851 -11.16 -25.94 -19.42
CA THR B 851 -9.70 -25.98 -19.52
C THR B 851 -9.03 -25.73 -18.18
N ALA B 852 -9.72 -25.06 -17.26
CA ALA B 852 -9.18 -24.89 -15.91
C ALA B 852 -9.03 -26.23 -15.21
N THR B 853 -10.03 -27.10 -15.35
CA THR B 853 -10.03 -28.39 -14.67
C THR B 853 -9.76 -29.54 -15.63
N MET B 854 -10.64 -29.78 -16.59
CA MET B 854 -10.45 -30.88 -17.52
C MET B 854 -9.57 -30.40 -18.67
N LYS B 855 -8.30 -30.82 -18.65
CA LYS B 855 -7.29 -30.25 -19.54
C LYS B 855 -7.40 -30.83 -20.95
N SER B 856 -7.33 -32.15 -21.07
CA SER B 856 -7.50 -32.83 -22.35
C SER B 856 -8.58 -33.88 -22.19
N GLY B 857 -9.17 -34.29 -23.32
CA GLY B 857 -10.14 -35.36 -23.30
C GLY B 857 -9.57 -36.61 -22.65
N ASN B 858 -10.23 -37.09 -21.61
CA ASN B 858 -9.68 -38.17 -20.81
C ASN B 858 -10.23 -39.52 -21.25
N SER B 859 -9.47 -40.58 -20.97
CA SER B 859 -9.95 -41.94 -21.13
C SER B 859 -10.80 -42.30 -19.92
N ASP B 860 -11.08 -43.59 -19.75
CA ASP B 860 -11.78 -44.13 -18.58
C ASP B 860 -13.23 -43.68 -18.52
N VAL B 861 -13.73 -43.05 -19.59
CA VAL B 861 -15.15 -42.73 -19.65
C VAL B 861 -16.00 -43.99 -19.61
N TYR B 862 -15.45 -45.11 -20.09
CA TYR B 862 -16.15 -46.38 -20.02
C TYR B 862 -16.32 -46.86 -18.58
N GLU B 863 -15.61 -46.26 -17.63
CA GLU B 863 -15.70 -46.65 -16.24
C GLU B 863 -16.64 -45.75 -15.44
N ASN B 864 -16.37 -44.43 -15.45
CA ASN B 864 -17.27 -43.52 -14.77
C ASN B 864 -18.63 -43.42 -15.47
N GLU B 865 -18.63 -43.52 -16.79
CA GLU B 865 -19.85 -43.50 -17.59
C GLU B 865 -20.66 -42.22 -17.37
N ILE B 866 -19.98 -41.15 -16.99
CA ILE B 866 -20.68 -39.89 -16.74
C ILE B 866 -21.15 -39.29 -18.06
N PRO B 867 -22.38 -38.82 -18.15
CA PRO B 867 -22.83 -38.18 -19.40
C PRO B 867 -22.02 -36.93 -19.68
N GLY B 868 -21.93 -36.60 -20.97
CA GLY B 868 -21.05 -35.54 -21.42
C GLY B 868 -21.40 -34.15 -20.95
N GLY B 869 -22.54 -33.62 -21.40
CA GLY B 869 -22.84 -32.22 -21.24
C GLY B 869 -23.07 -31.78 -19.80
N GLN B 870 -23.14 -32.73 -18.87
CA GLN B 870 -23.42 -32.42 -17.47
C GLN B 870 -22.18 -32.36 -16.60
N TYR B 871 -20.99 -32.72 -17.12
CA TYR B 871 -19.80 -32.75 -16.29
C TYR B 871 -19.40 -31.35 -15.83
N THR B 872 -19.50 -30.37 -16.71
CA THR B 872 -19.15 -29.00 -16.33
C THR B 872 -20.02 -28.51 -15.19
N ASN B 873 -21.33 -28.76 -15.29
CA ASN B 873 -22.23 -28.36 -14.22
C ASN B 873 -21.95 -29.14 -12.95
N LEU B 874 -21.57 -30.41 -13.07
CA LEU B 874 -21.19 -31.18 -11.89
C LEU B 874 -20.04 -30.52 -11.16
N HIS B 875 -18.99 -30.17 -11.89
CA HIS B 875 -17.83 -29.53 -11.27
C HIS B 875 -18.20 -28.19 -10.67
N PHE B 876 -19.00 -27.40 -11.38
CA PHE B 876 -19.41 -26.11 -10.87
C PHE B 876 -20.18 -26.25 -9.55
N GLN B 877 -21.13 -27.18 -9.51
CA GLN B 877 -21.92 -27.34 -8.30
C GLN B 877 -21.09 -27.89 -7.16
N ALA B 878 -20.15 -28.80 -7.46
CA ALA B 878 -19.27 -29.31 -6.42
C ALA B 878 -18.42 -28.18 -5.83
N HIS B 879 -17.90 -27.30 -6.68
CA HIS B 879 -17.17 -26.15 -6.19
C HIS B 879 -18.08 -25.23 -5.38
N SER B 880 -19.34 -25.11 -5.80
CA SER B 880 -20.30 -24.31 -5.05
C SER B 880 -20.50 -24.87 -3.64
N MET B 881 -20.58 -26.19 -3.52
CA MET B 881 -20.59 -26.84 -2.22
C MET B 881 -19.24 -26.80 -1.53
N GLY B 882 -18.20 -26.34 -2.21
CA GLY B 882 -16.85 -26.41 -1.69
C GLY B 882 -16.18 -27.74 -1.90
N LEU B 883 -16.87 -28.70 -2.51
CA LEU B 883 -16.32 -30.01 -2.79
C LEU B 883 -15.57 -30.04 -4.11
N GLY B 884 -15.60 -28.94 -4.87
CA GLY B 884 -14.82 -28.86 -6.09
C GLY B 884 -13.34 -28.98 -5.87
N SER B 885 -12.87 -28.72 -4.65
CA SER B 885 -11.50 -28.99 -4.25
C SER B 885 -11.19 -30.46 -4.48
N LYS B 886 -11.87 -31.33 -3.74
CA LYS B 886 -11.76 -32.77 -3.92
C LYS B 886 -12.81 -33.28 -4.89
N PHE B 887 -12.91 -32.62 -6.03
CA PHE B 887 -13.89 -33.01 -7.04
C PHE B 887 -13.55 -34.35 -7.68
N LYS B 888 -12.27 -34.74 -7.66
CA LYS B 888 -11.90 -36.06 -8.16
C LYS B 888 -12.57 -37.16 -7.37
N GLU B 889 -12.64 -37.00 -6.05
CA GLU B 889 -13.26 -38.02 -5.20
C GLU B 889 -14.74 -38.17 -5.53
N VAL B 890 -15.36 -37.12 -6.08
CA VAL B 890 -16.76 -37.20 -6.45
C VAL B 890 -16.97 -38.22 -7.56
N LYS B 891 -16.18 -38.11 -8.62
CA LYS B 891 -16.39 -38.97 -9.78
C LYS B 891 -15.96 -40.41 -9.50
N LYS B 892 -14.95 -40.61 -8.67
CA LYS B 892 -14.51 -41.97 -8.38
C LYS B 892 -15.57 -42.75 -7.61
N ALA B 893 -16.52 -42.05 -6.99
CA ALA B 893 -17.60 -42.68 -6.26
C ALA B 893 -18.86 -42.82 -7.11
N TYR B 894 -18.84 -42.34 -8.35
CA TYR B 894 -20.05 -42.34 -9.16
C TYR B 894 -20.45 -43.75 -9.58
N VAL B 895 -19.48 -44.55 -10.03
CA VAL B 895 -19.79 -45.91 -10.46
C VAL B 895 -20.32 -46.73 -9.29
N GLU B 896 -19.91 -46.41 -8.08
CA GLU B 896 -20.46 -47.08 -6.90
C GLU B 896 -21.95 -46.79 -6.76
N ALA B 897 -22.35 -45.53 -6.96
CA ALA B 897 -23.77 -45.19 -6.92
C ALA B 897 -24.51 -45.88 -8.06
N ASN B 898 -23.88 -45.98 -9.24
CA ASN B 898 -24.49 -46.72 -10.34
C ASN B 898 -24.72 -48.18 -9.95
N GLN B 899 -23.74 -48.79 -9.30
CA GLN B 899 -23.88 -50.16 -8.84
C GLN B 899 -25.01 -50.29 -7.84
N MET B 900 -25.11 -49.33 -6.91
CA MET B 900 -26.21 -49.31 -5.96
C MET B 900 -27.54 -49.29 -6.71
N LEU B 901 -27.64 -48.47 -7.74
CA LEU B 901 -28.82 -48.47 -8.59
C LEU B 901 -28.73 -49.49 -9.72
N GLY B 902 -27.63 -50.23 -9.83
CA GLY B 902 -27.50 -51.19 -10.90
C GLY B 902 -27.22 -50.52 -12.23
N ASP B 903 -26.90 -51.29 -13.26
CA ASP B 903 -26.58 -50.71 -14.56
C ASP B 903 -27.85 -50.10 -15.16
N LEU B 904 -28.00 -48.78 -15.00
CA LEU B 904 -29.18 -48.10 -15.50
C LEU B 904 -28.78 -47.01 -16.48
N ILE B 905 -29.73 -46.60 -17.31
CA ILE B 905 -29.53 -45.56 -18.29
C ILE B 905 -29.87 -44.21 -17.67
N LYS B 906 -28.93 -43.27 -17.77
CA LYS B 906 -29.03 -41.98 -17.10
C LYS B 906 -28.72 -40.88 -18.09
N VAL B 907 -29.66 -39.97 -18.33
CA VAL B 907 -29.29 -38.82 -19.13
C VAL B 907 -29.55 -37.51 -18.39
N THR B 908 -30.82 -37.10 -18.28
CA THR B 908 -31.02 -35.87 -17.51
C THR B 908 -31.29 -36.15 -16.03
N PRO B 909 -32.41 -36.82 -15.67
CA PRO B 909 -32.80 -36.83 -14.26
C PRO B 909 -32.00 -37.81 -13.42
N SER B 910 -31.85 -39.04 -13.91
CA SER B 910 -31.23 -40.07 -13.11
C SER B 910 -29.73 -39.88 -13.02
N SER B 911 -29.13 -39.28 -14.05
CA SER B 911 -27.74 -38.83 -13.93
C SER B 911 -27.59 -37.86 -12.77
N LYS B 912 -28.53 -36.90 -12.66
CA LYS B 912 -28.51 -35.98 -11.53
C LYS B 912 -28.68 -36.72 -10.21
N ILE B 913 -29.58 -37.71 -10.18
CA ILE B 913 -29.81 -38.45 -8.94
C ILE B 913 -28.55 -39.16 -8.50
N VAL B 914 -27.88 -39.84 -9.44
CA VAL B 914 -26.67 -40.57 -9.11
C VAL B 914 -25.57 -39.62 -8.67
N GLY B 915 -25.50 -38.45 -9.32
CA GLY B 915 -24.53 -37.45 -8.90
C GLY B 915 -24.78 -36.96 -7.49
N ASP B 916 -26.04 -36.70 -7.15
CA ASP B 916 -26.36 -36.24 -5.80
C ASP B 916 -26.05 -37.33 -4.78
N LEU B 917 -26.36 -38.58 -5.12
CA LEU B 917 -26.03 -39.69 -4.23
C LEU B 917 -24.53 -39.77 -4.00
N ALA B 918 -23.74 -39.64 -5.06
CA ALA B 918 -22.29 -39.67 -4.91
C ALA B 918 -21.81 -38.50 -4.06
N GLN B 919 -22.42 -37.33 -4.25
CA GLN B 919 -22.07 -36.17 -3.42
C GLN B 919 -22.29 -36.47 -1.95
N PHE B 920 -23.47 -37.01 -1.63
CA PHE B 920 -23.78 -37.33 -0.25
C PHE B 920 -22.81 -38.37 0.30
N MET B 921 -22.50 -39.39 -0.50
CA MET B 921 -21.57 -40.42 -0.08
C MET B 921 -20.21 -39.82 0.27
N VAL B 922 -19.67 -39.00 -0.63
CA VAL B 922 -18.30 -38.53 -0.46
C VAL B 922 -18.23 -37.53 0.69
N GLN B 923 -19.24 -36.65 0.82
CA GLN B 923 -19.21 -35.73 1.94
C GLN B 923 -19.49 -36.44 3.25
N ASN B 924 -20.06 -37.65 3.21
CA ASN B 924 -20.17 -38.46 4.40
C ASN B 924 -19.05 -39.47 4.55
N GLY B 925 -18.22 -39.65 3.52
CA GLY B 925 -17.13 -40.60 3.59
C GLY B 925 -17.62 -42.04 3.69
N LEU B 926 -18.50 -42.42 2.77
CA LEU B 926 -19.18 -43.71 2.80
C LEU B 926 -18.67 -44.60 1.68
N SER B 927 -18.20 -45.79 2.03
CA SER B 927 -17.82 -46.78 1.03
C SER B 927 -19.07 -47.56 0.63
N ARG B 928 -18.88 -48.54 -0.25
CA ARG B 928 -19.98 -49.33 -0.77
C ARG B 928 -20.70 -50.10 0.34
N ALA B 929 -19.99 -51.07 0.93
CA ALA B 929 -20.58 -51.90 1.96
C ALA B 929 -20.98 -51.07 3.17
N GLU B 930 -20.17 -50.08 3.52
CA GLU B 930 -20.50 -49.20 4.63
C GLU B 930 -21.80 -48.45 4.39
N ALA B 931 -21.97 -47.88 3.19
CA ALA B 931 -23.18 -47.12 2.91
C ALA B 931 -24.40 -48.03 2.83
N GLU B 932 -24.26 -49.18 2.17
CA GLU B 932 -25.41 -50.07 2.00
C GLU B 932 -25.76 -50.80 3.29
N ALA B 933 -24.81 -50.88 4.23
CA ALA B 933 -25.04 -51.62 5.46
C ALA B 933 -26.11 -50.95 6.32
N GLN B 934 -26.08 -49.63 6.43
CA GLN B 934 -27.04 -48.87 7.22
C GLN B 934 -27.68 -47.81 6.32
N ALA B 935 -28.70 -48.22 5.57
CA ALA B 935 -29.47 -47.31 4.73
C ALA B 935 -30.79 -46.93 5.38
N GLU B 936 -30.98 -47.27 6.64
CA GLU B 936 -32.25 -47.02 7.33
C GLU B 936 -32.15 -45.73 8.13
N GLU B 937 -31.20 -45.67 9.08
CA GLU B 937 -31.05 -44.48 9.91
C GLU B 937 -30.50 -43.32 9.11
N LEU B 938 -29.64 -43.59 8.13
CA LEU B 938 -29.01 -42.53 7.35
C LEU B 938 -30.06 -41.78 6.54
N SER B 939 -30.03 -40.46 6.62
CA SER B 939 -31.01 -39.63 5.94
C SER B 939 -30.56 -39.37 4.51
N PHE B 940 -31.19 -40.03 3.56
CA PHE B 940 -30.82 -39.87 2.17
C PHE B 940 -31.41 -38.59 1.60
N PRO B 941 -30.78 -38.03 0.57
CA PRO B 941 -31.30 -36.79 -0.02
C PRO B 941 -32.69 -36.97 -0.60
N ARG B 942 -33.40 -35.85 -0.75
CA ARG B 942 -34.80 -35.90 -1.13
C ARG B 942 -34.99 -36.53 -2.50
N SER B 943 -34.17 -36.16 -3.48
CA SER B 943 -34.35 -36.67 -4.84
C SER B 943 -34.13 -38.17 -4.89
N VAL B 944 -33.24 -38.70 -4.04
CA VAL B 944 -33.05 -40.14 -3.97
C VAL B 944 -34.36 -40.83 -3.59
N VAL B 945 -35.05 -40.28 -2.60
CA VAL B 945 -36.35 -40.83 -2.21
C VAL B 945 -37.36 -40.66 -3.33
N GLU B 946 -37.33 -39.49 -3.99
CA GLU B 946 -38.21 -39.23 -5.12
C GLU B 946 -38.10 -40.34 -6.16
N PHE B 947 -36.87 -40.72 -6.51
CA PHE B 947 -36.69 -41.76 -7.52
C PHE B 947 -37.03 -43.14 -6.96
N LEU B 948 -36.55 -43.45 -5.75
CA LEU B 948 -36.80 -44.76 -5.18
C LEU B 948 -38.28 -45.03 -5.02
N GLN B 949 -39.07 -43.97 -4.92
CA GLN B 949 -40.51 -44.11 -4.99
C GLN B 949 -40.95 -44.69 -6.34
N GLY B 950 -40.31 -44.25 -7.42
CA GLY B 950 -40.74 -44.61 -8.74
C GLY B 950 -41.51 -43.54 -9.46
N TYR B 951 -41.30 -42.27 -9.10
CA TYR B 951 -42.01 -41.17 -9.74
C TYR B 951 -41.70 -41.11 -11.23
N ILE B 952 -40.43 -41.29 -11.59
CA ILE B 952 -40.06 -41.29 -13.00
C ILE B 952 -40.70 -42.45 -13.73
N GLY B 953 -40.66 -43.64 -13.13
CA GLY B 953 -41.21 -44.85 -13.69
C GLY B 953 -40.32 -46.02 -13.36
N VAL B 954 -40.79 -47.22 -13.70
CA VAL B 954 -40.04 -48.44 -13.42
C VAL B 954 -38.95 -48.61 -14.47
N PRO B 955 -37.72 -48.91 -14.05
CA PRO B 955 -36.65 -49.14 -15.04
C PRO B 955 -36.88 -50.40 -15.86
N HIS B 956 -35.94 -50.68 -16.76
CA HIS B 956 -36.04 -51.85 -17.61
C HIS B 956 -36.03 -53.13 -16.78
N GLY B 957 -35.12 -53.21 -15.80
CA GLY B 957 -34.97 -54.42 -15.03
C GLY B 957 -35.33 -54.30 -13.56
N GLY B 958 -36.01 -53.22 -13.18
CA GLY B 958 -36.35 -53.00 -11.79
C GLY B 958 -35.16 -52.49 -11.00
N PHE B 959 -35.36 -52.41 -9.69
CA PHE B 959 -34.35 -51.91 -8.76
C PHE B 959 -34.39 -52.72 -7.48
N PRO B 960 -33.27 -52.79 -6.76
CA PRO B 960 -33.17 -53.70 -5.60
C PRO B 960 -34.24 -53.41 -4.56
N GLU B 961 -34.79 -54.48 -4.01
CA GLU B 961 -35.87 -54.43 -3.04
C GLU B 961 -35.38 -54.19 -1.61
N PRO B 962 -34.32 -54.87 -1.14
CA PRO B 962 -33.88 -54.62 0.25
C PRO B 962 -33.52 -53.16 0.50
N PHE B 963 -32.79 -52.53 -0.42
CA PHE B 963 -32.43 -51.13 -0.23
C PHE B 963 -33.66 -50.24 -0.27
N ARG B 964 -34.60 -50.53 -1.16
CA ARG B 964 -35.83 -49.74 -1.23
C ARG B 964 -36.63 -49.84 0.04
N SER B 965 -36.72 -51.04 0.63
CA SER B 965 -37.40 -51.18 1.90
C SER B 965 -36.65 -50.47 3.01
N LYS B 966 -35.32 -50.54 2.98
CA LYS B 966 -34.51 -49.91 4.03
C LYS B 966 -34.52 -48.39 3.94
N VAL B 967 -34.85 -47.83 2.79
CA VAL B 967 -34.86 -46.38 2.61
C VAL B 967 -36.28 -45.81 2.67
N LEU B 968 -37.16 -46.28 1.78
CA LEU B 968 -38.52 -45.74 1.74
C LEU B 968 -39.31 -46.05 2.99
N LYS B 969 -38.89 -47.04 3.77
CA LYS B 969 -39.57 -47.41 5.01
C LYS B 969 -41.03 -47.74 4.76
N ASP B 970 -41.91 -46.76 4.95
CA ASP B 970 -43.35 -46.95 4.86
C ASP B 970 -43.99 -45.82 4.07
N LEU B 971 -43.21 -45.18 3.21
CA LEU B 971 -43.72 -44.05 2.45
C LEU B 971 -44.74 -44.52 1.42
N PRO B 972 -45.65 -43.64 1.00
CA PRO B 972 -46.61 -44.01 -0.04
C PRO B 972 -45.89 -44.43 -1.31
N ARG B 973 -46.41 -45.49 -1.94
CA ARG B 973 -45.76 -46.11 -3.08
C ARG B 973 -46.70 -46.06 -4.28
N VAL B 974 -46.24 -45.45 -5.37
CA VAL B 974 -47.05 -45.21 -6.56
C VAL B 974 -46.54 -46.12 -7.67
N GLU B 975 -47.46 -46.88 -8.26
CA GLU B 975 -47.15 -47.81 -9.33
C GLU B 975 -47.82 -47.35 -10.62
N GLY B 976 -47.44 -47.98 -11.72
CA GLY B 976 -47.94 -47.57 -13.01
C GLY B 976 -47.28 -46.29 -13.48
N ARG B 977 -47.98 -45.60 -14.37
CA ARG B 977 -47.49 -44.31 -14.87
C ARG B 977 -47.98 -43.20 -13.94
N PRO B 978 -47.09 -42.54 -13.20
CA PRO B 978 -47.56 -41.41 -12.37
C PRO B 978 -48.09 -40.26 -13.18
N GLY B 979 -47.68 -40.13 -14.44
CA GLY B 979 -48.19 -39.05 -15.27
C GLY B 979 -49.70 -39.11 -15.43
N ALA B 980 -50.24 -40.30 -15.62
CA ALA B 980 -51.69 -40.48 -15.61
C ALA B 980 -52.23 -40.34 -14.19
N SER B 981 -51.47 -40.82 -13.20
CA SER B 981 -51.90 -40.74 -11.81
C SER B 981 -51.95 -39.31 -11.31
N LEU B 982 -51.17 -38.40 -11.90
CA LEU B 982 -51.18 -37.01 -11.48
C LEU B 982 -52.50 -36.36 -11.89
N PRO B 983 -53.23 -35.73 -10.96
CA PRO B 983 -54.47 -35.06 -11.33
C PRO B 983 -54.20 -33.87 -12.22
N PRO B 984 -54.98 -33.71 -13.30
CA PRO B 984 -54.81 -32.53 -14.15
C PRO B 984 -55.06 -31.25 -13.36
N LEU B 985 -54.31 -30.22 -13.68
CA LEU B 985 -54.34 -28.96 -12.96
C LEU B 985 -54.78 -27.84 -13.89
N ASP B 986 -55.53 -26.89 -13.32
CA ASP B 986 -56.05 -25.76 -14.07
C ASP B 986 -55.04 -24.62 -14.09
N LEU B 987 -54.67 -24.19 -15.28
CA LEU B 987 -53.78 -23.07 -15.48
C LEU B 987 -54.51 -21.73 -15.48
N GLN B 988 -55.83 -21.74 -15.41
CA GLN B 988 -56.60 -20.51 -15.58
C GLN B 988 -56.51 -19.62 -14.35
N ALA B 989 -56.89 -20.16 -13.18
CA ALA B 989 -56.87 -19.36 -11.97
C ALA B 989 -55.45 -18.91 -11.62
N LEU B 990 -54.46 -19.74 -11.95
CA LEU B 990 -53.07 -19.37 -11.68
C LEU B 990 -52.67 -18.12 -12.46
N GLU B 991 -53.24 -17.94 -13.65
CA GLU B 991 -52.97 -16.74 -14.43
C GLU B 991 -53.44 -15.50 -13.68
N LYS B 992 -54.68 -15.53 -13.18
CA LYS B 992 -55.18 -14.40 -12.41
C LYS B 992 -54.39 -14.20 -11.13
N GLU B 993 -53.95 -15.29 -10.51
CA GLU B 993 -53.13 -15.17 -9.31
C GLU B 993 -51.83 -14.43 -9.60
N LEU B 994 -51.11 -14.85 -10.63
CA LEU B 994 -49.87 -14.17 -10.95
C LEU B 994 -50.11 -12.74 -11.42
N VAL B 995 -51.22 -12.48 -12.11
CA VAL B 995 -51.53 -11.11 -12.52
C VAL B 995 -51.73 -10.22 -11.31
N ASP B 996 -52.74 -10.53 -10.50
CA ASP B 996 -53.04 -9.64 -9.39
C ASP B 996 -51.94 -9.68 -8.32
N ARG B 997 -51.02 -10.64 -8.43
CA ARG B 997 -49.83 -10.59 -7.59
C ARG B 997 -48.82 -9.57 -8.12
N HIS B 998 -48.23 -9.84 -9.29
CA HIS B 998 -47.26 -8.90 -9.84
C HIS B 998 -47.41 -8.74 -11.35
N GLY B 999 -48.52 -9.18 -11.94
CA GLY B 999 -48.68 -9.21 -13.39
C GLY B 999 -49.65 -8.13 -13.85
N GLU B 1000 -49.38 -7.58 -15.00
CA GLU B 1000 -50.26 -6.55 -15.55
C GLU B 1000 -50.68 -6.84 -16.98
N GLU B 1001 -49.78 -7.32 -17.82
CA GLU B 1001 -50.11 -7.67 -19.20
C GLU B 1001 -49.41 -8.96 -19.58
N VAL B 1002 -49.45 -9.95 -18.70
CA VAL B 1002 -48.69 -11.18 -18.90
C VAL B 1002 -49.19 -11.94 -20.12
N THR B 1003 -48.39 -12.90 -20.56
CA THR B 1003 -48.65 -13.69 -21.75
C THR B 1003 -48.73 -15.17 -21.40
N PRO B 1004 -49.42 -15.97 -22.22
CA PRO B 1004 -49.48 -17.42 -21.94
C PRO B 1004 -48.11 -18.06 -21.88
N GLU B 1005 -47.13 -17.55 -22.62
CA GLU B 1005 -45.78 -18.05 -22.48
C GLU B 1005 -45.28 -17.88 -21.05
N ASP B 1006 -45.47 -16.69 -20.49
CA ASP B 1006 -45.07 -16.46 -19.11
C ASP B 1006 -45.93 -17.26 -18.15
N VAL B 1007 -47.20 -17.47 -18.48
CA VAL B 1007 -48.07 -18.30 -17.64
C VAL B 1007 -47.50 -19.70 -17.55
N LEU B 1008 -47.12 -20.27 -18.70
CA LEU B 1008 -46.51 -21.59 -18.71
C LEU B 1008 -45.19 -21.58 -17.95
N SER B 1009 -44.38 -20.54 -18.16
CA SER B 1009 -43.08 -20.46 -17.52
C SER B 1009 -43.23 -20.51 -16.01
N ALA B 1010 -44.20 -19.77 -15.48
CA ALA B 1010 -44.51 -19.86 -14.06
C ALA B 1010 -45.09 -21.23 -13.72
N ALA B 1011 -45.86 -21.82 -14.63
CA ALA B 1011 -46.49 -23.11 -14.34
C ALA B 1011 -45.44 -24.18 -14.07
N MET B 1012 -44.41 -24.25 -14.91
CA MET B 1012 -43.32 -25.18 -14.62
C MET B 1012 -42.47 -24.67 -13.46
N TYR B 1013 -41.98 -23.44 -13.57
CA TYR B 1013 -41.13 -22.85 -12.53
C TYR B 1013 -41.73 -21.53 -12.10
N PRO B 1014 -42.50 -21.52 -11.01
CA PRO B 1014 -43.05 -20.25 -10.52
C PRO B 1014 -42.09 -19.44 -9.68
N ASP B 1015 -41.25 -20.09 -8.87
CA ASP B 1015 -40.37 -19.35 -7.96
C ASP B 1015 -39.36 -18.51 -8.73
N VAL B 1016 -38.63 -19.15 -9.65
CA VAL B 1016 -37.63 -18.41 -10.41
C VAL B 1016 -38.29 -17.45 -11.38
N PHE B 1017 -39.50 -17.77 -11.86
CA PHE B 1017 -40.23 -16.82 -12.68
C PHE B 1017 -40.52 -15.55 -11.89
N ALA B 1018 -40.97 -15.71 -10.64
CA ALA B 1018 -41.21 -14.56 -9.79
C ALA B 1018 -39.93 -13.78 -9.53
N HIS B 1019 -38.84 -14.49 -9.26
CA HIS B 1019 -37.57 -13.82 -9.02
C HIS B 1019 -37.13 -13.03 -10.25
N PHE B 1020 -37.25 -13.63 -11.43
CA PHE B 1020 -36.86 -12.96 -12.67
C PHE B 1020 -37.73 -11.73 -12.91
N LYS B 1021 -39.03 -11.84 -12.68
CA LYS B 1021 -39.90 -10.70 -12.87
C LYS B 1021 -39.57 -9.59 -11.88
N ASP B 1022 -39.28 -9.96 -10.63
CA ASP B 1022 -38.91 -8.97 -9.64
C ASP B 1022 -37.63 -8.25 -10.04
N PHE B 1023 -36.63 -9.01 -10.49
CA PHE B 1023 -35.37 -8.41 -10.92
C PHE B 1023 -35.58 -7.49 -12.12
N THR B 1024 -36.39 -7.95 -13.09
CA THR B 1024 -36.62 -7.14 -14.28
C THR B 1024 -37.34 -5.84 -13.93
N ALA B 1025 -38.34 -5.92 -13.06
CA ALA B 1025 -39.00 -4.71 -12.59
C ALA B 1025 -38.06 -3.85 -11.74
N THR B 1026 -37.02 -4.45 -11.17
CA THR B 1026 -36.08 -3.69 -10.36
C THR B 1026 -35.12 -2.90 -11.23
N PHE B 1027 -34.43 -3.57 -12.15
CA PHE B 1027 -33.38 -2.94 -12.94
C PHE B 1027 -33.74 -2.76 -14.40
N GLY B 1028 -34.98 -3.05 -14.79
CA GLY B 1028 -35.42 -2.79 -16.14
C GLY B 1028 -35.11 -3.91 -17.11
N PRO B 1029 -35.32 -3.66 -18.41
CA PRO B 1029 -35.05 -4.69 -19.43
C PRO B 1029 -33.55 -4.85 -19.66
N LEU B 1030 -33.06 -6.06 -19.46
CA LEU B 1030 -31.66 -6.39 -19.65
C LEU B 1030 -31.45 -6.92 -21.07
N ASP B 1031 -30.30 -7.57 -21.31
CA ASP B 1031 -29.98 -8.23 -22.58
C ASP B 1031 -29.79 -7.24 -23.72
N SER B 1032 -29.35 -6.02 -23.39
CA SER B 1032 -28.89 -5.08 -24.38
C SER B 1032 -27.42 -4.72 -24.18
N LEU B 1033 -26.77 -5.29 -23.17
CA LEU B 1033 -25.41 -4.95 -22.82
C LEU B 1033 -24.42 -5.82 -23.59
N ASN B 1034 -23.21 -5.30 -23.74
CA ASN B 1034 -22.10 -6.15 -24.16
C ASN B 1034 -21.80 -7.14 -23.05
N THR B 1035 -21.36 -8.33 -23.44
CA THR B 1035 -21.15 -9.40 -22.47
C THR B 1035 -20.16 -8.98 -21.40
N ARG B 1036 -18.99 -8.50 -21.80
CA ARG B 1036 -18.04 -8.00 -20.82
C ARG B 1036 -18.63 -6.83 -20.05
N LEU B 1037 -19.36 -5.96 -20.75
CA LEU B 1037 -20.06 -4.88 -20.07
C LEU B 1037 -21.11 -5.44 -19.12
N PHE B 1038 -21.81 -6.51 -19.53
CA PHE B 1038 -22.83 -7.09 -18.68
C PHE B 1038 -22.25 -7.64 -17.40
N LEU B 1039 -21.13 -8.36 -17.49
CA LEU B 1039 -20.58 -9.07 -16.34
C LEU B 1039 -19.53 -8.28 -15.58
N GLN B 1040 -18.71 -7.49 -16.27
CA GLN B 1040 -17.75 -6.63 -15.59
C GLN B 1040 -18.35 -5.27 -15.28
N GLY B 1041 -18.97 -4.66 -16.27
CA GLY B 1041 -19.48 -3.31 -16.13
C GLY B 1041 -18.53 -2.31 -16.75
N PRO B 1042 -18.93 -1.04 -16.77
CA PRO B 1042 -18.08 -0.01 -17.37
C PRO B 1042 -16.83 0.22 -16.55
N LYS B 1043 -15.70 0.40 -17.23
CA LYS B 1043 -14.50 0.81 -16.53
C LYS B 1043 -14.42 2.33 -16.47
N ILE B 1044 -13.71 2.83 -15.46
CA ILE B 1044 -13.63 4.27 -15.24
C ILE B 1044 -12.89 4.93 -16.40
N ALA B 1045 -13.26 6.20 -16.65
CA ALA B 1045 -12.67 7.00 -17.73
C ALA B 1045 -12.82 6.30 -19.08
N GLU B 1046 -13.99 5.73 -19.32
CA GLU B 1046 -14.27 5.05 -20.57
C GLU B 1046 -15.68 5.38 -21.02
N GLU B 1047 -15.82 5.67 -22.31
CA GLU B 1047 -17.11 5.95 -22.91
C GLU B 1047 -17.51 4.78 -23.81
N PHE B 1048 -18.81 4.52 -23.87
CA PHE B 1048 -19.35 3.49 -24.74
C PHE B 1048 -20.78 3.84 -25.10
N GLU B 1049 -21.36 3.05 -25.98
CA GLU B 1049 -22.69 3.28 -26.50
C GLU B 1049 -23.58 2.08 -26.22
N VAL B 1050 -24.77 2.35 -25.68
CA VAL B 1050 -25.75 1.32 -25.40
C VAL B 1050 -27.04 1.67 -26.12
N GLU B 1051 -27.56 0.72 -26.90
CA GLU B 1051 -28.81 0.90 -27.62
C GLU B 1051 -29.93 0.29 -26.79
N LEU B 1052 -30.93 1.11 -26.47
CA LEU B 1052 -32.11 0.60 -25.78
C LEU B 1052 -33.17 0.16 -26.79
N GLU B 1053 -33.52 1.05 -27.72
CA GLU B 1053 -34.46 0.71 -28.79
C GLU B 1053 -33.91 1.17 -30.13
N ARG B 1054 -34.70 0.99 -31.19
CA ARG B 1054 -34.21 1.30 -32.53
C ARG B 1054 -33.80 2.77 -32.65
N GLY B 1055 -34.63 3.67 -32.14
CA GLY B 1055 -34.29 5.08 -32.14
C GLY B 1055 -33.71 5.51 -30.81
N LYS B 1056 -33.74 4.61 -29.83
CA LYS B 1056 -33.29 4.91 -28.48
C LYS B 1056 -31.90 4.32 -28.28
N THR B 1057 -30.89 5.07 -28.71
CA THR B 1057 -29.49 4.73 -28.49
C THR B 1057 -28.79 5.94 -27.90
N LEU B 1058 -27.95 5.71 -26.90
CA LEU B 1058 -27.33 6.82 -26.17
C LEU B 1058 -25.94 6.40 -25.73
N HIS B 1059 -25.25 7.33 -25.08
CA HIS B 1059 -23.84 7.17 -24.72
C HIS B 1059 -23.70 7.16 -23.21
N ILE B 1060 -22.73 6.38 -22.74
CA ILE B 1060 -22.43 6.29 -21.31
C ILE B 1060 -20.93 6.38 -21.12
N LYS B 1061 -20.51 7.17 -20.15
CA LYS B 1061 -19.11 7.28 -19.74
C LYS B 1061 -19.05 7.35 -18.22
N ALA B 1062 -17.94 6.90 -17.66
CA ALA B 1062 -17.78 6.80 -16.21
C ALA B 1062 -16.83 7.89 -15.72
N LEU B 1063 -17.20 8.55 -14.62
CA LEU B 1063 -16.34 9.59 -14.04
C LEU B 1063 -15.46 9.00 -12.94
N ALA B 1064 -16.08 8.53 -11.87
CA ALA B 1064 -15.36 8.08 -10.68
C ALA B 1064 -16.31 7.53 -9.64
N VAL B 1065 -15.76 7.11 -8.49
CA VAL B 1065 -16.52 6.49 -7.42
C VAL B 1065 -16.22 7.21 -6.12
N SER B 1066 -17.26 7.43 -5.31
CA SER B 1066 -17.09 8.04 -4.00
C SER B 1066 -16.73 6.97 -2.97
N ASP B 1067 -16.74 7.34 -1.70
CA ASP B 1067 -16.45 6.43 -0.60
C ASP B 1067 -17.63 6.35 0.35
N LEU B 1068 -17.58 5.37 1.25
CA LEU B 1068 -18.61 5.17 2.25
C LEU B 1068 -18.92 6.49 2.97
N ASN B 1069 -20.14 6.98 2.78
CA ASN B 1069 -20.47 8.30 3.33
C ASN B 1069 -20.82 8.19 4.81
N ARG B 1070 -21.91 7.51 5.14
CA ARG B 1070 -22.19 7.19 6.53
C ARG B 1070 -22.75 5.79 6.74
N ALA B 1071 -23.46 5.21 5.77
CA ALA B 1071 -24.21 3.98 5.95
C ALA B 1071 -23.95 3.05 4.79
N GLY B 1072 -22.69 2.94 4.40
CA GLY B 1072 -22.33 2.06 3.30
C GLY B 1072 -22.96 2.46 1.98
N GLN B 1073 -22.95 3.75 1.66
CA GLN B 1073 -23.50 4.23 0.41
C GLN B 1073 -22.42 4.93 -0.40
N ARG B 1074 -22.43 4.68 -1.70
CA ARG B 1074 -21.41 5.18 -2.61
C ARG B 1074 -22.06 6.04 -3.68
N GLN B 1075 -21.39 7.10 -4.09
CA GLN B 1075 -21.92 8.00 -5.12
C GLN B 1075 -21.04 7.86 -6.35
N VAL B 1076 -21.65 7.56 -7.49
CA VAL B 1076 -20.93 7.34 -8.73
C VAL B 1076 -21.50 8.25 -9.81
N PHE B 1077 -20.63 8.82 -10.63
CA PHE B 1077 -20.98 9.86 -11.57
C PHE B 1077 -20.81 9.35 -12.99
N PHE B 1078 -21.80 9.62 -13.85
CA PHE B 1078 -21.83 9.14 -15.21
C PHE B 1078 -22.00 10.31 -16.18
N GLU B 1079 -21.27 10.28 -17.28
CA GLU B 1079 -21.51 11.19 -18.40
C GLU B 1079 -22.75 10.73 -19.14
N LEU B 1080 -23.67 11.64 -19.41
CA LEU B 1080 -24.76 11.37 -20.33
C LEU B 1080 -24.22 11.62 -21.73
N ASN B 1081 -25.10 11.64 -22.74
CA ASN B 1081 -24.67 11.99 -24.08
C ASN B 1081 -24.03 13.38 -24.09
N GLY B 1082 -24.57 14.30 -23.28
CA GLY B 1082 -23.96 15.60 -23.13
C GLY B 1082 -24.05 16.14 -21.72
N GLN B 1083 -24.62 15.36 -20.80
CA GLN B 1083 -24.88 15.80 -19.44
C GLN B 1083 -24.25 14.83 -18.45
N LEU B 1084 -24.56 15.02 -17.17
CA LEU B 1084 -23.99 14.25 -16.08
C LEU B 1084 -25.08 13.81 -15.12
N ARG B 1085 -24.90 12.64 -14.52
CA ARG B 1085 -25.83 12.08 -13.55
C ARG B 1085 -25.09 11.55 -12.35
N SER B 1086 -25.79 11.52 -11.22
CA SER B 1086 -25.25 11.03 -9.95
C SER B 1086 -26.25 10.09 -9.31
N ILE B 1087 -25.76 8.99 -8.76
CA ILE B 1087 -26.61 7.97 -8.16
C ILE B 1087 -25.90 7.33 -6.99
N LEU B 1088 -26.68 6.91 -6.00
CA LEU B 1088 -26.17 6.30 -4.78
C LEU B 1088 -26.44 4.81 -4.77
N VAL B 1089 -25.45 4.04 -4.31
CA VAL B 1089 -25.54 2.59 -4.23
C VAL B 1089 -25.26 2.17 -2.80
N LYS B 1090 -26.12 1.32 -2.25
CA LYS B 1090 -25.96 0.81 -0.89
C LYS B 1090 -24.92 -0.32 -0.94
N ASP B 1091 -23.81 -0.12 -0.24
CA ASP B 1091 -22.80 -1.16 -0.16
C ASP B 1091 -23.29 -2.32 0.69
N THR B 1092 -22.71 -3.49 0.46
CA THR B 1092 -23.08 -4.69 1.21
C THR B 1092 -22.00 -5.16 2.17
N GLN B 1093 -20.74 -4.76 1.95
CA GLN B 1093 -19.63 -5.21 2.77
C GLN B 1093 -19.45 -4.38 4.03
N ALA B 1094 -20.46 -3.63 4.43
CA ALA B 1094 -20.41 -2.79 5.62
C ALA B 1094 -21.28 -3.43 6.70
N MET B 1095 -20.64 -4.12 7.65
CA MET B 1095 -21.33 -4.70 8.81
C MET B 1095 -20.96 -3.89 10.04
N LYS B 1096 -21.98 -3.36 10.72
CA LYS B 1096 -21.80 -2.56 11.93
C LYS B 1096 -22.53 -3.25 13.09
N GLU B 1097 -21.85 -3.36 14.23
CA GLU B 1097 -22.42 -4.06 15.37
C GLU B 1097 -22.07 -3.32 16.66
N MET B 1098 -22.89 -3.56 17.69
CA MET B 1098 -22.69 -3.00 19.01
C MET B 1098 -22.70 -4.13 20.03
N HIS B 1099 -21.85 -4.00 21.05
CA HIS B 1099 -21.71 -5.06 22.06
C HIS B 1099 -21.14 -4.44 23.33
N PHE B 1100 -20.63 -5.31 24.21
CA PHE B 1100 -20.01 -4.94 25.48
C PHE B 1100 -21.06 -4.44 26.47
N HIS B 1101 -20.60 -4.02 27.65
CA HIS B 1101 -21.51 -3.63 28.72
C HIS B 1101 -22.33 -2.41 28.30
N PRO B 1102 -23.62 -2.36 28.66
CA PRO B 1102 -24.45 -1.20 28.30
C PRO B 1102 -24.18 -0.01 29.19
N LYS B 1103 -24.98 1.04 29.03
CA LYS B 1103 -24.81 2.28 29.77
C LYS B 1103 -25.93 2.43 30.79
N ALA B 1104 -25.58 2.92 31.97
CA ALA B 1104 -26.57 3.14 33.03
C ALA B 1104 -27.51 4.27 32.64
N LEU B 1105 -28.79 4.08 32.91
CA LEU B 1105 -29.81 5.05 32.54
C LEU B 1105 -30.05 6.02 33.69
N LYS B 1106 -30.05 7.32 33.36
CA LYS B 1106 -30.08 8.35 34.40
C LYS B 1106 -31.42 8.41 35.12
N ASP B 1107 -32.52 8.28 34.36
CA ASP B 1107 -33.85 8.40 34.97
C ASP B 1107 -34.08 7.30 36.00
N VAL B 1108 -33.53 6.11 35.77
CA VAL B 1108 -33.65 5.00 36.71
C VAL B 1108 -32.65 5.26 37.84
N LYS B 1109 -33.14 5.81 38.96
CA LYS B 1109 -32.28 6.04 40.11
C LYS B 1109 -31.76 4.74 40.69
N GLY B 1110 -32.54 3.66 40.57
CA GLY B 1110 -32.07 2.37 41.05
C GLY B 1110 -30.84 1.88 40.32
N GLN B 1111 -30.75 2.17 39.02
CA GLN B 1111 -29.56 1.82 38.25
C GLN B 1111 -28.35 2.55 38.80
N ILE B 1112 -27.26 1.82 38.99
CA ILE B 1112 -26.02 2.37 39.52
C ILE B 1112 -24.95 2.27 38.44
N GLY B 1113 -24.36 3.41 38.08
CA GLY B 1113 -23.34 3.45 37.07
C GLY B 1113 -21.95 3.65 37.64
N ALA B 1114 -20.95 3.28 36.86
CA ALA B 1114 -19.56 3.44 37.28
C ALA B 1114 -19.17 4.91 37.26
N PRO B 1115 -18.71 5.49 38.38
CA PRO B 1115 -18.36 6.91 38.36
C PRO B 1115 -17.10 7.21 37.56
N MET B 1116 -16.18 6.27 37.48
CA MET B 1116 -14.88 6.55 36.87
C MET B 1116 -14.53 5.36 35.99
N PRO B 1117 -13.66 5.56 35.00
CA PRO B 1117 -13.18 4.41 34.22
C PRO B 1117 -12.00 3.74 34.89
N GLY B 1118 -12.11 2.42 35.08
CA GLY B 1118 -11.07 1.72 35.80
C GLY B 1118 -11.32 0.23 35.84
N LYS B 1119 -10.53 -0.44 36.68
CA LYS B 1119 -10.53 -1.90 36.80
C LYS B 1119 -11.34 -2.32 38.01
N VAL B 1120 -12.16 -3.35 37.83
CA VAL B 1120 -12.94 -3.89 38.93
C VAL B 1120 -12.01 -4.71 39.82
N ILE B 1121 -11.95 -4.35 41.10
CA ILE B 1121 -11.04 -5.00 42.04
C ILE B 1121 -11.83 -6.00 42.88
N ASP B 1122 -12.79 -5.49 43.65
CA ASP B 1122 -13.62 -6.32 44.51
C ASP B 1122 -15.06 -5.84 44.44
N ILE B 1123 -15.99 -6.77 44.66
CA ILE B 1123 -17.41 -6.47 44.71
C ILE B 1123 -17.88 -6.77 46.12
N LYS B 1124 -18.42 -5.74 46.78
CA LYS B 1124 -18.77 -5.87 48.19
C LYS B 1124 -19.98 -6.78 48.38
N VAL B 1125 -21.01 -6.64 47.53
CA VAL B 1125 -22.28 -7.33 47.71
C VAL B 1125 -22.51 -8.28 46.55
N VAL B 1126 -22.96 -9.49 46.88
CA VAL B 1126 -23.34 -10.48 45.88
C VAL B 1126 -24.80 -10.29 45.52
N ALA B 1127 -25.15 -10.56 44.26
CA ALA B 1127 -26.53 -10.38 43.80
C ALA B 1127 -27.49 -11.18 44.65
N GLY B 1128 -28.61 -10.56 45.00
CA GLY B 1128 -29.60 -11.19 45.86
C GLY B 1128 -29.44 -10.91 47.33
N ALA B 1129 -28.63 -9.94 47.71
CA ALA B 1129 -28.39 -9.62 49.10
C ALA B 1129 -28.85 -8.20 49.42
N LYS B 1130 -29.31 -8.00 50.65
CA LYS B 1130 -29.74 -6.69 51.10
C LYS B 1130 -28.55 -5.73 51.18
N VAL B 1131 -28.77 -4.48 50.78
CA VAL B 1131 -27.74 -3.45 50.80
C VAL B 1131 -28.28 -2.27 51.58
N ALA B 1132 -27.47 -1.75 52.51
CA ALA B 1132 -27.86 -0.62 53.32
C ALA B 1132 -27.46 0.69 52.63
N LYS B 1133 -28.12 1.78 53.04
CA LYS B 1133 -27.78 3.09 52.51
C LYS B 1133 -26.37 3.49 52.93
N GLY B 1134 -25.62 4.05 51.98
CA GLY B 1134 -24.25 4.43 52.25
C GLY B 1134 -23.35 3.25 52.55
N GLN B 1135 -23.52 2.15 51.80
CA GLN B 1135 -22.74 0.94 51.98
C GLN B 1135 -21.84 0.71 50.78
N PRO B 1136 -20.59 0.26 51.01
CA PRO B 1136 -19.69 0.01 49.88
C PRO B 1136 -20.26 -1.05 48.93
N LEU B 1137 -20.04 -0.83 47.64
CA LEU B 1137 -20.52 -1.76 46.62
C LEU B 1137 -19.38 -2.34 45.78
N CYS B 1138 -18.49 -1.49 45.25
CA CYS B 1138 -17.40 -1.96 44.41
C CYS B 1138 -16.22 -1.01 44.57
N VAL B 1139 -15.04 -1.50 44.20
CA VAL B 1139 -13.79 -0.75 44.30
C VAL B 1139 -13.17 -0.64 42.92
N LEU B 1140 -12.79 0.58 42.54
CA LEU B 1140 -12.21 0.86 41.23
C LEU B 1140 -10.86 1.54 41.41
N SER B 1141 -9.85 1.04 40.71
CA SER B 1141 -8.50 1.58 40.77
C SER B 1141 -7.87 1.53 39.37
N ALA B 1142 -7.43 2.69 38.89
CA ALA B 1142 -6.86 2.72 37.55
C ALA B 1142 -5.36 3.07 37.55
N MET B 1143 -5.01 4.25 38.04
CA MET B 1143 -3.61 4.67 38.06
C MET B 1143 -3.14 5.02 39.47
N LYS B 1144 -3.86 5.90 40.16
CA LYS B 1144 -3.74 6.05 41.61
C LYS B 1144 -5.08 6.30 42.29
N MET B 1145 -6.17 6.43 41.53
CA MET B 1145 -7.47 6.83 42.06
C MET B 1145 -8.19 5.59 42.60
N GLU B 1146 -8.43 5.58 43.91
CA GLU B 1146 -9.21 4.54 44.56
C GLU B 1146 -10.60 5.07 44.86
N THR B 1147 -11.61 4.36 44.37
CA THR B 1147 -12.99 4.76 44.54
C THR B 1147 -13.81 3.56 45.01
N VAL B 1148 -14.62 3.79 46.03
CA VAL B 1148 -15.56 2.79 46.53
C VAL B 1148 -16.97 3.30 46.27
N VAL B 1149 -17.77 2.48 45.59
CA VAL B 1149 -19.13 2.86 45.21
C VAL B 1149 -20.04 2.66 46.41
N THR B 1150 -20.72 3.72 46.81
CA THR B 1150 -21.67 3.67 47.91
C THR B 1150 -23.05 3.35 47.39
N SER B 1151 -23.87 2.78 48.25
CA SER B 1151 -25.24 2.44 47.86
C SER B 1151 -26.07 3.70 47.77
N PRO B 1152 -26.63 4.03 46.60
CA PRO B 1152 -27.48 5.22 46.51
C PRO B 1152 -28.71 5.15 47.40
N MET B 1153 -29.24 3.95 47.62
CA MET B 1153 -30.45 3.75 48.39
C MET B 1153 -30.28 2.49 49.25
N GLU B 1154 -31.32 2.18 50.01
CA GLU B 1154 -31.35 0.97 50.83
C GLU B 1154 -32.29 -0.03 50.17
N GLY B 1155 -31.72 -1.16 49.72
CA GLY B 1155 -32.52 -2.18 49.08
C GLY B 1155 -31.65 -3.32 48.63
N THR B 1156 -32.28 -4.48 48.48
CA THR B 1156 -31.56 -5.66 48.02
C THR B 1156 -31.11 -5.48 46.57
N VAL B 1157 -29.97 -6.06 46.26
CA VAL B 1157 -29.45 -6.04 44.89
C VAL B 1157 -30.07 -7.19 44.11
N ARG B 1158 -30.38 -6.93 42.84
CA ARG B 1158 -31.06 -7.91 41.99
C ARG B 1158 -30.12 -8.59 41.02
N LYS B 1159 -29.24 -7.84 40.36
CA LYS B 1159 -28.29 -8.42 39.41
C LYS B 1159 -26.98 -7.65 39.49
N VAL B 1160 -25.87 -8.37 39.34
CA VAL B 1160 -24.54 -7.78 39.33
C VAL B 1160 -24.14 -7.59 37.86
N HIS B 1161 -24.50 -6.45 37.30
CA HIS B 1161 -24.08 -6.12 35.95
C HIS B 1161 -22.58 -5.88 35.85
N VAL B 1162 -21.95 -5.47 36.96
CA VAL B 1162 -20.51 -5.21 36.96
C VAL B 1162 -19.71 -6.47 36.67
N THR B 1163 -20.26 -7.64 36.99
CA THR B 1163 -19.59 -8.94 36.78
C THR B 1163 -18.28 -8.90 37.56
N LYS B 1164 -17.14 -9.26 36.96
CA LYS B 1164 -15.87 -9.26 37.67
C LYS B 1164 -14.72 -9.36 36.68
N ASP B 1165 -13.64 -8.66 37.02
CA ASP B 1165 -12.36 -8.79 36.33
C ASP B 1165 -12.46 -8.46 34.84
N MET B 1166 -13.26 -7.43 34.54
CA MET B 1166 -13.30 -6.84 33.21
C MET B 1166 -13.39 -5.32 33.39
N THR B 1167 -12.57 -4.59 32.64
CA THR B 1167 -12.52 -3.14 32.78
C THR B 1167 -13.84 -2.51 32.39
N LEU B 1168 -14.25 -1.51 33.16
CA LEU B 1168 -15.49 -0.79 32.92
C LEU B 1168 -15.23 0.70 33.00
N GLU B 1169 -15.78 1.44 32.03
CA GLU B 1169 -15.57 2.88 31.97
C GLU B 1169 -16.69 3.60 32.71
N GLY B 1170 -16.59 4.93 32.75
CA GLY B 1170 -17.55 5.70 33.52
C GLY B 1170 -18.94 5.61 32.95
N ASP B 1171 -19.94 5.74 33.83
CA ASP B 1171 -21.35 5.70 33.46
C ASP B 1171 -21.72 4.37 32.81
N ASP B 1172 -21.32 3.28 33.45
CA ASP B 1172 -21.71 1.93 33.05
C ASP B 1172 -22.45 1.27 34.19
N LEU B 1173 -23.60 0.67 33.88
CA LEU B 1173 -24.43 0.02 34.88
C LEU B 1173 -23.66 -1.06 35.63
N ILE B 1174 -23.37 -0.84 36.90
CA ILE B 1174 -22.68 -1.85 37.70
C ILE B 1174 -23.65 -2.64 38.57
N LEU B 1175 -24.69 -1.99 39.09
CA LEU B 1175 -25.67 -2.65 39.94
C LEU B 1175 -27.03 -2.03 39.68
N GLU B 1176 -28.07 -2.86 39.71
CA GLU B 1176 -29.44 -2.40 39.50
C GLU B 1176 -30.27 -2.68 40.74
N ILE B 1177 -31.03 -1.69 41.18
CA ILE B 1177 -31.86 -1.78 42.37
C ILE B 1177 -33.31 -1.53 41.97
N GLU B 1178 -34.19 -2.43 42.39
CA GLU B 1178 -35.63 -2.27 42.12
C GLU B 1178 -36.35 -1.74 43.35
N ASN C 495 33.22 -27.36 -0.46
CA ASN C 495 31.82 -27.70 -0.25
C ASN C 495 31.01 -27.52 -1.52
N ARG C 496 29.72 -27.81 -1.43
CA ARG C 496 28.78 -27.59 -2.52
C ARG C 496 27.52 -26.86 -2.11
N ALA C 497 27.13 -26.93 -0.84
CA ALA C 497 25.85 -26.36 -0.41
C ALA C 497 25.80 -24.86 -0.68
N GLN C 498 26.94 -24.18 -0.58
CA GLN C 498 26.92 -22.72 -0.67
C GLN C 498 26.42 -22.24 -2.03
N LYS C 499 26.83 -22.90 -3.11
CA LYS C 499 26.40 -22.48 -4.44
C LYS C 499 24.89 -22.57 -4.58
N LEU C 500 24.32 -23.70 -4.20
CA LEU C 500 22.88 -23.90 -4.33
C LEU C 500 22.11 -22.99 -3.39
N LEU C 501 22.65 -22.74 -2.20
CA LEU C 501 22.01 -21.82 -1.28
C LEU C 501 21.99 -20.42 -1.85
N HIS C 502 23.10 -20.02 -2.47
CA HIS C 502 23.14 -18.73 -3.15
C HIS C 502 22.13 -18.68 -4.29
N TYR C 503 21.99 -19.80 -5.01
CA TYR C 503 21.01 -19.85 -6.09
C TYR C 503 19.61 -19.64 -5.54
N LEU C 504 19.29 -20.31 -4.42
CA LEU C 504 17.97 -20.16 -3.82
C LEU C 504 17.74 -18.73 -3.38
N GLY C 505 18.73 -18.11 -2.74
CA GLY C 505 18.59 -16.73 -2.34
C GLY C 505 18.39 -15.80 -3.54
N HIS C 506 19.13 -16.04 -4.61
CA HIS C 506 18.97 -15.25 -5.82
C HIS C 506 17.57 -15.41 -6.41
N VAL C 507 17.06 -16.63 -6.39
CA VAL C 507 15.72 -16.89 -6.91
C VAL C 507 14.69 -16.16 -6.07
N MET C 508 14.90 -16.13 -4.75
CA MET C 508 14.00 -15.37 -3.89
C MET C 508 14.05 -13.89 -4.23
N VAL C 509 15.25 -13.32 -4.32
CA VAL C 509 15.39 -11.88 -4.54
C VAL C 509 14.95 -11.53 -5.96
N ASN C 510 15.49 -12.23 -6.95
CA ASN C 510 15.19 -11.95 -8.34
C ASN C 510 14.03 -12.83 -8.79
N GLY C 511 13.77 -12.84 -10.10
CA GLY C 511 12.80 -13.73 -10.66
C GLY C 511 13.45 -15.01 -11.13
N PRO C 512 12.68 -15.92 -11.71
CA PRO C 512 13.28 -17.10 -12.32
C PRO C 512 14.21 -16.69 -13.45
N THR C 513 15.34 -17.40 -13.55
CA THR C 513 16.33 -17.06 -14.58
C THR C 513 15.77 -17.31 -15.97
N THR C 514 15.10 -18.44 -16.17
CA THR C 514 14.47 -18.73 -17.44
C THR C 514 13.32 -17.76 -17.68
N PRO C 515 13.14 -17.30 -18.92
CA PRO C 515 12.04 -16.38 -19.20
C PRO C 515 10.69 -17.06 -19.06
N ILE C 516 9.69 -16.27 -18.67
CA ILE C 516 8.35 -16.77 -18.40
C ILE C 516 7.44 -16.27 -19.53
N PRO C 517 6.91 -17.17 -20.36
CA PRO C 517 5.97 -16.70 -21.40
C PRO C 517 4.68 -16.15 -20.84
N VAL C 518 4.00 -16.91 -19.99
CA VAL C 518 2.71 -16.53 -19.43
C VAL C 518 2.83 -16.50 -17.92
N LYS C 519 2.33 -15.44 -17.30
CA LYS C 519 2.46 -15.24 -15.87
C LYS C 519 1.48 -16.14 -15.12
N ALA C 520 2.02 -17.12 -14.40
CA ALA C 520 1.22 -18.03 -13.61
C ALA C 520 2.09 -18.64 -12.52
N SER C 521 1.51 -19.55 -11.75
CA SER C 521 2.21 -20.23 -10.68
C SER C 521 1.96 -21.73 -10.77
N PRO C 522 2.93 -22.55 -10.39
CA PRO C 522 2.71 -24.00 -10.38
C PRO C 522 1.67 -24.39 -9.35
N SER C 523 0.92 -25.44 -9.69
CA SER C 523 -0.14 -25.90 -8.81
C SER C 523 0.45 -26.53 -7.55
N PRO C 524 -0.23 -26.43 -6.41
CA PRO C 524 0.26 -27.04 -5.17
C PRO C 524 -0.13 -28.51 -5.04
N THR C 525 0.07 -29.27 -6.11
CA THR C 525 -0.35 -30.67 -6.17
C THR C 525 0.79 -31.53 -6.67
N ASP C 526 1.02 -32.65 -6.01
CA ASP C 526 2.05 -33.59 -6.44
C ASP C 526 1.37 -34.76 -7.13
N PRO C 527 1.78 -35.10 -8.36
CA PRO C 527 1.15 -36.22 -9.07
C PRO C 527 1.34 -37.54 -8.31
N VAL C 528 0.35 -38.41 -8.46
CA VAL C 528 0.33 -39.69 -7.74
C VAL C 528 1.14 -40.70 -8.54
N VAL C 529 2.16 -41.26 -7.92
CA VAL C 529 2.97 -42.31 -8.53
C VAL C 529 2.23 -43.64 -8.39
N PRO C 530 1.98 -44.36 -9.47
CA PRO C 530 1.35 -45.67 -9.36
C PRO C 530 2.29 -46.69 -8.71
N ALA C 531 1.68 -47.70 -8.12
CA ALA C 531 2.44 -48.74 -7.43
C ALA C 531 3.26 -49.56 -8.42
N VAL C 532 4.41 -50.03 -7.96
CA VAL C 532 5.34 -50.79 -8.80
C VAL C 532 5.68 -52.11 -8.12
N PRO C 533 6.00 -53.15 -8.86
CA PRO C 533 6.43 -54.42 -8.25
C PRO C 533 7.88 -54.33 -7.81
N ILE C 534 8.41 -55.48 -7.37
CA ILE C 534 9.75 -55.56 -6.82
C ILE C 534 10.68 -56.34 -7.75
N GLY C 535 10.18 -57.40 -8.39
CA GLY C 535 11.00 -58.27 -9.19
C GLY C 535 11.60 -57.57 -10.40
N PRO C 536 12.49 -58.26 -11.10
CA PRO C 536 13.13 -57.66 -12.27
C PRO C 536 12.11 -57.36 -13.35
N PRO C 537 12.38 -56.36 -14.21
CA PRO C 537 11.45 -56.05 -15.26
C PRO C 537 11.29 -57.23 -16.20
N PRO C 538 10.13 -57.39 -16.81
CA PRO C 538 9.90 -58.53 -17.70
C PRO C 538 10.77 -58.46 -18.95
N ALA C 539 10.60 -59.42 -19.84
CA ALA C 539 11.36 -59.46 -21.08
C ALA C 539 10.61 -58.71 -22.18
N GLY C 540 11.27 -57.70 -22.76
CA GLY C 540 10.67 -56.96 -23.83
C GLY C 540 11.27 -57.31 -25.17
N PHE C 541 11.94 -56.36 -25.80
CA PHE C 541 12.55 -56.58 -27.09
C PHE C 541 14.05 -56.34 -27.09
N ARG C 542 14.60 -55.76 -26.01
CA ARG C 542 16.04 -55.59 -25.93
C ARG C 542 16.75 -56.94 -25.92
N ASP C 543 16.14 -57.93 -25.28
CA ASP C 543 16.67 -59.29 -25.34
C ASP C 543 16.68 -59.82 -26.78
N ILE C 544 15.60 -59.56 -27.52
CA ILE C 544 15.47 -60.11 -28.87
C ILE C 544 16.56 -59.54 -29.77
N LEU C 545 16.70 -58.22 -29.79
CA LEU C 545 17.77 -57.60 -30.56
C LEU C 545 19.14 -57.95 -30.00
N LEU C 546 19.22 -58.23 -28.70
CA LEU C 546 20.48 -58.67 -28.11
C LEU C 546 20.92 -60.00 -28.67
N ARG C 547 20.00 -60.94 -28.78
CA ARG C 547 20.29 -62.29 -29.24
C ARG C 547 20.19 -62.43 -30.75
N GLU C 548 19.81 -61.36 -31.45
CA GLU C 548 19.70 -61.42 -32.91
C GLU C 548 20.40 -60.22 -33.52
N GLY C 549 20.32 -60.10 -34.83
CA GLY C 549 20.78 -58.90 -35.50
C GLY C 549 19.61 -57.95 -35.67
N PRO C 550 19.89 -56.73 -36.13
CA PRO C 550 18.79 -55.83 -36.48
C PRO C 550 17.86 -56.42 -37.52
N GLU C 551 18.40 -57.14 -38.49
CA GLU C 551 17.56 -57.82 -39.47
C GLU C 551 16.76 -58.94 -38.82
N GLY C 552 17.38 -59.74 -37.96
CA GLY C 552 16.65 -60.80 -37.29
C GLY C 552 15.55 -60.24 -36.39
N PHE C 553 15.86 -59.20 -35.64
CA PHE C 553 14.86 -58.57 -34.78
C PHE C 553 13.72 -57.97 -35.60
N ALA C 554 14.05 -57.30 -36.71
CA ALA C 554 13.03 -56.73 -37.56
C ALA C 554 12.15 -57.82 -38.16
N ARG C 555 12.75 -58.93 -38.56
CA ARG C 555 11.99 -60.06 -39.07
C ARG C 555 11.05 -60.59 -38.01
N ALA C 556 11.54 -60.72 -36.78
CA ALA C 556 10.69 -61.21 -35.69
C ALA C 556 9.52 -60.25 -35.45
N VAL C 557 9.78 -58.95 -35.48
CA VAL C 557 8.72 -57.97 -35.28
C VAL C 557 7.69 -58.07 -36.40
N ARG C 558 8.15 -58.16 -37.65
CA ARG C 558 7.23 -58.29 -38.77
C ARG C 558 6.41 -59.56 -38.67
N ASN C 559 7.03 -60.65 -38.20
CA ASN C 559 6.34 -61.93 -38.09
C ASN C 559 5.23 -61.90 -37.05
N HIS C 560 5.29 -60.97 -36.10
CA HIS C 560 4.27 -60.93 -35.06
C HIS C 560 2.91 -60.61 -35.66
N PRO C 561 1.89 -61.38 -35.36
CA PRO C 561 0.53 -61.00 -35.73
C PRO C 561 -0.07 -60.04 -34.73
N GLY C 562 -0.44 -58.85 -35.18
CA GLY C 562 -1.00 -57.85 -34.29
C GLY C 562 -0.49 -56.46 -34.58
N LEU C 563 -0.38 -55.64 -33.53
CA LEU C 563 0.11 -54.28 -33.68
C LEU C 563 1.03 -53.94 -32.52
N LEU C 564 2.06 -53.16 -32.81
CA LEU C 564 3.02 -52.69 -31.82
C LEU C 564 3.02 -51.17 -31.82
N LEU C 565 3.13 -50.59 -30.62
CA LEU C 565 2.87 -49.18 -30.44
C LEU C 565 4.14 -48.41 -30.10
N MET C 566 4.19 -47.16 -30.56
CA MET C 566 5.28 -46.25 -30.30
C MET C 566 4.80 -45.14 -29.38
N ASP C 567 5.51 -44.93 -28.28
CA ASP C 567 5.19 -43.87 -27.33
C ASP C 567 6.13 -42.69 -27.56
N THR C 568 5.55 -41.54 -27.89
CA THR C 568 6.32 -40.32 -28.13
C THR C 568 6.06 -39.27 -27.06
N THR C 569 5.51 -39.69 -25.92
CA THR C 569 5.22 -38.75 -24.85
C THR C 569 6.48 -38.21 -24.18
N PHE C 570 7.64 -38.79 -24.45
CA PHE C 570 8.89 -38.31 -23.89
C PHE C 570 9.66 -37.39 -24.82
N ARG C 571 9.34 -37.37 -26.11
CA ARG C 571 9.97 -36.41 -27.02
C ARG C 571 8.95 -35.47 -27.65
N ASP C 572 7.98 -35.99 -28.40
CA ASP C 572 7.18 -35.12 -29.26
C ASP C 572 6.14 -34.34 -28.47
N ALA C 573 5.52 -34.97 -27.46
CA ALA C 573 4.48 -34.29 -26.70
C ALA C 573 5.02 -33.04 -26.01
N HIS C 574 6.32 -33.04 -25.68
CA HIS C 574 6.96 -31.88 -25.09
C HIS C 574 6.72 -30.63 -25.93
N GLN C 575 7.29 -30.62 -27.13
CA GLN C 575 7.13 -29.46 -28.00
C GLN C 575 5.72 -29.30 -28.51
N SER C 576 4.96 -30.40 -28.61
CA SER C 576 3.59 -30.29 -29.08
C SER C 576 2.73 -29.50 -28.11
N LEU C 577 2.90 -29.75 -26.81
CA LEU C 577 2.06 -29.12 -25.80
C LEU C 577 2.78 -28.05 -25.00
N LEU C 578 4.11 -28.13 -24.89
CA LEU C 578 4.90 -27.18 -24.15
C LEU C 578 6.02 -26.65 -25.04
N ALA C 579 6.93 -25.91 -24.43
CA ALA C 579 8.18 -25.52 -25.08
C ALA C 579 9.31 -26.47 -24.77
N THR C 580 8.99 -27.74 -24.50
CA THR C 580 9.99 -28.77 -24.18
C THR C 580 10.83 -28.33 -22.98
N ARG C 581 10.16 -27.97 -21.89
CA ARG C 581 10.83 -27.51 -20.69
C ARG C 581 10.86 -28.55 -19.59
N VAL C 582 10.45 -29.78 -19.86
CA VAL C 582 10.33 -30.78 -18.82
C VAL C 582 11.72 -31.15 -18.29
N ARG C 583 11.85 -31.16 -16.97
CA ARG C 583 13.09 -31.57 -16.34
C ARG C 583 13.28 -33.09 -16.51
N THR C 584 14.34 -33.59 -15.90
CA THR C 584 14.54 -35.02 -15.79
C THR C 584 14.17 -35.55 -14.41
N HIS C 585 14.24 -34.70 -13.39
CA HIS C 585 13.91 -35.13 -12.02
C HIS C 585 12.49 -35.68 -11.95
N ASP C 586 11.56 -34.99 -12.60
CA ASP C 586 10.19 -35.51 -12.70
C ASP C 586 10.13 -36.76 -13.55
N LEU C 587 10.96 -36.84 -14.59
CA LEU C 587 10.94 -38.00 -15.48
C LEU C 587 11.32 -39.26 -14.73
N LYS C 588 12.35 -39.19 -13.87
CA LYS C 588 12.85 -40.36 -13.18
C LYS C 588 11.96 -40.72 -12.01
N LYS C 589 10.64 -40.81 -12.26
CA LYS C 589 9.69 -41.19 -11.24
C LYS C 589 8.70 -42.25 -11.69
N ILE C 590 8.56 -42.47 -13.00
CA ILE C 590 7.71 -43.53 -13.51
C ILE C 590 8.50 -44.59 -14.25
N ALA C 591 9.78 -44.37 -14.49
CA ALA C 591 10.59 -45.35 -15.21
C ALA C 591 10.51 -46.76 -14.61
N PRO C 592 10.61 -46.97 -13.29
CA PRO C 592 10.40 -48.32 -12.77
C PRO C 592 9.01 -48.87 -13.08
N TYR C 593 8.00 -48.00 -13.08
CA TYR C 593 6.64 -48.48 -13.36
C TYR C 593 6.51 -49.01 -14.77
N VAL C 594 6.91 -48.20 -15.76
CA VAL C 594 6.72 -48.58 -17.14
C VAL C 594 7.61 -49.76 -17.51
N ALA C 595 8.85 -49.78 -17.00
CA ALA C 595 9.75 -50.89 -17.30
C ALA C 595 9.20 -52.20 -16.77
N HIS C 596 8.48 -52.15 -15.65
CA HIS C 596 7.80 -53.33 -15.12
C HIS C 596 6.46 -53.54 -15.83
N ASN C 597 5.65 -52.49 -15.90
CA ASN C 597 4.27 -52.65 -16.37
C ASN C 597 4.20 -52.86 -17.87
N PHE C 598 5.01 -52.14 -18.64
CA PHE C 598 4.89 -52.16 -20.09
C PHE C 598 6.02 -52.98 -20.69
N SER C 599 5.69 -54.18 -21.14
CA SER C 599 6.61 -55.03 -21.87
C SER C 599 6.23 -55.22 -23.33
N LYS C 600 4.93 -55.21 -23.63
CA LYS C 600 4.49 -55.35 -25.01
C LYS C 600 4.79 -54.12 -25.87
N LEU C 601 5.06 -52.98 -25.23
CA LEU C 601 5.31 -51.76 -25.99
C LEU C 601 6.55 -51.93 -26.86
N PHE C 602 6.50 -51.35 -28.06
CA PHE C 602 7.59 -51.53 -29.00
C PHE C 602 8.83 -50.73 -28.59
N SER C 603 8.72 -49.41 -28.60
CA SER C 603 9.87 -48.57 -28.30
C SER C 603 9.39 -47.20 -27.82
N MET C 604 10.30 -46.48 -27.17
CA MET C 604 10.01 -45.18 -26.59
C MET C 604 11.00 -44.17 -27.14
N GLU C 605 10.50 -42.97 -27.46
CA GLU C 605 11.33 -41.90 -27.98
C GLU C 605 11.51 -40.85 -26.90
N ASN C 606 12.76 -40.64 -26.48
CA ASN C 606 13.07 -39.62 -25.48
C ASN C 606 13.86 -38.47 -26.08
N TRP C 607 15.04 -38.74 -26.64
CA TRP C 607 15.81 -37.67 -27.26
C TRP C 607 15.22 -37.31 -28.62
N GLY C 608 15.52 -36.09 -29.06
CA GLY C 608 15.03 -35.63 -30.34
C GLY C 608 15.88 -34.48 -30.83
N GLY C 609 15.41 -33.86 -31.91
CA GLY C 609 16.11 -32.75 -32.50
C GLY C 609 16.25 -31.57 -31.55
N ALA C 610 15.14 -30.89 -31.28
CA ALA C 610 15.15 -29.73 -30.39
C ALA C 610 15.10 -30.19 -28.95
N THR C 611 16.16 -30.89 -28.55
CA THR C 611 16.21 -31.47 -27.22
C THR C 611 17.46 -31.00 -26.48
N PHE C 612 18.58 -30.91 -27.18
CA PHE C 612 19.80 -30.45 -26.56
C PHE C 612 19.92 -28.94 -26.61
N ASP C 613 19.35 -28.31 -27.63
CA ASP C 613 19.37 -26.86 -27.76
C ASP C 613 18.64 -26.17 -26.62
N VAL C 614 17.83 -26.90 -25.86
CA VAL C 614 17.22 -26.38 -24.66
C VAL C 614 17.82 -27.00 -23.40
N ALA C 615 18.33 -28.23 -23.47
CA ALA C 615 18.85 -28.91 -22.30
C ALA C 615 20.03 -28.17 -21.67
N MET C 616 20.68 -27.29 -22.41
CA MET C 616 21.74 -26.45 -21.88
C MET C 616 21.43 -24.97 -21.99
N ARG C 617 20.59 -24.56 -22.94
CA ARG C 617 20.38 -23.13 -23.16
C ARG C 617 19.40 -22.54 -22.16
N PHE C 618 18.23 -23.17 -21.99
CA PHE C 618 17.24 -22.66 -21.05
C PHE C 618 17.17 -23.54 -19.81
N LEU C 619 16.92 -24.83 -19.98
CA LEU C 619 17.22 -25.78 -18.92
C LEU C 619 18.73 -25.99 -18.89
N TYR C 620 19.26 -26.29 -17.71
CA TYR C 620 20.71 -26.39 -17.51
C TYR C 620 21.03 -27.81 -17.06
N GLU C 621 21.21 -28.70 -18.03
CA GLU C 621 21.46 -30.10 -17.73
C GLU C 621 22.36 -30.69 -18.81
N CYS C 622 22.75 -31.94 -18.60
CA CYS C 622 23.55 -32.67 -19.56
C CYS C 622 22.74 -33.79 -20.18
N PRO C 623 22.62 -33.83 -21.49
CA PRO C 623 21.79 -34.85 -22.13
C PRO C 623 22.32 -36.25 -21.88
N TRP C 624 23.62 -36.43 -22.10
CA TRP C 624 24.21 -37.75 -21.89
C TRP C 624 24.04 -38.20 -20.46
N ARG C 625 24.09 -37.26 -19.52
CA ARG C 625 23.90 -37.62 -18.12
C ARG C 625 22.53 -38.22 -17.90
N ARG C 626 21.47 -37.53 -18.33
CA ARG C 626 20.13 -38.04 -18.11
C ARG C 626 19.87 -39.32 -18.88
N LEU C 627 20.33 -39.39 -20.14
CA LEU C 627 20.18 -40.63 -20.89
C LEU C 627 20.88 -41.78 -20.19
N GLN C 628 22.02 -41.51 -19.56
CA GLN C 628 22.73 -42.52 -18.82
C GLN C 628 21.92 -43.00 -17.62
N GLU C 629 21.10 -42.13 -17.06
CA GLU C 629 20.34 -42.45 -15.86
C GLU C 629 19.03 -43.15 -16.18
N LEU C 630 18.69 -43.34 -17.45
CA LEU C 630 17.47 -44.04 -17.82
C LEU C 630 17.72 -45.46 -18.32
N ARG C 631 18.90 -45.73 -18.91
CA ARG C 631 19.15 -47.06 -19.45
C ARG C 631 19.11 -48.12 -18.36
N GLU C 632 19.70 -47.81 -17.20
CA GLU C 632 19.62 -48.73 -16.07
C GLU C 632 18.19 -48.87 -15.55
N LEU C 633 17.41 -47.80 -15.62
CA LEU C 633 16.02 -47.85 -15.18
C LEU C 633 15.17 -48.73 -16.09
N ILE C 634 15.47 -48.77 -17.38
CA ILE C 634 14.71 -49.60 -18.31
C ILE C 634 15.67 -50.46 -19.11
N PRO C 635 16.14 -51.57 -18.57
CA PRO C 635 16.85 -52.55 -19.41
C PRO C 635 15.87 -53.52 -20.05
N ASN C 636 14.77 -53.01 -20.55
CA ASN C 636 13.71 -53.87 -21.06
C ASN C 636 13.24 -53.49 -22.46
N ILE C 637 13.11 -52.21 -22.75
CA ILE C 637 12.50 -51.77 -23.99
C ILE C 637 13.46 -50.84 -24.73
N PRO C 638 13.70 -51.07 -26.01
CA PRO C 638 14.60 -50.19 -26.76
C PRO C 638 14.05 -48.78 -26.85
N PHE C 639 14.97 -47.82 -26.87
CA PHE C 639 14.64 -46.42 -27.10
C PHE C 639 14.73 -46.13 -28.59
N GLN C 640 14.57 -44.86 -28.96
CA GLN C 640 14.66 -44.48 -30.36
C GLN C 640 15.15 -43.04 -30.50
N MET C 641 16.22 -42.87 -31.28
CA MET C 641 16.77 -41.54 -31.57
C MET C 641 16.16 -40.98 -32.83
N LEU C 642 15.87 -39.69 -32.79
CA LEU C 642 15.45 -38.92 -33.95
C LEU C 642 16.65 -38.13 -34.43
N LEU C 643 17.06 -38.37 -35.67
CA LEU C 643 18.20 -37.68 -36.26
C LEU C 643 17.81 -37.07 -37.60
N ARG C 644 18.50 -36.00 -37.96
CA ARG C 644 18.42 -35.44 -39.29
C ARG C 644 19.62 -35.90 -40.12
N GLY C 645 19.43 -35.90 -41.43
CA GLY C 645 20.45 -36.44 -42.33
C GLY C 645 21.76 -35.69 -42.33
N ALA C 646 21.76 -34.45 -42.83
CA ALA C 646 23.00 -33.70 -42.99
C ALA C 646 23.43 -33.06 -41.67
N ASN C 647 22.63 -32.16 -41.14
CA ASN C 647 22.90 -31.58 -39.83
C ASN C 647 22.51 -32.58 -38.76
N ALA C 648 23.48 -32.99 -37.94
CA ALA C 648 23.24 -33.99 -36.92
C ALA C 648 22.20 -33.49 -35.92
N VAL C 649 22.51 -32.41 -35.22
CA VAL C 649 21.59 -31.83 -34.24
C VAL C 649 21.36 -30.37 -34.59
N GLY C 650 22.33 -29.76 -35.27
CA GLY C 650 22.24 -28.36 -35.58
C GLY C 650 21.29 -28.09 -36.73
N TYR C 651 21.26 -26.83 -37.15
CA TYR C 651 20.41 -26.41 -38.25
C TYR C 651 21.16 -26.24 -39.56
N THR C 652 22.47 -26.45 -39.57
CA THR C 652 23.27 -26.38 -40.78
C THR C 652 24.08 -27.66 -40.92
N ASN C 653 24.32 -28.05 -42.17
CA ASN C 653 24.96 -29.33 -42.43
C ASN C 653 26.34 -29.38 -41.76
N TYR C 654 26.52 -30.39 -40.94
CA TYR C 654 27.75 -30.57 -40.19
C TYR C 654 28.76 -31.38 -40.99
N PRO C 655 30.04 -31.31 -40.65
CA PRO C 655 31.04 -32.10 -41.36
C PRO C 655 30.70 -33.59 -41.29
N ASP C 656 30.95 -34.29 -42.39
CA ASP C 656 30.58 -35.70 -42.47
C ASP C 656 31.26 -36.53 -41.40
N ASN C 657 32.56 -36.30 -41.18
CA ASN C 657 33.25 -36.99 -40.11
C ASN C 657 32.60 -36.69 -38.76
N VAL C 658 32.19 -35.44 -38.55
CA VAL C 658 31.58 -35.04 -37.29
C VAL C 658 30.31 -35.84 -37.05
N VAL C 659 29.43 -35.89 -38.05
CA VAL C 659 28.18 -36.63 -37.90
C VAL C 659 28.46 -38.11 -37.69
N PHE C 660 29.44 -38.65 -38.44
CA PHE C 660 29.78 -40.06 -38.30
C PHE C 660 30.20 -40.38 -36.87
N LYS C 661 31.15 -39.62 -36.34
CA LYS C 661 31.67 -39.91 -35.00
C LYS C 661 30.62 -39.64 -33.94
N PHE C 662 29.75 -38.65 -34.16
CA PHE C 662 28.65 -38.40 -33.24
C PHE C 662 27.72 -39.59 -33.17
N CYS C 663 27.35 -40.14 -34.33
CA CYS C 663 26.49 -41.32 -34.34
C CYS C 663 27.18 -42.50 -33.70
N GLU C 664 28.48 -42.66 -33.95
CA GLU C 664 29.23 -43.76 -33.35
C GLU C 664 29.20 -43.66 -31.84
N VAL C 665 29.44 -42.47 -31.30
CA VAL C 665 29.41 -42.27 -29.86
C VAL C 665 28.01 -42.55 -29.32
N ALA C 666 26.99 -42.04 -30.00
CA ALA C 666 25.62 -42.23 -29.56
C ALA C 666 25.28 -43.71 -29.48
N LYS C 667 25.66 -44.47 -30.50
CA LYS C 667 25.44 -45.92 -30.47
C LYS C 667 26.21 -46.55 -29.32
N GLU C 668 27.46 -46.12 -29.11
CA GLU C 668 28.25 -46.66 -28.03
C GLU C 668 27.62 -46.38 -26.67
N ASN C 669 26.81 -45.33 -26.59
CA ASN C 669 26.14 -45.00 -25.33
C ASN C 669 25.15 -46.07 -24.90
N GLY C 670 25.03 -47.16 -25.64
CA GLY C 670 24.01 -48.15 -25.41
C GLY C 670 22.73 -47.90 -26.18
N MET C 671 22.73 -46.96 -27.12
CA MET C 671 21.53 -46.62 -27.86
C MET C 671 21.12 -47.76 -28.79
N ASP C 672 19.82 -47.87 -29.03
CA ASP C 672 19.24 -49.03 -29.70
C ASP C 672 18.70 -48.74 -31.09
N VAL C 673 17.78 -47.79 -31.23
CA VAL C 673 17.07 -47.56 -32.48
C VAL C 673 17.31 -46.14 -32.93
N PHE C 674 17.48 -45.95 -34.24
CA PHE C 674 17.82 -44.65 -34.79
C PHE C 674 16.85 -44.31 -35.91
N ARG C 675 16.53 -43.03 -36.03
CA ARG C 675 15.71 -42.53 -37.13
C ARG C 675 16.54 -41.62 -38.02
N VAL C 676 16.42 -41.81 -39.32
CA VAL C 676 17.11 -41.01 -40.32
C VAL C 676 16.08 -40.14 -41.02
N PHE C 677 16.38 -38.86 -41.14
CA PHE C 677 15.42 -37.94 -41.71
C PHE C 677 16.14 -36.76 -42.34
N ASP C 678 15.45 -36.08 -43.25
CA ASP C 678 15.92 -34.84 -43.85
C ASP C 678 14.74 -33.91 -44.06
N SER C 679 14.99 -32.61 -43.87
CA SER C 679 13.93 -31.62 -44.13
C SER C 679 13.49 -31.67 -45.57
N LEU C 680 14.44 -31.77 -46.49
CA LEU C 680 14.13 -31.89 -47.90
C LEU C 680 14.27 -33.36 -48.30
N ASN C 681 14.04 -33.65 -49.58
CA ASN C 681 14.26 -34.98 -50.12
C ASN C 681 15.65 -35.12 -50.71
N TYR C 682 16.62 -34.38 -50.19
CA TYR C 682 17.98 -34.39 -50.73
C TYR C 682 18.57 -35.78 -50.50
N LEU C 683 18.58 -36.58 -51.55
CA LEU C 683 19.01 -37.98 -51.43
C LEU C 683 20.38 -38.14 -50.81
N PRO C 684 21.40 -37.35 -51.16
CA PRO C 684 22.68 -37.52 -50.46
C PRO C 684 22.59 -37.32 -48.97
N ASN C 685 21.66 -36.49 -48.50
CA ASN C 685 21.50 -36.29 -47.06
C ASN C 685 21.06 -37.59 -46.38
N MET C 686 20.00 -38.21 -46.90
CA MET C 686 19.58 -39.50 -46.33
C MET C 686 20.66 -40.55 -46.50
N LEU C 687 21.36 -40.52 -47.63
CA LEU C 687 22.42 -41.49 -47.85
C LEU C 687 23.49 -41.37 -46.78
N LEU C 688 23.93 -40.15 -46.51
CA LEU C 688 24.93 -39.92 -45.48
C LEU C 688 24.41 -40.34 -44.11
N GLY C 689 23.15 -40.02 -43.82
CA GLY C 689 22.59 -40.39 -42.53
C GLY C 689 22.56 -41.90 -42.33
N MET C 690 22.08 -42.63 -43.33
CA MET C 690 22.03 -44.09 -43.21
C MET C 690 23.42 -44.69 -43.21
N GLU C 691 24.36 -44.08 -43.94
CA GLU C 691 25.74 -44.54 -43.91
C GLU C 691 26.31 -44.40 -42.51
N ALA C 692 26.05 -43.27 -41.86
CA ALA C 692 26.50 -43.09 -40.49
C ALA C 692 25.84 -44.08 -39.55
N ALA C 693 24.54 -44.33 -39.74
CA ALA C 693 23.83 -45.27 -38.89
C ALA C 693 24.40 -46.68 -39.02
N GLY C 694 24.66 -47.11 -40.26
CA GLY C 694 25.26 -48.41 -40.46
C GLY C 694 26.68 -48.48 -39.93
N SER C 695 27.43 -47.38 -40.04
CA SER C 695 28.77 -47.34 -39.47
C SER C 695 28.70 -47.52 -37.95
N ALA C 696 27.74 -46.87 -37.31
CA ALA C 696 27.51 -47.11 -35.90
C ALA C 696 27.11 -48.55 -35.65
N GLY C 697 26.21 -49.09 -36.47
CA GLY C 697 25.83 -50.47 -36.36
C GLY C 697 24.61 -50.67 -35.49
N GLY C 698 23.47 -50.93 -36.11
CA GLY C 698 22.24 -51.12 -35.36
C GLY C 698 21.04 -50.95 -36.26
N VAL C 699 19.87 -50.86 -35.62
CA VAL C 699 18.63 -50.72 -36.37
C VAL C 699 18.58 -49.34 -37.03
N VAL C 700 18.33 -49.34 -38.33
CA VAL C 700 18.31 -48.12 -39.12
C VAL C 700 16.92 -47.95 -39.71
N GLU C 701 16.29 -46.81 -39.41
CA GLU C 701 14.99 -46.48 -39.98
C GLU C 701 15.06 -45.09 -40.58
N ALA C 702 14.58 -44.96 -41.80
CA ALA C 702 14.46 -43.67 -42.47
C ALA C 702 13.00 -43.23 -42.50
N ALA C 703 12.80 -41.93 -42.62
CA ALA C 703 11.47 -41.34 -42.61
C ALA C 703 11.25 -40.53 -43.88
N ILE C 704 10.04 -40.57 -44.40
CA ILE C 704 9.62 -39.77 -45.55
C ILE C 704 8.62 -38.74 -45.06
N SER C 705 8.85 -37.48 -45.41
CA SER C 705 7.88 -36.45 -45.11
C SER C 705 6.66 -36.60 -46.00
N TYR C 706 5.53 -36.12 -45.51
CA TYR C 706 4.32 -36.05 -46.31
C TYR C 706 3.82 -34.63 -46.37
N THR C 707 3.29 -34.24 -47.53
CA THR C 707 2.73 -32.92 -47.72
C THR C 707 1.68 -33.00 -48.82
N GLY C 708 0.69 -32.12 -48.76
CA GLY C 708 -0.31 -32.02 -49.79
C GLY C 708 -1.26 -33.20 -49.79
N ASP C 709 -1.82 -33.46 -50.97
CA ASP C 709 -2.71 -34.59 -51.17
C ASP C 709 -2.19 -35.51 -52.25
N VAL C 710 -2.32 -36.82 -52.02
CA VAL C 710 -2.08 -37.81 -53.06
C VAL C 710 -3.39 -38.23 -53.74
N ALA C 711 -4.52 -38.12 -53.05
CA ALA C 711 -5.82 -38.44 -53.63
C ALA C 711 -6.39 -37.32 -54.46
N ASP C 712 -5.78 -36.13 -54.45
CA ASP C 712 -6.26 -35.03 -55.25
C ASP C 712 -5.51 -35.02 -56.58
N PRO C 713 -6.18 -35.20 -57.71
CA PRO C 713 -5.49 -35.07 -59.00
C PRO C 713 -4.90 -33.70 -59.22
N SER C 714 -5.56 -32.65 -58.71
CA SER C 714 -5.01 -31.31 -58.82
C SER C 714 -3.67 -31.20 -58.10
N ARG C 715 -3.55 -31.81 -56.93
CA ARG C 715 -2.27 -31.90 -56.25
C ARG C 715 -1.32 -32.73 -57.09
N THR C 716 -0.36 -32.06 -57.73
CA THR C 716 0.50 -32.73 -58.71
C THR C 716 1.98 -32.57 -58.45
N LYS C 717 2.41 -31.54 -57.71
CA LYS C 717 3.83 -31.35 -57.45
C LYS C 717 4.43 -32.57 -56.75
N TYR C 718 3.70 -33.14 -55.79
CA TYR C 718 4.14 -34.33 -55.09
C TYR C 718 3.12 -35.43 -55.37
N SER C 719 3.29 -36.09 -56.50
CA SER C 719 2.34 -37.11 -56.92
C SER C 719 2.66 -38.44 -56.23
N LEU C 720 1.77 -39.41 -56.44
CA LEU C 720 1.99 -40.75 -55.91
C LEU C 720 3.28 -41.34 -56.48
N GLN C 721 3.44 -41.25 -57.79
CA GLN C 721 4.63 -41.82 -58.42
C GLN C 721 5.90 -41.12 -57.98
N TYR C 722 5.80 -39.83 -57.62
CA TYR C 722 6.92 -39.14 -57.00
C TYR C 722 7.31 -39.83 -55.70
N TYR C 723 6.33 -40.06 -54.83
CA TYR C 723 6.58 -40.77 -53.59
C TYR C 723 7.01 -42.21 -53.85
N MET C 724 6.46 -42.84 -54.89
CA MET C 724 6.89 -44.19 -55.25
C MET C 724 8.36 -44.22 -55.61
N GLY C 725 8.81 -43.26 -56.41
CA GLY C 725 10.22 -43.19 -56.75
C GLY C 725 11.08 -42.96 -55.53
N LEU C 726 10.66 -42.06 -54.66
CA LEU C 726 11.42 -41.82 -53.43
C LEU C 726 11.57 -43.11 -52.62
N ALA C 727 10.46 -43.81 -52.43
CA ALA C 727 10.46 -45.03 -51.64
C ALA C 727 11.32 -46.11 -52.27
N GLU C 728 11.22 -46.27 -53.60
CA GLU C 728 12.00 -47.32 -54.26
C GLU C 728 13.49 -46.99 -54.21
N GLU C 729 13.85 -45.73 -54.37
CA GLU C 729 15.25 -45.35 -54.25
C GLU C 729 15.77 -45.66 -52.85
N LEU C 730 14.99 -45.32 -51.83
CA LEU C 730 15.44 -45.57 -50.46
C LEU C 730 15.55 -47.06 -50.19
N VAL C 731 14.60 -47.86 -50.69
CA VAL C 731 14.66 -49.29 -50.42
C VAL C 731 15.80 -49.93 -51.18
N ARG C 732 16.13 -49.42 -52.37
CA ARG C 732 17.31 -49.90 -53.07
C ARG C 732 18.57 -49.54 -52.30
N ALA C 733 18.57 -48.38 -51.64
CA ALA C 733 19.66 -48.07 -50.72
C ALA C 733 19.75 -49.12 -49.63
N GLY C 734 18.61 -49.71 -49.25
CA GLY C 734 18.61 -50.81 -48.32
C GLY C 734 18.59 -50.34 -46.88
N THR C 735 17.51 -50.66 -46.17
CA THR C 735 17.37 -50.26 -44.77
C THR C 735 16.85 -51.42 -43.94
N HIS C 736 16.46 -51.13 -42.70
CA HIS C 736 15.81 -52.12 -41.85
C HIS C 736 14.30 -51.92 -41.78
N ILE C 737 13.86 -50.72 -41.43
CA ILE C 737 12.44 -50.41 -41.34
C ILE C 737 12.19 -49.04 -41.97
N LEU C 738 11.08 -48.93 -42.68
CA LEU C 738 10.65 -47.68 -43.28
C LEU C 738 9.76 -46.91 -42.31
N CYS C 739 9.50 -45.65 -42.62
CA CYS C 739 8.59 -44.83 -41.84
C CYS C 739 8.06 -43.68 -42.68
N ILE C 740 6.93 -43.14 -42.25
CA ILE C 740 6.29 -41.99 -42.88
C ILE C 740 6.04 -40.94 -41.81
N LYS C 741 6.25 -39.67 -42.16
CA LYS C 741 6.07 -38.56 -41.24
C LYS C 741 4.88 -37.72 -41.68
N ASP C 742 4.03 -37.34 -40.73
CA ASP C 742 2.95 -36.38 -40.92
C ASP C 742 3.13 -35.30 -39.85
N MET C 743 3.93 -34.29 -40.18
CA MET C 743 4.24 -33.24 -39.21
C MET C 743 3.03 -32.37 -38.90
N ALA C 744 2.01 -32.37 -39.75
CA ALA C 744 0.86 -31.51 -39.57
C ALA C 744 -0.44 -32.25 -39.33
N GLY C 745 -0.49 -33.55 -39.59
CA GLY C 745 -1.73 -34.28 -39.41
C GLY C 745 -2.65 -34.10 -40.60
N LEU C 746 -2.15 -34.38 -41.80
CA LEU C 746 -2.88 -34.10 -43.03
C LEU C 746 -3.28 -35.37 -43.77
N LEU C 747 -3.29 -36.52 -43.12
CA LEU C 747 -3.62 -37.78 -43.79
C LEU C 747 -5.11 -38.07 -43.65
N LYS C 748 -5.81 -38.07 -44.77
CA LYS C 748 -7.15 -38.62 -44.81
C LYS C 748 -7.09 -40.14 -44.87
N PRO C 749 -8.11 -40.83 -44.36
CA PRO C 749 -8.06 -42.30 -44.36
C PRO C 749 -7.88 -42.90 -45.74
N THR C 750 -8.60 -42.39 -46.74
CA THR C 750 -8.50 -42.95 -48.09
C THR C 750 -7.10 -42.77 -48.64
N ALA C 751 -6.53 -41.59 -48.44
CA ALA C 751 -5.19 -41.33 -48.96
C ALA C 751 -4.19 -42.32 -48.39
N CYS C 752 -4.15 -42.48 -47.07
CA CYS C 752 -3.09 -43.29 -46.51
C CYS C 752 -3.37 -44.76 -46.76
N THR C 753 -4.64 -45.14 -46.87
CA THR C 753 -4.92 -46.56 -47.14
C THR C 753 -4.49 -46.93 -48.56
N MET C 754 -4.72 -46.05 -49.53
CA MET C 754 -4.24 -46.35 -50.88
C MET C 754 -2.72 -46.31 -50.93
N LEU C 755 -2.11 -45.38 -50.19
CA LEU C 755 -0.66 -45.36 -50.12
C LEU C 755 -0.11 -46.66 -49.55
N VAL C 756 -0.69 -47.12 -48.45
CA VAL C 756 -0.23 -48.35 -47.80
C VAL C 756 -0.42 -49.54 -48.72
N SER C 757 -1.57 -49.59 -49.41
CA SER C 757 -1.79 -50.63 -50.39
C SER C 757 -0.69 -50.63 -51.43
N SER C 758 -0.30 -49.45 -51.91
CA SER C 758 0.77 -49.37 -52.89
C SER C 758 2.09 -49.87 -52.31
N LEU C 759 2.45 -49.40 -51.12
CA LEU C 759 3.73 -49.79 -50.53
C LEU C 759 3.76 -51.26 -50.17
N ARG C 760 2.75 -51.73 -49.43
CA ARG C 760 2.76 -53.12 -49.00
C ARG C 760 2.68 -54.08 -50.18
N ASP C 761 2.11 -53.61 -51.30
CA ASP C 761 2.05 -54.45 -52.50
C ASP C 761 3.45 -54.84 -52.97
N ARG C 762 4.31 -53.87 -53.18
CA ARG C 762 5.62 -54.12 -53.75
C ARG C 762 6.67 -54.47 -52.70
N PHE C 763 6.35 -54.30 -51.43
CA PHE C 763 7.26 -54.66 -50.34
C PHE C 763 6.49 -55.38 -49.24
N PRO C 764 5.98 -56.57 -49.51
CA PRO C 764 5.20 -57.28 -48.51
C PRO C 764 6.07 -58.04 -47.53
N ASP C 765 7.16 -57.42 -47.09
CA ASP C 765 7.99 -58.00 -46.04
C ASP C 765 8.40 -56.91 -45.06
N LEU C 766 8.40 -55.67 -45.51
CA LEU C 766 9.01 -54.59 -44.75
C LEU C 766 8.09 -54.14 -43.63
N PRO C 767 8.58 -54.06 -42.40
CA PRO C 767 7.79 -53.43 -41.33
C PRO C 767 7.48 -51.99 -41.71
N LEU C 768 6.24 -51.59 -41.44
CA LEU C 768 5.74 -50.27 -41.84
C LEU C 768 5.40 -49.47 -40.60
N HIS C 769 5.85 -48.23 -40.55
CA HIS C 769 5.67 -47.37 -39.39
C HIS C 769 5.14 -46.01 -39.82
N ILE C 770 4.33 -45.41 -38.95
CA ILE C 770 3.69 -44.14 -39.22
C ILE C 770 3.95 -43.19 -38.07
N HIS C 771 4.13 -41.90 -38.39
CA HIS C 771 4.21 -40.85 -37.39
C HIS C 771 3.35 -39.68 -37.84
N THR C 772 2.40 -39.28 -37.01
CA THR C 772 1.51 -38.17 -37.32
C THR C 772 1.27 -37.34 -36.08
N HIS C 773 0.77 -36.12 -36.29
CA HIS C 773 0.45 -35.19 -35.22
C HIS C 773 -1.03 -34.87 -35.31
N ASP C 774 -1.79 -35.25 -34.30
CA ASP C 774 -3.24 -35.05 -34.35
C ASP C 774 -3.59 -33.59 -34.15
N THR C 775 -3.74 -32.84 -35.23
CA THR C 775 -4.12 -31.44 -35.18
C THR C 775 -5.49 -31.19 -35.79
N SER C 776 -5.78 -31.77 -36.95
CA SER C 776 -7.08 -31.57 -37.57
C SER C 776 -8.20 -32.27 -36.82
N GLY C 777 -7.87 -33.21 -35.94
CA GLY C 777 -8.85 -33.93 -35.18
C GLY C 777 -9.31 -35.23 -35.81
N ALA C 778 -8.95 -35.48 -37.06
CA ALA C 778 -9.29 -36.72 -37.74
C ALA C 778 -8.13 -37.70 -37.77
N GLY C 779 -7.08 -37.45 -36.99
CA GLY C 779 -5.91 -38.30 -37.04
C GLY C 779 -6.19 -39.73 -36.62
N VAL C 780 -7.00 -39.90 -35.58
CA VAL C 780 -7.25 -41.26 -35.07
C VAL C 780 -7.96 -42.10 -36.10
N ALA C 781 -8.92 -41.51 -36.81
CA ALA C 781 -9.71 -42.27 -37.78
C ALA C 781 -8.85 -42.79 -38.92
N ALA C 782 -8.10 -41.88 -39.56
CA ALA C 782 -7.22 -42.30 -40.65
C ALA C 782 -6.17 -43.27 -40.14
N MET C 783 -5.61 -43.00 -38.97
CA MET C 783 -4.59 -43.87 -38.41
C MET C 783 -5.11 -45.29 -38.26
N LEU C 784 -6.25 -45.45 -37.61
CA LEU C 784 -6.79 -46.79 -37.43
C LEU C 784 -7.20 -47.43 -38.75
N ALA C 785 -7.78 -46.67 -39.68
CA ALA C 785 -8.22 -47.23 -40.95
C ALA C 785 -7.03 -47.80 -41.70
N CYS C 786 -6.09 -46.92 -42.07
CA CYS C 786 -4.92 -47.35 -42.82
C CYS C 786 -3.85 -47.97 -41.93
N ALA C 787 -4.20 -48.32 -40.69
CA ALA C 787 -3.45 -49.32 -39.93
C ALA C 787 -4.06 -50.70 -40.08
N GLN C 788 -5.40 -50.77 -40.04
CA GLN C 788 -6.09 -51.99 -40.43
C GLN C 788 -5.76 -52.35 -41.87
N ALA C 789 -5.36 -51.38 -42.68
CA ALA C 789 -5.07 -51.67 -44.08
C ALA C 789 -3.84 -52.56 -44.20
N GLY C 790 -2.66 -52.03 -43.89
CA GLY C 790 -1.46 -52.86 -43.93
C GLY C 790 -0.39 -52.50 -42.93
N ALA C 791 -0.68 -51.57 -42.01
CA ALA C 791 0.36 -51.01 -41.19
C ALA C 791 0.80 -51.97 -40.10
N ASP C 792 1.96 -51.69 -39.53
CA ASP C 792 2.57 -52.55 -38.51
C ASP C 792 2.87 -51.81 -37.21
N VAL C 793 3.35 -50.57 -37.27
CA VAL C 793 3.74 -49.83 -36.07
C VAL C 793 3.05 -48.48 -36.09
N VAL C 794 2.61 -48.03 -34.91
CA VAL C 794 1.85 -46.80 -34.77
C VAL C 794 2.42 -45.99 -33.61
N ASP C 795 2.65 -44.70 -33.85
CA ASP C 795 3.05 -43.75 -32.82
C ASP C 795 1.80 -43.29 -32.07
N VAL C 796 1.95 -43.04 -30.77
CA VAL C 796 0.80 -42.70 -29.94
C VAL C 796 1.29 -42.04 -28.66
N ALA C 797 0.57 -41.00 -28.23
CA ALA C 797 0.90 -40.25 -27.03
C ALA C 797 -0.09 -40.58 -25.92
N ALA C 798 0.30 -40.26 -24.69
CA ALA C 798 -0.51 -40.53 -23.52
C ALA C 798 -1.81 -39.73 -23.58
N ASP C 799 -2.82 -40.25 -22.87
CA ASP C 799 -4.16 -39.69 -22.98
C ASP C 799 -4.19 -38.22 -22.55
N SER C 800 -3.57 -37.90 -21.43
CA SER C 800 -3.53 -36.50 -21.00
C SER C 800 -2.65 -35.65 -21.91
N MET C 801 -1.62 -36.23 -22.50
CA MET C 801 -0.70 -35.51 -23.38
C MET C 801 -1.10 -35.67 -24.84
N SER C 802 -2.39 -35.88 -25.08
CA SER C 802 -2.90 -36.16 -26.41
C SER C 802 -3.71 -34.99 -26.92
N GLY C 803 -4.29 -35.18 -28.11
CA GLY C 803 -5.16 -34.19 -28.69
C GLY C 803 -4.38 -32.96 -29.13
N MET C 804 -5.15 -31.90 -29.39
CA MET C 804 -4.59 -30.61 -29.77
C MET C 804 -3.70 -30.75 -31.00
N THR C 805 -2.40 -30.93 -30.79
CA THR C 805 -1.46 -31.16 -31.87
C THR C 805 -0.63 -32.42 -31.66
N SER C 806 -0.70 -33.02 -30.49
CA SER C 806 0.12 -34.18 -30.17
C SER C 806 -0.48 -35.42 -30.84
N GLN C 807 0.09 -36.57 -30.58
CA GLN C 807 -0.40 -37.82 -31.12
C GLN C 807 -1.71 -38.21 -30.45
N PRO C 808 -2.50 -39.07 -31.08
CA PRO C 808 -3.70 -39.61 -30.43
C PRO C 808 -3.35 -40.37 -29.16
N SER C 809 -4.40 -40.77 -28.43
CA SER C 809 -4.26 -41.26 -27.08
C SER C 809 -4.07 -42.77 -27.03
N MET C 810 -3.57 -43.25 -25.89
CA MET C 810 -3.63 -44.67 -25.59
C MET C 810 -5.05 -45.18 -25.66
N GLY C 811 -5.96 -44.47 -25.01
CA GLY C 811 -7.27 -45.04 -24.73
C GLY C 811 -8.07 -45.33 -25.98
N ALA C 812 -8.13 -44.39 -26.91
CA ALA C 812 -8.93 -44.59 -28.11
C ALA C 812 -8.44 -45.78 -28.91
N LEU C 813 -7.12 -45.86 -29.11
CA LEU C 813 -6.56 -46.95 -29.89
C LEU C 813 -6.77 -48.29 -29.20
N VAL C 814 -6.58 -48.33 -27.89
CA VAL C 814 -6.74 -49.59 -27.16
C VAL C 814 -8.19 -50.05 -27.23
N ALA C 815 -9.13 -49.12 -27.02
CA ALA C 815 -10.54 -49.50 -27.00
C ALA C 815 -11.02 -49.92 -28.38
N CYS C 816 -10.63 -49.19 -29.43
CA CYS C 816 -11.06 -49.56 -30.77
C CYS C 816 -10.49 -50.90 -31.18
N THR C 817 -9.22 -51.15 -30.86
CA THR C 817 -8.56 -52.39 -31.23
C THR C 817 -8.79 -53.46 -30.16
N ARG C 818 -10.07 -53.76 -29.94
CA ARG C 818 -10.45 -54.76 -28.95
C ARG C 818 -11.10 -55.97 -29.58
N GLY C 819 -12.19 -55.79 -30.33
CA GLY C 819 -12.82 -56.90 -31.03
C GLY C 819 -12.32 -57.02 -32.45
N THR C 820 -11.01 -56.89 -32.64
CA THR C 820 -10.38 -56.89 -33.95
C THR C 820 -9.28 -57.93 -33.96
N PRO C 821 -8.94 -58.45 -35.14
CA PRO C 821 -7.82 -59.39 -35.21
C PRO C 821 -6.49 -58.77 -34.81
N LEU C 822 -6.36 -57.44 -34.89
CA LEU C 822 -5.11 -56.80 -34.52
C LEU C 822 -4.79 -57.02 -33.05
N ASP C 823 -5.79 -56.87 -32.18
CA ASP C 823 -5.70 -57.34 -30.79
C ASP C 823 -4.51 -56.73 -30.06
N THR C 824 -4.58 -55.42 -29.85
CA THR C 824 -3.54 -54.71 -29.11
C THR C 824 -3.21 -55.41 -27.79
N GLU C 825 -4.24 -55.79 -27.03
CA GLU C 825 -4.10 -56.60 -25.83
C GLU C 825 -3.19 -55.91 -24.80
N VAL C 826 -3.70 -54.80 -24.27
CA VAL C 826 -3.01 -54.08 -23.22
C VAL C 826 -3.98 -53.77 -22.08
N PRO C 827 -3.64 -54.12 -20.84
CA PRO C 827 -4.50 -53.75 -19.71
C PRO C 827 -4.58 -52.24 -19.56
N MET C 828 -5.79 -51.72 -19.69
CA MET C 828 -6.04 -50.28 -19.72
C MET C 828 -6.02 -49.64 -18.35
N GLU C 829 -6.04 -50.42 -17.27
CA GLU C 829 -5.96 -49.85 -15.94
C GLU C 829 -4.63 -49.14 -15.75
N ARG C 830 -3.55 -49.77 -16.18
CA ARG C 830 -2.24 -49.14 -16.12
C ARG C 830 -2.19 -47.92 -17.02
N VAL C 831 -2.87 -47.98 -18.16
CA VAL C 831 -3.05 -46.80 -18.99
C VAL C 831 -3.74 -45.70 -18.20
N PHE C 832 -4.76 -46.05 -17.44
CA PHE C 832 -5.47 -45.07 -16.64
C PHE C 832 -4.55 -44.38 -15.65
N ASP C 833 -3.80 -45.17 -14.87
CA ASP C 833 -2.94 -44.54 -13.86
C ASP C 833 -1.82 -43.72 -14.50
N TYR C 834 -1.29 -44.19 -15.63
CA TYR C 834 -0.33 -43.40 -16.38
C TYR C 834 -0.92 -42.04 -16.75
N SER C 835 -2.14 -42.04 -17.28
CA SER C 835 -2.78 -40.79 -17.66
C SER C 835 -3.01 -39.90 -16.45
N GLU C 836 -3.40 -40.50 -15.32
CA GLU C 836 -3.63 -39.70 -14.12
C GLU C 836 -2.35 -39.03 -13.66
N TYR C 837 -1.25 -39.77 -13.63
CA TYR C 837 0.02 -39.17 -13.26
C TYR C 837 0.38 -38.04 -14.19
N TRP C 838 0.21 -38.23 -15.50
CA TRP C 838 0.58 -37.18 -16.44
C TRP C 838 -0.30 -35.96 -16.27
N GLU C 839 -1.59 -36.16 -16.05
CA GLU C 839 -2.48 -35.01 -15.81
C GLU C 839 -2.05 -34.26 -14.57
N GLY C 840 -1.68 -34.97 -13.51
CA GLY C 840 -1.16 -34.30 -12.34
C GLY C 840 0.11 -33.54 -12.63
N ALA C 841 0.98 -34.11 -13.47
CA ALA C 841 2.27 -33.49 -13.74
C ALA C 841 2.13 -32.27 -14.63
N ARG C 842 1.06 -32.19 -15.43
CA ARG C 842 0.94 -31.09 -16.38
C ARG C 842 0.84 -29.75 -15.68
N GLY C 843 0.08 -29.67 -14.59
CA GLY C 843 -0.12 -28.41 -13.91
C GLY C 843 1.15 -27.81 -13.35
N LEU C 844 2.22 -28.60 -13.22
CA LEU C 844 3.47 -28.10 -12.69
C LEU C 844 4.07 -27.04 -13.62
N TYR C 845 4.10 -27.32 -14.92
CA TYR C 845 4.60 -26.38 -15.92
C TYR C 845 3.49 -25.53 -16.50
N ALA C 846 2.39 -25.37 -15.78
CA ALA C 846 1.22 -24.69 -16.33
C ALA C 846 1.47 -23.21 -16.58
N ALA C 847 2.59 -22.67 -16.09
CA ALA C 847 2.90 -21.27 -16.34
C ALA C 847 2.95 -20.95 -17.83
N PHE C 848 3.38 -21.90 -18.66
CA PHE C 848 3.38 -21.75 -20.11
C PHE C 848 2.66 -22.95 -20.71
N ASP C 849 1.72 -22.68 -21.61
CA ASP C 849 0.96 -23.75 -22.25
C ASP C 849 0.23 -23.17 -23.45
N CYS C 850 -0.06 -24.03 -24.42
CA CYS C 850 -0.78 -23.60 -25.61
C CYS C 850 -2.24 -23.29 -25.32
N THR C 851 -2.78 -23.78 -24.21
CA THR C 851 -4.20 -23.60 -23.92
C THR C 851 -4.56 -22.13 -23.78
N ALA C 852 -3.70 -21.36 -23.11
CA ALA C 852 -3.98 -19.95 -22.92
C ALA C 852 -4.14 -19.21 -24.24
N THR C 853 -3.43 -19.65 -25.26
CA THR C 853 -3.55 -19.05 -26.60
C THR C 853 -4.46 -19.90 -27.48
N MET C 854 -4.15 -21.18 -27.60
CA MET C 854 -4.84 -22.08 -28.51
C MET C 854 -5.82 -22.90 -27.68
N LYS C 855 -7.08 -22.44 -27.65
CA LYS C 855 -8.07 -23.07 -26.78
C LYS C 855 -8.47 -24.45 -27.27
N SER C 856 -8.78 -24.59 -28.56
CA SER C 856 -9.23 -25.85 -29.12
C SER C 856 -8.53 -26.09 -30.45
N GLY C 857 -8.51 -27.36 -30.85
CA GLY C 857 -7.88 -27.76 -32.09
C GLY C 857 -8.45 -27.05 -33.30
N ASN C 858 -7.63 -26.23 -33.95
CA ASN C 858 -8.09 -25.40 -35.05
C ASN C 858 -7.93 -26.13 -36.37
N SER C 859 -8.89 -25.93 -37.26
CA SER C 859 -8.81 -26.38 -38.63
C SER C 859 -7.96 -25.42 -39.44
N ASP C 860 -8.04 -25.52 -40.77
CA ASP C 860 -7.34 -24.67 -41.72
C ASP C 860 -5.84 -24.93 -41.73
N VAL C 861 -5.37 -25.96 -41.03
CA VAL C 861 -3.96 -26.31 -41.06
C VAL C 861 -3.51 -26.64 -42.46
N TYR C 862 -4.44 -27.09 -43.32
CA TYR C 862 -4.11 -27.30 -44.72
C TYR C 862 -3.65 -26.00 -45.37
N GLU C 863 -4.32 -24.89 -45.04
CA GLU C 863 -3.91 -23.61 -45.60
C GLU C 863 -2.64 -23.09 -44.95
N ASN C 864 -2.34 -23.56 -43.74
CA ASN C 864 -1.17 -23.10 -43.00
C ASN C 864 0.00 -24.07 -43.02
N GLU C 865 -0.27 -25.37 -42.91
CA GLU C 865 0.78 -26.39 -43.02
C GLU C 865 1.88 -26.17 -41.99
N ILE C 866 1.53 -25.57 -40.87
CA ILE C 866 2.48 -25.29 -39.81
C ILE C 866 2.80 -26.60 -39.08
N PRO C 867 4.06 -26.96 -38.93
CA PRO C 867 4.38 -28.20 -38.22
C PRO C 867 3.85 -28.17 -36.79
N GLY C 868 3.38 -29.33 -36.34
CA GLY C 868 2.82 -29.41 -35.00
C GLY C 868 3.86 -29.14 -33.92
N GLY C 869 5.05 -29.72 -34.06
CA GLY C 869 6.09 -29.53 -33.07
C GLY C 869 6.73 -28.17 -33.08
N GLN C 870 6.19 -27.23 -33.84
CA GLN C 870 6.79 -25.91 -34.00
C GLN C 870 5.93 -24.78 -33.47
N TYR C 871 4.61 -24.98 -33.38
CA TYR C 871 3.70 -23.86 -33.17
C TYR C 871 3.88 -23.25 -31.78
N THR C 872 4.03 -24.08 -30.75
CA THR C 872 4.19 -23.56 -29.40
C THR C 872 5.45 -22.71 -29.28
N ASN C 873 6.57 -23.21 -29.81
CA ASN C 873 7.80 -22.47 -29.77
C ASN C 873 7.71 -21.20 -30.60
N LEU C 874 6.99 -21.26 -31.72
CA LEU C 874 6.76 -20.06 -32.51
C LEU C 874 6.04 -19.00 -31.70
N HIS C 875 4.98 -19.40 -30.99
CA HIS C 875 4.24 -18.42 -30.20
C HIS C 875 5.11 -17.86 -29.09
N PHE C 876 5.90 -18.72 -28.44
CA PHE C 876 6.78 -18.25 -27.38
C PHE C 876 7.80 -17.25 -27.91
N GLN C 877 8.39 -17.53 -29.07
CA GLN C 877 9.40 -16.65 -29.63
C GLN C 877 8.78 -15.35 -30.10
N ALA C 878 7.55 -15.40 -30.61
CA ALA C 878 6.86 -14.16 -30.96
C ALA C 878 6.58 -13.32 -29.73
N HIS C 879 6.16 -13.97 -28.63
CA HIS C 879 5.96 -13.27 -27.37
C HIS C 879 7.25 -12.63 -26.87
N SER C 880 8.35 -13.38 -26.88
CA SER C 880 9.62 -12.85 -26.43
C SER C 880 10.10 -11.72 -27.34
N MET C 881 9.80 -11.83 -28.63
CA MET C 881 10.10 -10.77 -29.58
C MET C 881 9.33 -9.50 -29.24
N GLY C 882 8.16 -9.64 -28.63
CA GLY C 882 7.28 -8.52 -28.37
C GLY C 882 6.08 -8.47 -29.30
N LEU C 883 6.07 -9.30 -30.34
CA LEU C 883 4.96 -9.35 -31.29
C LEU C 883 3.96 -10.44 -30.96
N GLY C 884 3.99 -10.97 -29.74
CA GLY C 884 3.01 -11.96 -29.33
C GLY C 884 1.58 -11.44 -29.39
N SER C 885 1.40 -10.12 -29.33
CA SER C 885 0.07 -9.55 -29.44
C SER C 885 -0.53 -9.85 -30.82
N LYS C 886 0.20 -9.53 -31.87
CA LYS C 886 -0.27 -9.77 -33.24
C LYS C 886 0.21 -11.14 -33.75
N PHE C 887 0.03 -12.16 -32.92
CA PHE C 887 0.50 -13.49 -33.30
C PHE C 887 -0.34 -14.08 -34.42
N LYS C 888 -1.63 -13.74 -34.45
CA LYS C 888 -2.49 -14.21 -35.53
C LYS C 888 -2.03 -13.67 -36.88
N GLU C 889 -1.62 -12.41 -36.92
CA GLU C 889 -1.17 -11.83 -38.18
C GLU C 889 0.15 -12.46 -38.62
N VAL C 890 0.92 -13.00 -37.68
CA VAL C 890 2.17 -13.65 -38.03
C VAL C 890 1.90 -14.89 -38.88
N LYS C 891 0.99 -15.75 -38.42
CA LYS C 891 0.67 -16.95 -39.19
C LYS C 891 -0.08 -16.59 -40.47
N LYS C 892 -0.72 -15.43 -40.50
CA LYS C 892 -1.33 -14.97 -41.75
C LYS C 892 -0.27 -14.76 -42.82
N ALA C 893 0.86 -14.15 -42.45
CA ALA C 893 1.93 -13.89 -43.40
C ALA C 893 2.73 -15.14 -43.74
N TYR C 894 2.52 -16.26 -43.02
CA TYR C 894 3.32 -17.45 -43.25
C TYR C 894 3.06 -18.05 -44.63
N VAL C 895 1.80 -18.01 -45.10
CA VAL C 895 1.47 -18.59 -46.40
C VAL C 895 2.18 -17.84 -47.52
N GLU C 896 2.21 -16.50 -47.42
CA GLU C 896 2.87 -15.71 -48.44
C GLU C 896 4.35 -16.04 -48.51
N ALA C 897 4.97 -16.29 -47.36
CA ALA C 897 6.35 -16.75 -47.35
C ALA C 897 6.47 -18.13 -48.00
N ASN C 898 5.46 -18.97 -47.81
CA ASN C 898 5.48 -20.28 -48.46
C ASN C 898 5.52 -20.13 -49.98
N GLN C 899 4.68 -19.24 -50.51
CA GLN C 899 4.74 -18.97 -51.95
C GLN C 899 6.03 -18.29 -52.35
N MET C 900 6.64 -17.52 -51.45
CA MET C 900 7.97 -16.97 -51.70
C MET C 900 8.98 -18.10 -51.96
N LEU C 901 8.94 -19.13 -51.12
CA LEU C 901 9.81 -20.27 -51.30
C LEU C 901 9.15 -21.38 -52.12
N GLY C 902 7.90 -21.18 -52.54
CA GLY C 902 7.18 -22.21 -53.26
C GLY C 902 6.72 -23.31 -52.33
N ASP C 903 6.03 -24.29 -52.92
CA ASP C 903 5.56 -25.45 -52.18
C ASP C 903 6.76 -26.34 -51.88
N LEU C 904 7.21 -26.35 -50.63
CA LEU C 904 8.34 -27.17 -50.22
C LEU C 904 7.99 -27.88 -48.92
N ILE C 905 8.70 -28.98 -48.67
CA ILE C 905 8.56 -29.72 -47.42
C ILE C 905 9.45 -29.07 -46.36
N LYS C 906 8.84 -28.74 -45.22
CA LYS C 906 9.52 -28.03 -44.14
C LYS C 906 9.29 -28.79 -42.85
N VAL C 907 10.35 -29.20 -42.18
CA VAL C 907 10.14 -29.76 -40.85
C VAL C 907 10.93 -29.03 -39.78
N THR C 908 12.23 -29.26 -39.71
CA THR C 908 12.98 -28.48 -38.72
C THR C 908 13.50 -27.16 -39.29
N PRO C 909 14.45 -27.18 -40.24
CA PRO C 909 15.14 -25.94 -40.60
C PRO C 909 14.30 -24.98 -41.41
N SER C 910 13.73 -25.47 -42.50
CA SER C 910 13.01 -24.58 -43.40
C SER C 910 11.71 -24.09 -42.79
N SER C 911 11.14 -24.86 -41.87
CA SER C 911 9.98 -24.39 -41.13
C SER C 911 10.31 -23.09 -40.39
N LYS C 912 11.38 -23.11 -39.59
CA LYS C 912 11.76 -21.90 -38.88
C LYS C 912 12.29 -20.84 -39.82
N ILE C 913 12.80 -21.24 -40.99
CA ILE C 913 13.22 -20.26 -41.98
C ILE C 913 12.02 -19.45 -42.46
N VAL C 914 10.95 -20.14 -42.84
CA VAL C 914 9.73 -19.46 -43.24
C VAL C 914 9.18 -18.67 -42.07
N GLY C 915 9.28 -19.20 -40.85
CA GLY C 915 8.81 -18.46 -39.69
C GLY C 915 9.55 -17.15 -39.50
N ASP C 916 10.87 -17.17 -39.65
CA ASP C 916 11.65 -15.94 -39.49
C ASP C 916 11.37 -14.97 -40.62
N LEU C 917 11.20 -15.48 -41.84
CA LEU C 917 10.86 -14.60 -42.94
C LEU C 917 9.52 -13.93 -42.70
N ALA C 918 8.54 -14.68 -42.19
CA ALA C 918 7.26 -14.09 -41.83
C ALA C 918 7.40 -13.12 -40.66
N GLN C 919 8.32 -13.40 -39.74
CA GLN C 919 8.60 -12.45 -38.66
C GLN C 919 9.05 -11.11 -39.22
N PHE C 920 10.01 -11.15 -40.16
CA PHE C 920 10.44 -9.92 -40.82
C PHE C 920 9.29 -9.26 -41.55
N MET C 921 8.48 -10.07 -42.24
CA MET C 921 7.34 -9.58 -43.00
C MET C 921 6.38 -8.78 -42.12
N VAL C 922 5.95 -9.38 -41.01
CA VAL C 922 5.00 -8.71 -40.13
C VAL C 922 5.67 -7.56 -39.38
N GLN C 923 6.95 -7.68 -39.05
CA GLN C 923 7.64 -6.61 -38.35
C GLN C 923 7.70 -5.34 -39.20
N ASN C 924 7.97 -5.50 -40.50
CA ASN C 924 7.97 -4.32 -41.37
C ASN C 924 6.57 -3.95 -41.84
N GLY C 925 5.58 -4.80 -41.58
CA GLY C 925 4.20 -4.49 -41.95
C GLY C 925 4.03 -4.24 -43.43
N LEU C 926 4.66 -5.05 -44.27
CA LEU C 926 4.69 -4.83 -45.70
C LEU C 926 3.98 -5.97 -46.42
N SER C 927 3.48 -5.68 -47.62
CA SER C 927 2.71 -6.65 -48.39
C SER C 927 3.62 -7.59 -49.15
N ARG C 928 3.02 -8.62 -49.74
CA ARG C 928 3.77 -9.68 -50.41
C ARG C 928 4.36 -9.20 -51.73
N ALA C 929 3.54 -8.50 -52.53
CA ALA C 929 3.94 -8.22 -53.92
C ALA C 929 5.11 -7.26 -53.98
N GLU C 930 5.03 -6.14 -53.26
CA GLU C 930 6.14 -5.19 -53.31
C GLU C 930 7.36 -5.71 -52.56
N ALA C 931 7.16 -6.57 -51.55
CA ALA C 931 8.30 -7.26 -50.95
C ALA C 931 9.00 -8.12 -51.98
N GLU C 932 8.23 -8.77 -52.86
CA GLU C 932 8.80 -9.44 -54.01
C GLU C 932 9.53 -8.46 -54.91
N ALA C 933 8.97 -7.25 -55.06
CA ALA C 933 9.54 -6.27 -55.96
C ALA C 933 10.87 -5.73 -55.44
N GLN C 934 10.86 -5.07 -54.29
CA GLN C 934 12.07 -4.44 -53.75
C GLN C 934 12.78 -5.36 -52.76
N ALA C 935 12.99 -6.60 -53.20
CA ALA C 935 13.72 -7.59 -52.43
C ALA C 935 15.22 -7.53 -52.65
N GLU C 936 15.68 -6.60 -53.50
CA GLU C 936 17.11 -6.47 -53.76
C GLU C 936 17.81 -5.79 -52.59
N GLU C 937 17.42 -4.54 -52.31
CA GLU C 937 18.11 -3.75 -51.29
C GLU C 937 17.73 -4.18 -49.89
N LEU C 938 16.61 -4.87 -49.73
CA LEU C 938 16.08 -5.16 -48.39
C LEU C 938 16.92 -6.22 -47.71
N SER C 939 17.41 -5.90 -46.52
CA SER C 939 18.20 -6.86 -45.75
C SER C 939 17.31 -7.97 -45.23
N PHE C 940 17.83 -9.20 -45.24
CA PHE C 940 17.09 -10.37 -44.83
C PHE C 940 17.85 -11.14 -43.75
N PRO C 941 17.16 -11.91 -42.93
CA PRO C 941 17.85 -12.65 -41.86
C PRO C 941 18.88 -13.61 -42.41
N ARG C 942 19.89 -13.89 -41.57
CA ARG C 942 21.03 -14.69 -42.01
C ARG C 942 20.60 -16.06 -42.48
N SER C 943 19.60 -16.65 -41.82
CA SER C 943 19.13 -17.97 -42.22
C SER C 943 18.56 -17.99 -43.63
N VAL C 944 17.83 -16.95 -44.02
CA VAL C 944 17.30 -16.88 -45.37
C VAL C 944 18.44 -16.89 -46.38
N VAL C 945 19.50 -16.13 -46.09
CA VAL C 945 20.66 -16.09 -46.96
C VAL C 945 21.32 -17.45 -47.04
N GLU C 946 21.45 -18.13 -45.89
CA GLU C 946 22.05 -19.46 -45.87
C GLU C 946 21.25 -20.42 -46.75
N PHE C 947 19.92 -20.39 -46.62
CA PHE C 947 19.09 -21.27 -47.43
C PHE C 947 19.22 -20.96 -48.90
N LEU C 948 19.18 -19.67 -49.26
CA LEU C 948 19.28 -19.28 -50.66
C LEU C 948 20.62 -19.67 -51.25
N GLN C 949 21.69 -19.60 -50.44
CA GLN C 949 22.99 -20.02 -50.90
C GLN C 949 23.02 -21.52 -51.20
N GLY C 950 22.33 -22.30 -50.39
CA GLY C 950 22.30 -23.73 -50.56
C GLY C 950 23.13 -24.52 -49.57
N TYR C 951 23.17 -24.10 -48.31
CA TYR C 951 23.92 -24.83 -47.31
C TYR C 951 23.25 -26.14 -46.93
N ILE C 952 22.03 -26.36 -47.41
CA ILE C 952 21.25 -27.53 -47.04
C ILE C 952 21.22 -28.56 -48.16
N GLY C 953 20.98 -28.12 -49.39
CA GLY C 953 20.86 -29.01 -50.51
C GLY C 953 19.88 -28.45 -51.52
N VAL C 954 19.67 -29.22 -52.59
CA VAL C 954 18.75 -28.80 -53.63
C VAL C 954 17.36 -29.29 -53.30
N PRO C 955 16.35 -28.45 -53.40
CA PRO C 955 14.97 -28.93 -53.27
C PRO C 955 14.58 -29.80 -54.45
N HIS C 956 13.54 -30.62 -54.23
CA HIS C 956 13.05 -31.49 -55.29
C HIS C 956 12.58 -30.70 -56.49
N GLY C 957 11.80 -29.64 -56.25
CA GLY C 957 11.27 -28.83 -57.32
C GLY C 957 12.08 -27.61 -57.69
N GLY C 958 13.30 -27.49 -57.16
CA GLY C 958 14.06 -26.28 -57.40
C GLY C 958 13.47 -25.12 -56.62
N PHE C 959 13.89 -23.91 -57.01
CA PHE C 959 13.42 -22.70 -56.34
C PHE C 959 13.59 -21.52 -57.29
N PRO C 960 12.81 -20.46 -57.12
CA PRO C 960 12.90 -19.33 -58.04
C PRO C 960 14.29 -18.71 -58.05
N GLU C 961 14.75 -18.36 -59.25
CA GLU C 961 16.03 -17.70 -59.43
C GLU C 961 15.99 -16.21 -59.12
N PRO C 962 15.08 -15.43 -59.73
CA PRO C 962 15.22 -13.96 -59.62
C PRO C 962 15.29 -13.47 -58.19
N PHE C 963 14.52 -14.07 -57.27
CA PHE C 963 14.62 -13.68 -55.87
C PHE C 963 15.98 -14.03 -55.28
N ARG C 964 16.53 -15.19 -55.64
CA ARG C 964 17.85 -15.54 -55.15
C ARG C 964 18.91 -14.57 -55.67
N SER C 965 18.80 -14.17 -56.93
CA SER C 965 19.71 -13.16 -57.46
C SER C 965 19.52 -11.83 -56.74
N LYS C 966 18.28 -11.48 -56.43
CA LYS C 966 18.00 -10.23 -55.73
C LYS C 966 18.55 -10.21 -54.32
N VAL C 967 18.60 -11.37 -53.66
CA VAL C 967 19.04 -11.41 -52.27
C VAL C 967 20.54 -11.66 -52.20
N LEU C 968 20.97 -12.83 -52.72
CA LEU C 968 22.38 -13.17 -52.66
C LEU C 968 23.23 -12.18 -53.44
N LYS C 969 22.79 -11.79 -54.64
CA LYS C 969 23.45 -10.78 -55.43
C LYS C 969 24.92 -11.13 -55.67
N ASP C 970 25.79 -10.57 -54.84
CA ASP C 970 27.23 -10.74 -54.95
C ASP C 970 27.73 -11.81 -53.98
N LEU C 971 26.82 -12.65 -53.52
CA LEU C 971 27.43 -13.53 -52.54
C LEU C 971 27.90 -14.82 -53.20
N PRO C 972 28.97 -15.42 -52.67
CA PRO C 972 29.34 -16.76 -53.13
C PRO C 972 28.20 -17.73 -52.85
N ARG C 973 28.00 -18.67 -53.76
CA ARG C 973 26.88 -19.58 -53.68
C ARG C 973 27.38 -21.02 -53.70
N VAL C 974 26.91 -21.82 -52.75
CA VAL C 974 27.36 -23.19 -52.59
C VAL C 974 26.64 -24.07 -53.60
N GLU C 975 27.41 -24.85 -54.35
CA GLU C 975 26.88 -25.79 -55.32
C GLU C 975 27.27 -27.20 -54.93
N GLY C 976 26.48 -28.17 -55.37
CA GLY C 976 26.72 -29.55 -55.01
C GLY C 976 26.33 -29.84 -53.59
N ARG C 977 26.87 -30.93 -53.04
CA ARG C 977 26.57 -31.32 -51.67
C ARG C 977 27.32 -30.42 -50.71
N PRO C 978 26.65 -29.68 -49.84
CA PRO C 978 27.39 -28.84 -48.88
C PRO C 978 28.28 -29.64 -47.96
N GLY C 979 27.85 -30.84 -47.56
CA GLY C 979 28.67 -31.65 -46.66
C GLY C 979 29.98 -32.07 -47.28
N ALA C 980 29.93 -32.56 -48.52
CA ALA C 980 31.16 -32.89 -49.22
C ALA C 980 31.99 -31.66 -49.49
N SER C 981 31.34 -30.55 -49.89
CA SER C 981 32.05 -29.30 -50.08
C SER C 981 32.55 -28.71 -48.77
N LEU C 982 31.98 -29.11 -47.64
CA LEU C 982 32.41 -28.58 -46.36
C LEU C 982 33.79 -29.11 -46.03
N PRO C 983 34.74 -28.25 -45.63
CA PRO C 983 36.07 -28.72 -45.29
C PRO C 983 36.06 -29.47 -43.97
N PRO C 984 36.43 -30.75 -43.99
CA PRO C 984 36.48 -31.52 -42.74
C PRO C 984 37.46 -30.91 -41.77
N LEU C 985 37.11 -30.94 -40.49
CA LEU C 985 37.91 -30.30 -39.45
C LEU C 985 38.11 -31.24 -38.28
N ASP C 986 39.26 -31.09 -37.63
CA ASP C 986 39.64 -31.90 -36.49
C ASP C 986 39.05 -31.33 -35.20
N LEU C 987 38.79 -32.22 -34.25
CA LEU C 987 38.32 -31.83 -32.94
C LEU C 987 39.33 -32.09 -31.84
N GLN C 988 40.47 -32.70 -32.17
CA GLN C 988 41.46 -33.04 -31.14
C GLN C 988 41.99 -31.79 -30.45
N ALA C 989 42.25 -30.73 -31.22
CA ALA C 989 42.70 -29.48 -30.62
C ALA C 989 41.63 -28.89 -29.70
N LEU C 990 40.36 -29.11 -30.02
CA LEU C 990 39.29 -28.59 -29.17
C LEU C 990 39.31 -29.21 -27.79
N GLU C 991 39.70 -30.49 -27.69
CA GLU C 991 39.89 -31.11 -26.38
C GLU C 991 40.83 -30.29 -25.52
N LYS C 992 42.02 -29.99 -26.03
CA LYS C 992 43.01 -29.29 -25.23
C LYS C 992 42.58 -27.85 -24.99
N GLU C 993 41.91 -27.24 -25.97
CA GLU C 993 41.41 -25.88 -25.79
C GLU C 993 40.41 -25.81 -24.65
N LEU C 994 39.45 -26.73 -24.63
CA LEU C 994 38.48 -26.79 -23.53
C LEU C 994 39.20 -27.06 -22.21
N VAL C 995 40.16 -27.98 -22.23
CA VAL C 995 40.84 -28.37 -20.99
C VAL C 995 41.59 -27.19 -20.40
N ASP C 996 42.44 -26.55 -21.19
CA ASP C 996 43.27 -25.49 -20.63
C ASP C 996 42.49 -24.20 -20.42
N ARG C 997 41.31 -24.05 -21.05
CA ARG C 997 40.49 -22.90 -20.71
C ARG C 997 39.75 -23.12 -19.40
N HIS C 998 38.89 -24.13 -19.35
CA HIS C 998 38.17 -24.44 -18.13
C HIS C 998 37.92 -25.92 -17.93
N GLY C 999 38.63 -26.79 -18.63
CA GLY C 999 38.36 -28.21 -18.59
C GLY C 999 39.34 -28.98 -17.73
N GLU C 1000 38.81 -29.68 -16.73
CA GLU C 1000 39.59 -30.60 -15.94
C GLU C 1000 38.94 -31.96 -15.80
N GLU C 1001 37.71 -32.13 -16.30
CA GLU C 1001 37.05 -33.42 -16.34
C GLU C 1001 36.30 -33.63 -17.65
N VAL C 1002 36.54 -32.78 -18.65
CA VAL C 1002 35.71 -32.76 -19.86
C VAL C 1002 35.80 -34.10 -20.57
N THR C 1003 34.66 -34.65 -20.92
CA THR C 1003 34.52 -35.92 -21.62
C THR C 1003 34.31 -35.69 -23.11
N PRO C 1004 34.57 -36.71 -23.94
CA PRO C 1004 34.34 -36.53 -25.38
C PRO C 1004 32.93 -36.12 -25.72
N GLU C 1005 31.94 -36.54 -24.93
CA GLU C 1005 30.58 -36.06 -25.14
C GLU C 1005 30.52 -34.55 -25.00
N ASP C 1006 31.19 -34.01 -23.98
CA ASP C 1006 31.20 -32.57 -23.79
C ASP C 1006 31.93 -31.87 -24.92
N VAL C 1007 33.00 -32.48 -25.41
CA VAL C 1007 33.73 -31.90 -26.54
C VAL C 1007 32.84 -31.84 -27.76
N LEU C 1008 32.09 -32.91 -28.01
CA LEU C 1008 31.16 -32.92 -29.13
C LEU C 1008 30.09 -31.86 -28.95
N SER C 1009 29.59 -31.69 -27.73
CA SER C 1009 28.59 -30.66 -27.47
C SER C 1009 29.14 -29.28 -27.78
N ALA C 1010 30.37 -29.03 -27.35
CA ALA C 1010 31.03 -27.77 -27.68
C ALA C 1010 31.17 -27.62 -29.18
N ALA C 1011 31.52 -28.71 -29.86
CA ALA C 1011 31.59 -28.68 -31.32
C ALA C 1011 30.26 -28.30 -31.93
N MET C 1012 29.16 -28.73 -31.32
CA MET C 1012 27.84 -28.40 -31.83
C MET C 1012 27.51 -26.93 -31.58
N TYR C 1013 27.43 -26.55 -30.31
CA TYR C 1013 26.97 -25.23 -29.90
C TYR C 1013 27.96 -24.63 -28.91
N PRO C 1014 29.14 -24.22 -29.37
CA PRO C 1014 30.21 -23.84 -28.42
C PRO C 1014 29.82 -22.69 -27.50
N ASP C 1015 29.13 -21.68 -28.02
CA ASP C 1015 28.76 -20.52 -27.22
C ASP C 1015 27.93 -20.92 -26.02
N VAL C 1016 26.75 -21.50 -26.29
CA VAL C 1016 25.86 -21.87 -25.21
C VAL C 1016 26.45 -23.01 -24.39
N PHE C 1017 27.34 -23.82 -24.99
CA PHE C 1017 27.98 -24.87 -24.22
C PHE C 1017 28.84 -24.28 -23.11
N ALA C 1018 29.72 -23.34 -23.48
CA ALA C 1018 30.54 -22.68 -22.48
C ALA C 1018 29.69 -21.89 -21.50
N HIS C 1019 28.62 -21.27 -21.98
CA HIS C 1019 27.74 -20.52 -21.08
C HIS C 1019 27.11 -21.43 -20.04
N PHE C 1020 26.58 -22.57 -20.47
CA PHE C 1020 26.01 -23.52 -19.54
C PHE C 1020 27.07 -24.04 -18.58
N LYS C 1021 28.27 -24.29 -19.09
CA LYS C 1021 29.34 -24.80 -18.23
C LYS C 1021 29.67 -23.80 -17.14
N ASP C 1022 29.83 -22.53 -17.49
CA ASP C 1022 30.17 -21.53 -16.48
C ASP C 1022 29.03 -21.31 -15.51
N PHE C 1023 27.79 -21.31 -16.00
CA PHE C 1023 26.66 -21.13 -15.11
C PHE C 1023 26.56 -22.27 -14.11
N THR C 1024 26.73 -23.51 -14.58
CA THR C 1024 26.71 -24.65 -13.67
C THR C 1024 27.86 -24.58 -12.67
N ALA C 1025 29.04 -24.18 -13.14
CA ALA C 1025 30.18 -24.04 -12.24
C ALA C 1025 29.93 -22.96 -11.19
N THR C 1026 29.13 -21.94 -11.50
CA THR C 1026 28.86 -20.90 -10.52
C THR C 1026 27.94 -21.40 -9.41
N PHE C 1027 26.88 -22.12 -9.76
CA PHE C 1027 25.83 -22.48 -8.82
C PHE C 1027 25.79 -23.97 -8.51
N GLY C 1028 26.73 -24.76 -9.03
CA GLY C 1028 26.74 -26.18 -8.79
C GLY C 1028 25.73 -26.93 -9.62
N PRO C 1029 25.49 -28.20 -9.28
CA PRO C 1029 24.61 -29.05 -10.10
C PRO C 1029 23.14 -28.81 -9.80
N LEU C 1030 22.32 -28.82 -10.86
CA LEU C 1030 20.88 -28.67 -10.75
C LEU C 1030 20.21 -30.03 -10.92
N ASP C 1031 18.88 -30.02 -11.07
CA ASP C 1031 18.08 -31.23 -11.24
C ASP C 1031 18.24 -32.18 -10.05
N SER C 1032 18.38 -31.59 -8.87
CA SER C 1032 18.36 -32.35 -7.63
C SER C 1032 17.24 -31.89 -6.71
N LEU C 1033 16.27 -31.17 -7.25
CA LEU C 1033 15.24 -30.53 -6.45
C LEU C 1033 13.90 -30.62 -7.18
N ASN C 1034 12.85 -30.21 -6.50
CA ASN C 1034 11.52 -30.21 -7.10
C ASN C 1034 11.44 -29.19 -8.23
N THR C 1035 10.57 -29.48 -9.20
CA THR C 1035 10.43 -28.61 -10.35
C THR C 1035 9.92 -27.23 -9.94
N ARG C 1036 8.85 -27.19 -9.14
CA ARG C 1036 8.41 -25.91 -8.60
C ARG C 1036 9.49 -25.31 -7.71
N LEU C 1037 10.21 -26.16 -6.98
CA LEU C 1037 11.34 -25.68 -6.19
C LEU C 1037 12.42 -25.10 -7.09
N PHE C 1038 12.63 -25.72 -8.26
CA PHE C 1038 13.60 -25.19 -9.21
C PHE C 1038 13.18 -23.83 -9.74
N LEU C 1039 11.96 -23.72 -10.23
CA LEU C 1039 11.53 -22.54 -10.97
C LEU C 1039 10.87 -21.48 -10.09
N GLN C 1040 10.12 -21.90 -9.08
CA GLN C 1040 9.47 -20.96 -8.18
C GLN C 1040 10.29 -20.73 -6.91
N GLY C 1041 11.00 -21.76 -6.46
CA GLY C 1041 11.76 -21.68 -5.24
C GLY C 1041 10.89 -21.95 -4.04
N PRO C 1042 11.51 -22.24 -2.90
CA PRO C 1042 10.73 -22.47 -1.68
C PRO C 1042 10.02 -21.20 -1.25
N LYS C 1043 8.82 -21.38 -0.72
CA LYS C 1043 8.09 -20.27 -0.13
C LYS C 1043 8.63 -19.99 1.26
N ILE C 1044 8.37 -18.77 1.74
CA ILE C 1044 8.90 -18.33 3.02
C ILE C 1044 8.30 -19.16 4.14
N ALA C 1045 9.12 -19.46 5.16
CA ALA C 1045 8.67 -20.11 6.38
C ALA C 1045 8.06 -21.49 6.10
N GLU C 1046 8.89 -22.36 5.54
CA GLU C 1046 8.53 -23.76 5.38
C GLU C 1046 9.81 -24.59 5.25
N GLU C 1047 9.74 -25.81 5.77
CA GLU C 1047 10.86 -26.73 5.67
C GLU C 1047 10.65 -27.69 4.52
N PHE C 1048 11.75 -28.01 3.84
CA PHE C 1048 11.72 -28.90 2.70
C PHE C 1048 12.99 -29.72 2.71
N GLU C 1049 12.99 -30.78 1.90
CA GLU C 1049 14.13 -31.69 1.83
C GLU C 1049 14.70 -31.70 0.42
N VAL C 1050 16.02 -31.81 0.35
CA VAL C 1050 16.73 -31.87 -0.91
C VAL C 1050 17.76 -32.99 -0.83
N GLU C 1051 17.90 -33.74 -1.92
CA GLU C 1051 18.87 -34.82 -2.01
C GLU C 1051 20.07 -34.34 -2.80
N LEU C 1052 21.22 -34.95 -2.51
CA LEU C 1052 22.43 -34.75 -3.29
C LEU C 1052 22.86 -36.06 -3.94
N GLU C 1053 22.83 -37.15 -3.18
CA GLU C 1053 23.09 -38.49 -3.70
C GLU C 1053 22.26 -39.46 -2.88
N ARG C 1054 22.63 -40.74 -2.93
CA ARG C 1054 21.86 -41.77 -2.25
C ARG C 1054 21.77 -41.52 -0.75
N GLY C 1055 22.87 -41.09 -0.14
CA GLY C 1055 22.89 -40.86 1.29
C GLY C 1055 22.81 -39.40 1.65
N LYS C 1056 23.25 -38.52 0.76
CA LYS C 1056 23.23 -37.08 1.03
C LYS C 1056 21.86 -36.50 0.73
N THR C 1057 21.02 -36.40 1.76
CA THR C 1057 19.71 -35.76 1.64
C THR C 1057 19.56 -34.79 2.81
N LEU C 1058 19.15 -33.57 2.52
CA LEU C 1058 19.17 -32.49 3.50
C LEU C 1058 17.76 -32.12 3.93
N HIS C 1059 17.70 -31.27 4.96
CA HIS C 1059 16.45 -30.76 5.49
C HIS C 1059 16.59 -29.26 5.64
N ILE C 1060 15.88 -28.51 4.81
CA ILE C 1060 16.15 -27.09 4.65
C ILE C 1060 14.89 -26.29 4.93
N LYS C 1061 15.05 -25.20 5.67
CA LYS C 1061 13.98 -24.26 5.98
C LYS C 1061 14.48 -22.84 5.79
N ALA C 1062 13.56 -21.95 5.45
CA ALA C 1062 13.88 -20.54 5.23
C ALA C 1062 13.05 -19.66 6.16
N LEU C 1063 13.69 -18.66 6.74
CA LEU C 1063 12.99 -17.77 7.68
C LEU C 1063 12.44 -16.53 6.99
N ALA C 1064 13.31 -15.69 6.45
CA ALA C 1064 12.91 -14.41 5.88
C ALA C 1064 14.08 -13.82 5.12
N VAL C 1065 13.91 -12.58 4.66
CA VAL C 1065 14.89 -11.89 3.83
C VAL C 1065 15.12 -10.50 4.42
N SER C 1066 16.38 -10.06 4.34
CA SER C 1066 16.72 -8.70 4.74
C SER C 1066 16.30 -7.75 3.64
N ASP C 1067 16.65 -6.48 3.78
CA ASP C 1067 16.35 -5.47 2.76
C ASP C 1067 17.65 -4.92 2.19
N LEU C 1068 17.50 -4.12 1.13
CA LEU C 1068 18.66 -3.50 0.49
C LEU C 1068 19.45 -2.70 1.50
N ASN C 1069 20.64 -3.20 1.83
CA ASN C 1069 21.40 -2.61 2.94
C ASN C 1069 22.14 -1.34 2.52
N ARG C 1070 23.11 -1.46 1.63
CA ARG C 1070 23.83 -0.29 1.14
C ARG C 1070 24.12 -0.25 -0.35
N ALA C 1071 24.16 -1.38 -1.05
CA ALA C 1071 24.36 -1.39 -2.50
C ALA C 1071 23.45 -2.40 -3.18
N GLY C 1072 22.19 -2.44 -2.80
CA GLY C 1072 21.28 -3.40 -3.41
C GLY C 1072 21.65 -4.84 -3.11
N GLN C 1073 21.93 -5.14 -1.85
CA GLN C 1073 22.28 -6.49 -1.44
C GLN C 1073 21.31 -6.95 -0.36
N ARG C 1074 20.98 -8.23 -0.38
CA ARG C 1074 20.05 -8.83 0.55
C ARG C 1074 20.75 -9.91 1.36
N GLN C 1075 20.27 -10.12 2.58
CA GLN C 1075 20.70 -11.23 3.41
C GLN C 1075 19.49 -12.09 3.75
N VAL C 1076 19.62 -13.39 3.52
CA VAL C 1076 18.52 -14.31 3.75
C VAL C 1076 19.02 -15.39 4.69
N PHE C 1077 18.10 -16.01 5.42
CA PHE C 1077 18.43 -16.83 6.58
C PHE C 1077 17.80 -18.21 6.42
N PHE C 1078 18.62 -19.19 6.10
CA PHE C 1078 18.19 -20.57 5.90
C PHE C 1078 18.41 -21.40 7.15
N GLU C 1079 17.76 -22.57 7.16
CA GLU C 1079 17.87 -23.53 8.26
C GLU C 1079 18.42 -24.83 7.69
N LEU C 1080 19.52 -25.30 8.26
CA LEU C 1080 20.03 -26.62 7.94
C LEU C 1080 19.18 -27.63 8.71
N ASN C 1081 19.64 -28.89 8.75
CA ASN C 1081 18.99 -29.88 9.60
C ASN C 1081 18.94 -29.40 11.05
N GLY C 1082 19.99 -28.72 11.51
CA GLY C 1082 19.99 -28.12 12.82
C GLY C 1082 20.75 -26.81 12.90
N GLN C 1083 21.15 -26.28 11.75
CA GLN C 1083 21.99 -25.09 11.70
C GLN C 1083 21.26 -23.92 11.04
N LEU C 1084 21.69 -22.72 11.40
CA LEU C 1084 21.17 -21.49 10.84
C LEU C 1084 22.22 -20.85 9.97
N ARG C 1085 21.86 -20.50 8.74
CA ARG C 1085 22.80 -19.96 7.77
C ARG C 1085 22.31 -18.64 7.24
N SER C 1086 23.26 -17.74 6.96
CA SER C 1086 22.97 -16.43 6.41
C SER C 1086 23.80 -16.23 5.15
N ILE C 1087 23.14 -15.82 4.08
CA ILE C 1087 23.78 -15.66 2.78
C ILE C 1087 23.51 -14.25 2.26
N LEU C 1088 24.36 -13.80 1.34
CA LEU C 1088 24.22 -12.49 0.73
C LEU C 1088 23.94 -12.64 -0.77
N VAL C 1089 22.94 -11.91 -1.24
CA VAL C 1089 22.54 -11.91 -2.64
C VAL C 1089 22.57 -10.49 -3.15
N LYS C 1090 23.23 -10.29 -4.30
CA LYS C 1090 23.34 -8.98 -4.92
C LYS C 1090 22.11 -8.75 -5.79
N ASP C 1091 21.23 -7.86 -5.35
CA ASP C 1091 20.03 -7.56 -6.12
C ASP C 1091 20.40 -6.91 -7.45
N THR C 1092 19.60 -7.21 -8.47
CA THR C 1092 19.80 -6.68 -9.81
C THR C 1092 18.84 -5.56 -10.17
N GLN C 1093 17.81 -5.34 -9.37
CA GLN C 1093 16.80 -4.33 -9.65
C GLN C 1093 17.21 -2.95 -9.16
N ALA C 1094 18.44 -2.80 -8.70
CA ALA C 1094 18.98 -1.50 -8.30
C ALA C 1094 19.87 -0.99 -9.42
N MET C 1095 19.33 -0.11 -10.27
CA MET C 1095 20.11 0.54 -11.32
C MET C 1095 20.45 1.97 -10.94
N LYS C 1096 19.45 2.75 -10.51
CA LYS C 1096 19.61 4.12 -9.99
C LYS C 1096 20.54 4.96 -10.87
N GLU C 1097 20.10 5.14 -12.12
CA GLU C 1097 20.81 5.98 -13.07
C GLU C 1097 20.36 7.42 -12.87
N MET C 1098 21.28 8.28 -12.44
CA MET C 1098 20.99 9.70 -12.30
C MET C 1098 22.21 10.51 -12.76
N HIS C 1099 21.97 11.53 -13.56
CA HIS C 1099 23.01 12.40 -14.07
C HIS C 1099 22.81 13.82 -13.55
N PHE C 1100 23.91 14.53 -13.39
CA PHE C 1100 23.89 15.85 -12.78
C PHE C 1100 24.73 16.83 -13.60
N HIS C 1101 24.42 18.11 -13.44
CA HIS C 1101 25.22 19.15 -14.07
C HIS C 1101 26.64 19.07 -13.54
N PRO C 1102 27.65 19.24 -14.39
CA PRO C 1102 29.04 19.03 -13.94
C PRO C 1102 29.39 19.90 -12.74
N LYS C 1103 30.07 19.29 -11.78
CA LYS C 1103 30.49 20.00 -10.58
C LYS C 1103 31.85 20.63 -10.78
N ALA C 1104 31.98 21.88 -10.36
CA ALA C 1104 33.27 22.56 -10.45
C ALA C 1104 34.23 21.97 -9.44
N LEU C 1105 35.42 21.59 -9.91
CA LEU C 1105 36.43 20.97 -9.06
C LEU C 1105 37.40 22.04 -8.57
N LYS C 1106 37.60 22.08 -7.25
CA LYS C 1106 38.42 23.13 -6.65
C LYS C 1106 39.91 22.97 -6.95
N ASP C 1107 40.34 21.78 -7.37
CA ASP C 1107 41.74 21.60 -7.74
C ASP C 1107 42.10 22.44 -8.96
N VAL C 1108 41.16 22.57 -9.90
CA VAL C 1108 41.36 23.41 -11.07
C VAL C 1108 40.97 24.84 -10.70
N LYS C 1109 41.95 25.74 -10.61
CA LYS C 1109 41.66 27.13 -10.29
C LYS C 1109 40.87 27.80 -11.40
N GLY C 1110 41.10 27.40 -12.65
CA GLY C 1110 40.39 28.00 -13.76
C GLY C 1110 38.89 27.77 -13.71
N GLN C 1111 38.47 26.62 -13.17
CA GLN C 1111 37.06 26.31 -13.10
C GLN C 1111 36.32 27.28 -12.20
N ILE C 1112 35.10 27.61 -12.58
CA ILE C 1112 34.26 28.55 -11.84
C ILE C 1112 33.02 27.81 -11.35
N GLY C 1113 32.76 27.91 -10.05
CA GLY C 1113 31.61 27.26 -9.46
C GLY C 1113 30.49 28.21 -9.09
N ALA C 1114 29.27 27.68 -8.99
CA ALA C 1114 28.13 28.52 -8.65
C ALA C 1114 28.21 28.89 -7.17
N PRO C 1115 28.23 30.18 -6.82
CA PRO C 1115 28.28 30.54 -5.39
C PRO C 1115 26.98 30.24 -4.65
N MET C 1116 25.83 30.55 -5.26
CA MET C 1116 24.55 30.30 -4.62
C MET C 1116 23.63 29.53 -5.56
N PRO C 1117 22.97 28.49 -5.07
CA PRO C 1117 21.93 27.84 -5.86
C PRO C 1117 20.80 28.80 -6.18
N GLY C 1118 20.25 28.66 -7.38
CA GLY C 1118 19.15 29.51 -7.76
C GLY C 1118 18.97 29.53 -9.26
N LYS C 1119 18.00 30.32 -9.70
CA LYS C 1119 17.63 30.42 -11.10
C LYS C 1119 18.52 31.44 -11.80
N VAL C 1120 19.06 31.05 -12.95
CA VAL C 1120 19.94 31.94 -13.72
C VAL C 1120 19.08 33.00 -14.40
N ILE C 1121 19.46 34.26 -14.21
CA ILE C 1121 18.71 35.38 -14.78
C ILE C 1121 19.22 35.67 -16.19
N ASP C 1122 20.51 35.98 -16.30
CA ASP C 1122 21.09 36.36 -17.57
C ASP C 1122 22.56 35.95 -17.60
N ILE C 1123 23.09 35.82 -18.81
CA ILE C 1123 24.48 35.47 -19.03
C ILE C 1123 25.13 36.63 -19.80
N LYS C 1124 26.30 37.06 -19.34
CA LYS C 1124 26.99 38.20 -19.93
C LYS C 1124 28.16 37.79 -20.82
N VAL C 1125 28.56 36.53 -20.80
CA VAL C 1125 29.72 36.06 -21.55
C VAL C 1125 29.32 34.83 -22.35
N VAL C 1126 29.61 34.83 -23.64
CA VAL C 1126 29.38 33.67 -24.49
C VAL C 1126 30.63 32.80 -24.46
N ALA C 1127 30.45 31.52 -24.81
CA ALA C 1127 31.55 30.58 -24.81
C ALA C 1127 32.63 31.01 -25.80
N GLY C 1128 33.89 30.80 -25.42
CA GLY C 1128 35.00 31.19 -26.27
C GLY C 1128 35.15 32.68 -26.44
N ALA C 1129 34.95 33.46 -25.38
CA ALA C 1129 35.04 34.90 -25.43
C ALA C 1129 35.96 35.41 -24.33
N LYS C 1130 36.64 36.52 -24.61
CA LYS C 1130 37.55 37.12 -23.64
C LYS C 1130 36.78 37.62 -22.43
N VAL C 1131 37.39 37.50 -21.25
CA VAL C 1131 36.80 37.95 -19.99
C VAL C 1131 37.85 38.73 -19.22
N ALA C 1132 37.43 39.84 -18.62
CA ALA C 1132 38.32 40.63 -17.79
C ALA C 1132 38.31 40.12 -16.36
N LYS C 1133 39.37 40.46 -15.61
CA LYS C 1133 39.42 40.09 -14.21
C LYS C 1133 38.39 40.87 -13.41
N GLY C 1134 37.59 40.15 -12.63
CA GLY C 1134 36.52 40.79 -11.89
C GLY C 1134 35.49 41.45 -12.79
N GLN C 1135 35.15 40.80 -13.90
CA GLN C 1135 34.17 41.32 -14.84
C GLN C 1135 32.90 40.50 -14.75
N PRO C 1136 31.74 41.13 -14.60
CA PRO C 1136 30.50 40.37 -14.41
C PRO C 1136 30.19 39.50 -15.62
N LEU C 1137 29.75 38.27 -15.34
CA LEU C 1137 29.37 37.33 -16.40
C LEU C 1137 28.05 36.62 -16.17
N CYS C 1138 27.56 36.49 -14.94
CA CYS C 1138 26.29 35.84 -14.67
C CYS C 1138 25.64 36.47 -13.45
N VAL C 1139 24.31 36.34 -13.38
CA VAL C 1139 23.53 36.83 -12.26
C VAL C 1139 22.70 35.68 -11.71
N LEU C 1140 22.75 35.49 -10.39
CA LEU C 1140 21.99 34.45 -9.71
C LEU C 1140 21.09 35.09 -8.66
N SER C 1141 19.87 34.56 -8.55
CA SER C 1141 18.91 35.04 -7.57
C SER C 1141 17.88 33.94 -7.32
N ALA C 1142 17.82 33.43 -6.10
CA ALA C 1142 16.92 32.32 -5.83
C ALA C 1142 15.63 32.79 -5.20
N MET C 1143 15.70 33.38 -4.00
CA MET C 1143 14.51 34.03 -3.44
C MET C 1143 14.84 35.42 -2.89
N LYS C 1144 15.97 35.55 -2.22
CA LYS C 1144 16.31 36.76 -1.48
C LYS C 1144 17.64 37.37 -1.88
N MET C 1145 18.66 36.56 -2.10
CA MET C 1145 20.01 37.04 -2.37
C MET C 1145 20.28 37.04 -3.86
N GLU C 1146 20.97 38.07 -4.32
CA GLU C 1146 21.39 38.18 -5.72
C GLU C 1146 22.90 38.34 -5.74
N THR C 1147 23.58 37.38 -6.35
CA THR C 1147 25.03 37.41 -6.47
C THR C 1147 25.41 37.37 -7.94
N VAL C 1148 26.30 38.27 -8.32
CA VAL C 1148 26.77 38.38 -9.70
C VAL C 1148 28.13 37.72 -9.78
N VAL C 1149 28.24 36.66 -10.58
CA VAL C 1149 29.48 35.92 -10.72
C VAL C 1149 30.40 36.67 -11.67
N THR C 1150 31.64 36.89 -11.25
CA THR C 1150 32.64 37.58 -12.06
C THR C 1150 33.81 36.66 -12.35
N SER C 1151 34.46 36.89 -13.48
CA SER C 1151 35.63 36.10 -13.85
C SER C 1151 36.80 36.50 -12.96
N PRO C 1152 37.25 35.61 -12.07
CA PRO C 1152 38.28 35.99 -11.10
C PRO C 1152 39.66 36.16 -11.72
N MET C 1153 39.90 35.60 -12.90
CA MET C 1153 41.18 35.73 -13.57
C MET C 1153 40.98 36.26 -14.98
N GLU C 1154 42.00 36.93 -15.49
CA GLU C 1154 41.99 37.49 -16.83
C GLU C 1154 42.24 36.40 -17.86
N GLY C 1155 41.54 36.49 -18.98
CA GLY C 1155 41.75 35.54 -20.07
C GLY C 1155 40.48 35.39 -20.90
N THR C 1156 40.31 34.18 -21.44
CA THR C 1156 39.14 33.86 -22.25
C THR C 1156 38.55 32.54 -21.77
N VAL C 1157 37.24 32.42 -21.92
CA VAL C 1157 36.53 31.21 -21.49
C VAL C 1157 36.61 30.17 -22.59
N ARG C 1158 36.34 28.92 -22.24
CA ARG C 1158 36.28 27.83 -23.21
C ARG C 1158 34.85 27.47 -23.58
N LYS C 1159 34.01 27.21 -22.58
CA LYS C 1159 32.61 26.90 -22.80
C LYS C 1159 31.82 27.24 -21.55
N VAL C 1160 30.54 27.53 -21.73
CA VAL C 1160 29.62 27.81 -20.64
C VAL C 1160 28.55 26.72 -20.62
N HIS C 1161 28.35 26.12 -19.45
CA HIS C 1161 27.41 25.01 -19.28
C HIS C 1161 26.02 25.50 -18.87
N VAL C 1162 25.65 26.70 -19.31
CA VAL C 1162 24.42 27.33 -18.88
C VAL C 1162 23.47 27.42 -20.07
N THR C 1163 22.19 27.14 -19.81
CA THR C 1163 21.12 27.31 -20.79
C THR C 1163 20.29 28.56 -20.52
N LYS C 1164 20.71 29.40 -19.57
CA LYS C 1164 20.10 30.68 -19.27
C LYS C 1164 18.73 30.53 -18.59
N ASP C 1165 18.22 29.31 -18.52
CA ASP C 1165 16.86 29.15 -18.00
C ASP C 1165 16.70 27.94 -17.08
N MET C 1166 17.74 27.55 -16.35
CA MET C 1166 17.64 26.49 -15.37
C MET C 1166 18.10 26.97 -14.01
N THR C 1167 17.41 26.50 -12.97
CA THR C 1167 17.81 26.74 -11.59
C THR C 1167 18.92 25.75 -11.25
N LEU C 1168 20.13 26.26 -11.09
CA LEU C 1168 21.31 25.43 -10.90
C LEU C 1168 21.84 25.57 -9.49
N GLU C 1169 22.19 24.45 -8.88
CA GLU C 1169 22.67 24.44 -7.52
C GLU C 1169 24.07 25.02 -7.44
N GLY C 1170 24.47 25.38 -6.22
CA GLY C 1170 25.76 26.00 -6.01
C GLY C 1170 26.91 25.06 -6.25
N ASP C 1171 28.09 25.65 -6.44
CA ASP C 1171 29.33 24.91 -6.65
C ASP C 1171 29.23 23.99 -7.86
N ASP C 1172 28.72 24.54 -8.97
CA ASP C 1172 28.56 23.80 -10.20
C ASP C 1172 29.44 24.40 -11.29
N LEU C 1173 29.91 23.53 -12.18
CA LEU C 1173 30.84 23.93 -13.24
C LEU C 1173 30.06 24.70 -14.31
N ILE C 1174 29.78 25.96 -13.98
CA ILE C 1174 29.05 26.82 -14.91
C ILE C 1174 29.91 27.14 -16.13
N LEU C 1175 31.18 27.50 -15.90
CA LEU C 1175 32.11 27.79 -16.99
C LEU C 1175 33.52 27.52 -16.48
N GLU C 1176 34.50 27.70 -17.37
CA GLU C 1176 35.90 27.47 -17.05
C GLU C 1176 36.74 28.61 -17.59
N ILE C 1177 37.91 28.79 -16.99
CA ILE C 1177 38.88 29.81 -17.39
C ILE C 1177 40.17 29.11 -17.76
N GLU C 1178 40.76 29.53 -18.88
CA GLU C 1178 42.02 28.94 -19.37
C GLU C 1178 43.12 29.00 -18.31
N ASN D 495 25.71 -12.62 32.11
CA ASN D 495 24.91 -13.40 31.18
C ASN D 495 23.46 -12.95 31.20
N ARG D 496 23.24 -11.64 31.12
CA ARG D 496 21.91 -11.07 31.02
C ARG D 496 21.64 -10.47 29.65
N ALA D 497 22.58 -10.62 28.70
CA ALA D 497 22.34 -10.12 27.35
C ALA D 497 21.10 -10.74 26.75
N GLN D 498 20.80 -11.99 27.12
CA GLN D 498 19.58 -12.63 26.65
C GLN D 498 18.34 -11.89 27.12
N LYS D 499 18.28 -11.51 28.40
CA LYS D 499 17.14 -10.77 28.91
C LYS D 499 17.07 -9.38 28.28
N LEU D 500 18.22 -8.74 28.10
CA LEU D 500 18.24 -7.41 27.49
C LEU D 500 17.74 -7.47 26.05
N LEU D 501 18.14 -8.50 25.30
CA LEU D 501 17.67 -8.62 23.93
C LEU D 501 16.21 -9.03 23.88
N HIS D 502 15.74 -9.78 24.88
CA HIS D 502 14.30 -10.04 24.95
C HIS D 502 13.54 -8.74 25.16
N TYR D 503 14.06 -7.86 26.00
CA TYR D 503 13.48 -6.54 26.17
C TYR D 503 13.48 -5.76 24.85
N LEU D 504 14.61 -5.80 24.15
CA LEU D 504 14.74 -5.08 22.89
C LEU D 504 13.73 -5.59 21.86
N GLY D 505 13.59 -6.91 21.75
CA GLY D 505 12.63 -7.46 20.82
C GLY D 505 11.19 -7.17 21.20
N HIS D 506 10.91 -7.19 22.51
CA HIS D 506 9.57 -6.85 22.96
C HIS D 506 9.25 -5.40 22.62
N VAL D 507 10.25 -4.53 22.69
CA VAL D 507 10.09 -3.16 22.20
C VAL D 507 9.82 -3.16 20.71
N MET D 508 10.56 -3.98 19.97
CA MET D 508 10.42 -4.01 18.51
C MET D 508 9.01 -4.41 18.10
N VAL D 509 8.46 -5.43 18.75
CA VAL D 509 7.18 -6.01 18.34
C VAL D 509 6.05 -5.31 19.07
N ASN D 510 6.03 -5.42 20.39
CA ASN D 510 4.88 -4.95 21.14
C ASN D 510 4.92 -3.45 21.38
N GLY D 511 6.06 -2.82 21.11
CA GLY D 511 6.19 -1.38 21.22
C GLY D 511 6.83 -0.96 22.53
N PRO D 512 7.04 0.34 22.71
CA PRO D 512 7.52 0.84 24.00
C PRO D 512 6.52 0.51 25.11
N THR D 513 7.07 0.15 26.27
CA THR D 513 6.26 -0.33 27.37
C THR D 513 5.61 0.81 28.16
N THR D 514 6.38 1.85 28.46
CA THR D 514 5.86 2.96 29.24
C THR D 514 4.77 3.68 28.45
N PRO D 515 3.67 4.06 29.09
CA PRO D 515 2.64 4.83 28.38
C PRO D 515 3.20 6.16 27.88
N ILE D 516 2.75 6.55 26.70
CA ILE D 516 3.23 7.76 26.03
C ILE D 516 2.06 8.73 25.93
N PRO D 517 2.16 9.93 26.52
CA PRO D 517 1.01 10.86 26.45
C PRO D 517 0.68 11.29 25.04
N VAL D 518 1.66 11.82 24.30
CA VAL D 518 1.45 12.31 22.95
C VAL D 518 2.45 11.62 22.03
N LYS D 519 2.01 11.37 20.79
CA LYS D 519 2.89 10.71 19.84
C LYS D 519 3.99 11.66 19.40
N ALA D 520 5.21 11.17 19.38
CA ALA D 520 6.35 11.96 18.92
C ALA D 520 7.51 11.02 18.62
N SER D 521 8.57 11.60 18.07
CA SER D 521 9.77 10.84 17.73
C SER D 521 10.99 11.51 18.37
N PRO D 522 11.93 10.71 18.86
CA PRO D 522 13.14 11.29 19.45
C PRO D 522 13.98 11.98 18.39
N SER D 523 14.69 13.01 18.83
CA SER D 523 15.64 13.66 17.95
C SER D 523 16.79 12.71 17.65
N PRO D 524 17.07 12.42 16.38
CA PRO D 524 18.18 11.50 16.08
C PRO D 524 19.53 12.01 16.58
N THR D 525 19.70 13.33 16.69
CA THR D 525 20.96 13.91 17.10
C THR D 525 21.24 13.62 18.57
N ASP D 526 22.52 13.67 18.93
CA ASP D 526 23.00 13.41 20.28
C ASP D 526 23.54 14.70 20.89
N PRO D 527 23.09 15.08 22.08
CA PRO D 527 23.57 16.31 22.70
C PRO D 527 25.07 16.25 22.96
N VAL D 528 25.71 17.40 22.81
CA VAL D 528 27.16 17.49 22.97
C VAL D 528 27.49 17.91 24.40
N VAL D 529 28.39 17.17 25.02
CA VAL D 529 28.90 17.48 26.35
C VAL D 529 30.19 18.28 26.19
N PRO D 530 30.34 19.41 26.87
CA PRO D 530 31.58 20.18 26.76
C PRO D 530 32.73 19.50 27.49
N ALA D 531 33.94 19.92 27.12
CA ALA D 531 35.15 19.35 27.69
C ALA D 531 35.25 19.69 29.18
N VAL D 532 35.96 18.83 29.91
CA VAL D 532 36.12 18.99 31.35
C VAL D 532 37.61 18.98 31.68
N PRO D 533 38.07 19.77 32.65
CA PRO D 533 39.48 19.73 33.02
C PRO D 533 39.86 18.42 33.67
N ILE D 534 41.14 18.05 33.51
CA ILE D 534 41.64 16.81 34.08
C ILE D 534 41.69 16.87 35.60
N GLY D 535 42.02 18.02 36.17
CA GLY D 535 42.19 18.15 37.59
C GLY D 535 40.92 17.85 38.36
N PRO D 536 41.07 17.37 39.60
CA PRO D 536 39.90 17.13 40.45
C PRO D 536 39.05 18.37 40.55
N PRO D 537 37.74 18.22 40.70
CA PRO D 537 36.86 19.39 40.78
C PRO D 537 37.25 20.28 41.96
N PRO D 538 37.24 21.59 41.77
CA PRO D 538 37.62 22.50 42.87
C PRO D 538 36.66 22.38 44.04
N ALA D 539 37.24 22.45 45.24
CA ALA D 539 36.46 22.23 46.45
C ALA D 539 35.47 23.37 46.65
N GLY D 540 34.19 23.02 46.68
CA GLY D 540 33.12 23.98 46.91
C GLY D 540 32.90 24.22 48.38
N PHE D 541 31.64 24.31 48.76
CA PHE D 541 31.30 24.55 50.16
C PHE D 541 31.18 23.27 50.96
N ARG D 542 31.26 22.11 50.31
CA ARG D 542 31.13 20.84 51.02
C ARG D 542 32.29 20.62 52.00
N ASP D 543 33.47 21.12 51.67
CA ASP D 543 34.60 21.03 52.58
C ASP D 543 34.29 21.69 53.92
N ILE D 544 33.48 22.75 53.90
CA ILE D 544 33.13 23.43 55.15
C ILE D 544 32.29 22.53 56.03
N LEU D 545 31.28 21.87 55.45
CA LEU D 545 30.47 20.93 56.23
C LEU D 545 31.33 19.78 56.72
N LEU D 546 32.23 19.27 55.89
CA LEU D 546 33.13 18.22 56.31
C LEU D 546 34.06 18.67 57.43
N ARG D 547 34.33 19.96 57.52
CA ARG D 547 35.24 20.51 58.51
C ARG D 547 34.51 21.22 59.64
N GLU D 548 33.60 22.14 59.31
CA GLU D 548 32.86 22.89 60.31
C GLU D 548 31.47 22.28 60.48
N GLY D 549 30.86 22.56 61.63
CA GLY D 549 29.54 22.09 61.90
C GLY D 549 28.51 22.78 61.04
N PRO D 550 27.29 22.24 61.03
CA PRO D 550 26.22 22.87 60.24
C PRO D 550 25.97 24.32 60.63
N GLU D 551 26.02 24.63 61.94
CA GLU D 551 25.89 26.02 62.36
C GLU D 551 27.08 26.86 61.90
N GLY D 552 28.28 26.29 61.98
CA GLY D 552 29.45 27.00 61.47
C GLY D 552 29.35 27.27 59.98
N PHE D 553 28.86 26.28 59.23
CA PHE D 553 28.62 26.48 57.81
C PHE D 553 27.59 27.57 57.54
N ALA D 554 26.51 27.58 58.33
CA ALA D 554 25.50 28.62 58.17
C ALA D 554 26.09 30.00 58.47
N ARG D 555 26.92 30.10 59.50
CA ARG D 555 27.56 31.37 59.81
C ARG D 555 28.49 31.80 58.68
N ALA D 556 29.26 30.85 58.14
CA ALA D 556 30.17 31.18 57.05
C ALA D 556 29.41 31.70 55.83
N VAL D 557 28.29 31.07 55.51
CA VAL D 557 27.47 31.53 54.39
C VAL D 557 26.89 32.91 54.69
N ARG D 558 26.36 33.10 55.90
CA ARG D 558 25.71 34.36 56.23
C ARG D 558 26.69 35.53 56.19
N ASN D 559 27.89 35.35 56.74
CA ASN D 559 28.87 36.44 56.71
C ASN D 559 29.48 36.63 55.34
N HIS D 560 29.26 35.70 54.41
CA HIS D 560 29.79 35.86 53.06
C HIS D 560 29.10 37.05 52.37
N PRO D 561 29.87 37.91 51.71
CA PRO D 561 29.27 39.02 50.94
C PRO D 561 28.89 38.55 49.54
N GLY D 562 27.70 38.92 49.11
CA GLY D 562 27.24 38.61 47.78
C GLY D 562 25.95 37.81 47.83
N LEU D 563 25.71 37.04 46.79
CA LEU D 563 24.52 36.22 46.69
C LEU D 563 24.91 34.77 46.41
N LEU D 564 24.10 33.85 46.92
CA LEU D 564 24.33 32.43 46.73
C LEU D 564 23.30 31.86 45.77
N LEU D 565 23.73 30.92 44.95
CA LEU D 565 22.95 30.44 43.82
C LEU D 565 22.63 28.96 43.96
N MET D 566 21.46 28.58 43.45
CA MET D 566 21.07 27.18 43.34
C MET D 566 20.62 26.87 41.93
N ASP D 567 21.25 25.87 41.32
CA ASP D 567 20.70 25.24 40.12
C ASP D 567 19.71 24.18 40.53
N THR D 568 18.42 24.45 40.32
CA THR D 568 17.36 23.51 40.64
C THR D 568 16.91 22.71 39.43
N THR D 569 17.74 22.67 38.38
CA THR D 569 17.38 22.00 37.14
C THR D 569 17.13 20.51 37.37
N PHE D 570 17.98 19.87 38.18
CA PHE D 570 17.99 18.42 38.29
C PHE D 570 16.71 17.84 38.87
N ARG D 571 15.98 18.60 39.69
CA ARG D 571 14.75 18.07 40.27
C ARG D 571 13.53 18.88 39.88
N ASP D 572 13.51 20.18 40.16
CA ASP D 572 12.26 20.92 40.04
C ASP D 572 11.89 21.17 38.60
N ALA D 573 12.88 21.43 37.73
CA ALA D 573 12.59 21.61 36.32
C ALA D 573 12.06 20.32 35.69
N HIS D 574 12.74 19.20 35.96
CA HIS D 574 12.29 17.93 35.40
C HIS D 574 10.87 17.61 35.87
N GLN D 575 10.61 17.80 37.15
CA GLN D 575 9.27 17.55 37.68
C GLN D 575 8.25 18.49 37.04
N SER D 576 8.64 19.75 36.84
CA SER D 576 7.70 20.77 36.42
C SER D 576 7.53 20.77 34.90
N LEU D 577 8.60 21.06 34.17
CA LEU D 577 8.55 21.14 32.72
C LEU D 577 8.13 19.80 32.13
N LEU D 578 8.74 18.74 32.62
CA LEU D 578 8.52 17.41 32.10
C LEU D 578 7.64 16.62 33.06
N ALA D 579 7.51 15.32 32.80
CA ALA D 579 7.01 14.37 33.79
C ALA D 579 8.16 13.71 34.53
N THR D 580 9.27 14.45 34.63
CA THR D 580 10.53 14.02 35.27
C THR D 580 10.83 12.55 34.99
N ARG D 581 10.76 12.17 33.72
CA ARG D 581 11.07 10.82 33.29
C ARG D 581 12.52 10.68 32.87
N VAL D 582 13.40 11.53 33.38
CA VAL D 582 14.79 11.51 32.95
C VAL D 582 15.54 10.43 33.69
N ARG D 583 16.37 9.69 32.96
CA ARG D 583 17.23 8.67 33.53
C ARG D 583 18.50 9.32 34.03
N THR D 584 19.45 8.53 34.49
CA THR D 584 20.69 9.04 35.07
C THR D 584 21.86 9.02 34.11
N HIS D 585 21.70 8.38 32.96
CA HIS D 585 22.79 8.31 31.99
C HIS D 585 23.22 9.70 31.53
N ASP D 586 22.27 10.48 31.03
CA ASP D 586 22.57 11.84 30.57
C ASP D 586 23.03 12.73 31.71
N LEU D 587 22.49 12.52 32.91
CA LEU D 587 22.98 13.28 34.07
C LEU D 587 24.45 13.00 34.32
N LYS D 588 24.86 11.73 34.27
CA LYS D 588 26.26 11.39 34.45
C LYS D 588 27.11 11.96 33.32
N LYS D 589 26.54 12.04 32.12
CA LYS D 589 27.30 12.59 30.99
C LYS D 589 27.76 14.01 31.25
N ILE D 590 27.07 14.74 32.13
CA ILE D 590 27.39 16.14 32.41
C ILE D 590 27.91 16.36 33.82
N ALA D 591 27.73 15.41 34.73
CA ALA D 591 28.14 15.59 36.12
C ALA D 591 29.60 16.02 36.28
N PRO D 592 30.58 15.43 35.59
CA PRO D 592 31.95 15.94 35.72
C PRO D 592 32.08 17.40 35.34
N TYR D 593 31.36 17.86 34.32
CA TYR D 593 31.42 19.26 33.94
C TYR D 593 30.91 20.14 35.07
N VAL D 594 29.81 19.74 35.69
CA VAL D 594 29.25 20.53 36.79
C VAL D 594 30.22 20.55 37.98
N ALA D 595 30.81 19.40 38.31
CA ALA D 595 31.75 19.36 39.42
C ALA D 595 32.96 20.24 39.14
N HIS D 596 33.49 20.18 37.92
CA HIS D 596 34.69 20.93 37.59
C HIS D 596 34.44 22.42 37.51
N ASN D 597 33.26 22.82 37.05
CA ASN D 597 33.02 24.22 36.72
C ASN D 597 32.16 24.95 37.73
N PHE D 598 31.17 24.27 38.32
CA PHE D 598 30.23 24.91 39.24
C PHE D 598 30.59 24.57 40.69
N SER D 599 31.74 25.08 41.11
CA SER D 599 32.14 24.97 42.51
C SER D 599 31.71 26.17 43.34
N LYS D 600 31.32 27.27 42.69
CA LYS D 600 30.85 28.45 43.38
C LYS D 600 29.38 28.37 43.76
N LEU D 601 28.69 27.33 43.34
CA LEU D 601 27.28 27.19 43.67
C LEU D 601 27.10 26.98 45.17
N PHE D 602 26.00 27.52 45.71
CA PHE D 602 25.63 27.26 47.09
C PHE D 602 25.51 25.78 47.37
N SER D 603 24.49 25.14 46.80
CA SER D 603 24.19 23.75 47.06
C SER D 603 23.36 23.24 45.90
N MET D 604 23.29 21.92 45.79
CA MET D 604 22.66 21.29 44.64
C MET D 604 21.44 20.48 45.08
N GLU D 605 20.39 20.54 44.28
CA GLU D 605 19.17 19.77 44.51
C GLU D 605 19.12 18.62 43.52
N ASN D 606 19.06 17.40 44.06
CA ASN D 606 19.11 16.21 43.22
C ASN D 606 18.05 15.20 43.62
N TRP D 607 17.48 15.38 44.80
CA TRP D 607 16.56 14.42 45.39
C TRP D 607 15.15 14.98 45.33
N GLY D 608 14.21 14.16 44.87
CA GLY D 608 12.84 14.59 44.71
C GLY D 608 11.89 13.94 45.71
N GLY D 609 10.64 14.37 45.62
CA GLY D 609 9.58 13.74 46.39
C GLY D 609 9.01 12.57 45.61
N ALA D 610 8.75 12.79 44.32
CA ALA D 610 8.26 11.74 43.44
C ALA D 610 9.37 10.97 42.75
N THR D 611 10.63 11.16 43.17
CA THR D 611 11.71 10.41 42.55
C THR D 611 11.54 8.91 42.78
N PHE D 612 11.11 8.53 43.99
CA PHE D 612 10.83 7.13 44.25
C PHE D 612 9.70 6.60 43.37
N ASP D 613 8.62 7.38 43.26
CA ASP D 613 7.48 6.93 42.47
C ASP D 613 7.86 6.76 41.01
N VAL D 614 8.64 7.67 40.45
CA VAL D 614 9.04 7.54 39.05
C VAL D 614 10.05 6.42 38.88
N ALA D 615 10.96 6.24 39.85
CA ALA D 615 11.97 5.20 39.73
C ALA D 615 11.40 3.80 39.95
N MET D 616 10.23 3.70 40.56
CA MET D 616 9.56 2.42 40.76
C MET D 616 8.50 2.14 39.70
N ARG D 617 7.54 3.04 39.53
CA ARG D 617 6.32 2.72 38.81
C ARG D 617 6.57 2.65 37.30
N PHE D 618 6.91 3.78 36.69
CA PHE D 618 7.01 3.82 35.24
C PHE D 618 8.44 3.61 34.77
N LEU D 619 9.37 4.43 35.25
CA LEU D 619 10.77 4.13 35.06
C LEU D 619 11.23 3.14 36.11
N TYR D 620 12.36 2.50 35.85
CA TYR D 620 12.87 1.37 36.65
C TYR D 620 14.30 1.68 37.08
N GLU D 621 14.44 2.34 38.22
CA GLU D 621 15.75 2.72 38.74
C GLU D 621 15.71 2.62 40.26
N CYS D 622 16.89 2.50 40.86
CA CYS D 622 17.00 2.55 42.32
C CYS D 622 17.57 3.89 42.74
N PRO D 623 16.79 4.71 43.46
CA PRO D 623 17.25 6.06 43.78
C PRO D 623 18.57 6.09 44.54
N TRP D 624 18.76 5.15 45.47
CA TRP D 624 19.98 5.12 46.25
C TRP D 624 21.19 4.93 45.37
N ARG D 625 21.07 4.08 44.35
CA ARG D 625 22.22 3.76 43.51
C ARG D 625 22.74 4.99 42.79
N ARG D 626 21.93 5.55 41.89
CA ARG D 626 22.42 6.69 41.11
C ARG D 626 22.71 7.87 42.02
N LEU D 627 22.03 7.97 43.17
CA LEU D 627 22.47 8.95 44.15
C LEU D 627 23.92 8.70 44.56
N GLN D 628 24.27 7.42 44.75
CA GLN D 628 25.63 7.08 45.17
C GLN D 628 26.64 7.44 44.09
N GLU D 629 26.35 7.09 42.83
CA GLU D 629 27.31 7.48 41.78
C GLU D 629 27.41 8.99 41.64
N LEU D 630 26.30 9.71 41.76
CA LEU D 630 26.36 11.16 41.65
C LEU D 630 27.19 11.77 42.77
N ARG D 631 26.95 11.32 44.01
CA ARG D 631 27.74 11.82 45.13
C ARG D 631 29.21 11.49 44.97
N GLU D 632 29.52 10.34 44.37
CA GLU D 632 30.90 10.05 44.01
C GLU D 632 31.42 11.09 43.02
N LEU D 633 30.63 11.39 41.99
CA LEU D 633 31.03 12.35 40.98
C LEU D 633 31.07 13.78 41.49
N ILE D 634 30.29 14.08 42.53
CA ILE D 634 30.24 15.40 43.11
C ILE D 634 30.69 15.30 44.56
N PRO D 635 31.98 15.44 44.82
CA PRO D 635 32.46 15.32 46.20
C PRO D 635 32.53 16.67 46.90
N ASN D 636 32.26 17.75 46.16
CA ASN D 636 32.54 19.10 46.66
C ASN D 636 31.38 20.07 46.43
N ILE D 637 30.16 19.58 46.29
CA ILE D 637 28.97 20.43 46.40
C ILE D 637 27.96 19.76 47.32
N PRO D 638 27.52 20.40 48.39
CA PRO D 638 26.48 19.82 49.24
C PRO D 638 25.17 19.67 48.49
N PHE D 639 24.44 18.62 48.85
CA PHE D 639 23.20 18.27 48.17
C PHE D 639 22.01 18.60 49.06
N GLN D 640 20.90 18.94 48.40
CA GLN D 640 19.65 19.22 49.10
C GLN D 640 18.57 18.27 48.62
N MET D 641 17.82 17.72 49.57
CA MET D 641 16.74 16.79 49.29
C MET D 641 15.42 17.37 49.74
N LEU D 642 14.35 16.98 49.04
CA LEU D 642 13.00 17.41 49.39
C LEU D 642 12.40 16.44 50.40
N LEU D 643 11.86 16.99 51.48
CA LEU D 643 11.24 16.19 52.52
C LEU D 643 10.04 16.93 53.09
N ARG D 644 9.01 16.17 53.42
CA ARG D 644 7.77 16.72 53.98
C ARG D 644 7.73 16.54 55.49
N GLY D 645 6.64 17.00 56.09
CA GLY D 645 6.49 16.97 57.54
C GLY D 645 6.29 15.61 58.16
N ALA D 646 5.14 14.99 57.89
CA ALA D 646 4.81 13.70 58.49
C ALA D 646 5.12 12.54 57.55
N ASN D 647 4.56 12.58 56.34
CA ASN D 647 4.90 11.59 55.32
C ASN D 647 6.26 11.92 54.72
N ALA D 648 7.19 10.97 54.81
CA ALA D 648 8.53 11.21 54.26
C ALA D 648 8.48 11.41 52.75
N VAL D 649 7.88 10.45 52.04
CA VAL D 649 7.74 10.54 50.58
C VAL D 649 6.32 10.15 50.18
N GLY D 650 5.55 9.64 51.12
CA GLY D 650 4.20 9.21 50.85
C GLY D 650 3.21 10.37 50.90
N TYR D 651 1.93 10.01 50.79
CA TYR D 651 0.86 10.99 50.78
C TYR D 651 -0.03 10.94 52.01
N THR D 652 0.23 10.02 52.94
CA THR D 652 -0.51 9.97 54.20
C THR D 652 0.50 10.04 55.34
N ASN D 653 0.05 10.56 56.48
CA ASN D 653 0.93 10.71 57.62
C ASN D 653 1.47 9.34 58.03
N TYR D 654 2.69 9.33 58.57
CA TYR D 654 3.43 8.09 58.73
C TYR D 654 3.98 7.94 60.15
N PRO D 655 4.27 6.71 60.57
CA PRO D 655 4.85 6.52 61.91
C PRO D 655 6.17 7.25 62.05
N ASP D 656 6.41 7.74 63.26
CA ASP D 656 7.59 8.56 63.52
C ASP D 656 8.86 7.74 63.34
N ASN D 657 8.85 6.51 63.87
CA ASN D 657 10.07 5.71 63.91
C ASN D 657 10.60 5.42 62.51
N VAL D 658 9.70 5.06 61.59
CA VAL D 658 10.15 4.70 60.24
C VAL D 658 10.72 5.93 59.53
N VAL D 659 10.11 7.10 59.73
CA VAL D 659 10.64 8.32 59.12
C VAL D 659 12.01 8.64 59.68
N PHE D 660 12.18 8.48 61.01
CA PHE D 660 13.49 8.72 61.61
C PHE D 660 14.53 7.77 61.06
N LYS D 661 14.17 6.49 60.93
CA LYS D 661 15.12 5.51 60.41
C LYS D 661 15.49 5.82 58.96
N PHE D 662 14.50 6.24 58.16
CA PHE D 662 14.77 6.62 56.78
C PHE D 662 15.71 7.81 56.70
N CYS D 663 15.47 8.83 57.53
CA CYS D 663 16.37 9.98 57.56
C CYS D 663 17.77 9.57 57.97
N GLU D 664 17.86 8.68 58.96
CA GLU D 664 19.15 8.17 59.38
C GLU D 664 19.86 7.47 58.23
N VAL D 665 19.12 6.64 57.48
CA VAL D 665 19.70 5.93 56.35
C VAL D 665 20.22 6.92 55.32
N ALA D 666 19.41 7.94 55.00
CA ALA D 666 19.82 8.92 54.01
C ALA D 666 21.07 9.66 54.44
N LYS D 667 21.13 10.07 55.71
CA LYS D 667 22.31 10.77 56.20
C LYS D 667 23.53 9.85 56.17
N GLU D 668 23.34 8.58 56.54
CA GLU D 668 24.41 7.60 56.48
C GLU D 668 24.94 7.44 55.07
N ASN D 669 24.06 7.52 54.07
CA ASN D 669 24.50 7.40 52.69
C ASN D 669 25.44 8.53 52.31
N GLY D 670 25.26 9.70 52.91
CA GLY D 670 26.08 10.86 52.61
C GLY D 670 25.30 12.10 52.21
N MET D 671 23.98 12.09 52.34
CA MET D 671 23.17 13.23 51.94
C MET D 671 23.50 14.42 52.84
N ASP D 672 23.49 15.62 52.28
CA ASP D 672 24.07 16.78 52.95
C ASP D 672 23.03 17.69 53.60
N VAL D 673 22.12 18.26 52.82
CA VAL D 673 21.23 19.31 53.29
C VAL D 673 19.79 18.85 53.13
N PHE D 674 18.97 19.12 54.15
CA PHE D 674 17.60 18.62 54.23
C PHE D 674 16.65 19.79 54.24
N ARG D 675 15.59 19.73 53.46
CA ARG D 675 14.49 20.68 53.59
C ARG D 675 13.22 19.95 54.02
N VAL D 676 12.53 20.52 54.99
CA VAL D 676 11.33 19.91 55.56
C VAL D 676 10.23 20.96 55.58
N PHE D 677 9.03 20.53 55.19
CA PHE D 677 7.89 21.42 55.11
C PHE D 677 6.62 20.61 55.33
N ASP D 678 5.48 21.31 55.27
CA ASP D 678 4.18 20.70 55.45
C ASP D 678 3.24 21.23 54.37
N SER D 679 2.23 20.41 54.05
CA SER D 679 1.22 20.83 53.08
C SER D 679 0.45 22.05 53.58
N LEU D 680 -0.09 21.97 54.80
CA LEU D 680 -0.83 23.09 55.37
C LEU D 680 -0.02 23.84 56.43
N ASN D 681 1.29 23.57 56.51
CA ASN D 681 2.15 24.12 57.56
C ASN D 681 1.63 23.72 58.94
N TYR D 682 1.55 22.41 59.15
CA TYR D 682 0.93 21.85 60.34
C TYR D 682 1.97 21.75 61.44
N LEU D 683 1.73 22.45 62.55
CA LEU D 683 2.77 22.64 63.56
C LEU D 683 3.32 21.34 64.12
N PRO D 684 2.51 20.37 64.57
CA PRO D 684 3.10 19.12 65.05
C PRO D 684 3.92 18.39 64.00
N ASN D 685 3.46 18.38 62.75
CA ASN D 685 4.22 17.69 61.69
C ASN D 685 5.55 18.39 61.44
N MET D 686 5.55 19.72 61.38
CA MET D 686 6.79 20.43 61.11
C MET D 686 7.76 20.31 62.29
N LEU D 687 7.23 20.32 63.52
CA LEU D 687 8.08 20.07 64.68
C LEU D 687 8.68 18.68 64.62
N LEU D 688 7.88 17.70 64.22
CA LEU D 688 8.39 16.34 64.07
C LEU D 688 9.48 16.27 63.02
N GLY D 689 9.28 16.94 61.88
CA GLY D 689 10.27 16.92 60.83
C GLY D 689 11.56 17.60 61.24
N MET D 690 11.45 18.75 61.90
CA MET D 690 12.63 19.43 62.42
C MET D 690 13.38 18.55 63.41
N GLU D 691 12.63 17.88 64.29
CA GLU D 691 13.27 17.01 65.28
C GLU D 691 13.96 15.83 64.60
N ALA D 692 13.32 15.27 63.58
CA ALA D 692 13.93 14.17 62.84
C ALA D 692 15.22 14.62 62.16
N ALA D 693 15.19 15.78 61.53
CA ALA D 693 16.39 16.29 60.86
C ALA D 693 17.50 16.58 61.85
N GLY D 694 17.16 17.16 63.00
CA GLY D 694 18.15 17.36 64.04
C GLY D 694 18.71 16.06 64.58
N SER D 695 17.88 15.03 64.67
CA SER D 695 18.36 13.71 65.03
C SER D 695 19.33 13.18 63.98
N ALA D 696 19.05 13.44 62.70
CA ALA D 696 19.96 13.03 61.65
C ALA D 696 21.31 13.73 61.79
N GLY D 697 21.30 15.03 62.04
CA GLY D 697 22.54 15.77 62.23
C GLY D 697 23.04 16.39 60.95
N GLY D 698 22.87 17.70 60.82
CA GLY D 698 23.29 18.39 59.62
C GLY D 698 22.62 19.73 59.50
N VAL D 699 22.82 20.35 58.33
CA VAL D 699 22.21 21.64 58.07
C VAL D 699 20.73 21.45 57.81
N VAL D 700 19.88 22.15 58.57
CA VAL D 700 18.44 21.93 58.53
C VAL D 700 17.75 23.27 58.24
N GLU D 701 16.80 23.23 57.31
CA GLU D 701 15.97 24.37 56.97
C GLU D 701 14.50 23.96 56.95
N ALA D 702 13.63 24.92 57.17
CA ALA D 702 12.19 24.73 57.02
C ALA D 702 11.64 25.76 56.06
N ALA D 703 10.68 25.34 55.24
CA ALA D 703 10.13 26.17 54.18
C ALA D 703 8.71 26.60 54.55
N ILE D 704 8.43 27.89 54.35
CA ILE D 704 7.10 28.43 54.59
C ILE D 704 6.36 28.51 53.27
N SER D 705 5.22 27.84 53.18
CA SER D 705 4.41 27.85 51.97
C SER D 705 3.80 29.23 51.78
N TYR D 706 4.21 29.92 50.72
CA TYR D 706 3.69 31.25 50.44
C TYR D 706 2.56 31.16 49.42
N THR D 707 1.42 31.77 49.76
CA THR D 707 0.30 31.88 48.85
C THR D 707 -0.27 33.29 48.93
N GLY D 708 -0.90 33.72 47.85
CA GLY D 708 -1.55 35.01 47.82
C GLY D 708 -0.54 36.16 47.78
N ASP D 709 -1.07 37.36 48.05
CA ASP D 709 -0.28 38.58 48.04
C ASP D 709 -0.37 39.23 49.41
N VAL D 710 0.80 39.48 50.03
CA VAL D 710 0.85 40.21 51.29
C VAL D 710 0.78 41.71 51.11
N ALA D 711 0.71 42.19 49.87
CA ALA D 711 0.52 43.61 49.60
C ALA D 711 -0.94 43.99 49.44
N ASP D 712 -1.87 43.05 49.62
CA ASP D 712 -3.29 43.33 49.51
C ASP D 712 -3.91 43.34 50.90
N PRO D 713 -4.16 44.51 51.49
CA PRO D 713 -4.78 44.54 52.82
C PRO D 713 -6.23 44.12 52.83
N SER D 714 -6.90 44.08 51.68
CA SER D 714 -8.30 43.70 51.64
C SER D 714 -8.51 42.28 52.15
N ARG D 715 -7.65 41.36 51.75
CA ARG D 715 -7.69 39.99 52.22
C ARG D 715 -6.48 39.73 53.09
N THR D 716 -6.72 39.51 54.38
CA THR D 716 -5.68 39.13 55.32
C THR D 716 -5.92 37.72 55.85
N LYS D 717 -6.43 36.84 55.00
CA LYS D 717 -6.66 35.45 55.39
C LYS D 717 -5.39 34.84 55.96
N TYR D 718 -4.27 35.08 55.30
CA TYR D 718 -2.95 34.74 55.82
C TYR D 718 -2.15 36.03 55.79
N SER D 719 -2.29 36.82 56.86
CA SER D 719 -1.68 38.14 56.89
C SER D 719 -0.17 38.02 57.05
N LEU D 720 0.52 39.14 56.79
CA LEU D 720 1.95 39.19 57.08
C LEU D 720 2.22 38.92 58.55
N GLN D 721 1.29 39.31 59.43
CA GLN D 721 1.39 38.95 60.83
C GLN D 721 1.33 37.43 61.01
N TYR D 722 0.44 36.77 60.28
CA TYR D 722 0.33 35.31 60.38
C TYR D 722 1.64 34.64 60.02
N TYR D 723 2.19 34.97 58.86
CA TYR D 723 3.44 34.37 58.42
C TYR D 723 4.58 34.76 59.35
N MET D 724 4.55 36.00 59.84
CA MET D 724 5.61 36.46 60.74
C MET D 724 5.62 35.66 62.02
N GLY D 725 4.45 35.45 62.63
CA GLY D 725 4.38 34.62 63.82
C GLY D 725 4.82 33.19 63.55
N LEU D 726 4.39 32.63 62.41
CA LEU D 726 4.85 31.31 62.01
C LEU D 726 6.37 31.25 61.98
N ALA D 727 6.99 32.25 61.35
CA ALA D 727 8.44 32.34 61.32
C ALA D 727 9.00 32.49 62.73
N GLU D 728 8.25 33.11 63.63
CA GLU D 728 8.72 33.24 65.01
C GLU D 728 8.87 31.88 65.68
N GLU D 729 7.84 31.03 65.58
CA GLU D 729 8.01 29.71 66.20
C GLU D 729 9.05 28.89 65.45
N LEU D 730 9.16 29.08 64.13
CA LEU D 730 10.21 28.36 63.41
C LEU D 730 11.60 28.78 63.89
N VAL D 731 11.82 30.08 64.08
CA VAL D 731 13.13 30.57 64.52
C VAL D 731 13.43 30.09 65.94
N ARG D 732 12.44 30.18 66.83
CA ARG D 732 12.66 29.67 68.18
C ARG D 732 12.87 28.16 68.18
N ALA D 733 12.40 27.47 67.14
CA ALA D 733 12.66 26.03 67.04
C ALA D 733 14.13 25.71 66.88
N GLY D 734 14.95 26.68 66.49
CA GLY D 734 16.38 26.47 66.38
C GLY D 734 16.86 25.98 65.05
N THR D 735 16.23 26.40 63.95
CA THR D 735 16.66 25.98 62.63
C THR D 735 17.97 26.67 62.26
N HIS D 736 18.59 26.16 61.20
CA HIS D 736 19.82 26.78 60.69
C HIS D 736 19.47 27.99 59.83
N ILE D 737 18.66 27.79 58.80
CA ILE D 737 18.31 28.84 57.85
C ILE D 737 16.82 28.74 57.55
N LEU D 738 16.16 29.89 57.45
CA LEU D 738 14.77 29.92 56.99
C LEU D 738 14.74 29.88 55.47
N CYS D 739 13.73 29.22 54.92
CA CYS D 739 13.56 29.12 53.49
C CYS D 739 12.12 29.46 53.11
N ILE D 740 11.97 30.02 51.91
CA ILE D 740 10.67 30.41 51.37
C ILE D 740 10.50 29.76 50.01
N LYS D 741 9.36 29.11 49.79
CA LYS D 741 9.04 28.46 48.53
C LYS D 741 7.81 29.13 47.91
N ASP D 742 7.95 29.56 46.66
CA ASP D 742 6.86 30.15 45.89
C ASP D 742 6.44 29.13 44.83
N MET D 743 5.49 28.27 45.19
CA MET D 743 5.13 27.16 44.33
C MET D 743 4.55 27.64 43.00
N ALA D 744 3.68 28.64 43.05
CA ALA D 744 3.02 29.14 41.85
C ALA D 744 3.65 30.41 41.29
N GLY D 745 4.75 30.87 41.87
CA GLY D 745 5.38 32.09 41.40
C GLY D 745 4.53 33.32 41.57
N LEU D 746 3.94 33.48 42.75
CA LEU D 746 3.00 34.55 43.04
C LEU D 746 3.62 35.65 43.89
N LEU D 747 4.87 35.99 43.64
CA LEU D 747 5.57 37.01 44.42
C LEU D 747 5.65 38.29 43.61
N LYS D 748 5.04 39.31 44.11
CA LYS D 748 5.40 40.57 43.49
C LYS D 748 6.69 41.08 44.10
N PRO D 749 7.47 41.85 43.34
CA PRO D 749 8.65 42.49 43.93
C PRO D 749 8.32 43.37 45.11
N THR D 750 7.13 43.97 45.13
CA THR D 750 6.69 44.74 46.29
C THR D 750 6.55 43.84 47.51
N ALA D 751 5.78 42.75 47.34
CA ALA D 751 5.59 41.80 48.44
C ALA D 751 6.93 41.19 48.84
N CYS D 752 7.73 40.82 47.85
CA CYS D 752 9.14 40.52 48.06
C CYS D 752 9.82 41.45 49.05
N THR D 753 9.94 42.72 48.70
CA THR D 753 10.79 43.59 49.50
C THR D 753 10.19 43.83 50.87
N MET D 754 8.86 44.00 50.98
CA MET D 754 8.32 44.31 52.29
C MET D 754 8.44 43.10 53.22
N LEU D 755 8.14 41.89 52.71
CA LEU D 755 8.28 40.71 53.55
C LEU D 755 9.74 40.45 53.93
N VAL D 756 10.66 40.61 52.97
CA VAL D 756 12.06 40.35 53.25
C VAL D 756 12.57 41.31 54.31
N SER D 757 12.21 42.59 54.21
CA SER D 757 12.58 43.54 55.26
C SER D 757 11.92 43.16 56.58
N SER D 758 10.64 42.79 56.54
CA SER D 758 9.88 42.48 57.74
C SER D 758 10.48 41.32 58.51
N LEU D 759 11.13 40.39 57.81
CA LEU D 759 11.78 39.27 58.48
C LEU D 759 13.25 39.55 58.80
N ARG D 760 13.95 40.27 57.94
CA ARG D 760 15.37 40.51 58.15
C ARG D 760 15.63 41.49 59.27
N ASP D 761 14.70 42.42 59.52
CA ASP D 761 14.90 43.43 60.54
C ASP D 761 15.13 42.78 61.91
N ARG D 762 14.32 41.78 62.24
CA ARG D 762 14.38 41.10 63.51
C ARG D 762 15.25 39.85 63.47
N PHE D 763 15.76 39.50 62.30
CA PHE D 763 16.63 38.35 62.12
C PHE D 763 17.86 38.79 61.33
N PRO D 764 18.73 39.59 61.95
CA PRO D 764 19.82 40.22 61.17
C PRO D 764 20.92 39.25 60.76
N ASP D 765 21.09 38.12 61.45
CA ASP D 765 22.13 37.17 61.10
C ASP D 765 21.55 35.88 60.53
N LEU D 766 20.29 35.90 60.11
CA LEU D 766 19.64 34.71 59.61
C LEU D 766 19.76 34.66 58.10
N PRO D 767 20.37 33.63 57.53
CA PRO D 767 20.44 33.52 56.07
C PRO D 767 19.06 33.24 55.48
N LEU D 768 18.93 33.54 54.19
CA LEU D 768 17.67 33.43 53.49
C LEU D 768 17.79 32.50 52.29
N HIS D 769 16.75 31.67 52.11
CA HIS D 769 16.65 30.79 50.96
C HIS D 769 15.30 31.03 50.31
N ILE D 770 15.32 31.22 48.99
CA ILE D 770 14.13 31.60 48.24
C ILE D 770 13.91 30.59 47.12
N HIS D 771 12.67 30.08 47.02
CA HIS D 771 12.29 29.15 45.98
C HIS D 771 11.05 29.70 45.28
N THR D 772 11.07 29.68 43.95
CA THR D 772 9.94 30.19 43.19
C THR D 772 9.88 29.50 41.83
N HIS D 773 8.71 29.54 41.21
CA HIS D 773 8.50 28.99 39.87
C HIS D 773 8.12 30.12 38.93
N ASP D 774 8.90 30.29 37.87
CA ASP D 774 8.70 31.38 36.91
C ASP D 774 7.59 31.04 35.91
N THR D 775 6.39 30.81 36.47
CA THR D 775 5.25 30.49 35.63
C THR D 775 4.73 31.72 34.90
N SER D 776 4.64 32.85 35.59
CA SER D 776 4.05 34.06 35.02
C SER D 776 5.03 34.88 34.19
N GLY D 777 6.33 34.57 34.25
CA GLY D 777 7.30 35.33 33.52
C GLY D 777 7.75 36.61 34.19
N ALA D 778 7.23 36.92 35.38
CA ALA D 778 7.66 38.09 36.15
C ALA D 778 8.45 37.69 37.38
N GLY D 779 8.93 36.45 37.44
CA GLY D 779 9.66 36.00 38.61
C GLY D 779 10.99 36.71 38.78
N VAL D 780 11.64 37.06 37.67
CA VAL D 780 12.97 37.65 37.74
C VAL D 780 12.94 38.97 38.48
N ALA D 781 11.92 39.78 38.24
CA ALA D 781 11.79 41.07 38.91
C ALA D 781 11.67 40.89 40.42
N ALA D 782 10.80 39.97 40.84
CA ALA D 782 10.65 39.70 42.27
C ALA D 782 11.94 39.17 42.87
N MET D 783 12.65 38.31 42.14
CA MET D 783 13.90 37.78 42.67
C MET D 783 14.94 38.89 42.83
N LEU D 784 15.02 39.79 41.85
CA LEU D 784 15.95 40.91 41.97
C LEU D 784 15.57 41.81 43.13
N ALA D 785 14.28 42.03 43.34
CA ALA D 785 13.82 42.82 44.47
C ALA D 785 14.21 42.16 45.79
N CYS D 786 14.04 40.85 45.88
CA CYS D 786 14.42 40.13 47.09
C CYS D 786 15.92 40.21 47.33
N ALA D 787 16.71 40.05 46.26
CA ALA D 787 18.16 40.12 46.38
C ALA D 787 18.60 41.50 46.87
N GLN D 788 17.99 42.55 46.33
CA GLN D 788 18.27 43.89 46.82
C GLN D 788 17.82 44.04 48.28
N ALA D 789 16.69 43.41 48.63
CA ALA D 789 16.10 43.53 49.96
C ALA D 789 16.84 42.75 51.02
N GLY D 790 17.80 41.91 50.65
CA GLY D 790 18.59 41.19 51.64
C GLY D 790 18.50 39.68 51.55
N ALA D 791 18.19 39.18 50.36
CA ALA D 791 18.15 37.74 50.15
C ALA D 791 19.55 37.15 50.18
N ASP D 792 19.63 35.86 50.49
CA ASP D 792 20.90 35.16 50.56
C ASP D 792 21.01 34.04 49.54
N VAL D 793 20.06 33.11 49.51
CA VAL D 793 20.09 31.98 48.59
C VAL D 793 18.77 31.94 47.83
N VAL D 794 18.85 31.72 46.52
CA VAL D 794 17.66 31.69 45.67
C VAL D 794 17.72 30.47 44.77
N ASP D 795 16.57 30.09 44.23
CA ASP D 795 16.44 28.97 43.33
C ASP D 795 16.17 29.44 41.91
N VAL D 796 16.92 28.89 40.96
CA VAL D 796 16.94 29.38 39.59
C VAL D 796 17.40 28.25 38.69
N ALA D 797 16.88 28.22 37.46
CA ALA D 797 17.08 27.11 36.54
C ALA D 797 17.95 27.51 35.37
N ALA D 798 18.47 26.48 34.69
CA ALA D 798 19.28 26.69 33.50
C ALA D 798 18.46 27.36 32.40
N ASP D 799 19.14 28.12 31.55
CA ASP D 799 18.46 28.96 30.57
C ASP D 799 17.52 28.13 29.68
N SER D 800 18.04 27.04 29.11
CA SER D 800 17.23 26.24 28.21
C SER D 800 16.07 25.57 28.92
N MET D 801 16.24 25.24 30.21
CA MET D 801 15.19 24.62 31.00
C MET D 801 14.42 25.63 31.84
N SER D 802 14.64 26.92 31.60
CA SER D 802 14.03 27.97 32.38
C SER D 802 12.69 28.38 31.77
N GLY D 803 12.13 29.46 32.29
CA GLY D 803 10.91 30.02 31.75
C GLY D 803 9.73 29.08 31.94
N MET D 804 8.70 29.31 31.12
CA MET D 804 7.52 28.45 31.09
C MET D 804 6.85 28.38 32.46
N THR D 805 7.18 27.35 33.24
CA THR D 805 6.71 27.25 34.62
C THR D 805 7.84 26.93 35.58
N SER D 806 9.04 26.70 35.08
CA SER D 806 10.19 26.36 35.90
C SER D 806 10.75 27.61 36.54
N GLN D 807 11.97 27.51 37.05
CA GLN D 807 12.65 28.65 37.63
C GLN D 807 13.20 29.56 36.52
N PRO D 808 13.51 30.80 36.84
CA PRO D 808 14.12 31.71 35.87
C PRO D 808 15.49 31.21 35.40
N SER D 809 16.10 31.99 34.53
CA SER D 809 17.31 31.59 33.82
C SER D 809 18.58 32.03 34.54
N MET D 810 19.68 31.36 34.22
CA MET D 810 20.99 31.81 34.66
C MET D 810 21.29 33.21 34.14
N GLY D 811 21.14 33.40 32.83
CA GLY D 811 21.71 34.57 32.18
C GLY D 811 21.12 35.88 32.65
N ALA D 812 19.80 35.90 32.89
CA ALA D 812 19.16 37.14 33.30
C ALA D 812 19.76 37.66 34.61
N LEU D 813 19.79 36.81 35.63
CA LEU D 813 20.34 37.22 36.91
C LEU D 813 21.84 37.44 36.84
N VAL D 814 22.54 36.64 36.02
CA VAL D 814 23.98 36.81 35.89
C VAL D 814 24.31 38.19 35.32
N ALA D 815 23.61 38.59 34.26
CA ALA D 815 23.90 39.86 33.62
C ALA D 815 23.40 41.03 34.46
N CYS D 816 22.22 40.88 35.07
CA CYS D 816 21.64 41.97 35.83
C CYS D 816 22.52 42.38 37.01
N THR D 817 23.38 41.48 37.49
CA THR D 817 24.22 41.76 38.66
C THR D 817 25.68 41.95 38.30
N ARG D 818 26.01 42.08 37.00
CA ARG D 818 27.41 42.28 36.63
C ARG D 818 27.94 43.60 37.17
N GLY D 819 27.26 44.70 36.87
CA GLY D 819 27.67 45.99 37.40
C GLY D 819 27.16 46.17 38.81
N THR D 820 26.09 45.45 39.14
CA THR D 820 25.50 45.54 40.46
C THR D 820 26.44 44.93 41.49
N PRO D 821 26.58 45.53 42.68
CA PRO D 821 27.46 44.98 43.70
C PRO D 821 27.09 43.57 44.15
N LEU D 822 25.94 43.06 43.72
CA LEU D 822 25.58 41.68 44.02
C LEU D 822 26.63 40.72 43.47
N ASP D 823 27.03 40.92 42.21
CA ASP D 823 28.26 40.34 41.66
C ASP D 823 28.26 38.82 41.81
N THR D 824 27.34 38.19 41.08
CA THR D 824 27.19 36.74 41.16
C THR D 824 28.48 36.02 40.77
N GLU D 825 29.37 36.71 40.03
CA GLU D 825 30.75 36.28 39.77
C GLU D 825 30.82 34.81 39.33
N VAL D 826 30.15 34.52 38.21
CA VAL D 826 30.22 33.21 37.59
C VAL D 826 30.51 33.39 36.11
N PRO D 827 31.27 32.48 35.49
CA PRO D 827 31.56 32.61 34.05
C PRO D 827 30.29 32.44 33.21
N MET D 828 30.24 33.18 32.11
CA MET D 828 29.16 33.05 31.15
C MET D 828 29.35 31.87 30.20
N GLU D 829 30.59 31.46 29.97
CA GLU D 829 30.87 30.32 29.11
C GLU D 829 30.26 29.04 29.67
N ARG D 830 30.41 28.83 30.98
CA ARG D 830 29.79 27.67 31.61
C ARG D 830 28.28 27.74 31.52
N VAL D 831 27.71 28.96 31.64
CA VAL D 831 26.27 29.12 31.49
C VAL D 831 25.82 28.67 30.11
N PHE D 832 26.54 29.13 29.08
CA PHE D 832 26.17 28.77 27.72
C PHE D 832 26.30 27.27 27.49
N ASP D 833 27.38 26.67 27.98
CA ASP D 833 27.58 25.23 27.83
C ASP D 833 26.47 24.45 28.51
N TYR D 834 26.12 24.86 29.73
CA TYR D 834 25.06 24.20 30.47
C TYR D 834 23.75 24.29 29.72
N SER D 835 23.41 25.48 29.23
CA SER D 835 22.15 25.66 28.53
C SER D 835 22.09 24.84 27.25
N GLU D 836 23.18 24.85 26.47
CA GLU D 836 23.16 24.12 25.20
C GLU D 836 23.08 22.62 25.44
N TYR D 837 23.81 22.10 26.44
CA TYR D 837 23.69 20.69 26.74
C TYR D 837 22.29 20.34 27.19
N TRP D 838 21.68 21.20 28.01
CA TRP D 838 20.37 20.87 28.55
C TRP D 838 19.31 20.90 27.46
N GLU D 839 19.39 21.87 26.55
CA GLU D 839 18.45 21.87 25.44
C GLU D 839 18.67 20.69 24.50
N GLY D 840 19.92 20.30 24.27
CA GLY D 840 20.16 19.11 23.47
C GLY D 840 19.56 17.88 24.10
N ALA D 841 19.73 17.72 25.41
CA ALA D 841 19.13 16.59 26.11
C ALA D 841 17.61 16.64 26.06
N ARG D 842 17.04 17.84 26.23
CA ARG D 842 15.59 17.98 26.13
C ARG D 842 15.08 17.57 24.76
N GLY D 843 15.83 17.90 23.71
CA GLY D 843 15.43 17.49 22.38
C GLY D 843 15.25 15.99 22.23
N LEU D 844 15.97 15.21 23.04
CA LEU D 844 15.77 13.76 23.04
C LEU D 844 14.44 13.39 23.66
N TYR D 845 14.08 14.05 24.77
CA TYR D 845 12.81 13.73 25.42
C TYR D 845 11.68 14.51 24.77
N ALA D 846 11.59 14.45 23.45
CA ALA D 846 10.53 15.15 22.74
C ALA D 846 9.24 14.34 22.69
N ALA D 847 9.24 13.12 23.21
CA ALA D 847 8.07 12.25 23.12
C ALA D 847 6.85 12.81 23.83
N PHE D 848 7.04 13.64 24.85
CA PHE D 848 5.91 14.08 25.66
C PHE D 848 6.10 15.49 26.22
N ASP D 849 6.83 16.35 25.49
CA ASP D 849 6.98 17.74 25.91
C ASP D 849 5.62 18.42 25.89
N CYS D 850 5.29 19.10 26.99
CA CYS D 850 4.01 19.78 27.10
C CYS D 850 3.97 21.06 26.28
N THR D 851 5.10 21.47 25.69
CA THR D 851 5.12 22.67 24.87
C THR D 851 4.13 22.58 23.71
N ALA D 852 3.78 21.36 23.30
CA ALA D 852 2.73 21.19 22.31
C ALA D 852 1.40 21.69 22.86
N THR D 853 1.12 21.39 24.13
CA THR D 853 -0.13 21.84 24.74
C THR D 853 -0.08 23.32 25.10
N MET D 854 0.85 23.70 25.98
CA MET D 854 0.97 25.08 26.44
C MET D 854 2.29 25.63 25.91
N LYS D 855 2.23 26.78 25.25
CA LYS D 855 3.39 27.32 24.56
C LYS D 855 4.21 28.25 25.44
N SER D 856 3.58 29.27 26.02
CA SER D 856 4.27 30.26 26.83
C SER D 856 3.50 30.46 28.13
N GLY D 857 4.24 30.84 29.18
CA GLY D 857 3.59 31.09 30.46
C GLY D 857 2.61 32.23 30.37
N ASN D 858 1.46 32.05 31.00
CA ASN D 858 0.36 33.02 30.94
C ASN D 858 0.17 33.67 32.30
N SER D 859 -0.69 34.68 32.33
CA SER D 859 -1.09 35.34 33.56
C SER D 859 -2.19 34.59 34.30
N ASP D 860 -2.56 33.41 33.80
CA ASP D 860 -3.67 32.66 34.36
C ASP D 860 -3.21 31.81 35.53
N VAL D 861 -2.48 32.41 36.45
CA VAL D 861 -2.02 31.72 37.65
C VAL D 861 -2.65 32.41 38.84
N TYR D 862 -2.90 33.71 38.71
CA TYR D 862 -3.50 34.51 39.77
C TYR D 862 -4.96 34.18 40.00
N GLU D 863 -5.59 33.49 39.06
CA GLU D 863 -6.95 33.02 39.24
C GLU D 863 -7.06 31.51 39.20
N ASN D 864 -6.01 30.80 38.80
CA ASN D 864 -6.04 29.34 38.78
C ASN D 864 -5.17 28.71 39.86
N GLU D 865 -4.01 29.29 40.15
CA GLU D 865 -3.08 28.78 41.17
C GLU D 865 -2.80 27.29 41.00
N ILE D 866 -2.53 26.88 39.77
CA ILE D 866 -1.97 25.54 39.56
C ILE D 866 -0.51 25.53 40.00
N PRO D 867 -0.10 24.60 40.86
CA PRO D 867 1.32 24.52 41.23
C PRO D 867 2.19 24.32 40.00
N GLY D 868 3.35 24.97 40.01
CA GLY D 868 4.20 24.94 38.83
C GLY D 868 4.71 23.56 38.51
N GLY D 869 5.01 22.77 39.53
CA GLY D 869 5.62 21.47 39.32
C GLY D 869 4.71 20.37 38.88
N GLN D 870 3.39 20.50 39.04
CA GLN D 870 2.48 19.39 38.78
C GLN D 870 1.61 19.60 37.54
N TYR D 871 1.74 20.72 36.84
CA TYR D 871 0.85 20.99 35.71
C TYR D 871 1.01 19.94 34.61
N THR D 872 2.25 19.69 34.18
CA THR D 872 2.46 18.70 33.12
C THR D 872 2.06 17.31 33.59
N ASN D 873 2.36 16.99 34.84
CA ASN D 873 2.02 15.68 35.37
C ASN D 873 0.52 15.46 35.40
N LEU D 874 -0.24 16.48 35.84
CA LEU D 874 -1.69 16.33 35.85
C LEU D 874 -2.27 16.32 34.45
N HIS D 875 -1.65 17.05 33.52
CA HIS D 875 -2.04 16.96 32.12
C HIS D 875 -1.85 15.55 31.59
N PHE D 876 -0.74 14.91 31.96
CA PHE D 876 -0.47 13.55 31.51
C PHE D 876 -1.40 12.56 32.19
N GLN D 877 -1.75 12.82 33.45
CA GLN D 877 -2.76 12.03 34.13
C GLN D 877 -4.09 12.11 33.41
N ALA D 878 -4.49 13.31 32.98
CA ALA D 878 -5.71 13.45 32.20
C ALA D 878 -5.61 12.71 30.87
N HIS D 879 -4.45 12.77 30.24
CA HIS D 879 -4.25 12.03 28.99
C HIS D 879 -4.41 10.53 29.20
N SER D 880 -3.85 10.01 30.30
CA SER D 880 -4.06 8.61 30.63
C SER D 880 -5.54 8.34 30.88
N MET D 881 -6.23 9.28 31.51
CA MET D 881 -7.67 9.19 31.70
C MET D 881 -8.45 9.51 30.43
N GLY D 882 -7.79 10.05 29.41
CA GLY D 882 -8.44 10.35 28.15
C GLY D 882 -9.17 11.66 28.16
N LEU D 883 -8.90 12.49 29.16
CA LEU D 883 -9.62 13.74 29.38
C LEU D 883 -8.87 14.94 28.79
N GLY D 884 -7.83 14.69 28.01
CA GLY D 884 -7.00 15.78 27.52
C GLY D 884 -7.72 16.73 26.59
N SER D 885 -8.78 16.24 25.94
CA SER D 885 -9.53 17.10 25.02
C SER D 885 -10.17 18.28 25.75
N LYS D 886 -10.75 18.01 26.92
CA LYS D 886 -11.36 19.05 27.74
C LYS D 886 -10.41 19.58 28.81
N PHE D 887 -9.11 19.51 28.54
CA PHE D 887 -8.14 19.96 29.54
C PHE D 887 -8.29 21.45 29.81
N LYS D 888 -8.82 22.20 28.85
CA LYS D 888 -9.09 23.62 29.09
C LYS D 888 -10.16 23.81 30.15
N GLU D 889 -11.19 22.97 30.15
CA GLU D 889 -12.19 23.01 31.21
C GLU D 889 -11.66 22.39 32.50
N VAL D 890 -10.70 21.47 32.38
CA VAL D 890 -10.14 20.82 33.56
C VAL D 890 -9.56 21.85 34.51
N LYS D 891 -8.78 22.79 33.97
CA LYS D 891 -8.21 23.84 34.79
C LYS D 891 -9.26 24.85 35.22
N LYS D 892 -10.36 24.98 34.46
CA LYS D 892 -11.43 25.87 34.88
C LYS D 892 -12.10 25.35 36.15
N ALA D 893 -12.12 24.02 36.33
CA ALA D 893 -12.75 23.44 37.50
C ALA D 893 -11.89 23.56 38.76
N TYR D 894 -10.59 23.83 38.63
CA TYR D 894 -9.73 23.82 39.80
C TYR D 894 -10.08 24.89 40.80
N VAL D 895 -10.53 26.06 40.33
CA VAL D 895 -10.82 27.18 41.23
C VAL D 895 -11.91 26.75 42.20
N GLU D 896 -13.01 26.24 41.65
CA GLU D 896 -14.09 25.78 42.53
C GLU D 896 -13.73 24.50 43.25
N ALA D 897 -12.84 23.67 42.70
CA ALA D 897 -12.41 22.49 43.42
C ALA D 897 -11.70 22.88 44.71
N ASN D 898 -10.82 23.87 44.65
CA ASN D 898 -10.22 24.42 45.88
C ASN D 898 -11.26 25.09 46.76
N GLN D 899 -12.15 25.89 46.19
CA GLN D 899 -13.08 26.66 47.00
C GLN D 899 -14.20 25.80 47.59
N MET D 900 -14.30 24.53 47.19
CA MET D 900 -15.13 23.59 47.94
C MET D 900 -14.63 23.46 49.37
N LEU D 901 -13.31 23.37 49.53
CA LEU D 901 -12.66 23.26 50.83
C LEU D 901 -12.13 24.58 51.34
N GLY D 902 -12.38 25.67 50.61
CA GLY D 902 -11.93 26.98 51.04
C GLY D 902 -10.55 27.34 50.54
N ASP D 903 -10.08 28.49 51.00
CA ASP D 903 -8.76 29.00 50.61
C ASP D 903 -7.67 28.22 51.32
N LEU D 904 -7.47 26.97 50.93
CA LEU D 904 -6.47 26.11 51.56
C LEU D 904 -5.09 26.38 51.00
N ILE D 905 -4.09 25.85 51.70
CA ILE D 905 -2.71 25.91 51.23
C ILE D 905 -2.53 24.80 50.20
N LYS D 906 -2.77 25.12 48.94
CA LYS D 906 -2.75 24.10 47.90
C LYS D 906 -1.33 23.66 47.61
N VAL D 907 -0.85 22.69 48.38
CA VAL D 907 0.50 22.15 48.22
C VAL D 907 0.29 20.73 47.69
N THR D 908 1.37 20.04 47.35
CA THR D 908 1.29 18.83 46.54
C THR D 908 0.22 17.84 46.98
N PRO D 909 0.07 17.47 48.28
CA PRO D 909 -1.02 16.57 48.63
C PRO D 909 -2.37 17.24 48.45
N SER D 910 -2.51 18.45 49.00
CA SER D 910 -3.74 19.21 48.84
C SER D 910 -4.01 19.53 47.38
N SER D 911 -2.98 19.87 46.63
CA SER D 911 -3.15 20.14 45.20
C SER D 911 -3.66 18.90 44.48
N LYS D 912 -3.11 17.73 44.81
CA LYS D 912 -3.59 16.48 44.22
C LYS D 912 -5.04 16.24 44.56
N ILE D 913 -5.42 16.48 45.81
CA ILE D 913 -6.81 16.25 46.22
C ILE D 913 -7.74 17.17 45.45
N VAL D 914 -7.36 18.45 45.34
CA VAL D 914 -8.20 19.42 44.65
C VAL D 914 -8.30 19.08 43.17
N GLY D 915 -7.19 18.62 42.57
CA GLY D 915 -7.24 18.20 41.19
C GLY D 915 -8.12 16.98 40.98
N ASP D 916 -8.09 16.05 41.92
CA ASP D 916 -8.98 14.89 41.84
C ASP D 916 -10.43 15.32 41.94
N LEU D 917 -10.73 16.26 42.83
CA LEU D 917 -12.08 16.78 42.95
C LEU D 917 -12.53 17.45 41.65
N ALA D 918 -11.63 18.23 41.04
CA ALA D 918 -11.94 18.86 39.76
C ALA D 918 -12.20 17.80 38.69
N GLN D 919 -11.38 16.76 38.65
CA GLN D 919 -11.58 15.67 37.71
C GLN D 919 -12.95 15.04 37.89
N PHE D 920 -13.30 14.75 39.14
CA PHE D 920 -14.55 14.07 39.42
C PHE D 920 -15.74 14.89 38.95
N MET D 921 -15.76 16.18 39.27
CA MET D 921 -16.94 16.98 38.92
C MET D 921 -16.89 17.44 37.47
N VAL D 922 -15.74 17.34 36.81
CA VAL D 922 -15.73 17.68 35.40
C VAL D 922 -16.12 16.47 34.56
N GLN D 923 -15.82 15.25 35.00
CA GLN D 923 -16.32 14.08 34.30
C GLN D 923 -17.80 13.85 34.60
N ASN D 924 -18.25 14.24 35.79
CA ASN D 924 -19.68 14.29 36.07
C ASN D 924 -20.35 15.55 35.56
N GLY D 925 -19.61 16.62 35.34
CA GLY D 925 -20.16 17.85 34.79
C GLY D 925 -21.23 18.50 35.63
N LEU D 926 -21.02 18.58 36.94
CA LEU D 926 -21.95 19.23 37.84
C LEU D 926 -21.29 20.44 38.48
N SER D 927 -22.11 21.45 38.80
CA SER D 927 -21.58 22.72 39.28
C SER D 927 -21.41 22.68 40.80
N ARG D 928 -21.25 23.86 41.38
CA ARG D 928 -21.03 23.97 42.82
C ARG D 928 -22.24 23.51 43.61
N ALA D 929 -23.42 24.02 43.26
CA ALA D 929 -24.63 23.72 44.03
C ALA D 929 -24.95 22.23 43.98
N GLU D 930 -24.78 21.62 42.81
CA GLU D 930 -25.05 20.18 42.69
C GLU D 930 -24.13 19.37 43.59
N ALA D 931 -22.88 19.80 43.72
CA ALA D 931 -21.95 19.07 44.58
C ALA D 931 -22.25 19.32 46.06
N GLU D 932 -22.56 20.56 46.42
CA GLU D 932 -22.74 20.90 47.83
C GLU D 932 -24.05 20.33 48.37
N ALA D 933 -25.14 20.48 47.62
CA ALA D 933 -26.42 19.95 48.05
C ALA D 933 -26.44 18.43 48.03
N GLN D 934 -25.64 17.83 47.16
CA GLN D 934 -25.57 16.37 47.08
C GLN D 934 -24.20 15.88 47.51
N ALA D 935 -23.65 16.47 48.58
CA ALA D 935 -22.35 16.05 49.07
C ALA D 935 -22.37 14.60 49.53
N GLU D 936 -23.42 14.22 50.28
CA GLU D 936 -23.56 12.82 50.67
C GLU D 936 -23.84 11.94 49.46
N GLU D 937 -24.63 12.46 48.50
CA GLU D 937 -25.05 11.66 47.35
C GLU D 937 -23.86 11.27 46.48
N LEU D 938 -22.95 12.21 46.22
CA LEU D 938 -21.85 11.93 45.30
C LEU D 938 -20.88 10.92 45.90
N SER D 939 -20.40 10.01 45.06
CA SER D 939 -19.47 8.97 45.48
C SER D 939 -18.06 9.54 45.37
N PHE D 940 -17.64 10.25 46.41
CA PHE D 940 -16.30 10.80 46.41
C PHE D 940 -15.27 9.70 46.61
N PRO D 941 -14.07 9.86 46.04
CA PRO D 941 -13.03 8.85 46.25
C PRO D 941 -12.59 8.78 47.70
N ARG D 942 -11.82 7.75 48.01
CA ARG D 942 -11.33 7.57 49.37
C ARG D 942 -10.42 8.73 49.79
N SER D 943 -9.88 9.47 48.84
CA SER D 943 -9.04 10.62 49.18
C SER D 943 -9.84 11.71 49.86
N VAL D 944 -11.08 11.95 49.42
CA VAL D 944 -11.89 13.00 50.02
C VAL D 944 -12.18 12.68 51.48
N VAL D 945 -12.64 11.46 51.73
CA VAL D 945 -12.92 11.06 53.11
C VAL D 945 -11.63 10.93 53.90
N GLU D 946 -10.52 10.62 53.23
CA GLU D 946 -9.23 10.59 53.90
C GLU D 946 -8.86 11.96 54.45
N PHE D 947 -8.97 12.98 53.61
CA PHE D 947 -8.66 14.33 54.08
C PHE D 947 -9.67 14.80 55.12
N LEU D 948 -10.97 14.70 54.81
CA LEU D 948 -11.98 15.19 55.74
C LEU D 948 -11.91 14.47 57.07
N GLN D 949 -11.42 13.23 57.05
CA GLN D 949 -11.18 12.49 58.28
C GLN D 949 -10.10 13.17 59.13
N GLY D 950 -9.02 13.61 58.48
CA GLY D 950 -7.93 14.25 59.17
C GLY D 950 -6.66 13.41 59.19
N TYR D 951 -6.49 12.54 58.20
CA TYR D 951 -5.31 11.70 58.14
C TYR D 951 -4.05 12.53 57.94
N ILE D 952 -4.12 13.55 57.08
CA ILE D 952 -2.95 14.42 56.86
C ILE D 952 -2.78 15.37 58.04
N GLY D 953 -3.86 15.95 58.51
CA GLY D 953 -3.81 16.93 59.58
C GLY D 953 -5.10 17.73 59.59
N VAL D 954 -5.06 18.85 60.31
CA VAL D 954 -6.22 19.74 60.33
C VAL D 954 -5.84 21.05 59.65
N PRO D 955 -6.66 21.53 58.72
CA PRO D 955 -6.36 22.82 58.09
C PRO D 955 -6.41 23.94 59.11
N HIS D 956 -5.60 24.98 58.86
CA HIS D 956 -5.59 26.13 59.74
C HIS D 956 -6.96 26.80 59.79
N GLY D 957 -7.62 26.92 58.64
CA GLY D 957 -8.97 27.48 58.62
C GLY D 957 -10.02 26.51 59.09
N GLY D 958 -9.73 25.22 59.09
CA GLY D 958 -10.70 24.23 59.51
C GLY D 958 -11.42 23.60 58.33
N PHE D 959 -11.95 22.41 58.55
CA PHE D 959 -12.66 21.70 57.51
C PHE D 959 -13.98 22.38 57.20
N PRO D 960 -14.50 22.23 55.98
CA PRO D 960 -15.84 22.74 55.66
C PRO D 960 -16.89 21.91 56.39
N GLU D 961 -17.47 22.48 57.44
CA GLU D 961 -18.34 21.71 58.32
C GLU D 961 -19.55 21.09 57.63
N PRO D 962 -20.35 21.83 56.84
CA PRO D 962 -21.53 21.19 56.23
C PRO D 962 -21.16 20.10 55.24
N PHE D 963 -20.19 20.39 54.37
CA PHE D 963 -19.77 19.39 53.40
C PHE D 963 -19.11 18.19 54.09
N ARG D 964 -18.27 18.45 55.10
CA ARG D 964 -17.63 17.34 55.81
C ARG D 964 -18.66 16.48 56.53
N SER D 965 -19.65 17.12 57.15
CA SER D 965 -20.71 16.36 57.82
C SER D 965 -21.51 15.55 56.82
N LYS D 966 -21.81 16.12 55.66
CA LYS D 966 -22.56 15.40 54.64
C LYS D 966 -21.77 14.21 54.11
N VAL D 967 -20.48 14.40 53.88
CA VAL D 967 -19.67 13.35 53.24
C VAL D 967 -19.30 12.26 54.24
N LEU D 968 -18.62 12.63 55.33
CA LEU D 968 -18.16 11.63 56.28
C LEU D 968 -19.32 10.98 57.01
N LYS D 969 -20.16 11.78 57.67
CA LYS D 969 -21.27 11.27 58.46
C LYS D 969 -20.79 10.24 59.46
N ASP D 970 -21.04 8.96 59.16
CA ASP D 970 -20.63 7.86 60.03
C ASP D 970 -19.13 7.64 60.02
N LEU D 971 -18.39 8.24 59.09
CA LEU D 971 -16.95 8.01 59.02
C LEU D 971 -16.27 8.53 60.28
N PRO D 972 -15.36 7.76 60.87
CA PRO D 972 -14.65 8.23 62.08
C PRO D 972 -13.80 9.45 61.75
N ARG D 973 -13.60 10.29 62.75
CA ARG D 973 -12.74 11.46 62.65
C ARG D 973 -11.67 11.36 63.72
N VAL D 974 -10.44 11.07 63.32
CA VAL D 974 -9.32 11.00 64.24
C VAL D 974 -8.59 12.33 64.20
N GLU D 975 -8.44 12.95 65.38
CA GLU D 975 -7.80 14.24 65.51
C GLU D 975 -6.46 14.05 66.21
N GLY D 976 -5.85 15.18 66.57
CA GLY D 976 -4.50 15.15 67.06
C GLY D 976 -3.54 14.90 65.92
N ARG D 977 -2.28 14.63 66.29
CA ARG D 977 -1.30 14.29 65.27
C ARG D 977 -1.50 12.85 64.83
N PRO D 978 -1.87 12.61 63.57
CA PRO D 978 -2.03 11.21 63.12
C PRO D 978 -0.75 10.40 63.23
N GLY D 979 0.41 11.02 63.03
CA GLY D 979 1.66 10.31 63.27
C GLY D 979 1.77 9.83 64.70
N ALA D 980 1.34 10.66 65.65
CA ALA D 980 1.20 10.20 67.03
C ALA D 980 0.04 9.22 67.14
N SER D 981 -1.04 9.46 66.41
CA SER D 981 -2.19 8.55 66.43
C SER D 981 -1.89 7.22 65.76
N LEU D 982 -1.03 7.20 64.75
CA LEU D 982 -0.73 5.96 64.04
C LEU D 982 0.18 5.07 64.88
N PRO D 983 -0.19 3.81 65.10
CA PRO D 983 0.67 2.93 65.89
C PRO D 983 1.97 2.65 65.16
N PRO D 984 3.06 2.44 65.89
CA PRO D 984 4.31 2.04 65.25
C PRO D 984 4.20 0.65 64.64
N LEU D 985 4.99 0.42 63.60
CA LEU D 985 4.95 -0.83 62.86
C LEU D 985 6.33 -1.45 62.81
N ASP D 986 6.36 -2.78 62.72
CA ASP D 986 7.61 -3.53 62.82
C ASP D 986 8.53 -3.23 61.65
N LEU D 987 9.84 -3.33 61.89
CA LEU D 987 10.86 -3.13 60.88
C LEU D 987 11.63 -4.41 60.55
N GLN D 988 11.22 -5.54 61.14
CA GLN D 988 12.03 -6.75 61.03
C GLN D 988 11.36 -7.87 60.25
N ALA D 989 10.18 -8.31 60.70
CA ALA D 989 9.54 -9.48 60.10
C ALA D 989 9.25 -9.25 58.62
N LEU D 990 9.05 -7.99 58.22
CA LEU D 990 8.88 -7.68 56.82
C LEU D 990 10.11 -8.02 56.00
N GLU D 991 11.31 -7.81 56.55
CA GLU D 991 12.52 -8.19 55.85
C GLU D 991 12.54 -9.70 55.60
N LYS D 992 12.21 -10.49 56.61
CA LYS D 992 12.17 -11.94 56.44
C LYS D 992 11.13 -12.34 55.40
N GLU D 993 9.95 -11.72 55.47
CA GLU D 993 8.89 -12.06 54.50
C GLU D 993 9.33 -11.75 53.08
N LEU D 994 9.95 -10.59 52.87
CA LEU D 994 10.36 -10.22 51.51
C LEU D 994 11.48 -11.11 51.02
N VAL D 995 12.48 -11.38 51.86
CA VAL D 995 13.59 -12.23 51.42
C VAL D 995 13.10 -13.65 51.17
N ASP D 996 12.02 -14.06 51.85
CA ASP D 996 11.40 -15.35 51.55
C ASP D 996 10.70 -15.32 50.20
N ARG D 997 9.96 -14.25 49.91
CA ARG D 997 9.24 -14.20 48.65
C ARG D 997 10.18 -14.05 47.46
N HIS D 998 11.19 -13.19 47.58
CA HIS D 998 12.14 -13.00 46.49
C HIS D 998 13.38 -12.32 47.04
N GLY D 999 14.49 -12.50 46.32
CA GLY D 999 15.75 -11.91 46.73
C GLY D 999 16.36 -12.68 47.88
N GLU D 1000 17.67 -12.92 47.83
CA GLU D 1000 18.33 -13.74 48.84
C GLU D 1000 19.49 -12.99 49.48
N GLU D 1001 19.36 -11.68 49.61
CA GLU D 1001 20.33 -10.84 50.31
C GLU D 1001 19.58 -9.90 51.24
N VAL D 1002 20.29 -9.39 52.23
CA VAL D 1002 19.71 -8.53 53.26
C VAL D 1002 20.31 -7.15 53.16
N THR D 1003 19.46 -6.12 53.07
CA THR D 1003 19.85 -4.73 53.12
C THR D 1003 18.65 -3.92 53.59
N PRO D 1004 18.86 -2.85 54.34
CA PRO D 1004 17.70 -2.09 54.83
C PRO D 1004 17.03 -1.24 53.76
N GLU D 1005 17.75 -0.92 52.69
CA GLU D 1005 17.24 0.02 51.69
C GLU D 1005 15.98 -0.50 51.03
N ASP D 1006 16.06 -1.72 50.47
CA ASP D 1006 14.89 -2.28 49.81
C ASP D 1006 13.78 -2.58 50.79
N VAL D 1007 14.14 -2.95 52.02
CA VAL D 1007 13.12 -3.23 53.03
C VAL D 1007 12.31 -1.99 53.32
N LEU D 1008 12.98 -0.86 53.54
CA LEU D 1008 12.25 0.37 53.81
C LEU D 1008 11.49 0.84 52.59
N SER D 1009 12.04 0.65 51.39
CA SER D 1009 11.33 1.02 50.18
C SER D 1009 10.03 0.22 50.05
N ALA D 1010 10.10 -1.09 50.26
CA ALA D 1010 8.92 -1.93 50.17
C ALA D 1010 7.94 -1.64 51.30
N ALA D 1011 8.42 -1.32 52.49
CA ALA D 1011 7.52 -0.91 53.56
C ALA D 1011 6.76 0.35 53.16
N MET D 1012 7.48 1.31 52.56
CA MET D 1012 6.84 2.51 52.06
C MET D 1012 5.90 2.18 50.91
N TYR D 1013 6.27 1.23 50.07
CA TYR D 1013 5.48 0.87 48.88
C TYR D 1013 5.73 -0.59 48.53
N PRO D 1014 4.86 -1.50 48.98
CA PRO D 1014 5.08 -2.93 48.74
C PRO D 1014 4.88 -3.39 47.30
N ASP D 1015 3.73 -3.05 46.71
CA ASP D 1015 3.30 -3.70 45.47
C ASP D 1015 4.12 -3.22 44.28
N VAL D 1016 4.37 -1.92 44.17
CA VAL D 1016 5.17 -1.42 43.06
C VAL D 1016 6.61 -1.92 43.19
N PHE D 1017 7.09 -2.05 44.43
CA PHE D 1017 8.39 -2.67 44.67
C PHE D 1017 8.40 -4.10 44.13
N ALA D 1018 7.35 -4.87 44.41
CA ALA D 1018 7.28 -6.24 43.95
C ALA D 1018 7.26 -6.30 42.42
N HIS D 1019 6.45 -5.45 41.79
CA HIS D 1019 6.40 -5.45 40.33
C HIS D 1019 7.72 -5.05 39.72
N PHE D 1020 8.40 -4.05 40.30
CA PHE D 1020 9.69 -3.61 39.81
C PHE D 1020 10.70 -4.74 39.89
N LYS D 1021 10.72 -5.46 41.01
CA LYS D 1021 11.59 -6.62 41.12
C LYS D 1021 11.23 -7.69 40.09
N ASP D 1022 9.94 -7.93 39.87
CA ASP D 1022 9.50 -8.92 38.89
C ASP D 1022 10.05 -8.59 37.52
N PHE D 1023 9.85 -7.36 37.07
CA PHE D 1023 10.28 -6.98 35.73
C PHE D 1023 11.79 -6.94 35.61
N THR D 1024 12.50 -6.46 36.63
CA THR D 1024 13.95 -6.48 36.59
C THR D 1024 14.47 -7.90 36.49
N ALA D 1025 13.91 -8.82 37.28
CA ALA D 1025 14.34 -10.21 37.22
C ALA D 1025 14.06 -10.81 35.85
N THR D 1026 12.90 -10.49 35.27
CA THR D 1026 12.58 -11.03 33.95
C THR D 1026 13.47 -10.41 32.87
N PHE D 1027 14.09 -9.26 33.17
CA PHE D 1027 14.89 -8.56 32.17
C PHE D 1027 16.26 -8.13 32.65
N GLY D 1028 16.70 -8.58 33.83
CA GLY D 1028 18.04 -8.30 34.29
C GLY D 1028 18.25 -6.83 34.60
N PRO D 1029 19.51 -6.40 34.63
CA PRO D 1029 19.80 -4.99 34.88
C PRO D 1029 19.32 -4.12 33.73
N LEU D 1030 18.99 -2.88 34.08
CA LEU D 1030 18.53 -1.88 33.12
C LEU D 1030 19.43 -0.66 33.25
N ASP D 1031 19.00 0.45 32.66
CA ASP D 1031 19.58 1.77 32.85
C ASP D 1031 20.96 1.90 32.24
N SER D 1032 21.50 0.82 31.66
CA SER D 1032 22.78 0.85 31.00
C SER D 1032 22.66 1.23 29.52
N LEU D 1033 21.47 1.60 29.08
CA LEU D 1033 21.18 1.87 27.69
C LEU D 1033 21.09 3.38 27.48
N ASN D 1034 20.90 3.78 26.22
CA ASN D 1034 20.59 5.16 25.90
C ASN D 1034 19.10 5.40 25.94
N THR D 1035 18.73 6.67 26.08
CA THR D 1035 17.31 7.02 26.16
C THR D 1035 16.57 6.61 24.89
N ARG D 1036 17.14 6.89 23.72
CA ARG D 1036 16.52 6.46 22.48
C ARG D 1036 16.38 4.95 22.45
N LEU D 1037 17.44 4.25 22.84
CA LEU D 1037 17.39 2.79 22.91
C LEU D 1037 16.35 2.33 23.90
N PHE D 1038 16.25 3.02 25.04
CA PHE D 1038 15.28 2.61 26.06
C PHE D 1038 13.85 2.79 25.57
N LEU D 1039 13.58 3.88 24.86
CA LEU D 1039 12.21 4.20 24.44
C LEU D 1039 11.82 3.43 23.19
N GLN D 1040 12.50 3.71 22.08
CA GLN D 1040 12.09 3.15 20.80
C GLN D 1040 12.87 1.91 20.40
N GLY D 1041 14.00 1.63 21.05
CA GLY D 1041 14.76 0.43 20.79
C GLY D 1041 15.68 0.57 19.59
N PRO D 1042 16.43 -0.49 19.31
CA PRO D 1042 17.34 -0.46 18.15
C PRO D 1042 16.57 -0.42 16.84
N LYS D 1043 17.22 0.11 15.82
CA LYS D 1043 16.67 0.14 14.47
C LYS D 1043 17.34 -0.89 13.59
N ILE D 1044 16.88 -0.97 12.35
CA ILE D 1044 17.31 -2.04 11.46
C ILE D 1044 18.68 -1.75 10.90
N ALA D 1045 19.59 -2.73 11.01
CA ALA D 1045 20.93 -2.66 10.44
C ALA D 1045 21.70 -1.45 10.96
N GLU D 1046 21.59 -1.20 12.27
CA GLU D 1046 22.38 -0.18 12.93
C GLU D 1046 23.14 -0.81 14.09
N GLU D 1047 24.39 -0.42 14.26
CA GLU D 1047 25.26 -0.98 15.28
C GLU D 1047 25.31 -0.03 16.48
N PHE D 1048 25.29 -0.62 17.67
CA PHE D 1048 25.29 0.17 18.90
C PHE D 1048 25.97 -0.64 20.00
N GLU D 1049 26.91 -0.02 20.67
CA GLU D 1049 27.60 -0.65 21.80
C GLU D 1049 26.76 -0.52 23.06
N VAL D 1050 26.74 -1.58 23.85
CA VAL D 1050 26.00 -1.60 25.10
C VAL D 1050 26.95 -1.99 26.23
N GLU D 1051 27.10 -1.09 27.19
CA GLU D 1051 27.91 -1.33 28.37
C GLU D 1051 27.06 -2.13 29.36
N LEU D 1052 27.25 -3.45 29.35
CA LEU D 1052 26.49 -4.30 30.26
C LEU D 1052 26.77 -3.93 31.71
N GLU D 1053 28.03 -3.91 32.10
CA GLU D 1053 28.48 -3.32 33.35
C GLU D 1053 29.88 -2.75 33.12
N ARG D 1054 30.53 -2.33 34.21
CA ARG D 1054 31.85 -1.71 34.09
C ARG D 1054 32.89 -2.72 33.62
N GLY D 1055 32.72 -3.99 33.99
CA GLY D 1055 33.72 -4.99 33.66
C GLY D 1055 33.85 -5.25 32.18
N LYS D 1056 32.76 -5.14 31.43
CA LYS D 1056 32.77 -5.46 30.01
C LYS D 1056 31.68 -4.70 29.27
N THR D 1057 31.93 -4.42 28.00
CA THR D 1057 30.96 -3.71 27.15
C THR D 1057 30.92 -4.41 25.80
N LEU D 1058 29.71 -4.72 25.33
CA LEU D 1058 29.52 -5.38 24.05
C LEU D 1058 28.66 -4.50 23.16
N HIS D 1059 28.44 -4.97 21.93
CA HIS D 1059 27.57 -4.28 21.00
C HIS D 1059 26.64 -5.28 20.33
N ILE D 1060 25.45 -4.81 19.98
CA ILE D 1060 24.44 -5.62 19.33
C ILE D 1060 24.12 -4.98 17.98
N LYS D 1061 23.93 -5.82 16.97
CA LYS D 1061 23.51 -5.37 15.65
C LYS D 1061 22.12 -5.95 15.38
N ALA D 1062 21.10 -5.09 15.42
CA ALA D 1062 19.77 -5.52 15.02
C ALA D 1062 19.79 -5.87 13.54
N LEU D 1063 19.20 -7.02 13.21
CA LEU D 1063 19.31 -7.57 11.86
C LEU D 1063 18.00 -7.48 11.09
N ALA D 1064 16.93 -8.11 11.58
CA ALA D 1064 15.68 -8.11 10.85
C ALA D 1064 14.55 -8.43 11.81
N VAL D 1065 13.33 -8.04 11.40
CA VAL D 1065 12.14 -8.25 12.20
C VAL D 1065 11.53 -9.62 11.98
N SER D 1066 11.98 -10.35 10.97
CA SER D 1066 11.39 -11.64 10.57
C SER D 1066 9.91 -11.37 10.28
N ASP D 1067 9.00 -12.22 10.72
CA ASP D 1067 7.60 -12.05 10.43
C ASP D 1067 6.78 -12.77 11.49
N LEU D 1068 5.48 -12.48 11.50
CA LEU D 1068 4.58 -13.15 12.42
C LEU D 1068 4.50 -14.64 12.11
N ASN D 1069 4.69 -15.46 13.13
CA ASN D 1069 4.46 -16.88 13.05
C ASN D 1069 2.97 -17.16 13.22
N ARG D 1070 2.57 -18.39 12.88
CA ARG D 1070 1.21 -18.80 13.20
C ARG D 1070 0.97 -18.75 14.70
N ALA D 1071 1.99 -19.13 15.48
CA ALA D 1071 1.96 -18.87 16.91
C ALA D 1071 2.18 -17.38 17.17
N GLY D 1072 1.75 -16.92 18.34
CA GLY D 1072 1.92 -15.52 18.68
C GLY D 1072 3.36 -15.08 18.75
N GLN D 1073 4.29 -16.02 18.88
CA GLN D 1073 5.70 -15.69 18.88
C GLN D 1073 6.15 -15.16 17.54
N ARG D 1074 7.08 -14.20 17.59
CA ARG D 1074 7.75 -13.67 16.41
C ARG D 1074 9.25 -13.81 16.58
N GLN D 1075 9.93 -14.19 15.51
CA GLN D 1075 11.38 -14.24 15.54
C GLN D 1075 11.94 -12.83 15.30
N VAL D 1076 13.12 -12.58 15.84
CA VAL D 1076 13.86 -11.36 15.55
C VAL D 1076 15.34 -11.71 15.51
N PHE D 1077 16.05 -11.10 14.58
CA PHE D 1077 17.42 -11.49 14.28
C PHE D 1077 18.38 -10.46 14.87
N PHE D 1078 19.41 -10.96 15.57
CA PHE D 1078 20.35 -10.09 16.27
C PHE D 1078 21.76 -10.65 16.13
N GLU D 1079 22.72 -9.74 15.99
CA GLU D 1079 24.13 -10.10 15.82
C GLU D 1079 24.95 -9.34 16.85
N LEU D 1080 25.46 -10.06 17.84
CA LEU D 1080 26.29 -9.45 18.87
C LEU D 1080 27.72 -9.40 18.36
N ASN D 1081 28.68 -9.07 19.23
CA ASN D 1081 30.04 -8.71 18.82
C ASN D 1081 30.57 -9.50 17.62
N GLY D 1082 30.42 -10.82 17.65
CA GLY D 1082 30.90 -11.63 16.55
C GLY D 1082 30.02 -12.81 16.20
N GLN D 1083 28.82 -12.87 16.76
CA GLN D 1083 27.95 -14.01 16.60
C GLN D 1083 26.54 -13.53 16.27
N LEU D 1084 25.74 -14.43 15.68
CA LEU D 1084 24.37 -14.13 15.29
C LEU D 1084 23.41 -14.95 16.13
N ARG D 1085 22.29 -14.34 16.51
CA ARG D 1085 21.31 -15.05 17.32
C ARG D 1085 19.93 -14.52 17.00
N SER D 1086 18.92 -15.33 17.32
CA SER D 1086 17.55 -14.98 17.06
C SER D 1086 16.69 -15.60 18.15
N ILE D 1087 15.67 -14.86 18.57
CA ILE D 1087 14.82 -15.25 19.69
C ILE D 1087 13.37 -15.07 19.27
N LEU D 1088 12.46 -15.53 20.13
CA LEU D 1088 11.04 -15.47 19.88
C LEU D 1088 10.40 -14.42 20.79
N VAL D 1089 9.61 -13.54 20.19
CA VAL D 1089 8.97 -12.44 20.91
C VAL D 1089 7.46 -12.62 20.81
N LYS D 1090 6.78 -12.56 21.95
CA LYS D 1090 5.34 -12.65 21.98
C LYS D 1090 4.73 -11.31 21.63
N ASP D 1091 3.81 -11.32 20.67
CA ASP D 1091 3.04 -10.15 20.28
C ASP D 1091 1.70 -10.16 21.00
N THR D 1092 1.15 -8.95 21.20
CA THR D 1092 -0.14 -8.81 21.86
C THR D 1092 -1.30 -8.92 20.89
N GLN D 1093 -1.30 -9.95 20.04
CA GLN D 1093 -2.35 -10.15 19.05
C GLN D 1093 -2.76 -11.61 19.00
N ALA D 1094 -2.84 -12.25 20.16
CA ALA D 1094 -3.09 -13.69 20.22
C ALA D 1094 -4.53 -14.03 19.85
N MET D 1095 -4.76 -14.36 18.57
CA MET D 1095 -6.05 -14.81 18.05
C MET D 1095 -7.14 -13.74 18.14
N LYS D 1096 -8.19 -13.84 17.32
CA LYS D 1096 -9.29 -12.88 17.32
C LYS D 1096 -10.61 -13.47 17.76
N GLU D 1097 -10.70 -14.80 17.94
CA GLU D 1097 -11.84 -15.53 18.53
C GLU D 1097 -13.18 -15.09 17.92
N MET D 1098 -13.35 -15.45 16.64
CA MET D 1098 -14.63 -15.35 15.95
C MET D 1098 -15.25 -16.74 15.77
N HIS D 1099 -16.56 -16.75 15.52
CA HIS D 1099 -17.31 -17.96 15.18
C HIS D 1099 -17.31 -19.02 16.27
N PHE D 1100 -16.39 -19.98 16.16
CA PHE D 1100 -16.36 -21.19 16.99
C PHE D 1100 -17.77 -21.73 17.26
N HIS D 1101 -18.50 -22.00 16.18
CA HIS D 1101 -19.83 -22.57 16.29
C HIS D 1101 -19.75 -23.97 16.89
N PRO D 1102 -20.73 -24.37 17.68
CA PRO D 1102 -20.68 -25.73 18.27
C PRO D 1102 -20.65 -26.80 17.19
N LYS D 1103 -19.85 -27.83 17.45
CA LYS D 1103 -19.66 -28.93 16.51
C LYS D 1103 -20.27 -30.19 17.11
N ALA D 1104 -21.14 -30.83 16.35
CA ALA D 1104 -21.79 -32.06 16.82
C ALA D 1104 -20.79 -33.20 16.78
N LEU D 1105 -20.74 -33.98 17.86
CA LEU D 1105 -19.78 -35.08 17.97
C LEU D 1105 -20.45 -36.38 17.54
N LYS D 1106 -19.79 -37.11 16.65
CA LYS D 1106 -20.35 -38.35 16.12
C LYS D 1106 -20.12 -39.55 17.02
N ASP D 1107 -19.26 -39.42 18.04
CA ASP D 1107 -19.10 -40.52 18.99
C ASP D 1107 -20.40 -40.77 19.75
N VAL D 1108 -21.10 -39.71 20.14
CA VAL D 1108 -22.42 -39.82 20.74
C VAL D 1108 -23.41 -39.95 19.59
N LYS D 1109 -23.95 -41.15 19.39
CA LYS D 1109 -24.84 -41.38 18.26
C LYS D 1109 -26.11 -40.56 18.38
N GLY D 1110 -26.55 -40.27 19.61
CA GLY D 1110 -27.70 -39.39 19.78
C GLY D 1110 -27.47 -37.99 19.28
N GLN D 1111 -26.22 -37.52 19.32
CA GLN D 1111 -25.89 -36.20 18.82
C GLN D 1111 -26.15 -36.11 17.32
N ILE D 1112 -26.74 -34.99 16.89
CA ILE D 1112 -27.13 -34.78 15.51
C ILE D 1112 -26.24 -33.69 14.92
N GLY D 1113 -25.61 -33.99 13.78
CA GLY D 1113 -24.83 -33.03 13.04
C GLY D 1113 -25.47 -32.74 11.69
N ALA D 1114 -25.24 -31.54 11.17
CA ALA D 1114 -25.83 -31.16 9.90
C ALA D 1114 -25.20 -31.97 8.77
N PRO D 1115 -25.98 -32.77 8.03
CA PRO D 1115 -25.37 -33.57 6.96
C PRO D 1115 -24.72 -32.73 5.88
N MET D 1116 -25.32 -31.60 5.52
CA MET D 1116 -24.78 -30.78 4.45
C MET D 1116 -24.84 -29.31 4.83
N PRO D 1117 -23.88 -28.51 4.38
CA PRO D 1117 -23.85 -27.10 4.78
C PRO D 1117 -24.82 -26.25 3.98
N GLY D 1118 -25.45 -25.32 4.66
CA GLY D 1118 -26.39 -24.44 4.01
C GLY D 1118 -27.35 -23.84 5.01
N LYS D 1119 -28.49 -23.36 4.50
CA LYS D 1119 -29.50 -22.71 5.31
C LYS D 1119 -30.55 -23.71 5.76
N VAL D 1120 -31.32 -23.31 6.77
CA VAL D 1120 -32.41 -24.13 7.30
C VAL D 1120 -33.72 -23.45 6.95
N ILE D 1121 -34.54 -24.13 6.14
CA ILE D 1121 -35.86 -23.60 5.81
C ILE D 1121 -36.76 -23.62 7.04
N ASP D 1122 -36.81 -24.75 7.73
CA ASP D 1122 -37.63 -24.89 8.92
C ASP D 1122 -37.17 -26.09 9.73
N ILE D 1123 -37.57 -26.09 10.99
CA ILE D 1123 -37.39 -27.23 11.88
C ILE D 1123 -38.77 -27.62 12.41
N LYS D 1124 -39.13 -28.88 12.24
CA LYS D 1124 -40.47 -29.36 12.55
C LYS D 1124 -40.66 -29.69 14.02
N VAL D 1125 -39.62 -29.56 14.85
CA VAL D 1125 -39.68 -29.96 16.25
C VAL D 1125 -39.27 -28.79 17.13
N VAL D 1126 -39.99 -28.60 18.22
CA VAL D 1126 -39.62 -27.64 19.24
C VAL D 1126 -38.82 -28.37 20.31
N ALA D 1127 -37.98 -27.62 21.03
CA ALA D 1127 -37.22 -28.21 22.12
C ALA D 1127 -38.16 -28.80 23.16
N GLY D 1128 -37.77 -29.95 23.71
CA GLY D 1128 -38.63 -30.64 24.66
C GLY D 1128 -39.90 -31.18 24.06
N ALA D 1129 -39.83 -31.73 22.85
CA ALA D 1129 -40.98 -32.33 22.19
C ALA D 1129 -40.64 -33.76 21.79
N LYS D 1130 -41.59 -34.67 21.99
CA LYS D 1130 -41.37 -36.07 21.68
C LYS D 1130 -41.51 -36.31 20.18
N VAL D 1131 -40.56 -37.02 19.61
CA VAL D 1131 -40.57 -37.39 18.19
C VAL D 1131 -40.36 -38.89 18.10
N ALA D 1132 -40.77 -39.45 16.97
CA ALA D 1132 -40.63 -40.88 16.73
C ALA D 1132 -39.54 -41.12 15.69
N LYS D 1133 -39.09 -42.37 15.63
CA LYS D 1133 -38.05 -42.78 14.70
C LYS D 1133 -38.53 -42.61 13.27
N GLY D 1134 -37.65 -42.07 12.42
CA GLY D 1134 -37.97 -41.89 11.02
C GLY D 1134 -39.09 -40.90 10.78
N GLN D 1135 -39.04 -39.76 11.45
CA GLN D 1135 -40.01 -38.70 11.26
C GLN D 1135 -39.28 -37.41 10.93
N PRO D 1136 -39.85 -36.59 10.05
CA PRO D 1136 -39.19 -35.34 9.67
C PRO D 1136 -39.19 -34.36 10.84
N LEU D 1137 -38.02 -33.80 11.12
CA LEU D 1137 -37.87 -32.89 12.24
C LEU D 1137 -37.15 -31.62 11.84
N CYS D 1138 -36.39 -31.67 10.76
CA CYS D 1138 -35.68 -30.49 10.28
C CYS D 1138 -35.45 -30.63 8.77
N VAL D 1139 -35.35 -29.48 8.10
CA VAL D 1139 -35.14 -29.42 6.66
C VAL D 1139 -33.98 -28.49 6.36
N LEU D 1140 -32.99 -28.98 5.62
CA LEU D 1140 -31.89 -28.16 5.16
C LEU D 1140 -32.08 -27.75 3.72
N SER D 1141 -31.45 -26.64 3.35
CA SER D 1141 -31.70 -26.01 2.05
C SER D 1141 -30.39 -25.76 1.31
N ALA D 1142 -30.42 -26.04 0.02
CA ALA D 1142 -29.38 -25.63 -0.93
C ALA D 1142 -30.05 -25.34 -2.27
N MET D 1143 -29.26 -25.11 -3.33
CA MET D 1143 -29.83 -24.80 -4.62
C MET D 1143 -30.35 -26.00 -5.40
N LYS D 1144 -29.87 -27.21 -5.11
CA LYS D 1144 -30.27 -28.34 -5.92
C LYS D 1144 -30.74 -29.53 -5.09
N MET D 1145 -30.22 -29.68 -3.87
CA MET D 1145 -30.66 -30.77 -3.01
C MET D 1145 -31.37 -30.24 -1.76
N GLU D 1146 -32.27 -31.07 -1.23
CA GLU D 1146 -33.06 -30.72 -0.04
C GLU D 1146 -33.01 -31.92 0.91
N THR D 1147 -31.99 -31.97 1.76
CA THR D 1147 -31.79 -33.08 2.67
C THR D 1147 -32.75 -32.94 3.86
N VAL D 1148 -33.75 -33.82 3.91
CA VAL D 1148 -34.69 -33.83 5.02
C VAL D 1148 -34.07 -34.60 6.18
N VAL D 1149 -34.02 -33.97 7.35
CA VAL D 1149 -33.42 -34.61 8.51
C VAL D 1149 -34.37 -35.67 9.05
N THR D 1150 -33.77 -36.77 9.52
CA THR D 1150 -34.51 -37.92 10.02
C THR D 1150 -34.20 -38.11 11.51
N SER D 1151 -35.23 -38.44 12.28
CA SER D 1151 -35.04 -38.66 13.70
C SER D 1151 -34.20 -39.92 13.92
N PRO D 1152 -33.03 -39.81 14.53
CA PRO D 1152 -32.16 -40.99 14.67
C PRO D 1152 -32.76 -42.11 15.51
N MET D 1153 -33.62 -41.78 16.46
CA MET D 1153 -34.27 -42.78 17.31
C MET D 1153 -35.48 -42.14 17.96
N GLU D 1154 -36.07 -42.86 18.92
CA GLU D 1154 -37.18 -42.34 19.71
C GLU D 1154 -36.66 -41.52 20.88
N GLY D 1155 -37.45 -40.55 21.29
CA GLY D 1155 -37.12 -39.73 22.44
C GLY D 1155 -37.61 -38.30 22.24
N THR D 1156 -37.11 -37.41 23.10
CA THR D 1156 -37.47 -36.01 23.08
C THR D 1156 -36.24 -35.16 22.81
N VAL D 1157 -36.43 -34.06 22.08
CA VAL D 1157 -35.33 -33.16 21.75
C VAL D 1157 -35.06 -32.25 22.94
N ARG D 1158 -33.78 -32.17 23.34
CA ARG D 1158 -33.43 -31.29 24.46
C ARG D 1158 -33.54 -29.83 24.04
N LYS D 1159 -32.75 -29.43 23.05
CA LYS D 1159 -32.70 -28.04 22.63
C LYS D 1159 -32.36 -28.01 21.14
N VAL D 1160 -32.96 -27.05 20.44
CA VAL D 1160 -32.66 -26.81 19.04
C VAL D 1160 -31.64 -25.69 18.96
N HIS D 1161 -30.39 -26.04 18.66
CA HIS D 1161 -29.35 -25.03 18.56
C HIS D 1161 -29.66 -24.06 17.43
N VAL D 1162 -30.12 -24.58 16.31
CA VAL D 1162 -30.57 -23.78 15.18
C VAL D 1162 -32.03 -23.44 15.37
N THR D 1163 -32.38 -22.17 15.22
CA THR D 1163 -33.78 -21.76 15.27
C THR D 1163 -34.38 -21.66 13.86
N LYS D 1164 -33.81 -20.80 13.03
CA LYS D 1164 -34.28 -20.65 11.66
C LYS D 1164 -33.30 -19.79 10.86
N ASP D 1165 -33.00 -20.25 9.64
CA ASP D 1165 -32.34 -19.43 8.62
C ASP D 1165 -31.00 -18.89 9.08
N MET D 1166 -30.09 -19.78 9.45
CA MET D 1166 -28.68 -19.45 9.62
C MET D 1166 -27.88 -20.40 8.73
N THR D 1167 -26.78 -19.90 8.17
CA THR D 1167 -25.90 -20.74 7.38
C THR D 1167 -25.34 -21.85 8.28
N LEU D 1168 -25.33 -23.08 7.76
CA LEU D 1168 -24.80 -24.21 8.50
C LEU D 1168 -23.60 -24.79 7.77
N GLU D 1169 -22.85 -25.60 8.49
CA GLU D 1169 -21.72 -26.35 7.97
C GLU D 1169 -22.05 -27.84 8.01
N GLY D 1170 -21.24 -28.62 7.31
CA GLY D 1170 -21.32 -30.06 7.46
C GLY D 1170 -21.03 -30.42 8.90
N ASP D 1171 -21.87 -31.27 9.50
CA ASP D 1171 -21.73 -31.66 10.90
C ASP D 1171 -21.80 -30.43 11.81
N ASP D 1172 -22.95 -29.77 11.78
CA ASP D 1172 -23.22 -28.66 12.67
C ASP D 1172 -24.25 -29.07 13.71
N LEU D 1173 -24.05 -28.61 14.94
CA LEU D 1173 -25.01 -28.88 16.00
C LEU D 1173 -26.33 -28.20 15.69
N ILE D 1174 -27.38 -29.01 15.53
CA ILE D 1174 -28.72 -28.50 15.24
C ILE D 1174 -29.57 -28.74 16.48
N LEU D 1175 -29.65 -29.99 16.90
CA LEU D 1175 -30.40 -30.37 18.09
C LEU D 1175 -29.89 -31.72 18.55
N GLU D 1176 -30.18 -32.05 19.81
CA GLU D 1176 -29.77 -33.32 20.38
C GLU D 1176 -31.02 -34.11 20.79
N ILE D 1177 -31.06 -35.37 20.37
CA ILE D 1177 -32.23 -36.23 20.55
C ILE D 1177 -31.86 -37.38 21.48
N GLU D 1178 -32.78 -37.72 22.38
CA GLU D 1178 -32.52 -38.76 23.37
C GLU D 1178 -33.68 -39.75 23.44
C11 BTI E . 14.67 -22.88 -29.50
O11 BTI E . 14.94 -23.19 -28.32
C10 BTI E . 14.77 -24.31 -30.18
C9 BTI E . 13.37 -24.83 -30.46
C8 BTI E . 12.81 -24.03 -31.70
C7 BTI E . 13.36 -24.70 -32.98
C2 BTI E . 12.73 -26.19 -33.04
S1 BTI E . 13.77 -27.21 -33.95
C6 BTI E . 12.90 -28.28 -34.37
C5 BTI E . 11.47 -27.54 -34.66
N3 BTI E . 11.38 -27.18 -35.95
C3 BTI E . 11.33 -25.61 -36.00
O3 BTI E . 11.25 -24.95 -36.99
N2 BTI E . 11.40 -25.09 -34.59
C4 BTI E . 11.48 -26.18 -33.74
C11 BTI F . 1.34 9.00 40.12
O11 BTI F . 2.07 9.23 39.12
C10 BTI F . 0.67 10.42 40.08
C9 BTI F . 1.73 11.46 39.81
C8 BTI F . 1.16 12.81 40.34
C7 BTI F . 1.50 12.94 41.86
C2 BTI F . 3.04 13.41 42.04
S1 BTI F . 3.56 13.00 43.61
C6 BTI F . 4.53 14.02 44.00
C5 BTI F . 4.12 15.35 43.13
N3 BTI F . 3.42 16.21 43.88
C3 BTI F . 1.98 16.35 43.25
O3 BTI F . 1.11 17.03 43.67
N2 BTI F . 1.92 15.46 42.04
C4 BTI F . 3.14 14.84 41.91
C11 BTI G . 12.70 39.34 1.77
O11 BTI G . 12.26 40.45 2.25
C10 BTI G . 11.78 38.49 2.78
C9 BTI G . 11.71 39.06 4.18
C8 BTI G . 13.13 39.34 4.81
C7 BTI G . 13.24 40.91 4.91
C2 BTI G . 12.53 41.16 6.35
S1 BTI G . 12.21 42.81 6.54
C6 BTI G . 12.13 43.01 7.97
C5 BTI G . 13.20 41.93 8.59
N3 BTI G . 14.36 42.54 8.83
C3 BTI G . 15.43 41.94 7.85
O3 BTI G . 16.57 42.25 7.79
N2 BTI G . 14.76 40.87 7.02
C4 BTI G . 13.43 40.81 7.41
C11 BTI H . -29.18 -26.06 -12.16
O11 BTI H . -28.78 -24.91 -12.36
C10 BTI H . -29.65 -26.49 -13.64
C9 BTI H . -28.53 -26.98 -14.54
C8 BTI H . -28.37 -28.53 -14.35
C7 BTI H . -29.50 -29.37 -15.04
C2 BTI H . -29.17 -29.78 -16.57
S1 BTI H . -30.58 -30.39 -17.31
C6 BTI H . -30.10 -31.28 -18.34
C5 BTI H . -28.72 -31.91 -17.75
N3 BTI H . -28.95 -33.09 -17.15
C3 BTI H . -28.61 -32.93 -15.62
O3 BTI H . -28.69 -33.77 -14.79
N2 BTI H . -28.15 -31.50 -15.39
C4 BTI H . -28.20 -30.84 -16.60
#